data_7TJW
#
_entry.id   7TJW
#
_cell.length_a   1.00
_cell.length_b   1.00
_cell.length_c   1.00
_cell.angle_alpha   90.00
_cell.angle_beta   90.00
_cell.angle_gamma   90.00
#
_symmetry.space_group_name_H-M   'P 1'
#
loop_
_entity.id
_entity.type
_entity.pdbx_description
1 polymer 'ATP synthase subunit alpha'
2 polymer 'ATP synthase subunit beta'
3 polymer 'ATP synthase subunit gamma'
4 non-polymer "ADENOSINE-5'-TRIPHOSPHATE"
5 non-polymer 'MAGNESIUM ION'
#
loop_
_entity_poly.entity_id
_entity_poly.type
_entity_poly.pdbx_seq_one_letter_code
_entity_poly.pdbx_strand_id
1 'polypeptide(L)'
;ASTKAQPTEVSSILEERIKGVSDEANLNETGRVLAVGDGIARVFGLNNIQAEELVEFSSGVKGMALNLEPGQVGIVLFGS
DRLVKEGELVKRTGNIVDVPVGPGLLGRVVDALGNPIDGKGPIDAAGRSRAQVKAPGILPRRSVHEPVQTGLKAVDALVP
IGRGQRELIIGDRQTGKTAVALDTILNQKRWNNGSDESKKLYCVYVAVGQKRSTVAQLVQTLEQHDAMKYSIIVAATASE
AAPLQYLAPFTAASIGEWFRDNGKHALIVYDDLSKQAVAYRQLSLLLRRPPGREAYPGDVFYLHSRLLERAAKLSEKEGS
GSLTALPVIETQGGDVSAYIPTNVISITDGQIFLEAELFYKGIRPAINVGLSVSRVGSAAQVKALKQVAGSLKLFLAQYR
EVAAFAQFGSDLDASTKQTLVRGERLTQLLKQNQYSPLATEEQVPLIYAGVNGHLDGIELSRIGEFESSFLSYLKSNHNE
LLTEIREKGELSKELLASLKSATESFVATF
;
A,B,C
2 'polypeptide(L)'
;ASAAQSTPITGKVTAVIGAIVDVHFEQSELPAILNALEIKTPQGKLVLEVAQHLGENTVRTIAMDGTEGLVRGEKVLDTG
GPISVPVGRETLGRIINVIGEPIDERGPIKSKLRKPIHADPPSFAEQSTSAEILETGIKVVDLLAPYARGGKIGLFGGAG
VGKTVFIQELINNIAKAHGGFSVFTGVGERTREGNDLYREMKETGVINLEGESKVALVFGQMNEPPGARARVALTGLTIA
EYFRDEEGQDVLLFIDNIFRFTQAGSEVSALLGRIPSAVGYQPTLATDMGLLQERITTTKKGSVTSVQAVYVPADDLTDP
APATTFAHLDATTVLSRGISELGIYPAVDPLDSKSRLLDAAVVGQEHYDVASKVQETLQTYKSLQDIIAILGMDELSEQD
KLTVERARKIQRFLSQPFAVAEVFTGIPGKLVRLKDTVASFKAVLEGKYDNIPEHAFYMVGGIEDVVAKAEKLAAEAN
;
D,E,F
3 'polypeptide(L)'
;ATLKEVEMRLKSIKNIEKITKTMKIVASTRLSKAEKAKISAKKMDEAEQLFYKNAETKNLDVEATETGAPKELIVAITSD
KGLCGSIHSQLAKAVRRHLNDQPNADIVTIGDKIKMQLLRTHPNNIKLSINGIGKDAPTFQESALIADKLLSVMKAGTYP
KISIFYNDPVSSLSFEPSEKPIFNAKTIEQSPSFGKFEIDTDANVPRDLFEYTLANQMLTAMAQGYAAEISARRNAMDNA
SKNAGDMINRYSILYNRTRQAVITNELVDIITGASSLG
;
G
#
# COMPACT_ATOMS: atom_id res chain seq x y z
N ASN A 28 0.05 37.67 43.24
CA ASN A 28 -0.76 36.51 43.53
C ASN A 28 -0.35 35.33 42.67
N GLU A 29 -0.59 34.11 43.16
CA GLU A 29 -0.36 32.89 42.39
C GLU A 29 -1.54 32.70 41.44
N THR A 30 -1.61 33.57 40.44
CA THR A 30 -2.72 33.59 39.51
C THR A 30 -2.20 34.00 38.13
N GLY A 31 -3.01 33.68 37.12
CA GLY A 31 -2.66 34.03 35.75
C GLY A 31 -3.90 34.42 34.96
N ARG A 32 -3.64 34.97 33.78
CA ARG A 32 -4.67 35.44 32.87
C ARG A 32 -4.76 34.53 31.67
N VAL A 33 -5.97 34.16 31.28
CA VAL A 33 -6.17 33.34 30.10
C VAL A 33 -5.95 34.21 28.87
N LEU A 34 -4.99 33.81 28.02
CA LEU A 34 -4.77 34.52 26.76
C LEU A 34 -5.66 33.99 25.64
N ALA A 35 -5.85 32.67 25.57
CA ALA A 35 -6.64 32.13 24.46
C ALA A 35 -7.17 30.76 24.83
N VAL A 36 -8.17 30.31 24.08
CA VAL A 36 -8.79 29.00 24.28
C VAL A 36 -9.05 28.35 22.93
N GLY A 37 -8.47 27.18 22.70
CA GLY A 37 -8.75 26.39 21.51
C GLY A 37 -10.00 25.55 21.68
N ASP A 38 -9.95 24.28 21.26
CA ASP A 38 -11.07 23.37 21.52
C ASP A 38 -11.00 22.76 22.91
N GLY A 39 -9.81 22.37 23.34
CA GLY A 39 -9.61 21.91 24.70
C GLY A 39 -8.38 22.52 25.33
N ILE A 40 -7.71 23.40 24.58
CA ILE A 40 -6.45 23.99 24.99
C ILE A 40 -6.68 25.44 25.40
N ALA A 41 -6.08 25.82 26.51
CA ALA A 41 -6.02 27.21 26.94
C ALA A 41 -4.57 27.63 27.05
N ARG A 42 -4.25 28.78 26.46
CA ARG A 42 -2.96 29.42 26.61
C ARG A 42 -3.09 30.53 27.64
N VAL A 43 -2.25 30.47 28.67
CA VAL A 43 -2.38 31.27 29.88
C VAL A 43 -1.11 32.06 30.09
N PHE A 44 -1.27 33.30 30.55
CA PHE A 44 -0.16 34.16 30.95
C PHE A 44 -0.15 34.23 32.47
N GLY A 45 1.05 34.20 33.05
CA GLY A 45 1.17 34.09 34.49
C GLY A 45 1.32 32.65 34.96
N LEU A 46 0.78 32.32 36.13
CA LEU A 46 1.02 31.01 36.74
C LEU A 46 2.52 30.72 36.75
N ASN A 47 3.28 31.70 37.24
CA ASN A 47 4.71 31.78 36.91
C ASN A 47 5.47 30.53 37.37
N ASN A 48 5.23 30.07 38.59
CA ASN A 48 5.99 28.99 39.20
C ASN A 48 5.16 27.72 39.34
N ILE A 49 4.32 27.42 38.34
CA ILE A 49 3.54 26.20 38.36
C ILE A 49 4.42 25.02 37.98
N GLN A 50 4.24 23.90 38.69
CA GLN A 50 4.92 22.67 38.33
C GLN A 50 4.29 22.03 37.10
N ALA A 51 5.11 21.40 36.28
CA ALA A 51 4.62 20.72 35.10
C ALA A 51 3.64 19.62 35.49
N GLU A 52 2.60 19.44 34.67
CA GLU A 52 1.57 18.43 34.90
C GLU A 52 0.74 18.72 36.13
N GLU A 53 0.87 19.93 36.70
CA GLU A 53 0.07 20.32 37.85
C GLU A 53 -1.34 20.72 37.43
N LEU A 54 -2.29 20.50 38.34
CA LEU A 54 -3.68 20.91 38.09
C LEU A 54 -3.86 22.40 38.37
N VAL A 55 -4.76 23.00 37.61
CA VAL A 55 -5.11 24.41 37.75
C VAL A 55 -6.62 24.54 37.71
N GLU A 56 -7.13 25.55 38.41
CA GLU A 56 -8.55 25.86 38.43
C GLU A 56 -8.82 27.14 37.68
N PHE A 57 -9.87 27.11 36.86
CA PHE A 57 -10.42 28.30 36.24
C PHE A 57 -11.62 28.76 37.06
N SER A 58 -11.84 30.07 37.09
CA SER A 58 -12.82 30.63 38.02
C SER A 58 -14.24 30.21 37.70
N SER A 59 -14.48 29.52 36.58
CA SER A 59 -15.80 28.96 36.30
C SER A 59 -16.03 27.63 37.01
N GLY A 60 -14.99 27.04 37.61
CA GLY A 60 -15.08 25.77 38.29
C GLY A 60 -14.44 24.62 37.55
N VAL A 61 -14.29 24.73 36.23
CA VAL A 61 -13.61 23.69 35.47
C VAL A 61 -12.14 23.66 35.85
N LYS A 62 -11.56 22.46 35.81
CA LYS A 62 -10.15 22.25 36.11
C LYS A 62 -9.42 21.76 34.88
N GLY A 63 -8.09 21.92 34.90
CA GLY A 63 -7.26 21.47 33.81
C GLY A 63 -5.88 21.14 34.32
N MET A 64 -5.02 20.68 33.42
CA MET A 64 -3.63 20.36 33.75
C MET A 64 -2.70 20.98 32.73
N ALA A 65 -1.55 21.48 33.22
CA ALA A 65 -0.58 22.16 32.38
C ALA A 65 0.33 21.14 31.72
N LEU A 66 0.29 21.06 30.39
CA LEU A 66 1.13 20.12 29.66
C LEU A 66 2.35 20.77 29.02
N ASN A 67 2.28 22.05 28.65
CA ASN A 67 3.40 22.76 28.05
C ASN A 67 3.78 23.94 28.92
N LEU A 68 5.00 23.93 29.44
CA LEU A 68 5.64 25.12 29.97
C LEU A 68 6.52 25.71 28.87
N GLU A 69 6.28 26.97 28.54
CA GLU A 69 6.90 27.65 27.42
C GLU A 69 7.54 28.94 27.88
N PRO A 70 8.41 29.54 27.06
CA PRO A 70 9.23 30.66 27.57
C PRO A 70 8.42 31.84 28.06
N GLY A 71 7.17 32.01 27.63
CA GLY A 71 6.38 33.15 28.04
C GLY A 71 4.91 32.88 28.26
N GLN A 72 4.53 31.61 28.30
CA GLN A 72 3.13 31.25 28.48
C GLN A 72 3.06 29.79 28.90
N VAL A 73 1.86 29.38 29.32
CA VAL A 73 1.61 28.02 29.76
C VAL A 73 0.46 27.45 28.93
N GLY A 74 0.65 26.23 28.43
CA GLY A 74 -0.39 25.53 27.71
C GLY A 74 -1.05 24.50 28.62
N ILE A 75 -2.38 24.58 28.71
CA ILE A 75 -3.14 23.81 29.67
C ILE A 75 -4.29 23.13 28.94
N VAL A 76 -4.54 21.87 29.28
CA VAL A 76 -5.62 21.08 28.69
C VAL A 76 -6.74 20.98 29.72
N LEU A 77 -7.97 21.20 29.27
CA LEU A 77 -9.12 21.36 30.15
C LEU A 77 -9.90 20.06 30.27
N PHE A 78 -10.29 19.70 31.50
CA PHE A 78 -11.14 18.54 31.71
C PHE A 78 -12.59 18.79 31.33
N GLY A 79 -13.10 19.99 31.61
CA GLY A 79 -14.50 20.29 31.38
C GLY A 79 -14.74 20.91 30.02
N SER A 80 -16.03 21.13 29.73
CA SER A 80 -16.43 21.78 28.48
C SER A 80 -15.80 23.16 28.41
N ASP A 81 -14.90 23.37 27.44
CA ASP A 81 -14.14 24.60 27.38
C ASP A 81 -15.02 25.83 27.30
N ARG A 82 -16.23 25.70 26.79
CA ARG A 82 -17.15 26.83 26.69
C ARG A 82 -17.45 27.48 28.04
N LEU A 83 -16.97 26.92 29.14
CA LEU A 83 -17.07 27.60 30.43
C LEU A 83 -16.07 28.74 30.58
N VAL A 84 -14.98 28.73 29.81
CA VAL A 84 -13.85 29.64 30.02
C VAL A 84 -13.91 30.77 29.01
N LYS A 85 -13.59 31.98 29.47
CA LYS A 85 -13.49 33.16 28.62
C LYS A 85 -12.10 33.76 28.74
N GLU A 86 -11.67 34.45 27.69
CA GLU A 86 -10.38 35.14 27.72
C GLU A 86 -10.37 36.18 28.85
N GLY A 87 -9.19 36.46 29.39
CA GLY A 87 -9.03 37.45 30.43
C GLY A 87 -9.39 36.97 31.82
N GLU A 88 -9.99 35.79 31.96
CA GLU A 88 -10.38 35.29 33.26
C GLU A 88 -9.15 34.92 34.09
N LEU A 89 -9.37 34.74 35.39
CA LEU A 89 -8.31 34.49 36.36
C LEU A 89 -8.25 33.01 36.67
N VAL A 90 -7.04 32.45 36.61
CA VAL A 90 -6.82 31.03 36.87
C VAL A 90 -5.78 30.90 37.97
N LYS A 91 -5.84 29.79 38.71
CA LYS A 91 -5.03 29.67 39.92
C LYS A 91 -4.56 28.24 40.13
N ARG A 92 -3.42 28.10 40.79
CA ARG A 92 -2.81 26.80 41.01
C ARG A 92 -3.58 25.97 42.02
N THR A 93 -3.44 24.64 41.89
CA THR A 93 -3.87 23.71 42.92
C THR A 93 -2.73 23.29 43.85
N GLY A 94 -1.48 23.52 43.44
CA GLY A 94 -0.34 23.15 44.25
C GLY A 94 0.04 21.69 44.21
N ASN A 95 -0.66 20.88 43.42
CA ASN A 95 -0.50 19.42 43.46
C ASN A 95 -0.39 18.87 42.05
N ILE A 96 0.62 18.02 41.83
CA ILE A 96 0.63 17.22 40.61
C ILE A 96 -0.67 16.42 40.56
N VAL A 97 -1.11 16.12 39.34
CA VAL A 97 -2.37 15.39 39.19
C VAL A 97 -2.27 14.08 39.95
N ASP A 98 -3.27 13.81 40.79
CA ASP A 98 -3.21 12.68 41.69
C ASP A 98 -4.61 12.09 41.86
N VAL A 99 -4.66 10.98 42.60
CA VAL A 99 -5.92 10.27 42.83
C VAL A 99 -5.96 9.76 44.27
N PRO A 100 -7.12 9.72 44.90
CA PRO A 100 -7.24 9.03 46.19
C PRO A 100 -7.08 7.52 46.05
N VAL A 101 -6.43 6.92 47.05
CA VAL A 101 -6.20 5.48 47.12
C VAL A 101 -6.50 5.02 48.53
N GLY A 102 -6.79 3.73 48.65
CA GLY A 102 -7.14 3.13 49.91
C GLY A 102 -8.26 2.11 49.78
N PRO A 103 -8.75 1.62 50.91
CA PRO A 103 -9.77 0.57 50.86
C PRO A 103 -11.15 1.05 50.50
N GLY A 104 -11.48 2.32 50.79
CA GLY A 104 -12.85 2.77 50.67
C GLY A 104 -13.40 2.73 49.26
N LEU A 105 -12.52 2.66 48.25
CA LEU A 105 -13.00 2.64 46.88
C LEU A 105 -13.70 1.33 46.52
N LEU A 106 -13.53 0.29 47.33
CA LEU A 106 -14.07 -1.02 46.99
C LEU A 106 -15.58 -0.94 46.83
N GLY A 107 -16.06 -1.33 45.65
CA GLY A 107 -17.48 -1.30 45.34
C GLY A 107 -17.99 0.02 44.84
N ARG A 108 -17.16 1.05 44.80
CA ARG A 108 -17.57 2.35 44.31
C ARG A 108 -17.37 2.45 42.80
N VAL A 109 -17.87 3.55 42.23
CA VAL A 109 -17.58 3.93 40.86
C VAL A 109 -17.02 5.34 40.88
N VAL A 110 -15.86 5.53 40.28
CA VAL A 110 -15.15 6.80 40.32
C VAL A 110 -14.76 7.23 38.91
N ASP A 111 -14.64 8.54 38.72
CA ASP A 111 -14.22 9.10 37.44
C ASP A 111 -12.70 9.09 37.34
N ALA A 112 -12.17 9.69 36.27
CA ALA A 112 -10.74 9.65 36.03
C ALA A 112 -9.93 10.40 37.09
N LEU A 113 -10.58 11.21 37.93
CA LEU A 113 -9.90 11.93 39.00
C LEU A 113 -10.20 11.34 40.37
N GLY A 114 -10.86 10.19 40.44
CA GLY A 114 -11.14 9.55 41.70
C GLY A 114 -12.26 10.17 42.49
N ASN A 115 -13.04 11.08 41.90
CA ASN A 115 -14.26 11.52 42.55
C ASN A 115 -15.39 10.53 42.25
N PRO A 116 -16.25 10.26 43.23
CA PRO A 116 -17.29 9.26 43.01
C PRO A 116 -18.37 9.77 42.07
N ILE A 117 -19.02 8.83 41.38
CA ILE A 117 -20.14 9.14 40.51
C ILE A 117 -21.33 8.21 40.74
N ASP A 118 -21.21 7.23 41.62
CA ASP A 118 -22.32 6.33 41.92
C ASP A 118 -23.36 6.98 42.82
N GLY A 119 -23.08 8.15 43.38
CA GLY A 119 -24.02 8.80 44.27
C GLY A 119 -24.08 8.23 45.67
N LYS A 120 -23.16 7.34 46.03
CA LYS A 120 -23.13 6.77 47.38
C LYS A 120 -22.34 7.61 48.37
N GLY A 121 -21.90 8.81 47.97
CA GLY A 121 -21.29 9.73 48.89
C GLY A 121 -19.78 9.82 48.75
N PRO A 122 -19.13 10.43 49.76
CA PRO A 122 -17.69 10.69 49.64
C PRO A 122 -16.87 9.42 49.59
N ILE A 123 -15.64 9.57 49.08
CA ILE A 123 -14.70 8.46 49.01
C ILE A 123 -13.94 8.39 50.33
N ASP A 124 -13.74 7.17 50.83
CA ASP A 124 -12.99 6.95 52.07
C ASP A 124 -11.54 6.69 51.72
N ALA A 125 -10.85 7.76 51.33
CA ALA A 125 -9.47 7.63 50.87
C ALA A 125 -8.53 7.36 52.04
N ALA A 126 -7.64 6.37 51.86
CA ALA A 126 -6.52 6.22 52.77
C ALA A 126 -5.52 7.35 52.57
N GLY A 127 -5.42 7.85 51.34
CA GLY A 127 -4.53 8.94 51.04
C GLY A 127 -4.71 9.33 49.59
N ARG A 128 -3.81 10.17 49.08
CA ARG A 128 -3.75 10.45 47.66
C ARG A 128 -2.33 10.21 47.15
N SER A 129 -2.23 9.56 45.98
CA SER A 129 -0.96 9.13 45.44
C SER A 129 -0.81 9.62 44.01
N ARG A 130 0.38 10.13 43.68
CA ARG A 130 0.63 10.72 42.38
C ARG A 130 0.41 9.70 41.27
N ALA A 131 -0.13 10.18 40.14
CA ALA A 131 -0.49 9.28 39.04
C ALA A 131 0.75 8.80 38.29
N GLN A 132 1.68 9.70 37.98
CA GLN A 132 2.76 9.42 37.05
C GLN A 132 3.93 8.65 37.67
N VAL A 133 3.72 8.01 38.82
CA VAL A 133 4.82 7.38 39.54
C VAL A 133 5.41 6.25 38.71
N LYS A 134 6.74 6.23 38.61
CA LYS A 134 7.45 5.18 37.90
C LYS A 134 7.35 3.84 38.62
N ALA A 135 7.41 2.77 37.84
CA ALA A 135 7.25 1.43 38.37
C ALA A 135 8.50 0.97 39.14
N PRO A 136 8.36 -0.07 39.96
CA PRO A 136 9.53 -0.61 40.67
C PRO A 136 10.58 -1.15 39.71
N GLY A 137 11.85 -1.06 40.13
CA GLY A 137 12.97 -1.38 39.29
C GLY A 137 13.26 -2.86 39.16
N ILE A 138 14.49 -3.16 38.74
CA ILE A 138 14.87 -4.51 38.36
C ILE A 138 14.90 -5.43 39.57
N LEU A 139 15.48 -4.98 40.68
CA LEU A 139 15.88 -5.88 41.76
C LEU A 139 14.70 -6.36 42.60
N PRO A 140 13.80 -5.48 43.03
CA PRO A 140 12.77 -5.91 44.00
C PRO A 140 11.71 -6.83 43.42
N ARG A 141 11.73 -7.11 42.11
CA ARG A 141 10.73 -7.96 41.50
C ARG A 141 11.02 -9.43 41.77
N ARG A 142 10.14 -10.29 41.25
CA ARG A 142 10.31 -11.73 41.34
C ARG A 142 9.57 -12.40 40.19
N SER A 143 9.87 -13.68 39.98
CA SER A 143 9.21 -14.43 38.92
C SER A 143 7.76 -14.70 39.26
N VAL A 144 6.92 -14.75 38.23
CA VAL A 144 5.49 -14.94 38.39
C VAL A 144 5.23 -16.34 38.93
N HIS A 145 4.62 -16.44 40.11
CA HIS A 145 4.35 -17.70 40.76
C HIS A 145 2.87 -18.01 40.90
N GLU A 146 2.11 -17.12 41.52
CA GLU A 146 0.74 -17.45 41.92
C GLU A 146 -0.17 -17.53 40.71
N PRO A 147 -1.04 -18.54 40.62
CA PRO A 147 -1.98 -18.60 39.49
C PRO A 147 -3.02 -17.49 39.53
N VAL A 148 -3.52 -17.14 38.35
CA VAL A 148 -4.71 -16.29 38.22
C VAL A 148 -5.71 -17.09 37.37
N GLN A 149 -6.58 -17.83 38.04
CA GLN A 149 -7.56 -18.63 37.32
C GLN A 149 -8.63 -17.72 36.73
N THR A 150 -8.81 -17.81 35.41
CA THR A 150 -9.86 -17.04 34.75
C THR A 150 -11.21 -17.72 34.82
N GLY A 151 -11.25 -19.02 35.07
CA GLY A 151 -12.50 -19.75 35.04
C GLY A 151 -12.98 -20.09 33.65
N LEU A 152 -12.17 -19.84 32.63
CA LEU A 152 -12.50 -20.20 31.25
C LEU A 152 -11.76 -21.48 30.90
N LYS A 153 -12.49 -22.45 30.34
CA LYS A 153 -11.88 -23.75 30.06
C LYS A 153 -10.69 -23.60 29.12
N ALA A 154 -10.80 -22.74 28.11
CA ALA A 154 -9.71 -22.62 27.14
C ALA A 154 -8.51 -21.87 27.72
N VAL A 155 -8.76 -20.77 28.42
CA VAL A 155 -7.66 -19.92 28.87
C VAL A 155 -6.83 -20.63 29.92
N ASP A 156 -7.49 -21.17 30.95
CA ASP A 156 -6.76 -21.81 32.03
C ASP A 156 -6.04 -23.08 31.56
N ALA A 157 -6.47 -23.67 30.44
CA ALA A 157 -5.84 -24.88 29.93
C ALA A 157 -4.67 -24.57 29.00
N LEU A 158 -4.87 -23.68 28.04
CA LEU A 158 -3.94 -23.51 26.95
C LEU A 158 -3.02 -22.29 27.12
N VAL A 159 -3.53 -21.19 27.67
CA VAL A 159 -2.76 -19.95 27.76
C VAL A 159 -2.94 -19.35 29.15
N PRO A 160 -2.44 -19.98 30.20
CA PRO A 160 -2.72 -19.52 31.56
C PRO A 160 -2.15 -18.14 31.83
N ILE A 161 -2.53 -17.59 32.99
CA ILE A 161 -2.06 -16.30 33.46
C ILE A 161 -1.60 -16.44 34.90
N GLY A 162 -0.47 -15.81 35.23
CA GLY A 162 0.01 -15.77 36.60
C GLY A 162 0.08 -14.35 37.12
N ARG A 163 0.07 -14.18 38.44
CA ARG A 163 0.07 -12.85 39.04
C ARG A 163 1.40 -12.17 38.76
N GLY A 164 1.34 -10.98 38.15
CA GLY A 164 2.52 -10.28 37.68
C GLY A 164 2.71 -10.30 36.18
N GLN A 165 1.77 -10.89 35.44
CA GLN A 165 1.91 -11.06 34.00
C GLN A 165 1.23 -9.90 33.26
N ARG A 166 1.73 -9.64 32.05
CA ARG A 166 1.10 -8.68 31.13
C ARG A 166 0.47 -9.47 30.00
N GLU A 167 -0.79 -9.88 30.17
CA GLU A 167 -1.52 -10.64 29.16
C GLU A 167 -2.42 -9.69 28.38
N LEU A 168 -2.00 -9.33 27.17
CA LEU A 168 -2.81 -8.48 26.31
C LEU A 168 -3.96 -9.28 25.70
N ILE A 169 -5.16 -8.69 25.71
CA ILE A 169 -6.33 -9.26 25.06
C ILE A 169 -6.52 -8.50 23.75
N ILE A 170 -6.59 -9.22 22.64
CA ILE A 170 -6.57 -8.59 21.32
C ILE A 170 -7.56 -9.29 20.40
N GLY A 171 -8.18 -8.52 19.53
CA GLY A 171 -9.17 -9.05 18.62
C GLY A 171 -10.00 -7.93 18.01
N ASP A 172 -10.95 -8.35 17.17
CA ASP A 172 -11.78 -7.41 16.42
C ASP A 172 -12.96 -6.93 17.27
N ARG A 173 -13.73 -6.01 16.70
CA ARG A 173 -14.86 -5.42 17.39
C ARG A 173 -15.86 -6.50 17.79
N GLN A 174 -16.52 -6.28 18.94
CA GLN A 174 -17.69 -7.03 19.37
C GLN A 174 -17.42 -8.53 19.47
N THR A 175 -16.17 -8.96 19.44
CA THR A 175 -15.83 -10.38 19.42
C THR A 175 -15.73 -10.99 20.81
N GLY A 176 -16.29 -10.34 21.82
CA GLY A 176 -16.29 -10.90 23.15
C GLY A 176 -15.10 -10.54 24.01
N LYS A 177 -14.32 -9.53 23.60
CA LYS A 177 -13.12 -9.19 24.35
C LYS A 177 -13.45 -8.81 25.79
N THR A 178 -14.46 -7.96 25.97
CA THR A 178 -14.84 -7.54 27.32
C THR A 178 -15.31 -8.72 28.15
N ALA A 179 -16.04 -9.66 27.53
CA ALA A 179 -16.61 -10.78 28.27
C ALA A 179 -15.55 -11.64 28.92
N VAL A 180 -14.38 -11.80 28.28
CA VAL A 180 -13.33 -12.63 28.86
C VAL A 180 -12.87 -12.05 30.19
N ALA A 181 -12.57 -10.76 30.20
CA ALA A 181 -12.12 -10.13 31.44
C ALA A 181 -13.24 -10.07 32.47
N LEU A 182 -14.48 -9.85 32.00
CA LEU A 182 -15.60 -9.79 32.93
C LEU A 182 -15.80 -11.14 33.62
N ASP A 183 -15.69 -12.24 32.87
CA ASP A 183 -15.76 -13.57 33.47
C ASP A 183 -14.58 -13.81 34.40
N THR A 184 -13.39 -13.31 34.03
CA THR A 184 -12.24 -13.44 34.91
C THR A 184 -12.49 -12.77 36.25
N ILE A 185 -13.10 -11.59 36.22
CA ILE A 185 -13.42 -10.89 37.46
C ILE A 185 -14.49 -11.64 38.24
N LEU A 186 -15.54 -12.09 37.55
CA LEU A 186 -16.60 -12.84 38.21
C LEU A 186 -16.05 -14.11 38.88
N ASN A 187 -14.98 -14.67 38.33
CA ASN A 187 -14.43 -15.92 38.87
C ASN A 187 -13.92 -15.76 40.30
N GLN A 188 -13.49 -14.55 40.68
CA GLN A 188 -12.87 -14.36 41.97
C GLN A 188 -13.85 -14.43 43.14
N LYS A 189 -15.15 -14.52 42.86
CA LYS A 189 -16.13 -14.54 43.94
C LYS A 189 -15.87 -15.71 44.89
N ARG A 190 -15.45 -16.85 44.35
CA ARG A 190 -15.19 -18.02 45.19
C ARG A 190 -14.10 -17.71 46.23
N TRP A 191 -12.89 -17.41 45.77
CA TRP A 191 -11.78 -17.21 46.69
C TRP A 191 -11.97 -15.99 47.57
N ASN A 192 -12.48 -14.89 47.02
CA ASN A 192 -12.37 -13.61 47.72
C ASN A 192 -13.07 -13.64 49.07
N ASN A 193 -14.16 -14.40 49.20
CA ASN A 193 -14.79 -14.56 50.51
C ASN A 193 -13.93 -15.38 51.47
N GLY A 194 -12.86 -16.01 50.99
CA GLY A 194 -12.06 -16.87 51.81
C GLY A 194 -11.21 -16.11 52.81
N SER A 195 -10.41 -16.87 53.56
CA SER A 195 -9.62 -16.30 54.65
C SER A 195 -8.23 -15.86 54.22
N ASP A 196 -7.53 -16.65 53.42
CA ASP A 196 -6.13 -16.37 53.12
C ASP A 196 -6.03 -15.15 52.23
N GLU A 197 -5.38 -14.10 52.73
CA GLU A 197 -5.24 -12.88 51.94
C GLU A 197 -4.50 -13.14 50.64
N SER A 198 -3.45 -13.95 50.69
CA SER A 198 -2.68 -14.22 49.49
C SER A 198 -3.52 -14.90 48.42
N LYS A 199 -4.55 -15.64 48.81
CA LYS A 199 -5.41 -16.28 47.83
C LYS A 199 -6.30 -15.25 47.13
N LYS A 200 -6.79 -14.27 47.88
CA LYS A 200 -7.72 -13.28 47.37
C LYS A 200 -7.17 -12.55 46.15
N LEU A 201 -8.04 -11.87 45.42
CA LEU A 201 -7.62 -11.03 44.30
C LEU A 201 -8.63 -9.91 44.12
N TYR A 202 -8.19 -8.67 44.34
CA TYR A 202 -9.01 -7.50 44.09
C TYR A 202 -8.87 -7.11 42.62
N CYS A 203 -9.89 -6.46 42.07
CA CYS A 203 -9.95 -6.20 40.64
C CYS A 203 -10.39 -4.77 40.35
N VAL A 204 -9.76 -4.15 39.37
CA VAL A 204 -10.09 -2.81 38.91
C VAL A 204 -10.40 -2.88 37.42
N TYR A 205 -11.53 -2.31 37.02
CA TYR A 205 -11.94 -2.23 35.62
C TYR A 205 -11.89 -0.78 35.17
N VAL A 206 -11.21 -0.50 34.06
CA VAL A 206 -11.00 0.84 33.56
C VAL A 206 -11.67 0.96 32.20
N ALA A 207 -12.66 1.85 32.10
CA ALA A 207 -13.40 2.07 30.86
C ALA A 207 -13.01 3.42 30.26
N VAL A 208 -12.48 3.38 29.04
CA VAL A 208 -12.18 4.58 28.27
C VAL A 208 -12.91 4.52 26.94
N GLY A 209 -13.64 5.58 26.62
CA GLY A 209 -14.32 5.66 25.35
C GLY A 209 -15.55 4.78 25.23
N GLN A 210 -16.10 4.33 26.35
CA GLN A 210 -17.32 3.51 26.36
C GLN A 210 -18.51 4.34 26.78
N LYS A 211 -19.65 4.08 26.12
CA LYS A 211 -20.85 4.84 26.44
C LYS A 211 -21.31 4.56 27.86
N ARG A 212 -21.92 5.58 28.49
CA ARG A 212 -22.20 5.51 29.91
C ARG A 212 -23.21 4.41 30.23
N SER A 213 -24.14 4.14 29.32
CA SER A 213 -25.10 3.06 29.56
C SER A 213 -24.43 1.69 29.56
N THR A 214 -23.34 1.55 28.78
CA THR A 214 -22.60 0.31 28.81
C THR A 214 -21.97 0.08 30.17
N VAL A 215 -21.39 1.13 30.76
CA VAL A 215 -20.81 1.00 32.09
C VAL A 215 -21.91 0.75 33.12
N ALA A 216 -23.09 1.33 32.92
CA ALA A 216 -24.19 1.05 33.83
C ALA A 216 -24.60 -0.42 33.77
N GLN A 217 -24.67 -0.98 32.56
CA GLN A 217 -24.97 -2.40 32.44
C GLN A 217 -23.87 -3.26 33.04
N LEU A 218 -22.61 -2.84 32.90
CA LEU A 218 -21.52 -3.55 33.56
C LEU A 218 -21.72 -3.54 35.08
N VAL A 219 -22.12 -2.39 35.63
CA VAL A 219 -22.36 -2.29 37.07
C VAL A 219 -23.46 -3.25 37.48
N GLN A 220 -24.56 -3.27 36.72
CA GLN A 220 -25.65 -4.20 37.03
C GLN A 220 -25.18 -5.65 36.96
N THR A 221 -24.34 -5.97 35.97
CA THR A 221 -23.84 -7.33 35.84
C THR A 221 -23.00 -7.72 37.04
N LEU A 222 -22.11 -6.84 37.48
CA LEU A 222 -21.25 -7.15 38.61
C LEU A 222 -22.01 -7.12 39.93
N GLU A 223 -23.16 -6.44 39.99
CA GLU A 223 -23.98 -6.47 41.19
C GLU A 223 -24.82 -7.73 41.28
N GLN A 224 -25.41 -8.16 40.17
CA GLN A 224 -26.28 -9.34 40.19
C GLN A 224 -25.51 -10.58 40.61
N HIS A 225 -24.30 -10.76 40.10
CA HIS A 225 -23.44 -11.88 40.47
C HIS A 225 -22.64 -11.61 41.74
N ASP A 226 -22.99 -10.58 42.50
CA ASP A 226 -22.43 -10.32 43.83
C ASP A 226 -20.97 -9.91 43.81
N ALA A 227 -20.44 -9.51 42.65
CA ALA A 227 -19.01 -9.26 42.50
C ALA A 227 -18.60 -7.84 42.90
N MET A 228 -19.53 -6.87 42.91
CA MET A 228 -19.12 -5.50 43.16
C MET A 228 -18.52 -5.32 44.55
N LYS A 229 -18.82 -6.22 45.49
CA LYS A 229 -18.35 -6.06 46.85
C LYS A 229 -16.85 -5.90 46.93
N TYR A 230 -16.11 -6.48 45.98
CA TYR A 230 -14.66 -6.42 45.98
C TYR A 230 -14.06 -5.78 44.73
N SER A 231 -14.89 -5.24 43.83
CA SER A 231 -14.40 -4.62 42.61
C SER A 231 -14.34 -3.10 42.75
N ILE A 232 -13.65 -2.46 41.79
CA ILE A 232 -13.61 -1.01 41.65
C ILE A 232 -13.79 -0.67 40.18
N ILE A 233 -14.63 0.33 39.91
CA ILE A 233 -14.94 0.75 38.55
C ILE A 233 -14.42 2.17 38.36
N VAL A 234 -13.56 2.35 37.36
CA VAL A 234 -13.03 3.65 36.99
C VAL A 234 -13.59 3.99 35.61
N ALA A 235 -14.33 5.08 35.53
CA ALA A 235 -15.05 5.46 34.32
C ALA A 235 -14.45 6.69 33.70
N ALA A 236 -14.09 6.60 32.41
CA ALA A 236 -13.82 7.76 31.58
C ALA A 236 -14.57 7.54 30.27
N THR A 237 -15.84 7.92 30.27
CA THR A 237 -16.72 7.66 29.13
C THR A 237 -16.46 8.66 28.01
N ALA A 238 -16.98 8.34 26.83
CA ALA A 238 -16.70 9.15 25.64
C ALA A 238 -17.25 10.56 25.73
N SER A 239 -18.13 10.85 26.69
CA SER A 239 -18.63 12.20 26.86
C SER A 239 -17.64 13.10 27.59
N GLU A 240 -16.73 12.52 28.37
CA GLU A 240 -15.76 13.30 29.12
C GLU A 240 -14.58 13.69 28.23
N ALA A 241 -14.11 14.91 28.40
CA ALA A 241 -13.09 15.46 27.51
C ALA A 241 -11.88 14.54 27.43
N ALA A 242 -11.07 14.75 26.39
CA ALA A 242 -9.95 13.87 26.11
C ALA A 242 -8.98 13.72 27.28
N PRO A 243 -8.57 14.76 27.99
CA PRO A 243 -7.53 14.59 29.02
C PRO A 243 -7.94 13.63 30.12
N LEU A 244 -9.22 13.58 30.49
CA LEU A 244 -9.65 12.62 31.50
C LEU A 244 -9.47 11.19 30.98
N GLN A 245 -9.81 10.94 29.73
CA GLN A 245 -9.56 9.63 29.13
C GLN A 245 -8.07 9.30 29.13
N TYR A 246 -7.24 10.30 28.82
CA TYR A 246 -5.80 10.09 28.80
C TYR A 246 -5.28 9.72 30.19
N LEU A 247 -5.80 10.38 31.23
CA LEU A 247 -5.33 10.13 32.59
C LEU A 247 -5.89 8.85 33.21
N ALA A 248 -7.06 8.41 32.76
CA ALA A 248 -7.77 7.35 33.48
C ALA A 248 -6.93 6.10 33.72
N PRO A 249 -6.20 5.56 32.74
CA PRO A 249 -5.41 4.35 33.02
C PRO A 249 -4.40 4.55 34.14
N PHE A 250 -3.74 5.70 34.17
CA PHE A 250 -2.78 5.96 35.24
C PHE A 250 -3.47 6.07 36.60
N THR A 251 -4.64 6.71 36.62
CA THR A 251 -5.41 6.79 37.86
C THR A 251 -5.70 5.40 38.39
N ALA A 252 -6.25 4.53 37.54
CA ALA A 252 -6.55 3.18 37.96
C ALA A 252 -5.27 2.43 38.35
N ALA A 253 -4.17 2.72 37.66
CA ALA A 253 -2.90 2.11 38.03
C ALA A 253 -2.51 2.46 39.45
N SER A 254 -2.67 3.73 39.83
CA SER A 254 -2.38 4.13 41.21
C SER A 254 -3.31 3.42 42.19
N ILE A 255 -4.59 3.30 41.84
CA ILE A 255 -5.53 2.58 42.69
C ILE A 255 -5.01 1.16 42.93
N GLY A 256 -4.58 0.50 41.85
CA GLY A 256 -4.04 -0.83 41.98
C GLY A 256 -2.74 -0.87 42.77
N GLU A 257 -1.88 0.12 42.57
CA GLU A 257 -0.59 0.12 43.25
C GLU A 257 -0.74 0.25 44.75
N TRP A 258 -1.80 0.90 45.22
CA TRP A 258 -1.98 0.92 46.67
C TRP A 258 -2.14 -0.48 47.21
N PHE A 259 -2.91 -1.33 46.52
CA PHE A 259 -3.02 -2.73 46.95
C PHE A 259 -1.72 -3.48 46.74
N ARG A 260 -1.04 -3.23 45.62
CA ARG A 260 0.22 -3.92 45.34
C ARG A 260 1.23 -3.68 46.46
N ASP A 261 1.59 -2.42 46.67
CA ASP A 261 2.67 -2.11 47.61
C ASP A 261 2.31 -2.48 49.04
N ASN A 262 1.03 -2.41 49.39
CA ASN A 262 0.59 -2.76 50.74
C ASN A 262 0.49 -4.26 50.96
N GLY A 263 0.82 -5.07 49.95
CA GLY A 263 0.88 -6.50 50.11
C GLY A 263 -0.41 -7.24 49.82
N LYS A 264 -1.40 -6.58 49.24
CA LYS A 264 -2.56 -7.28 48.72
C LYS A 264 -2.23 -7.80 47.32
N HIS A 265 -3.22 -8.40 46.67
CA HIS A 265 -3.05 -8.89 45.30
C HIS A 265 -4.13 -8.27 44.40
N ALA A 266 -3.70 -7.73 43.26
CA ALA A 266 -4.55 -6.86 42.46
C ALA A 266 -4.48 -7.23 40.98
N LEU A 267 -5.60 -7.01 40.30
CA LEU A 267 -5.74 -7.18 38.87
C LEU A 267 -6.31 -5.90 38.28
N ILE A 268 -5.88 -5.52 37.08
CA ILE A 268 -6.38 -4.33 36.41
C ILE A 268 -6.69 -4.66 34.96
N VAL A 269 -7.81 -4.13 34.47
CA VAL A 269 -8.27 -4.35 33.10
C VAL A 269 -8.42 -3.00 32.43
N TYR A 270 -7.86 -2.86 31.23
CA TYR A 270 -7.87 -1.60 30.46
C TYR A 270 -8.70 -1.79 29.20
N ASP A 271 -9.99 -1.47 29.28
CA ASP A 271 -10.87 -1.49 28.10
C ASP A 271 -11.11 -0.06 27.64
N ASP A 272 -10.51 0.35 26.52
CA ASP A 272 -9.50 -0.39 25.75
C ASP A 272 -8.41 0.61 25.35
N LEU A 273 -7.16 0.21 25.48
CA LEU A 273 -6.06 1.17 25.41
C LEU A 273 -5.93 1.84 24.06
N SER A 274 -6.54 1.28 23.00
CA SER A 274 -6.52 1.94 21.71
C SER A 274 -7.18 3.32 21.80
N LYS A 275 -8.33 3.40 22.46
CA LYS A 275 -8.99 4.68 22.62
C LYS A 275 -8.17 5.62 23.49
N GLN A 276 -7.43 5.07 24.47
CA GLN A 276 -6.51 5.91 25.24
C GLN A 276 -5.46 6.53 24.34
N ALA A 277 -4.90 5.75 23.42
CA ALA A 277 -3.94 6.29 22.47
C ALA A 277 -4.58 7.35 21.58
N VAL A 278 -5.84 7.12 21.19
CA VAL A 278 -6.54 8.10 20.36
C VAL A 278 -6.71 9.42 21.12
N ALA A 279 -7.07 9.35 22.40
CA ALA A 279 -7.18 10.56 23.21
C ALA A 279 -5.83 11.25 23.33
N TYR A 280 -4.76 10.47 23.52
CA TYR A 280 -3.43 11.07 23.61
C TYR A 280 -3.05 11.78 22.32
N ARG A 281 -3.37 11.18 21.17
CA ARG A 281 -3.06 11.85 19.91
C ARG A 281 -3.91 13.10 19.73
N GLN A 282 -5.17 13.07 20.19
CA GLN A 282 -5.97 14.29 20.14
C GLN A 282 -5.30 15.40 20.92
N LEU A 283 -4.87 15.12 22.16
CA LEU A 283 -4.17 16.14 22.93
C LEU A 283 -2.91 16.60 22.21
N SER A 284 -2.13 15.66 21.68
CA SER A 284 -0.86 16.01 21.05
C SER A 284 -1.09 16.92 19.85
N LEU A 285 -2.05 16.58 18.99
CA LEU A 285 -2.28 17.36 17.79
C LEU A 285 -2.88 18.72 18.12
N LEU A 286 -3.79 18.78 19.09
CA LEU A 286 -4.33 20.08 19.46
C LEU A 286 -3.28 20.93 20.18
N LEU A 287 -2.30 20.29 20.82
CA LEU A 287 -1.15 21.02 21.34
C LEU A 287 -0.14 21.36 20.23
N ARG A 288 -0.40 20.93 19.00
CA ARG A 288 0.47 21.21 17.85
C ARG A 288 1.86 20.58 18.00
N ARG A 289 1.96 19.51 18.79
CA ARG A 289 3.21 18.79 18.89
C ARG A 289 3.48 17.98 17.62
N PRO A 290 4.72 17.56 17.42
CA PRO A 290 5.06 16.82 16.20
C PRO A 290 4.22 15.57 16.05
N PRO A 291 3.59 15.39 14.89
CA PRO A 291 2.92 14.11 14.61
C PRO A 291 3.93 13.02 14.26
N GLY A 292 3.42 11.79 14.22
CA GLY A 292 4.23 10.64 13.89
C GLY A 292 3.51 9.68 12.97
N ARG A 293 4.02 8.45 12.87
CA ARG A 293 3.40 7.43 12.02
C ARG A 293 1.92 7.29 12.37
N GLU A 294 1.11 7.03 11.35
CA GLU A 294 -0.33 6.83 11.53
C GLU A 294 -0.97 8.00 12.27
N ALA A 295 -0.33 9.17 12.20
CA ALA A 295 -0.81 10.37 12.88
C ALA A 295 -1.02 10.13 14.38
N TYR A 296 -0.17 9.29 14.96
CA TYR A 296 -0.04 9.27 16.41
C TYR A 296 1.19 10.06 16.83
N PRO A 297 1.19 10.67 18.01
CA PRO A 297 2.38 11.36 18.46
C PRO A 297 3.54 10.39 18.59
N GLY A 298 4.74 10.88 18.31
CA GLY A 298 5.88 10.01 18.11
C GLY A 298 6.22 9.14 19.31
N ASP A 299 5.77 9.51 20.51
CA ASP A 299 6.15 8.80 21.72
C ASP A 299 4.98 8.02 22.34
N VAL A 300 4.03 7.58 21.52
CA VAL A 300 2.93 6.79 22.08
C VAL A 300 3.45 5.50 22.68
N PHE A 301 4.52 4.95 22.12
CA PHE A 301 5.16 3.79 22.73
C PHE A 301 5.49 4.08 24.19
N TYR A 302 6.02 5.27 24.47
CA TYR A 302 6.28 5.65 25.85
C TYR A 302 4.98 5.74 26.65
N LEU A 303 3.93 6.27 26.04
CA LEU A 303 2.65 6.36 26.74
C LEU A 303 2.22 5.00 27.27
N HIS A 304 2.24 3.98 26.40
CA HIS A 304 1.78 2.66 26.82
C HIS A 304 2.77 1.98 27.75
N SER A 305 4.07 2.11 27.48
CA SER A 305 5.05 1.42 28.33
C SER A 305 5.07 1.98 29.74
N ARG A 306 5.00 3.31 29.89
CA ARG A 306 5.04 3.92 31.20
C ARG A 306 3.97 3.33 32.10
N LEU A 307 2.81 3.03 31.52
CA LEU A 307 1.71 2.42 32.27
C LEU A 307 1.94 0.93 32.45
N LEU A 308 2.15 0.21 31.33
CA LEU A 308 2.13 -1.24 31.38
C LEU A 308 3.22 -1.80 32.28
N GLU A 309 4.38 -1.15 32.34
CA GLU A 309 5.45 -1.71 33.17
C GLU A 309 5.15 -1.62 34.66
N ARG A 310 4.02 -1.05 35.06
CA ARG A 310 3.67 -1.03 36.48
C ARG A 310 3.15 -2.37 36.97
N ALA A 311 2.73 -3.25 36.06
CA ALA A 311 2.43 -4.63 36.45
C ALA A 311 3.69 -5.30 37.00
N ALA A 312 3.56 -5.94 38.16
CA ALA A 312 4.74 -6.50 38.80
C ALA A 312 4.32 -7.46 39.91
N LYS A 313 5.28 -8.30 40.32
CA LYS A 313 5.21 -9.05 41.56
C LYS A 313 6.41 -8.68 42.42
N LEU A 314 6.15 -8.22 43.63
CA LEU A 314 7.24 -7.78 44.50
C LEU A 314 7.82 -8.96 45.26
N SER A 315 9.10 -8.84 45.61
CA SER A 315 9.78 -9.88 46.38
C SER A 315 9.29 -9.88 47.83
N GLU A 316 9.46 -11.03 48.47
CA GLU A 316 9.11 -11.14 49.88
C GLU A 316 9.91 -10.15 50.72
N LYS A 317 11.14 -9.84 50.32
CA LYS A 317 11.92 -8.84 51.04
C LYS A 317 11.31 -7.45 50.90
N GLU A 318 10.77 -7.14 49.72
CA GLU A 318 10.05 -5.89 49.55
C GLU A 318 8.67 -5.93 50.20
N GLY A 319 8.10 -7.12 50.34
CA GLY A 319 6.74 -7.28 50.79
C GLY A 319 5.88 -7.87 49.68
N SER A 320 5.54 -9.15 49.82
CA SER A 320 4.88 -9.88 48.74
C SER A 320 3.60 -9.17 48.30
N GLY A 321 3.47 -8.97 47.00
CA GLY A 321 2.30 -8.34 46.44
C GLY A 321 2.45 -8.29 44.93
N SER A 322 1.30 -8.18 44.26
CA SER A 322 1.30 -8.28 42.81
C SER A 322 0.20 -7.43 42.20
N LEU A 323 0.52 -6.81 41.07
CA LEU A 323 -0.45 -6.17 40.20
C LEU A 323 -0.36 -6.82 38.83
N THR A 324 -1.50 -7.31 38.32
CA THR A 324 -1.57 -8.00 37.05
C THR A 324 -2.45 -7.19 36.10
N ALA A 325 -2.09 -7.17 34.82
CA ALA A 325 -2.70 -6.28 33.85
C ALA A 325 -3.27 -7.07 32.68
N LEU A 326 -4.45 -6.65 32.21
CA LEU A 326 -5.10 -7.22 31.03
C LEU A 326 -5.41 -6.08 30.06
N PRO A 327 -4.43 -5.64 29.27
CA PRO A 327 -4.73 -4.70 28.19
C PRO A 327 -5.74 -5.29 27.22
N VAL A 328 -6.62 -4.44 26.70
CA VAL A 328 -7.61 -4.83 25.72
C VAL A 328 -7.45 -3.93 24.50
N ILE A 329 -7.42 -4.52 23.32
CA ILE A 329 -7.14 -3.81 22.08
C ILE A 329 -8.22 -4.12 21.06
N GLU A 330 -8.56 -3.13 20.24
CA GLU A 330 -9.46 -3.32 19.10
C GLU A 330 -8.60 -3.33 17.84
N THR A 331 -8.73 -4.39 17.05
CA THR A 331 -7.82 -4.68 15.94
C THR A 331 -8.58 -4.52 14.62
N GLN A 332 -8.34 -3.40 13.94
CA GLN A 332 -9.00 -3.14 12.68
C GLN A 332 -8.68 -4.23 11.67
N GLY A 333 -9.70 -4.97 11.25
CA GLY A 333 -9.52 -6.00 10.24
C GLY A 333 -8.54 -7.09 10.63
N GLY A 334 -8.28 -7.27 11.91
CA GLY A 334 -7.35 -8.31 12.34
C GLY A 334 -5.90 -8.00 12.05
N ASP A 335 -5.58 -6.76 11.72
CA ASP A 335 -4.21 -6.37 11.37
C ASP A 335 -3.40 -6.23 12.66
N VAL A 336 -2.77 -7.34 13.06
CA VAL A 336 -1.92 -7.30 14.25
C VAL A 336 -0.77 -6.32 14.05
N SER A 337 -0.38 -6.07 12.80
CA SER A 337 0.77 -5.22 12.52
C SER A 337 0.46 -3.73 12.64
N ALA A 338 -0.80 -3.37 12.90
CA ALA A 338 -1.12 -1.96 13.10
C ALA A 338 -0.25 -1.38 14.21
N TYR A 339 -0.09 -0.06 14.18
CA TYR A 339 0.96 0.58 14.98
C TYR A 339 0.75 0.34 16.47
N ILE A 340 -0.43 0.67 16.97
CA ILE A 340 -0.70 0.63 18.41
C ILE A 340 -0.69 -0.82 18.89
N PRO A 341 -1.38 -1.74 18.20
CA PRO A 341 -1.24 -3.16 18.59
C PRO A 341 0.19 -3.64 18.55
N THR A 342 0.98 -3.18 17.57
CA THR A 342 2.37 -3.60 17.49
C THR A 342 3.14 -3.17 18.72
N ASN A 343 2.98 -1.90 19.13
CA ASN A 343 3.65 -1.44 20.33
C ASN A 343 3.21 -2.23 21.55
N VAL A 344 1.91 -2.45 21.70
CA VAL A 344 1.41 -3.16 22.87
C VAL A 344 1.97 -4.57 22.92
N ILE A 345 1.99 -5.25 21.77
CA ILE A 345 2.50 -6.62 21.73
C ILE A 345 3.98 -6.63 22.03
N SER A 346 4.71 -5.61 21.59
CA SER A 346 6.14 -5.53 21.94
C SER A 346 6.31 -5.31 23.43
N ILE A 347 5.34 -4.68 24.09
CA ILE A 347 5.44 -4.44 25.52
C ILE A 347 4.94 -5.61 26.36
N THR A 348 3.89 -6.29 25.91
CA THR A 348 3.22 -7.29 26.73
C THR A 348 3.97 -8.61 26.73
N ASP A 349 3.55 -9.50 27.63
CA ASP A 349 4.18 -10.81 27.83
C ASP A 349 3.48 -11.92 27.08
N GLY A 350 2.37 -11.63 26.40
CA GLY A 350 1.63 -12.67 25.71
C GLY A 350 0.26 -12.14 25.35
N GLN A 351 -0.45 -12.94 24.56
CA GLN A 351 -1.75 -12.51 24.03
C GLN A 351 -2.79 -13.61 24.17
N ILE A 352 -4.00 -13.19 24.54
CA ILE A 352 -5.22 -13.94 24.27
C ILE A 352 -5.87 -13.29 23.06
N PHE A 353 -6.01 -14.05 21.97
CA PHE A 353 -6.25 -13.51 20.65
C PHE A 353 -7.61 -14.01 20.17
N LEU A 354 -8.63 -13.17 20.27
CA LEU A 354 -9.95 -13.52 19.77
C LEU A 354 -10.05 -13.19 18.28
N GLU A 355 -10.89 -13.94 17.58
CA GLU A 355 -11.02 -13.82 16.14
C GLU A 355 -12.49 -13.78 15.72
N ALA A 356 -12.80 -12.89 14.78
CA ALA A 356 -14.15 -12.82 14.25
C ALA A 356 -14.56 -14.14 13.59
N GLU A 357 -13.67 -14.70 12.77
CA GLU A 357 -13.97 -15.95 12.09
C GLU A 357 -14.43 -17.03 13.08
N LEU A 358 -13.69 -17.21 14.16
CA LEU A 358 -14.01 -18.27 15.10
C LEU A 358 -15.28 -17.98 15.88
N PHE A 359 -15.55 -16.70 16.20
CA PHE A 359 -16.79 -16.38 16.87
C PHE A 359 -17.99 -16.64 15.98
N TYR A 360 -17.89 -16.29 14.69
CA TYR A 360 -18.94 -16.66 13.75
C TYR A 360 -19.16 -18.17 13.74
N LYS A 361 -18.08 -18.94 13.73
CA LYS A 361 -18.17 -20.40 13.72
C LYS A 361 -18.78 -20.97 14.99
N GLY A 362 -19.07 -20.12 15.98
CA GLY A 362 -19.69 -20.58 17.21
C GLY A 362 -18.73 -21.04 18.28
N ILE A 363 -17.42 -20.96 18.04
CA ILE A 363 -16.45 -21.18 19.11
C ILE A 363 -16.50 -19.97 20.03
N ARG A 364 -17.05 -20.15 21.23
CA ARG A 364 -17.19 -19.07 22.19
C ARG A 364 -16.49 -19.51 23.47
N PRO A 365 -15.56 -18.72 24.04
CA PRO A 365 -15.24 -17.31 23.79
C PRO A 365 -14.35 -17.02 22.58
N ALA A 366 -14.18 -17.97 21.66
CA ALA A 366 -13.59 -17.70 20.35
C ALA A 366 -12.10 -17.42 20.42
N ILE A 367 -11.37 -18.09 21.31
CA ILE A 367 -9.93 -17.91 21.37
C ILE A 367 -9.27 -18.68 20.23
N ASN A 368 -8.40 -18.00 19.49
CA ASN A 368 -7.53 -18.66 18.53
C ASN A 368 -6.34 -19.27 19.27
N VAL A 369 -6.34 -20.59 19.41
CA VAL A 369 -5.30 -21.25 20.20
C VAL A 369 -3.94 -21.08 19.56
N GLY A 370 -3.86 -21.09 18.24
CA GLY A 370 -2.59 -21.03 17.55
C GLY A 370 -1.87 -19.72 17.73
N LEU A 371 -2.60 -18.60 17.65
CA LEU A 371 -1.97 -17.29 17.75
C LEU A 371 -1.74 -16.88 19.20
N SER A 372 -2.62 -17.29 20.11
CA SER A 372 -2.47 -16.93 21.51
C SER A 372 -1.35 -17.73 22.16
N VAL A 373 -0.49 -17.05 22.90
CA VAL A 373 0.60 -17.68 23.65
C VAL A 373 0.75 -16.97 24.98
N SER A 374 1.22 -17.70 25.98
CA SER A 374 1.46 -17.16 27.32
C SER A 374 2.87 -17.58 27.74
N ARG A 375 3.83 -16.67 27.57
CA ARG A 375 5.23 -16.99 27.81
C ARG A 375 5.47 -17.28 29.29
N VAL A 376 4.97 -16.41 30.17
CA VAL A 376 5.29 -16.51 31.59
C VAL A 376 4.31 -17.43 32.31
N GLY A 377 3.04 -17.40 31.93
CA GLY A 377 2.01 -18.05 32.71
C GLY A 377 2.16 -19.55 32.83
N SER A 378 2.86 -20.20 31.89
CA SER A 378 2.98 -21.65 31.93
C SER A 378 3.67 -22.12 33.20
N ALA A 379 4.44 -21.27 33.87
CA ALA A 379 5.05 -21.61 35.15
C ALA A 379 4.07 -21.51 36.31
N ALA A 380 2.85 -21.01 36.09
CA ALA A 380 1.95 -20.72 37.19
C ALA A 380 0.58 -21.36 37.07
N GLN A 381 0.35 -22.22 36.08
CA GLN A 381 -0.92 -22.90 36.00
C GLN A 381 -1.00 -23.97 37.09
N VAL A 382 -2.21 -24.18 37.61
CA VAL A 382 -2.37 -25.04 38.77
C VAL A 382 -1.67 -26.37 38.54
N LYS A 383 -0.98 -26.86 39.57
CA LYS A 383 -0.12 -28.02 39.43
C LYS A 383 -0.88 -29.26 38.96
N ALA A 384 -2.20 -29.29 39.16
CA ALA A 384 -2.98 -30.41 38.65
C ALA A 384 -3.20 -30.28 37.14
N LEU A 385 -3.47 -29.06 36.67
CA LEU A 385 -3.81 -28.87 35.27
C LEU A 385 -2.67 -29.27 34.36
N LYS A 386 -1.45 -28.82 34.68
CA LYS A 386 -0.32 -29.11 33.80
C LYS A 386 -0.09 -30.60 33.63
N GLN A 387 -0.48 -31.40 34.62
CA GLN A 387 -0.25 -32.84 34.57
C GLN A 387 -1.29 -33.59 33.74
N VAL A 388 -2.36 -32.92 33.31
CA VAL A 388 -3.41 -33.60 32.54
C VAL A 388 -3.67 -32.87 31.22
N ALA A 389 -3.35 -31.58 31.17
CA ALA A 389 -3.77 -30.72 30.07
C ALA A 389 -2.76 -30.63 28.94
N GLY A 390 -1.52 -31.06 29.16
CA GLY A 390 -0.48 -30.83 28.17
C GLY A 390 -0.83 -31.38 26.80
N SER A 391 -1.34 -32.62 26.75
CA SER A 391 -1.61 -33.26 25.47
C SER A 391 -2.72 -32.55 24.70
N LEU A 392 -3.55 -31.75 25.37
CA LEU A 392 -4.60 -31.00 24.68
C LEU A 392 -3.98 -30.07 23.63
N LYS A 393 -2.92 -29.36 24.01
CA LYS A 393 -2.27 -28.44 23.09
C LYS A 393 -1.75 -29.19 21.87
N LEU A 394 -1.09 -30.33 22.09
CA LEU A 394 -0.56 -31.11 20.98
C LEU A 394 -1.66 -31.59 20.06
N PHE A 395 -2.74 -32.14 20.62
CA PHE A 395 -3.83 -32.64 19.79
C PHE A 395 -4.43 -31.52 18.95
N LEU A 396 -4.69 -30.36 19.58
CA LEU A 396 -5.30 -29.27 18.83
C LEU A 396 -4.35 -28.72 17.77
N ALA A 397 -3.05 -28.65 18.08
CA ALA A 397 -2.09 -28.17 17.09
C ALA A 397 -2.03 -29.11 15.89
N GLN A 398 -2.00 -30.41 16.13
CA GLN A 398 -2.01 -31.37 15.02
C GLN A 398 -3.30 -31.25 14.23
N TYR A 399 -4.43 -31.12 14.93
CA TYR A 399 -5.71 -31.01 14.26
C TYR A 399 -5.77 -29.79 13.35
N ARG A 400 -5.27 -28.66 13.84
CA ARG A 400 -5.28 -27.44 13.02
C ARG A 400 -4.55 -27.66 11.70
N GLU A 401 -3.56 -28.54 11.67
CA GLU A 401 -2.79 -28.79 10.45
C GLU A 401 -3.53 -29.65 9.45
N VAL A 402 -4.58 -30.35 9.86
CA VAL A 402 -5.34 -31.23 8.98
C VAL A 402 -6.81 -30.86 8.93
N ALA A 403 -7.23 -29.79 9.60
CA ALA A 403 -8.63 -29.40 9.63
C ALA A 403 -9.11 -28.98 8.24
N ALA A 404 -8.18 -28.87 7.28
CA ALA A 404 -8.59 -28.50 5.93
C ALA A 404 -9.49 -29.57 5.31
N PHE A 405 -9.21 -30.84 5.57
CA PHE A 405 -10.07 -31.92 5.08
C PHE A 405 -11.51 -31.70 5.51
N SER A 410 -12.93 -36.52 3.05
CA SER A 410 -13.78 -37.55 2.45
C SER A 410 -13.04 -38.87 2.33
N ASP A 411 -12.09 -38.92 1.39
CA ASP A 411 -11.31 -40.13 1.18
C ASP A 411 -10.12 -40.17 2.13
N LEU A 412 -10.38 -40.07 3.42
CA LEU A 412 -9.33 -40.05 4.42
C LEU A 412 -9.02 -41.45 4.93
N ASP A 413 -7.79 -41.61 5.43
CA ASP A 413 -7.42 -42.80 6.18
C ASP A 413 -7.86 -42.67 7.63
N ALA A 414 -7.77 -43.79 8.36
CA ALA A 414 -8.24 -43.82 9.74
C ALA A 414 -7.48 -42.87 10.65
N SER A 415 -6.21 -42.57 10.35
CA SER A 415 -5.40 -41.79 11.26
C SER A 415 -5.86 -40.33 11.32
N THR A 416 -5.93 -39.67 10.17
CA THR A 416 -6.42 -38.30 10.17
C THR A 416 -7.90 -38.25 10.55
N LYS A 417 -8.65 -39.33 10.29
CA LYS A 417 -10.03 -39.38 10.78
C LYS A 417 -10.07 -39.33 12.30
N GLN A 418 -9.19 -40.08 12.96
CA GLN A 418 -9.12 -40.02 14.42
C GLN A 418 -8.69 -38.63 14.88
N THR A 419 -7.72 -38.04 14.17
CA THR A 419 -7.30 -36.69 14.50
C THR A 419 -8.48 -35.72 14.41
N LEU A 420 -9.33 -35.86 13.39
CA LEU A 420 -10.50 -35.00 13.25
C LEU A 420 -11.51 -35.25 14.36
N VAL A 421 -11.68 -36.51 14.76
CA VAL A 421 -12.59 -36.80 15.88
C VAL A 421 -12.13 -36.05 17.13
N ARG A 422 -10.84 -36.18 17.47
CA ARG A 422 -10.29 -35.45 18.60
C ARG A 422 -10.50 -33.95 18.44
N GLY A 423 -10.13 -33.40 17.29
CA GLY A 423 -10.26 -31.96 17.10
C GLY A 423 -11.68 -31.49 17.33
N GLU A 424 -12.64 -32.12 16.65
CA GLU A 424 -14.03 -31.68 16.75
C GLU A 424 -14.53 -31.76 18.18
N ARG A 425 -14.30 -32.89 18.85
CA ARG A 425 -14.90 -33.05 20.17
C ARG A 425 -14.17 -32.25 21.24
N LEU A 426 -12.85 -32.08 21.13
CA LEU A 426 -12.16 -31.20 22.07
C LEU A 426 -12.60 -29.76 21.90
N THR A 427 -12.69 -29.29 20.66
CA THR A 427 -13.11 -27.90 20.44
C THR A 427 -14.54 -27.69 20.92
N GLN A 428 -15.43 -28.64 20.61
CA GLN A 428 -16.80 -28.53 21.11
C GLN A 428 -16.87 -28.66 22.63
N LEU A 429 -15.86 -29.31 23.24
CA LEU A 429 -15.79 -29.36 24.70
C LEU A 429 -15.35 -28.03 25.28
N LEU A 430 -14.48 -27.30 24.58
CA LEU A 430 -13.98 -26.02 25.09
C LEU A 430 -14.99 -24.90 24.96
N LYS A 431 -16.10 -25.10 24.24
CA LYS A 431 -17.16 -24.11 24.22
C LYS A 431 -17.67 -23.85 25.63
N GLN A 432 -17.98 -22.59 25.92
CA GLN A 432 -18.37 -22.20 27.27
C GLN A 432 -19.55 -21.24 27.24
N ASN A 433 -20.51 -21.47 28.14
CA ASN A 433 -21.60 -20.54 28.34
C ASN A 433 -21.08 -19.24 28.96
N GLN A 434 -21.75 -18.14 28.65
CA GLN A 434 -21.29 -16.84 29.10
C GLN A 434 -21.60 -16.61 30.58
N TYR A 435 -20.70 -15.88 31.25
CA TYR A 435 -20.82 -15.63 32.69
C TYR A 435 -20.84 -16.91 33.50
N SER A 436 -20.15 -17.95 33.04
CA SER A 436 -20.14 -19.26 33.69
C SER A 436 -18.69 -19.70 33.90
N PRO A 437 -17.97 -19.05 34.81
CA PRO A 437 -16.62 -19.49 35.14
C PRO A 437 -16.62 -20.75 36.00
N LEU A 438 -15.53 -21.51 35.90
CA LEU A 438 -15.39 -22.80 36.55
C LEU A 438 -14.14 -22.83 37.41
N ALA A 439 -14.26 -23.41 38.60
CA ALA A 439 -13.09 -23.65 39.43
C ALA A 439 -12.22 -24.75 38.84
N THR A 440 -10.92 -24.71 39.16
CA THR A 440 -9.99 -25.67 38.58
C THR A 440 -10.36 -27.10 38.92
N GLU A 441 -10.86 -27.32 40.14
CA GLU A 441 -11.27 -28.67 40.53
C GLU A 441 -12.34 -29.20 39.61
N GLU A 442 -13.24 -28.33 39.15
CA GLU A 442 -14.26 -28.73 38.18
C GLU A 442 -13.72 -28.76 36.77
N GLN A 443 -12.63 -28.02 36.48
CA GLN A 443 -12.09 -28.00 35.14
C GLN A 443 -11.32 -29.27 34.80
N VAL A 444 -10.39 -29.67 35.68
CA VAL A 444 -9.46 -30.74 35.32
C VAL A 444 -10.20 -32.04 34.98
N PRO A 445 -11.34 -32.37 35.59
CA PRO A 445 -12.04 -33.58 35.15
C PRO A 445 -12.51 -33.50 33.71
N LEU A 446 -13.10 -32.38 33.31
CA LEU A 446 -13.54 -32.22 31.92
C LEU A 446 -12.38 -32.32 30.96
N ILE A 447 -11.28 -31.63 31.28
CA ILE A 447 -10.10 -31.67 30.40
C ILE A 447 -9.56 -33.09 30.31
N TYR A 448 -9.57 -33.81 31.44
CA TYR A 448 -9.11 -35.19 31.43
C TYR A 448 -10.00 -36.06 30.56
N ALA A 449 -11.31 -35.88 30.65
CA ALA A 449 -12.22 -36.67 29.83
C ALA A 449 -12.01 -36.40 28.35
N GLY A 450 -11.78 -35.14 27.99
CA GLY A 450 -11.50 -34.79 26.61
C GLY A 450 -10.19 -35.35 26.11
N VAL A 451 -9.13 -35.18 26.91
CA VAL A 451 -7.77 -35.48 26.45
C VAL A 451 -7.61 -36.97 26.18
N ASN A 452 -8.05 -37.81 27.12
CA ASN A 452 -7.74 -39.24 27.09
C ASN A 452 -8.70 -40.03 26.21
N GLY A 453 -9.39 -39.38 25.27
CA GLY A 453 -10.14 -40.09 24.26
C GLY A 453 -11.43 -40.73 24.73
N HIS A 454 -11.79 -40.62 26.01
CA HIS A 454 -13.00 -41.27 26.49
C HIS A 454 -14.23 -40.76 25.74
N LEU A 455 -14.30 -39.45 25.51
CA LEU A 455 -15.45 -38.84 24.85
C LEU A 455 -15.44 -39.01 23.34
N ASP A 456 -14.46 -39.73 22.78
CA ASP A 456 -14.41 -39.90 21.33
C ASP A 456 -15.72 -40.44 20.78
N GLY A 457 -16.41 -41.29 21.54
CA GLY A 457 -17.60 -41.96 21.04
C GLY A 457 -18.88 -41.17 21.17
N ILE A 458 -18.92 -40.18 22.06
CA ILE A 458 -20.15 -39.45 22.34
C ILE A 458 -20.47 -38.54 21.15
N GLU A 459 -21.76 -38.35 20.90
CA GLU A 459 -22.21 -37.53 19.79
C GLU A 459 -21.65 -36.11 19.90
N LEU A 460 -21.19 -35.58 18.77
CA LEU A 460 -20.68 -34.21 18.75
C LEU A 460 -21.75 -33.20 19.16
N SER A 461 -23.03 -33.52 18.94
CA SER A 461 -24.09 -32.64 19.40
C SER A 461 -24.25 -32.71 20.92
N ARG A 462 -24.11 -33.91 21.49
CA ARG A 462 -24.32 -34.13 22.91
C ARG A 462 -23.09 -33.85 23.75
N ILE A 463 -21.96 -33.50 23.13
CA ILE A 463 -20.74 -33.25 23.89
C ILE A 463 -20.96 -32.18 24.95
N GLY A 464 -21.70 -31.13 24.60
CA GLY A 464 -21.99 -30.10 25.58
C GLY A 464 -22.84 -30.63 26.72
N GLU A 465 -23.87 -31.41 26.40
CA GLU A 465 -24.66 -32.06 27.44
C GLU A 465 -23.80 -33.01 28.26
N PHE A 466 -22.89 -33.73 27.60
CA PHE A 466 -22.00 -34.63 28.32
C PHE A 466 -21.18 -33.87 29.35
N GLU A 467 -20.55 -32.77 28.93
CA GLU A 467 -19.74 -31.97 29.84
C GLU A 467 -20.59 -31.41 30.98
N SER A 468 -21.77 -30.87 30.66
CA SER A 468 -22.61 -30.28 31.68
C SER A 468 -23.04 -31.32 32.72
N SER A 469 -23.42 -32.51 32.25
CA SER A 469 -23.88 -33.54 33.17
C SER A 469 -22.73 -34.17 33.94
N PHE A 470 -21.52 -34.12 33.37
CA PHE A 470 -20.38 -34.76 34.01
C PHE A 470 -20.10 -34.14 35.38
N LEU A 471 -20.21 -32.81 35.47
CA LEU A 471 -19.96 -32.14 36.75
C LEU A 471 -20.92 -32.64 37.82
N SER A 472 -22.22 -32.67 37.51
CA SER A 472 -23.19 -33.16 38.49
C SER A 472 -22.96 -34.63 38.81
N TYR A 473 -22.57 -35.42 37.81
CA TYR A 473 -22.33 -36.84 38.05
C TYR A 473 -21.19 -37.04 39.02
N LEU A 474 -20.09 -36.31 38.82
CA LEU A 474 -18.99 -36.39 39.78
C LEU A 474 -19.40 -35.88 41.15
N LYS A 475 -20.12 -34.75 41.19
CA LYS A 475 -20.49 -34.18 42.48
C LYS A 475 -21.32 -35.17 43.30
N SER A 476 -22.27 -35.84 42.65
CA SER A 476 -23.04 -36.86 43.37
C SER A 476 -22.18 -38.06 43.72
N ASN A 477 -21.42 -38.57 42.74
CA ASN A 477 -20.52 -39.68 43.00
C ASN A 477 -19.38 -39.30 43.94
N HIS A 478 -18.91 -38.05 43.87
CA HIS A 478 -17.72 -37.67 44.64
C HIS A 478 -17.76 -36.17 44.90
N ASN A 479 -17.84 -35.80 46.17
CA ASN A 479 -17.41 -34.47 46.61
C ASN A 479 -15.98 -34.52 47.15
N GLU A 480 -15.60 -35.66 47.73
CA GLU A 480 -14.28 -35.78 48.34
C GLU A 480 -13.15 -35.64 47.32
N LEU A 481 -13.34 -36.16 46.09
CA LEU A 481 -12.28 -36.05 45.10
C LEU A 481 -12.06 -34.61 44.67
N LEU A 482 -13.16 -33.87 44.44
CA LEU A 482 -13.03 -32.48 44.03
C LEU A 482 -12.41 -31.65 45.14
N THR A 483 -12.81 -31.87 46.39
CA THR A 483 -12.17 -31.19 47.51
C THR A 483 -10.70 -31.61 47.64
N GLU A 484 -10.38 -32.86 47.31
CA GLU A 484 -8.99 -33.29 47.32
C GLU A 484 -8.17 -32.51 46.31
N ILE A 485 -8.72 -32.28 45.12
CA ILE A 485 -8.06 -31.42 44.15
C ILE A 485 -7.91 -30.01 44.70
N ARG A 486 -8.99 -29.49 45.30
CA ARG A 486 -8.98 -28.13 45.83
C ARG A 486 -7.87 -27.94 46.85
N GLU A 487 -7.68 -28.93 47.73
CA GLU A 487 -6.70 -28.79 48.82
C GLU A 487 -5.29 -29.11 48.34
N LYS A 488 -5.11 -30.22 47.62
CA LYS A 488 -3.77 -30.63 47.21
C LYS A 488 -3.25 -29.82 46.03
N GLY A 489 -4.12 -29.42 45.12
CA GLY A 489 -3.69 -28.66 43.95
C GLY A 489 -2.72 -29.47 43.11
N GLU A 490 -2.72 -30.78 43.30
CA GLU A 490 -1.75 -31.64 42.62
C GLU A 490 -2.34 -33.04 42.55
N LEU A 491 -1.73 -33.87 41.70
CA LEU A 491 -2.24 -35.20 41.43
C LEU A 491 -1.50 -36.25 42.25
N SER A 492 -1.94 -37.49 42.11
CA SER A 492 -1.24 -38.66 42.66
C SER A 492 -1.66 -39.87 41.84
N LYS A 493 -0.90 -40.95 42.00
CA LYS A 493 -1.28 -42.21 41.35
C LYS A 493 -2.71 -42.59 41.71
N GLU A 494 -3.04 -42.51 43.00
CA GLU A 494 -4.40 -42.81 43.43
C GLU A 494 -5.40 -41.84 42.80
N LEU A 495 -5.03 -40.56 42.72
CA LEU A 495 -5.93 -39.58 42.10
C LEU A 495 -6.19 -39.93 40.64
N LEU A 496 -5.12 -40.26 39.90
CA LEU A 496 -5.27 -40.60 38.50
C LEU A 496 -6.13 -41.84 38.33
N ALA A 497 -5.90 -42.87 39.16
CA ALA A 497 -6.68 -44.09 39.05
C ALA A 497 -8.16 -43.82 39.34
N SER A 498 -8.44 -43.07 40.41
CA SER A 498 -9.82 -42.77 40.75
C SER A 498 -10.50 -41.99 39.64
N LEU A 499 -9.81 -40.98 39.11
CA LEU A 499 -10.38 -40.18 38.02
C LEU A 499 -10.65 -41.05 36.80
N LYS A 500 -9.73 -41.94 36.45
CA LYS A 500 -9.95 -42.81 35.31
C LYS A 500 -11.16 -43.71 35.54
N SER A 501 -11.27 -44.28 36.74
CA SER A 501 -12.39 -45.18 37.02
C SER A 501 -13.72 -44.44 36.93
N ALA A 502 -13.79 -43.24 37.52
CA ALA A 502 -15.03 -42.48 37.49
C ALA A 502 -15.37 -42.02 36.08
N THR A 503 -14.36 -41.63 35.30
CA THR A 503 -14.62 -41.22 33.93
C THR A 503 -15.15 -42.36 33.10
N GLU A 504 -14.54 -43.55 33.23
CA GLU A 504 -15.06 -44.72 32.54
C GLU A 504 -16.49 -45.00 32.97
N SER A 505 -16.76 -44.97 34.27
CA SER A 505 -18.12 -45.19 34.76
C SER A 505 -19.09 -44.24 34.07
N PHE A 506 -18.79 -42.94 34.08
CA PHE A 506 -19.74 -41.98 33.54
C PHE A 506 -19.95 -42.19 32.04
N VAL A 507 -18.85 -42.21 31.27
CA VAL A 507 -19.00 -42.26 29.82
C VAL A 507 -19.64 -43.56 29.39
N ALA A 508 -19.44 -44.64 30.17
CA ALA A 508 -20.15 -45.87 29.91
C ALA A 508 -21.64 -45.73 30.23
N THR A 509 -21.98 -44.86 31.18
CA THR A 509 -23.36 -44.66 31.56
C THR A 509 -24.13 -43.94 30.45
N ASN B 28 33.50 42.91 9.76
CA ASN B 28 32.81 42.74 8.50
C ASN B 28 33.09 41.38 7.87
N GLU B 29 34.38 41.06 7.72
CA GLU B 29 34.75 39.82 7.02
C GLU B 29 34.21 38.59 7.75
N THR B 30 34.33 38.56 9.08
CA THR B 30 34.06 37.36 9.87
C THR B 30 32.79 37.52 10.68
N GLY B 31 31.94 36.49 10.63
CA GLY B 31 30.67 36.51 11.35
C GLY B 31 30.74 35.85 12.72
N ARG B 32 29.62 35.92 13.43
CA ARG B 32 29.45 35.29 14.73
C ARG B 32 28.24 34.37 14.70
N VAL B 33 28.35 33.22 15.35
CA VAL B 33 27.31 32.21 15.25
C VAL B 33 26.08 32.63 16.05
N LEU B 34 24.90 32.48 15.45
CA LEU B 34 23.63 32.70 16.12
C LEU B 34 22.99 31.42 16.63
N ALA B 35 23.10 30.32 15.89
CA ALA B 35 22.47 29.06 16.27
C ALA B 35 23.21 27.91 15.60
N VAL B 36 23.02 26.72 16.16
CA VAL B 36 23.67 25.52 15.63
C VAL B 36 22.92 24.30 16.16
N GLY B 37 22.73 23.31 15.29
CA GLY B 37 22.06 22.10 15.68
C GLY B 37 21.56 21.27 14.51
N ASP B 38 21.64 19.95 14.62
CA ASP B 38 21.29 19.00 13.57
C ASP B 38 22.31 19.01 12.44
N GLY B 39 23.51 19.52 12.68
CA GLY B 39 24.48 19.74 11.63
C GLY B 39 24.31 21.04 10.89
N ILE B 40 23.27 21.80 11.18
CA ILE B 40 23.03 23.10 10.56
C ILE B 40 23.43 24.19 11.53
N ALA B 41 23.82 25.34 10.99
CA ALA B 41 24.14 26.52 11.79
C ALA B 41 23.62 27.75 11.06
N ARG B 42 23.44 28.83 11.82
CA ARG B 42 23.15 30.14 11.27
C ARG B 42 24.17 31.13 11.81
N VAL B 43 24.66 32.01 10.95
CA VAL B 43 25.75 32.92 11.30
C VAL B 43 25.38 34.33 10.88
N PHE B 44 25.54 35.28 11.81
CA PHE B 44 25.42 36.70 11.51
C PHE B 44 26.72 37.23 10.92
N GLY B 45 26.58 38.15 9.98
CA GLY B 45 27.74 38.74 9.31
C GLY B 45 28.09 38.01 8.04
N LEU B 46 29.38 37.78 7.82
CA LEU B 46 29.88 37.14 6.60
C LEU B 46 29.33 37.85 5.36
N ASN B 47 29.41 39.19 5.37
CA ASN B 47 28.81 39.98 4.31
C ASN B 47 29.44 39.75 2.95
N ASN B 48 30.67 39.28 2.90
CA ASN B 48 31.41 39.14 1.65
C ASN B 48 31.53 37.69 1.19
N ILE B 49 30.73 36.79 1.73
CA ILE B 49 30.87 35.37 1.45
C ILE B 49 30.25 35.03 0.10
N GLN B 50 30.97 34.27 -0.71
CA GLN B 50 30.39 33.65 -1.89
C GLN B 50 29.48 32.50 -1.48
N ALA B 51 28.43 32.27 -2.25
CA ALA B 51 27.59 31.10 -2.04
C ALA B 51 28.45 29.83 -2.12
N GLU B 52 28.24 28.93 -1.16
CA GLU B 52 28.97 27.67 -1.07
C GLU B 52 30.45 27.84 -0.76
N GLU B 53 30.86 29.02 -0.31
CA GLU B 53 32.22 29.21 0.16
C GLU B 53 32.45 28.45 1.47
N LEU B 54 33.69 28.08 1.72
CA LEU B 54 34.06 27.36 2.94
C LEU B 54 34.31 28.34 4.07
N VAL B 55 33.48 28.27 5.10
CA VAL B 55 33.80 28.90 6.37
C VAL B 55 34.60 27.92 7.22
N GLU B 56 35.38 28.47 8.16
CA GLU B 56 36.09 27.67 9.14
C GLU B 56 35.80 28.24 10.52
N PHE B 57 35.41 27.38 11.46
CA PHE B 57 34.96 27.82 12.76
C PHE B 57 36.14 27.96 13.72
N SER B 58 35.83 28.46 14.92
CA SER B 58 36.87 28.67 15.91
C SER B 58 37.52 27.36 16.35
N SER B 59 36.79 26.25 16.24
CA SER B 59 37.27 24.97 16.73
C SER B 59 37.97 24.15 15.64
N GLY B 60 38.21 24.72 14.48
CA GLY B 60 38.90 24.02 13.42
C GLY B 60 38.05 23.09 12.57
N VAL B 61 36.74 23.12 12.76
CA VAL B 61 35.84 22.44 11.82
C VAL B 61 35.46 23.39 10.69
N LYS B 62 35.12 22.81 9.54
CA LYS B 62 34.81 23.58 8.34
C LYS B 62 33.39 23.32 7.90
N GLY B 63 32.80 24.33 7.26
CA GLY B 63 31.42 24.24 6.80
C GLY B 63 31.24 24.96 5.49
N MET B 64 30.15 24.63 4.81
CA MET B 64 29.81 25.22 3.53
C MET B 64 28.63 26.16 3.68
N ALA B 65 28.77 27.39 3.17
CA ALA B 65 27.73 28.40 3.26
C ALA B 65 26.65 28.06 2.25
N LEU B 66 25.63 27.32 2.71
CA LEU B 66 24.67 26.75 1.79
C LEU B 66 23.52 27.69 1.47
N ASN B 67 23.04 28.48 2.46
CA ASN B 67 21.73 29.14 2.34
C ASN B 67 21.86 30.60 2.80
N LEU B 68 22.11 31.50 1.87
CA LEU B 68 22.22 32.90 2.22
C LEU B 68 20.82 33.48 2.45
N GLU B 69 20.77 34.53 3.25
CA GLU B 69 19.54 35.31 3.40
C GLU B 69 19.91 36.67 3.94
N PRO B 70 19.00 37.64 3.86
CA PRO B 70 19.31 38.96 4.43
C PRO B 70 19.54 38.84 5.93
N GLY B 71 20.71 39.26 6.36
CA GLY B 71 21.06 39.27 7.77
C GLY B 71 21.57 37.96 8.33
N GLN B 72 21.65 36.89 7.55
CA GLN B 72 22.22 35.65 8.08
C GLN B 72 22.66 34.72 6.95
N VAL B 73 23.53 33.79 7.32
CA VAL B 73 24.02 32.75 6.43
C VAL B 73 23.77 31.41 7.11
N GLY B 74 23.00 30.54 6.46
CA GLY B 74 22.81 29.19 6.94
C GLY B 74 23.89 28.28 6.38
N ILE B 75 24.51 27.51 7.25
CA ILE B 75 25.75 26.81 6.96
C ILE B 75 25.56 25.34 7.33
N VAL B 76 26.15 24.45 6.54
CA VAL B 76 26.12 23.02 6.81
C VAL B 76 27.49 22.60 7.29
N LEU B 77 27.54 21.97 8.47
CA LEU B 77 28.82 21.54 9.03
C LEU B 77 29.25 20.23 8.40
N PHE B 78 30.50 20.19 7.93
CA PHE B 78 31.06 18.92 7.48
C PHE B 78 31.44 18.04 8.66
N GLY B 79 31.92 18.65 9.74
CA GLY B 79 32.23 17.92 10.95
C GLY B 79 30.99 17.64 11.78
N SER B 80 31.23 17.11 12.98
CA SER B 80 30.16 16.77 13.89
C SER B 80 29.55 18.03 14.52
N ASP B 81 28.27 17.93 14.88
CA ASP B 81 27.58 19.09 15.45
C ASP B 81 28.21 19.56 16.75
N ARG B 82 28.82 18.65 17.52
CA ARG B 82 29.33 19.02 18.83
C ARG B 82 30.43 20.08 18.74
N LEU B 83 31.04 20.26 17.59
CA LEU B 83 32.27 21.03 17.46
C LEU B 83 32.04 22.54 17.45
N VAL B 84 30.79 23.00 17.50
CA VAL B 84 30.48 24.42 17.39
C VAL B 84 29.58 24.85 18.54
N LYS B 85 29.69 26.13 18.91
CA LYS B 85 28.84 26.73 19.93
C LYS B 85 28.32 28.07 19.44
N GLU B 86 27.17 28.48 19.97
CA GLU B 86 26.70 29.84 19.76
C GLU B 86 27.73 30.82 20.31
N GLY B 87 27.88 31.95 19.63
CA GLY B 87 28.84 32.95 20.03
C GLY B 87 30.24 32.73 19.48
N GLU B 88 30.50 31.62 18.81
CA GLU B 88 31.80 31.42 18.19
C GLU B 88 31.98 32.40 17.03
N LEU B 89 33.24 32.67 16.70
CA LEU B 89 33.59 33.59 15.63
C LEU B 89 34.09 32.78 14.45
N VAL B 90 33.56 33.08 13.27
CA VAL B 90 33.70 32.23 12.09
C VAL B 90 34.55 32.95 11.05
N LYS B 91 35.55 32.25 10.52
CA LYS B 91 36.38 32.77 9.44
C LYS B 91 35.84 32.33 8.08
N ARG B 92 36.30 33.01 7.04
CA ARG B 92 35.96 32.68 5.66
C ARG B 92 37.20 32.19 4.94
N THR B 93 37.10 31.06 4.26
CA THR B 93 38.23 30.53 3.51
C THR B 93 38.53 31.40 2.29
N GLY B 94 37.49 31.85 1.59
CA GLY B 94 37.66 32.63 0.38
C GLY B 94 37.51 31.85 -0.90
N ASN B 95 37.38 30.53 -0.83
CA ASN B 95 37.28 29.68 -2.01
C ASN B 95 36.01 28.85 -1.95
N ILE B 96 35.45 28.57 -3.12
CA ILE B 96 34.35 27.61 -3.20
C ILE B 96 34.88 26.21 -2.92
N VAL B 97 33.97 25.31 -2.53
CA VAL B 97 34.32 23.93 -2.20
C VAL B 97 35.27 23.40 -3.28
N ASP B 98 36.43 22.90 -2.86
CA ASP B 98 37.46 22.53 -3.81
C ASP B 98 38.30 21.39 -3.25
N VAL B 99 39.00 20.70 -4.14
CA VAL B 99 39.84 19.56 -3.79
C VAL B 99 41.22 19.72 -4.41
N PRO B 100 42.26 19.16 -3.79
CA PRO B 100 43.53 18.98 -4.51
C PRO B 100 43.39 17.90 -5.57
N VAL B 101 44.12 18.08 -6.68
CA VAL B 101 44.03 17.18 -7.82
C VAL B 101 45.42 16.84 -8.31
N GLY B 102 45.49 15.77 -9.11
CA GLY B 102 46.71 15.38 -9.74
C GLY B 102 47.27 14.06 -9.22
N PRO B 103 48.34 13.58 -9.84
CA PRO B 103 48.88 12.27 -9.46
C PRO B 103 49.47 12.22 -8.06
N GLY B 104 49.69 13.36 -7.42
CA GLY B 104 50.14 13.32 -6.04
C GLY B 104 49.21 12.56 -5.15
N LEU B 105 47.92 12.53 -5.50
CA LEU B 105 46.95 11.74 -4.76
C LEU B 105 47.10 10.25 -5.03
N LEU B 106 47.84 9.88 -6.07
CA LEU B 106 47.83 8.51 -6.56
C LEU B 106 48.35 7.55 -5.50
N GLY B 107 47.54 6.54 -5.18
CA GLY B 107 47.98 5.46 -4.33
C GLY B 107 47.73 5.62 -2.85
N ARG B 108 46.91 6.57 -2.43
CA ARG B 108 46.63 6.76 -1.02
C ARG B 108 45.16 7.05 -0.80
N VAL B 109 44.72 6.86 0.45
CA VAL B 109 43.33 7.04 0.86
C VAL B 109 43.13 8.49 1.29
N VAL B 110 41.99 9.07 0.90
CA VAL B 110 41.67 10.45 1.24
C VAL B 110 40.21 10.53 1.66
N ASP B 111 39.93 11.33 2.69
CA ASP B 111 38.57 11.72 3.00
C ASP B 111 38.16 12.92 2.15
N ALA B 112 36.87 13.24 2.17
CA ALA B 112 36.40 14.38 1.41
C ALA B 112 37.18 15.63 1.80
N LEU B 113 37.12 16.64 0.94
CA LEU B 113 37.95 17.84 1.07
C LEU B 113 39.43 17.51 1.00
N GLY B 114 39.78 16.35 0.46
CA GLY B 114 41.17 16.02 0.22
C GLY B 114 42.00 15.78 1.45
N ASN B 115 41.37 15.46 2.58
CA ASN B 115 42.13 15.19 3.79
C ASN B 115 42.84 13.84 3.67
N PRO B 116 44.15 13.77 3.88
CA PRO B 116 44.80 12.46 3.92
C PRO B 116 44.47 11.72 5.20
N ILE B 117 44.19 10.42 5.06
CA ILE B 117 43.90 9.56 6.20
C ILE B 117 44.68 8.25 6.17
N ASP B 118 45.54 8.05 5.18
CA ASP B 118 46.37 6.86 5.14
C ASP B 118 47.51 6.89 6.14
N GLY B 119 47.68 7.97 6.89
CA GLY B 119 48.77 8.09 7.83
C GLY B 119 50.14 8.11 7.19
N LYS B 120 50.19 8.31 5.87
CA LYS B 120 51.45 8.32 5.15
C LYS B 120 52.02 9.73 4.93
N GLY B 121 51.38 10.77 5.46
CA GLY B 121 51.86 12.12 5.28
C GLY B 121 51.04 12.97 4.32
N PRO B 122 51.41 14.24 4.19
CA PRO B 122 50.59 15.20 3.46
C PRO B 122 50.38 14.84 1.99
N ILE B 123 49.27 15.35 1.44
CA ILE B 123 48.95 15.15 0.03
C ILE B 123 49.77 16.11 -0.82
N ASP B 124 50.42 15.58 -1.85
CA ASP B 124 50.93 16.42 -2.93
C ASP B 124 49.82 16.71 -3.93
N ALA B 125 49.91 17.87 -4.59
CA ALA B 125 48.85 18.33 -5.48
C ALA B 125 49.44 19.02 -6.70
N ALA B 126 48.84 18.75 -7.87
CA ALA B 126 49.11 19.52 -9.07
C ALA B 126 48.33 20.83 -9.10
N GLY B 127 47.24 20.91 -8.34
CA GLY B 127 46.44 22.11 -8.28
C GLY B 127 45.21 21.86 -7.45
N ARG B 128 44.31 22.85 -7.43
CA ARG B 128 43.04 22.71 -6.75
C ARG B 128 41.90 23.06 -7.69
N SER B 129 40.81 22.30 -7.61
CA SER B 129 39.69 22.46 -8.51
C SER B 129 38.38 22.41 -7.73
N ARG B 130 37.42 23.23 -8.14
CA ARG B 130 36.12 23.24 -7.48
C ARG B 130 35.48 21.85 -7.56
N ALA B 131 34.77 21.48 -6.51
CA ALA B 131 34.11 20.18 -6.46
C ALA B 131 32.94 20.07 -7.44
N GLN B 132 32.46 21.19 -7.98
CA GLN B 132 31.16 21.24 -8.66
C GLN B 132 31.27 21.94 -10.01
N VAL B 133 32.32 21.67 -10.77
CA VAL B 133 32.41 22.22 -12.11
C VAL B 133 31.31 21.63 -12.99
N LYS B 134 30.87 22.43 -13.96
CA LYS B 134 29.84 21.98 -14.90
C LYS B 134 30.37 20.89 -15.81
N ALA B 135 29.52 19.90 -16.09
CA ALA B 135 29.88 18.84 -17.01
C ALA B 135 30.10 19.39 -18.42
N PRO B 136 30.97 18.77 -19.20
CA PRO B 136 31.24 19.29 -20.55
C PRO B 136 30.00 19.26 -21.43
N GLY B 137 29.91 20.25 -22.32
CA GLY B 137 28.74 20.43 -23.15
C GLY B 137 28.65 19.40 -24.27
N ILE B 138 27.69 19.64 -25.15
CA ILE B 138 27.35 18.65 -26.18
C ILE B 138 28.46 18.51 -27.21
N LEU B 139 29.10 19.60 -27.59
CA LEU B 139 30.01 19.57 -28.75
C LEU B 139 31.33 18.87 -28.44
N PRO B 140 31.99 19.16 -27.31
CA PRO B 140 33.33 18.60 -27.10
C PRO B 140 33.37 17.08 -27.05
N ARG B 141 32.26 16.43 -26.70
CA ARG B 141 32.26 15.00 -26.49
C ARG B 141 32.48 14.24 -27.80
N ARG B 142 32.98 13.01 -27.65
CA ARG B 142 33.06 12.04 -28.73
C ARG B 142 32.37 10.75 -28.32
N SER B 143 31.74 10.09 -29.28
CA SER B 143 31.13 8.79 -29.01
C SER B 143 32.19 7.79 -28.60
N VAL B 144 31.86 6.92 -27.64
CA VAL B 144 32.84 6.00 -27.10
C VAL B 144 33.28 5.01 -28.16
N HIS B 145 34.60 4.79 -28.27
CA HIS B 145 35.12 3.82 -29.22
C HIS B 145 36.27 2.97 -28.66
N GLU B 146 36.48 2.95 -27.35
CA GLU B 146 37.54 2.16 -26.74
C GLU B 146 36.98 1.34 -25.58
N PRO B 147 37.55 0.17 -25.33
CA PRO B 147 36.97 -0.74 -24.32
C PRO B 147 37.57 -0.58 -22.93
N VAL B 148 36.70 -0.71 -21.92
CA VAL B 148 37.14 -0.89 -20.54
C VAL B 148 37.28 -2.39 -20.31
N GLN B 149 38.52 -2.89 -20.33
CA GLN B 149 38.77 -4.32 -20.24
C GLN B 149 38.29 -4.85 -18.90
N THR B 150 37.26 -5.70 -18.93
CA THR B 150 36.59 -6.12 -17.71
C THR B 150 37.42 -7.10 -16.92
N GLY B 151 37.78 -8.22 -17.52
CA GLY B 151 38.28 -9.37 -16.80
C GLY B 151 37.21 -10.36 -16.38
N LEU B 152 35.94 -10.01 -16.53
CA LEU B 152 34.83 -10.92 -16.29
C LEU B 152 34.24 -11.35 -17.62
N LYS B 153 34.10 -12.66 -17.81
CA LYS B 153 33.71 -13.19 -19.11
C LYS B 153 32.34 -12.68 -19.53
N ALA B 154 31.35 -12.81 -18.65
CA ALA B 154 29.99 -12.41 -18.99
C ALA B 154 29.93 -10.91 -19.28
N VAL B 155 30.57 -10.10 -18.45
CA VAL B 155 30.58 -8.66 -18.68
C VAL B 155 31.27 -8.33 -20.00
N ASP B 156 32.39 -9.01 -20.28
CA ASP B 156 33.15 -8.71 -21.48
C ASP B 156 32.37 -9.05 -22.74
N ALA B 157 31.66 -10.18 -22.74
CA ALA B 157 31.02 -10.64 -23.96
C ALA B 157 29.62 -10.05 -24.13
N LEU B 158 28.83 -9.99 -23.07
CA LEU B 158 27.41 -9.70 -23.16
C LEU B 158 27.07 -8.23 -22.94
N VAL B 159 27.77 -7.56 -22.02
CA VAL B 159 27.49 -6.17 -21.71
C VAL B 159 28.79 -5.39 -21.72
N PRO B 160 29.45 -5.26 -22.87
CA PRO B 160 30.73 -4.54 -22.91
C PRO B 160 30.57 -3.10 -22.44
N ILE B 161 31.62 -2.58 -21.81
CA ILE B 161 31.63 -1.23 -21.27
C ILE B 161 32.70 -0.45 -22.02
N GLY B 162 32.30 0.67 -22.62
CA GLY B 162 33.23 1.52 -23.32
C GLY B 162 33.75 2.65 -22.46
N ARG B 163 34.99 3.04 -22.71
CA ARG B 163 35.60 4.14 -21.96
C ARG B 163 34.78 5.40 -22.17
N GLY B 164 34.41 6.06 -21.08
CA GLY B 164 33.54 7.21 -21.12
C GLY B 164 32.07 6.91 -20.92
N GLN B 165 31.67 5.64 -21.02
CA GLN B 165 30.28 5.27 -20.78
C GLN B 165 29.98 5.25 -19.29
N ARG B 166 28.70 5.31 -18.95
CA ARG B 166 28.23 5.19 -17.57
C ARG B 166 27.38 3.93 -17.47
N GLU B 167 27.87 2.94 -16.73
CA GLU B 167 27.21 1.65 -16.58
C GLU B 167 26.86 1.42 -15.12
N LEU B 168 25.57 1.30 -14.84
CA LEU B 168 25.11 1.04 -13.48
C LEU B 168 25.33 -0.43 -13.12
N ILE B 169 25.73 -0.65 -11.87
CA ILE B 169 25.68 -1.96 -11.24
C ILE B 169 24.64 -1.88 -10.12
N ILE B 170 23.64 -2.74 -10.19
CA ILE B 170 22.50 -2.70 -9.27
C ILE B 170 22.26 -4.10 -8.73
N GLY B 171 21.92 -4.19 -7.45
CA GLY B 171 21.72 -5.48 -6.84
C GLY B 171 21.21 -5.37 -5.43
N ASP B 172 21.36 -6.46 -4.68
CA ASP B 172 20.86 -6.56 -3.31
C ASP B 172 22.05 -6.76 -2.38
N ARG B 173 21.76 -6.96 -1.10
CA ARG B 173 22.81 -7.16 -0.11
C ARG B 173 23.56 -8.46 -0.38
N GLN B 174 24.89 -8.39 -0.28
CA GLN B 174 25.77 -9.56 -0.35
C GLN B 174 25.68 -10.29 -1.69
N THR B 175 25.16 -9.65 -2.74
CA THR B 175 25.06 -10.26 -4.05
C THR B 175 26.25 -9.94 -4.94
N GLY B 176 27.38 -9.55 -4.38
CA GLY B 176 28.59 -9.38 -5.16
C GLY B 176 28.71 -8.08 -5.91
N LYS B 177 27.99 -7.03 -5.51
CA LYS B 177 28.07 -5.76 -6.21
C LYS B 177 29.48 -5.22 -6.21
N THR B 178 30.16 -5.27 -5.06
CA THR B 178 31.52 -4.78 -4.97
C THR B 178 32.46 -5.59 -5.87
N ALA B 179 32.25 -6.90 -5.95
CA ALA B 179 33.17 -7.77 -6.68
C ALA B 179 33.25 -7.38 -8.15
N VAL B 180 32.10 -7.05 -8.76
CA VAL B 180 32.10 -6.72 -10.18
C VAL B 180 33.04 -5.56 -10.45
N ALA B 181 33.02 -4.55 -9.60
CA ALA B 181 33.91 -3.40 -9.78
C ALA B 181 35.34 -3.74 -9.38
N LEU B 182 35.51 -4.58 -8.35
CA LEU B 182 36.84 -4.84 -7.82
C LEU B 182 37.67 -5.67 -8.81
N ASP B 183 37.05 -6.67 -9.42
CA ASP B 183 37.74 -7.41 -10.48
C ASP B 183 38.16 -6.47 -11.61
N THR B 184 37.28 -5.55 -11.98
CA THR B 184 37.61 -4.61 -13.05
C THR B 184 38.77 -3.71 -12.66
N ILE B 185 38.80 -3.27 -11.41
CA ILE B 185 39.91 -2.42 -10.95
C ILE B 185 41.21 -3.21 -10.98
N LEU B 186 41.19 -4.45 -10.51
CA LEU B 186 42.41 -5.25 -10.49
C LEU B 186 42.90 -5.54 -11.90
N ASN B 187 41.98 -5.83 -12.82
CA ASN B 187 42.36 -6.28 -14.15
C ASN B 187 43.29 -5.29 -14.85
N GLN B 188 43.17 -4.00 -14.54
CA GLN B 188 43.99 -3.00 -15.22
C GLN B 188 45.48 -3.17 -14.91
N LYS B 189 45.81 -3.98 -13.91
CA LYS B 189 47.20 -4.26 -13.57
C LYS B 189 48.05 -4.55 -14.80
N ARG B 190 47.51 -5.31 -15.75
CA ARG B 190 48.32 -5.71 -16.90
C ARG B 190 48.64 -4.57 -17.84
N TRP B 191 47.93 -3.43 -17.75
CA TRP B 191 48.19 -2.29 -18.63
C TRP B 191 48.77 -1.08 -17.94
N ASN B 192 48.36 -0.77 -16.70
CA ASN B 192 48.93 0.37 -16.02
C ASN B 192 50.44 0.23 -15.81
N ASN B 193 50.96 -1.00 -15.84
CA ASN B 193 52.40 -1.22 -15.84
C ASN B 193 53.00 -1.09 -17.24
N GLY B 194 52.19 -0.82 -18.25
CA GLY B 194 52.64 -0.90 -19.62
C GLY B 194 53.68 0.14 -19.99
N SER B 195 54.15 0.05 -21.23
CA SER B 195 55.22 0.90 -21.70
C SER B 195 54.76 2.32 -22.05
N ASP B 196 53.45 2.55 -22.19
CA ASP B 196 52.98 3.83 -22.69
C ASP B 196 51.64 4.18 -22.06
N GLU B 197 51.34 5.48 -22.06
CA GLU B 197 50.09 6.00 -21.52
C GLU B 197 48.88 5.65 -22.38
N SER B 198 49.10 5.11 -23.58
CA SER B 198 48.00 4.91 -24.52
C SER B 198 46.88 4.09 -23.88
N LYS B 199 47.21 2.94 -23.31
CA LYS B 199 46.20 2.02 -22.79
C LYS B 199 45.94 2.18 -21.30
N LYS B 200 46.69 3.02 -20.60
CA LYS B 200 46.55 3.13 -19.16
C LYS B 200 45.11 3.44 -18.76
N LEU B 201 44.75 3.05 -17.54
CA LEU B 201 43.43 3.36 -16.98
C LEU B 201 43.59 3.50 -15.46
N TYR B 202 43.66 4.73 -14.98
CA TYR B 202 43.77 4.98 -13.55
C TYR B 202 42.41 4.74 -12.89
N CYS B 203 42.44 4.39 -11.60
CA CYS B 203 41.25 3.93 -10.89
C CYS B 203 41.01 4.73 -9.61
N VAL B 204 39.75 5.09 -9.38
CA VAL B 204 39.30 5.74 -8.15
C VAL B 204 38.10 4.96 -7.62
N TYR B 205 38.13 4.62 -6.33
CA TYR B 205 37.03 3.90 -5.69
C TYR B 205 36.48 4.75 -4.56
N VAL B 206 35.16 4.93 -4.53
CA VAL B 206 34.50 5.81 -3.56
C VAL B 206 33.57 4.98 -2.69
N ALA B 207 33.89 4.92 -1.40
CA ALA B 207 33.03 4.24 -0.42
C ALA B 207 32.17 5.28 0.28
N VAL B 208 30.85 5.08 0.23
CA VAL B 208 29.89 6.01 0.82
C VAL B 208 29.09 5.25 1.88
N GLY B 209 29.15 5.74 3.12
CA GLY B 209 28.38 5.15 4.19
C GLY B 209 28.76 3.74 4.56
N GLN B 210 29.89 3.23 4.05
CA GLN B 210 30.29 1.86 4.32
C GLN B 210 30.90 1.72 5.71
N LYS B 211 30.93 0.48 6.19
CA LYS B 211 31.72 0.14 7.36
C LYS B 211 33.17 0.52 7.13
N ARG B 212 33.77 1.22 8.10
CA ARG B 212 35.18 1.55 7.97
C ARG B 212 36.04 0.29 7.91
N SER B 213 35.61 -0.77 8.59
CA SER B 213 36.30 -2.05 8.48
C SER B 213 36.29 -2.55 7.05
N THR B 214 35.17 -2.33 6.34
CA THR B 214 35.10 -2.73 4.94
C THR B 214 36.13 -1.99 4.11
N VAL B 215 36.26 -0.67 4.33
CA VAL B 215 37.26 0.10 3.60
C VAL B 215 38.66 -0.37 3.93
N ALA B 216 38.92 -0.65 5.20
CA ALA B 216 40.25 -1.13 5.61
C ALA B 216 40.58 -2.44 4.90
N GLN B 217 39.67 -3.40 4.94
CA GLN B 217 39.93 -4.69 4.33
C GLN B 217 40.03 -4.58 2.81
N LEU B 218 39.22 -3.73 2.19
CA LEU B 218 39.30 -3.56 0.74
C LEU B 218 40.62 -2.92 0.34
N VAL B 219 41.07 -1.92 1.10
CA VAL B 219 42.38 -1.33 0.84
C VAL B 219 43.47 -2.38 1.02
N GLN B 220 43.33 -3.25 2.01
CA GLN B 220 44.28 -4.34 2.16
C GLN B 220 44.28 -5.24 0.93
N THR B 221 43.10 -5.53 0.39
CA THR B 221 43.03 -6.35 -0.81
C THR B 221 43.72 -5.67 -1.98
N LEU B 222 43.49 -4.37 -2.16
CA LEU B 222 44.09 -3.66 -3.28
C LEU B 222 45.58 -3.40 -3.09
N GLU B 223 46.08 -3.45 -1.86
CA GLU B 223 47.50 -3.30 -1.60
C GLU B 223 48.23 -4.63 -1.64
N GLN B 224 47.53 -5.73 -1.34
CA GLN B 224 48.12 -7.05 -1.51
C GLN B 224 48.40 -7.31 -2.99
N HIS B 225 47.46 -6.96 -3.85
CA HIS B 225 47.76 -6.84 -5.26
C HIS B 225 48.47 -5.51 -5.54
N ASP B 226 48.99 -5.39 -6.76
CA ASP B 226 49.73 -4.19 -7.14
C ASP B 226 48.81 -2.98 -7.32
N ALA B 227 47.50 -3.17 -7.30
CA ALA B 227 46.60 -2.13 -7.77
C ALA B 227 46.81 -0.79 -7.08
N MET B 228 47.15 -0.81 -5.79
CA MET B 228 47.26 0.45 -5.05
C MET B 228 48.33 1.36 -5.63
N LYS B 229 49.25 0.83 -6.42
CA LYS B 229 50.26 1.68 -7.03
C LYS B 229 49.67 2.72 -7.96
N TYR B 230 48.44 2.50 -8.45
CA TYR B 230 47.84 3.37 -9.47
C TYR B 230 46.40 3.77 -9.18
N SER B 231 45.91 3.59 -7.95
CA SER B 231 44.51 3.85 -7.65
C SER B 231 44.38 4.80 -6.47
N ILE B 232 43.18 5.36 -6.33
CA ILE B 232 42.86 6.32 -5.28
C ILE B 232 41.58 5.88 -4.59
N ILE B 233 41.52 6.05 -3.27
CA ILE B 233 40.39 5.62 -2.47
C ILE B 233 39.81 6.82 -1.74
N VAL B 234 38.51 7.03 -1.87
CA VAL B 234 37.78 8.08 -1.17
C VAL B 234 36.81 7.41 -0.22
N ALA B 235 36.85 7.79 1.07
CA ALA B 235 36.36 6.93 2.15
C ALA B 235 35.45 7.71 3.11
N ALA B 236 34.45 8.39 2.57
CA ALA B 236 33.45 9.07 3.39
C ALA B 236 32.58 8.00 4.04
N THR B 237 33.10 7.40 5.11
CA THR B 237 32.50 6.23 5.74
C THR B 237 31.35 6.63 6.67
N ALA B 238 30.77 5.60 7.30
CA ALA B 238 29.49 5.76 8.00
C ALA B 238 29.52 6.78 9.12
N SER B 239 30.67 6.99 9.77
CA SER B 239 30.68 7.87 10.93
C SER B 239 30.69 9.35 10.55
N GLU B 240 31.01 9.68 9.32
CA GLU B 240 31.07 11.08 8.90
C GLU B 240 29.69 11.70 8.90
N ALA B 241 29.60 12.95 9.34
CA ALA B 241 28.33 13.67 9.32
C ALA B 241 27.79 13.73 7.89
N ALA B 242 26.48 13.93 7.79
CA ALA B 242 25.80 13.81 6.50
C ALA B 242 26.43 14.62 5.39
N PRO B 243 26.79 15.89 5.58
CA PRO B 243 27.31 16.67 4.45
C PRO B 243 28.56 16.09 3.82
N LEU B 244 29.42 15.44 4.60
CA LEU B 244 30.59 14.80 4.00
C LEU B 244 30.19 13.67 3.07
N GLN B 245 29.24 12.85 3.48
CA GLN B 245 28.74 11.79 2.61
C GLN B 245 28.10 12.39 1.36
N TYR B 246 27.37 13.48 1.52
CA TYR B 246 26.76 14.15 0.37
C TYR B 246 27.82 14.65 -0.61
N LEU B 247 28.90 15.24 -0.08
CA LEU B 247 29.88 15.92 -0.92
C LEU B 247 30.88 14.97 -1.55
N ALA B 248 31.21 13.86 -0.90
CA ALA B 248 32.35 13.06 -1.32
C ALA B 248 32.34 12.67 -2.80
N PRO B 249 31.23 12.19 -3.38
CA PRO B 249 31.27 11.78 -4.79
C PRO B 249 31.69 12.89 -5.72
N PHE B 250 31.23 14.12 -5.47
CA PHE B 250 31.61 15.24 -6.31
C PHE B 250 33.11 15.48 -6.22
N THR B 251 33.69 15.37 -5.03
CA THR B 251 35.12 15.58 -4.86
C THR B 251 35.92 14.49 -5.58
N ALA B 252 35.48 13.24 -5.49
CA ALA B 252 36.17 12.16 -6.21
C ALA B 252 36.08 12.38 -7.71
N ALA B 253 34.90 12.76 -8.19
CA ALA B 253 34.74 13.07 -9.60
C ALA B 253 35.67 14.21 -10.02
N SER B 254 35.81 15.23 -9.17
CA SER B 254 36.70 16.34 -9.49
C SER B 254 38.16 15.90 -9.52
N ILE B 255 38.51 14.87 -8.75
CA ILE B 255 39.85 14.29 -8.87
C ILE B 255 39.99 13.61 -10.22
N GLY B 256 39.02 12.78 -10.58
CA GLY B 256 39.10 12.05 -11.86
C GLY B 256 39.13 12.98 -13.05
N GLU B 257 38.39 14.08 -12.99
CA GLU B 257 38.35 15.00 -14.11
C GLU B 257 39.70 15.61 -14.42
N TRP B 258 40.61 15.67 -13.45
CA TRP B 258 41.97 16.13 -13.77
C TRP B 258 42.63 15.17 -14.74
N PHE B 259 42.55 13.87 -14.46
CA PHE B 259 43.08 12.87 -15.38
C PHE B 259 42.39 12.97 -16.73
N ARG B 260 41.06 13.12 -16.73
CA ARG B 260 40.36 13.27 -18.00
C ARG B 260 40.93 14.43 -18.81
N ASP B 261 41.02 15.60 -18.19
CA ASP B 261 41.38 16.82 -18.89
C ASP B 261 42.86 16.90 -19.24
N ASN B 262 43.71 16.08 -18.62
CA ASN B 262 45.11 16.02 -18.98
C ASN B 262 45.42 14.87 -19.94
N GLY B 263 44.39 14.24 -20.49
CA GLY B 263 44.60 13.27 -21.54
C GLY B 263 44.96 11.87 -21.07
N LYS B 264 44.56 11.49 -19.87
CA LYS B 264 44.70 10.13 -19.37
C LYS B 264 43.34 9.61 -18.95
N HIS B 265 43.04 8.37 -19.33
CA HIS B 265 41.75 7.78 -19.02
C HIS B 265 41.64 7.49 -17.53
N ALA B 266 40.43 7.67 -16.98
CA ALA B 266 40.17 7.44 -15.56
C ALA B 266 38.84 6.74 -15.38
N LEU B 267 38.83 5.75 -14.49
CA LEU B 267 37.64 5.01 -14.10
C LEU B 267 37.35 5.30 -12.63
N ILE B 268 36.11 5.67 -12.33
CA ILE B 268 35.66 5.93 -10.97
C ILE B 268 34.52 4.96 -10.64
N VAL B 269 34.49 4.49 -9.41
CA VAL B 269 33.47 3.55 -8.94
C VAL B 269 32.85 4.14 -7.68
N TYR B 270 31.55 3.91 -7.50
CA TYR B 270 30.84 4.37 -6.30
C TYR B 270 30.09 3.21 -5.66
N ASP B 271 30.51 2.80 -4.47
CA ASP B 271 29.73 1.89 -3.62
C ASP B 271 29.32 2.68 -2.39
N ASP B 272 28.09 3.20 -2.36
CA ASP B 272 27.16 3.19 -3.48
C ASP B 272 26.29 4.43 -3.42
N LEU B 273 25.72 4.82 -4.55
CA LEU B 273 25.03 6.10 -4.64
C LEU B 273 23.70 6.11 -3.92
N SER B 274 23.16 4.94 -3.55
CA SER B 274 21.92 4.93 -2.78
C SER B 274 22.15 5.51 -1.40
N LYS B 275 23.28 5.18 -0.77
CA LYS B 275 23.59 5.79 0.52
C LYS B 275 23.88 7.28 0.38
N GLN B 276 24.38 7.72 -0.79
CA GLN B 276 24.47 9.15 -1.04
C GLN B 276 23.07 9.78 -1.07
N ALA B 277 22.12 9.11 -1.71
CA ALA B 277 20.76 9.61 -1.71
C ALA B 277 20.19 9.69 -0.30
N VAL B 278 20.49 8.68 0.52
CA VAL B 278 20.02 8.68 1.91
C VAL B 278 20.64 9.84 2.68
N ALA B 279 21.94 10.06 2.50
CA ALA B 279 22.59 11.17 3.18
C ALA B 279 21.99 12.51 2.76
N TYR B 280 21.72 12.67 1.46
CA TYR B 280 21.12 13.91 1.00
C TYR B 280 19.70 14.05 1.51
N ARG B 281 18.98 12.94 1.66
CA ARG B 281 17.65 12.99 2.24
C ARG B 281 17.70 13.49 3.67
N GLN B 282 18.61 12.92 4.47
CA GLN B 282 18.77 13.39 5.85
C GLN B 282 19.10 14.87 5.90
N LEU B 283 20.08 15.29 5.08
CA LEU B 283 20.51 16.68 5.09
C LEU B 283 19.37 17.61 4.69
N SER B 284 18.60 17.23 3.67
CA SER B 284 17.51 18.08 3.22
C SER B 284 16.41 18.16 4.28
N LEU B 285 16.00 17.02 4.83
CA LEU B 285 14.92 17.02 5.81
C LEU B 285 15.31 17.82 7.04
N LEU B 286 16.58 17.77 7.45
CA LEU B 286 17.00 18.63 8.55
C LEU B 286 17.02 20.10 8.16
N LEU B 287 17.08 20.42 6.87
CA LEU B 287 16.84 21.77 6.39
C LEU B 287 15.36 22.07 6.24
N ARG B 288 14.50 21.10 6.52
CA ARG B 288 13.04 21.23 6.46
C ARG B 288 12.55 21.57 5.06
N ARG B 289 13.30 21.20 4.03
CA ARG B 289 12.77 21.24 2.68
C ARG B 289 11.68 20.18 2.53
N PRO B 290 10.71 20.39 1.64
CA PRO B 290 9.60 19.46 1.52
C PRO B 290 10.07 18.06 1.21
N PRO B 291 9.55 17.05 1.90
CA PRO B 291 9.82 15.66 1.50
C PRO B 291 9.04 15.31 0.24
N GLY B 292 9.72 14.66 -0.71
CA GLY B 292 9.14 14.31 -1.99
C GLY B 292 8.64 12.88 -2.04
N ARG B 293 8.59 12.34 -3.25
CA ARG B 293 8.17 10.96 -3.43
C ARG B 293 9.08 10.04 -2.63
N GLU B 294 8.48 9.03 -1.98
CA GLU B 294 9.23 8.09 -1.16
C GLU B 294 10.10 8.82 -0.13
N ALA B 295 9.63 9.99 0.31
CA ALA B 295 10.30 10.77 1.35
C ALA B 295 11.67 11.28 0.91
N TYR B 296 12.08 11.01 -0.32
CA TYR B 296 13.28 11.64 -0.85
C TYR B 296 12.94 13.06 -1.30
N PRO B 297 13.88 13.99 -1.16
CA PRO B 297 13.63 15.34 -1.66
C PRO B 297 13.51 15.35 -3.18
N GLY B 298 12.64 16.24 -3.68
CA GLY B 298 12.43 16.33 -5.11
C GLY B 298 13.68 16.66 -5.88
N ASP B 299 14.66 17.29 -5.23
CA ASP B 299 15.91 17.66 -5.88
C ASP B 299 16.81 16.47 -6.18
N VAL B 300 16.48 15.28 -5.69
CA VAL B 300 17.43 14.17 -5.75
C VAL B 300 17.83 13.86 -7.18
N PHE B 301 16.89 13.94 -8.14
CA PHE B 301 17.23 13.68 -9.52
C PHE B 301 18.42 14.53 -9.95
N TYR B 302 18.43 15.80 -9.57
CA TYR B 302 19.54 16.66 -9.93
C TYR B 302 20.83 16.16 -9.30
N LEU B 303 20.78 15.79 -8.02
CA LEU B 303 21.98 15.41 -7.28
C LEU B 303 22.80 14.37 -8.04
N HIS B 304 22.17 13.27 -8.41
CA HIS B 304 22.90 12.24 -9.13
C HIS B 304 23.31 12.71 -10.53
N SER B 305 22.39 13.38 -11.22
CA SER B 305 22.61 13.63 -12.65
C SER B 305 23.82 14.53 -12.85
N ARG B 306 23.86 15.67 -12.16
CA ARG B 306 25.00 16.57 -12.32
C ARG B 306 26.29 15.92 -11.90
N LEU B 307 26.24 14.86 -11.08
CA LEU B 307 27.41 14.04 -10.86
C LEU B 307 27.72 13.23 -12.12
N LEU B 308 26.79 12.36 -12.51
CA LEU B 308 27.12 11.31 -13.47
C LEU B 308 27.35 11.85 -14.88
N GLU B 309 26.82 13.03 -15.20
CA GLU B 309 27.08 13.62 -16.50
C GLU B 309 28.53 14.07 -16.65
N ARG B 310 29.29 14.13 -15.55
CA ARG B 310 30.66 14.60 -15.64
C ARG B 310 31.59 13.54 -16.23
N ALA B 311 31.17 12.27 -16.25
CA ALA B 311 31.89 11.26 -17.01
C ALA B 311 31.60 11.45 -18.50
N ALA B 312 32.65 11.37 -19.31
CA ALA B 312 32.54 11.62 -20.75
C ALA B 312 33.85 11.20 -21.40
N LYS B 313 33.85 11.19 -22.73
CA LYS B 313 35.09 11.11 -23.49
C LYS B 313 35.18 12.34 -24.38
N LEU B 314 36.30 13.06 -24.28
CA LEU B 314 36.47 14.31 -24.99
C LEU B 314 37.14 14.08 -26.33
N SER B 315 36.62 14.73 -27.36
CA SER B 315 37.17 14.60 -28.70
C SER B 315 38.58 15.19 -28.76
N GLU B 316 39.33 14.77 -29.78
CA GLU B 316 40.70 15.22 -29.94
C GLU B 316 40.83 16.74 -30.00
N LYS B 317 39.73 17.46 -30.23
CA LYS B 317 39.79 18.92 -30.31
C LYS B 317 40.16 19.57 -28.98
N GLU B 318 39.81 18.95 -27.85
CA GLU B 318 40.15 19.45 -26.53
C GLU B 318 40.80 18.30 -25.75
N GLY B 319 42.11 18.15 -25.90
CA GLY B 319 42.75 17.00 -25.30
C GLY B 319 42.17 15.73 -25.90
N SER B 320 42.41 14.62 -25.20
CA SER B 320 41.79 13.34 -25.57
C SER B 320 41.88 12.43 -24.35
N GLY B 321 40.72 11.99 -23.87
CA GLY B 321 40.68 11.20 -22.66
C GLY B 321 39.24 10.99 -22.25
N SER B 322 39.07 10.26 -21.15
CA SER B 322 37.75 9.91 -20.68
C SER B 322 37.72 9.80 -19.16
N LEU B 323 36.59 10.17 -18.60
CA LEU B 323 36.18 9.77 -17.26
C LEU B 323 35.01 8.81 -17.40
N THR B 324 35.13 7.64 -16.78
CA THR B 324 34.16 6.57 -16.90
C THR B 324 33.67 6.22 -15.50
N ALA B 325 32.41 5.82 -15.37
CA ALA B 325 31.77 5.69 -14.07
C ALA B 325 31.11 4.34 -13.92
N LEU B 326 31.26 3.74 -12.73
CA LEU B 326 30.52 2.56 -12.31
C LEU B 326 29.85 2.88 -10.96
N PRO B 327 28.68 3.50 -11.00
CA PRO B 327 27.90 3.64 -9.75
C PRO B 327 27.27 2.33 -9.34
N VAL B 328 27.08 2.17 -8.03
CA VAL B 328 26.45 0.97 -7.47
C VAL B 328 25.18 1.38 -6.73
N ILE B 329 24.13 0.58 -6.90
CA ILE B 329 22.84 0.81 -6.27
C ILE B 329 22.42 -0.48 -5.57
N GLU B 330 22.03 -0.36 -4.31
CA GLU B 330 21.55 -1.49 -3.51
C GLU B 330 20.03 -1.52 -3.56
N THR B 331 19.48 -2.43 -4.37
CA THR B 331 18.04 -2.60 -4.45
C THR B 331 17.52 -3.27 -3.16
N GLN B 332 16.20 -3.37 -3.07
CA GLN B 332 15.56 -4.19 -2.05
C GLN B 332 14.63 -5.18 -2.75
N GLY B 333 14.84 -6.46 -2.48
CA GLY B 333 14.03 -7.51 -3.08
C GLY B 333 14.00 -7.48 -4.59
N GLY B 334 15.06 -6.97 -5.23
CA GLY B 334 15.11 -6.93 -6.66
C GLY B 334 14.21 -5.89 -7.30
N ASP B 335 13.65 -4.97 -6.52
CA ASP B 335 12.70 -3.98 -7.02
C ASP B 335 13.44 -2.89 -7.77
N VAL B 336 13.76 -3.18 -9.04
CA VAL B 336 14.33 -2.17 -9.92
C VAL B 336 13.36 -1.03 -10.19
N SER B 337 12.08 -1.21 -9.88
CA SER B 337 11.07 -0.20 -10.16
C SER B 337 10.93 0.82 -9.05
N ALA B 338 11.68 0.68 -7.95
CA ALA B 338 11.64 1.66 -6.88
C ALA B 338 12.08 3.03 -7.42
N TYR B 339 11.86 4.07 -6.61
CA TYR B 339 12.08 5.43 -7.09
C TYR B 339 13.55 5.65 -7.45
N ILE B 340 14.46 5.42 -6.50
CA ILE B 340 15.88 5.72 -6.75
C ILE B 340 16.45 4.84 -7.85
N PRO B 341 16.21 3.54 -7.88
CA PRO B 341 16.73 2.73 -8.99
C PRO B 341 16.34 3.26 -10.35
N THR B 342 15.05 3.48 -10.58
CA THR B 342 14.60 3.99 -11.88
C THR B 342 15.19 5.35 -12.16
N ASN B 343 15.21 6.23 -11.14
CA ASN B 343 15.76 7.56 -11.31
C ASN B 343 17.20 7.51 -11.80
N VAL B 344 18.01 6.64 -11.18
CA VAL B 344 19.41 6.53 -11.60
C VAL B 344 19.51 5.89 -12.97
N ILE B 345 18.69 4.87 -13.23
CA ILE B 345 18.71 4.19 -14.52
C ILE B 345 18.40 5.18 -15.65
N SER B 346 17.63 6.22 -15.35
CA SER B 346 17.30 7.23 -16.34
C SER B 346 18.52 8.04 -16.77
N ILE B 347 19.65 7.92 -16.07
CA ILE B 347 20.81 8.74 -16.31
C ILE B 347 21.93 7.95 -16.98
N THR B 348 22.13 6.70 -16.58
CA THR B 348 23.25 5.90 -17.06
C THR B 348 22.99 5.41 -18.48
N ASP B 349 24.09 5.04 -19.15
CA ASP B 349 24.05 4.47 -20.50
C ASP B 349 23.99 2.95 -20.49
N GLY B 350 23.57 2.35 -19.40
CA GLY B 350 23.53 0.91 -19.30
C GLY B 350 23.39 0.46 -17.87
N GLN B 351 23.13 -0.84 -17.71
CA GLN B 351 22.89 -1.39 -16.38
C GLN B 351 23.27 -2.87 -16.37
N ILE B 352 23.76 -3.32 -15.23
CA ILE B 352 23.96 -4.74 -14.95
C ILE B 352 23.18 -5.07 -13.68
N PHE B 353 22.20 -5.97 -13.81
CA PHE B 353 21.33 -6.36 -12.70
C PHE B 353 21.76 -7.72 -12.18
N LEU B 354 22.44 -7.74 -11.04
CA LEU B 354 22.91 -8.98 -10.43
C LEU B 354 21.75 -9.63 -9.70
N GLU B 355 21.18 -10.68 -10.30
CA GLU B 355 20.03 -11.35 -9.71
C GLU B 355 20.46 -12.15 -8.49
N ALA B 356 19.79 -11.89 -7.35
CA ALA B 356 20.14 -12.61 -6.13
C ALA B 356 19.83 -14.10 -6.26
N GLU B 357 18.72 -14.45 -6.92
CA GLU B 357 18.36 -15.84 -7.09
C GLU B 357 19.46 -16.59 -7.83
N LEU B 358 20.03 -15.98 -8.85
CA LEU B 358 21.14 -16.61 -9.57
C LEU B 358 22.37 -16.73 -8.70
N PHE B 359 22.61 -15.76 -7.81
CA PHE B 359 23.74 -15.84 -6.91
C PHE B 359 23.61 -17.02 -5.95
N TYR B 360 22.44 -17.18 -5.32
CA TYR B 360 22.24 -18.29 -4.41
C TYR B 360 21.91 -19.58 -5.13
N LYS B 361 21.58 -19.51 -6.43
CA LYS B 361 21.61 -20.70 -7.28
C LYS B 361 23.04 -21.17 -7.53
N GLY B 362 24.03 -20.39 -7.13
CA GLY B 362 25.43 -20.70 -7.38
C GLY B 362 25.98 -20.16 -8.68
N ILE B 363 25.16 -19.50 -9.50
CA ILE B 363 25.61 -18.91 -10.74
C ILE B 363 26.16 -17.52 -10.46
N ARG B 364 27.46 -17.41 -10.26
CA ARG B 364 28.15 -16.17 -9.95
C ARG B 364 29.06 -15.76 -11.10
N PRO B 365 29.16 -14.46 -11.43
CA PRO B 365 28.64 -13.25 -10.75
C PRO B 365 27.16 -12.93 -10.99
N ALA B 366 26.36 -13.91 -11.38
CA ALA B 366 24.91 -13.83 -11.33
C ALA B 366 24.33 -12.72 -12.21
N ILE B 367 24.95 -12.42 -13.35
CA ILE B 367 24.41 -11.41 -14.24
C ILE B 367 23.08 -11.89 -14.80
N ASN B 368 22.02 -11.10 -14.58
CA ASN B 368 20.72 -11.36 -15.17
C ASN B 368 20.78 -10.85 -16.61
N VAL B 369 21.13 -11.74 -17.54
CA VAL B 369 21.40 -11.33 -18.91
C VAL B 369 20.19 -10.72 -19.58
N GLY B 370 18.98 -11.05 -19.12
CA GLY B 370 17.79 -10.52 -19.77
C GLY B 370 17.64 -9.02 -19.56
N LEU B 371 17.82 -8.57 -18.32
CA LEU B 371 17.63 -7.17 -17.98
C LEU B 371 18.93 -6.36 -18.05
N SER B 372 20.08 -7.02 -18.05
CA SER B 372 21.36 -6.32 -18.16
C SER B 372 21.51 -5.74 -19.55
N VAL B 373 21.95 -4.48 -19.63
CA VAL B 373 21.91 -3.70 -20.86
C VAL B 373 23.13 -2.81 -20.96
N SER B 374 23.70 -2.72 -22.16
CA SER B 374 24.73 -1.74 -22.50
C SER B 374 24.26 -0.97 -23.72
N ARG B 375 24.01 0.33 -23.55
CA ARG B 375 23.39 1.12 -24.61
C ARG B 375 24.39 1.59 -25.66
N VAL B 376 25.69 1.57 -25.36
CA VAL B 376 26.71 1.96 -26.34
C VAL B 376 27.82 0.94 -26.50
N GLY B 377 28.01 0.03 -25.54
CA GLY B 377 29.22 -0.79 -25.54
C GLY B 377 29.40 -1.62 -26.80
N SER B 378 28.29 -2.04 -27.42
CA SER B 378 28.41 -2.85 -28.63
C SER B 378 29.15 -2.12 -29.74
N ALA B 379 29.18 -0.80 -29.70
CA ALA B 379 29.94 -0.01 -30.67
C ALA B 379 31.39 0.18 -30.25
N ALA B 380 31.78 -0.28 -29.07
CA ALA B 380 33.14 -0.13 -28.59
C ALA B 380 33.74 -1.44 -28.07
N GLN B 381 33.01 -2.55 -28.14
CA GLN B 381 33.58 -3.82 -27.72
C GLN B 381 34.83 -4.13 -28.52
N VAL B 382 35.81 -4.75 -27.86
CA VAL B 382 37.01 -5.17 -28.56
C VAL B 382 36.61 -6.13 -29.66
N LYS B 383 37.05 -5.85 -30.89
CA LYS B 383 36.37 -6.40 -32.06
C LYS B 383 36.38 -7.92 -32.07
N ALA B 384 37.49 -8.55 -31.69
CA ALA B 384 37.57 -10.00 -31.73
C ALA B 384 36.49 -10.65 -30.89
N LEU B 385 36.23 -10.11 -29.71
CA LEU B 385 35.25 -10.73 -28.81
C LEU B 385 33.84 -10.63 -29.40
N LYS B 386 33.50 -9.49 -29.99
CA LYS B 386 32.24 -9.41 -30.72
C LYS B 386 32.21 -10.42 -31.86
N GLN B 387 33.30 -10.50 -32.62
CA GLN B 387 33.36 -11.36 -33.78
C GLN B 387 33.04 -12.80 -33.42
N VAL B 388 33.61 -13.27 -32.32
CA VAL B 388 33.35 -14.64 -31.91
C VAL B 388 31.98 -14.77 -31.23
N ALA B 389 31.56 -13.73 -30.50
CA ALA B 389 30.33 -13.83 -29.72
C ALA B 389 29.10 -14.00 -30.61
N GLY B 390 29.05 -13.28 -31.74
CA GLY B 390 28.00 -13.46 -32.71
C GLY B 390 26.59 -13.51 -32.15
N SER B 391 26.12 -12.41 -31.56
CA SER B 391 24.75 -12.29 -31.06
C SER B 391 24.48 -13.22 -29.89
N LEU B 392 25.51 -13.56 -29.12
CA LEU B 392 25.33 -14.50 -28.01
C LEU B 392 24.29 -14.00 -27.01
N LYS B 393 24.08 -12.68 -26.94
CA LYS B 393 23.12 -12.13 -25.98
C LYS B 393 21.71 -12.65 -26.24
N LEU B 394 21.23 -12.54 -27.48
CA LEU B 394 19.91 -13.07 -27.81
C LEU B 394 19.88 -14.58 -27.68
N PHE B 395 21.00 -15.25 -27.94
CA PHE B 395 21.06 -16.69 -27.76
C PHE B 395 20.83 -17.07 -26.31
N LEU B 396 21.44 -16.34 -25.37
CA LEU B 396 21.27 -16.64 -23.95
C LEU B 396 19.88 -16.25 -23.48
N ALA B 397 19.32 -15.17 -24.02
CA ALA B 397 17.92 -14.86 -23.73
C ALA B 397 17.00 -15.98 -24.21
N GLN B 398 17.31 -16.56 -25.36
CA GLN B 398 16.56 -17.71 -25.85
C GLN B 398 16.72 -18.90 -24.91
N TYR B 399 17.92 -19.10 -24.39
CA TYR B 399 18.13 -20.19 -23.43
C TYR B 399 17.26 -19.98 -22.19
N ARG B 400 17.19 -18.75 -21.69
CA ARG B 400 16.28 -18.46 -20.60
C ARG B 400 14.84 -18.78 -20.99
N GLU B 401 14.42 -18.35 -22.18
CA GLU B 401 13.05 -18.61 -22.60
C GLU B 401 12.74 -20.10 -22.65
N VAL B 402 13.73 -20.91 -23.04
CA VAL B 402 13.53 -22.35 -23.10
C VAL B 402 13.48 -22.94 -21.70
N ALA B 403 14.39 -22.50 -20.82
CA ALA B 403 14.56 -23.13 -19.52
C ALA B 403 13.35 -22.97 -18.61
N ALA B 404 12.44 -22.06 -18.91
CA ALA B 404 11.28 -21.86 -18.05
C ALA B 404 10.43 -23.12 -17.92
N PHE B 405 10.54 -24.03 -18.88
CA PHE B 405 9.69 -25.23 -18.89
C PHE B 405 10.51 -26.49 -18.70
N ASP B 413 9.34 -29.77 -28.65
CA ASP B 413 10.04 -30.52 -29.68
C ASP B 413 11.39 -31.02 -29.16
N ALA B 414 11.90 -32.10 -29.77
CA ALA B 414 13.18 -32.64 -29.34
C ALA B 414 14.31 -31.65 -29.58
N SER B 415 14.27 -30.92 -30.71
CA SER B 415 15.28 -29.91 -30.98
C SER B 415 15.19 -28.76 -29.99
N THR B 416 13.98 -28.41 -29.55
CA THR B 416 13.84 -27.39 -28.52
C THR B 416 14.51 -27.82 -27.23
N LYS B 417 14.40 -29.11 -26.89
CA LYS B 417 15.12 -29.63 -25.73
C LYS B 417 16.62 -29.58 -25.95
N GLN B 418 17.08 -29.96 -27.15
CA GLN B 418 18.51 -29.96 -27.44
C GLN B 418 19.09 -28.56 -27.34
N THR B 419 18.29 -27.53 -27.67
CA THR B 419 18.78 -26.17 -27.60
C THR B 419 19.26 -25.81 -26.20
N LEU B 420 18.73 -26.48 -25.17
CA LEU B 420 19.08 -26.14 -23.79
C LEU B 420 20.47 -26.66 -23.40
N VAL B 421 20.99 -27.67 -24.10
CA VAL B 421 22.22 -28.30 -23.65
C VAL B 421 23.41 -27.35 -23.79
N ARG B 422 23.53 -26.71 -24.95
CA ARG B 422 24.63 -25.78 -25.15
C ARG B 422 24.48 -24.55 -24.25
N GLY B 423 23.24 -24.13 -24.01
CA GLY B 423 23.01 -23.08 -23.04
C GLY B 423 23.51 -23.46 -21.66
N GLU B 424 23.27 -24.71 -21.25
CA GLU B 424 23.77 -25.18 -19.96
C GLU B 424 25.29 -25.15 -19.93
N ARG B 425 25.93 -25.62 -21.01
CA ARG B 425 27.39 -25.50 -21.10
C ARG B 425 27.84 -24.04 -20.93
N LEU B 426 27.18 -23.11 -21.63
CA LEU B 426 27.62 -21.72 -21.58
C LEU B 426 27.43 -21.14 -20.18
N THR B 427 26.27 -21.40 -19.56
CA THR B 427 26.04 -20.89 -18.21
C THR B 427 27.00 -21.50 -17.20
N GLN B 428 27.48 -22.72 -17.45
CA GLN B 428 28.57 -23.24 -16.63
C GLN B 428 29.87 -22.51 -16.91
N LEU B 429 30.11 -22.15 -18.17
CA LEU B 429 31.41 -21.59 -18.55
C LEU B 429 31.56 -20.12 -18.17
N LEU B 430 30.45 -19.37 -18.10
CA LEU B 430 30.56 -17.94 -17.82
C LEU B 430 31.08 -17.68 -16.41
N LYS B 431 30.93 -18.64 -15.50
CA LYS B 431 31.30 -18.43 -14.10
C LYS B 431 32.79 -18.12 -13.97
N GLN B 432 33.12 -17.27 -13.01
CA GLN B 432 34.51 -16.93 -12.71
C GLN B 432 34.65 -16.62 -11.23
N ASN B 433 35.79 -17.02 -10.65
CA ASN B 433 36.07 -16.75 -9.26
C ASN B 433 36.66 -15.35 -9.09
N GLN B 434 36.60 -14.85 -7.86
CA GLN B 434 37.01 -13.50 -7.57
C GLN B 434 38.53 -13.35 -7.66
N TYR B 435 38.96 -12.12 -7.93
CA TYR B 435 40.35 -11.67 -7.96
C TYR B 435 41.20 -12.37 -9.01
N SER B 436 40.61 -13.12 -9.94
CA SER B 436 41.36 -13.85 -10.97
C SER B 436 40.81 -13.51 -12.34
N PRO B 437 41.20 -12.37 -12.91
CA PRO B 437 40.72 -12.01 -14.25
C PRO B 437 41.26 -12.94 -15.33
N LEU B 438 40.67 -12.81 -16.52
CA LEU B 438 41.19 -13.42 -17.73
C LEU B 438 41.55 -12.32 -18.74
N ALA B 439 42.75 -12.41 -19.30
CA ALA B 439 43.10 -11.57 -20.42
C ALA B 439 42.23 -11.93 -21.63
N THR B 440 42.06 -10.96 -22.53
CA THR B 440 41.19 -11.18 -23.69
C THR B 440 41.63 -12.40 -24.48
N GLU B 441 42.95 -12.61 -24.59
CA GLU B 441 43.44 -13.77 -25.31
C GLU B 441 42.96 -15.08 -24.70
N GLU B 442 42.61 -15.07 -23.42
CA GLU B 442 42.05 -16.25 -22.76
C GLU B 442 40.54 -16.31 -22.92
N GLN B 443 39.86 -15.16 -22.87
CA GLN B 443 38.41 -15.15 -23.03
C GLN B 443 38.01 -15.62 -24.42
N VAL B 444 38.73 -15.17 -25.46
CA VAL B 444 38.28 -15.42 -26.83
C VAL B 444 38.20 -16.91 -27.14
N PRO B 445 39.23 -17.72 -26.87
CA PRO B 445 39.09 -19.17 -27.15
C PRO B 445 37.92 -19.81 -26.44
N LEU B 446 37.69 -19.47 -25.17
CA LEU B 446 36.60 -20.10 -24.41
C LEU B 446 35.25 -19.73 -24.99
N ILE B 447 35.05 -18.43 -25.27
CA ILE B 447 33.78 -18.00 -25.86
C ILE B 447 33.58 -18.66 -27.21
N TYR B 448 34.66 -18.75 -28.00
CA TYR B 448 34.58 -19.40 -29.30
C TYR B 448 34.13 -20.85 -29.17
N ALA B 449 34.74 -21.59 -28.25
CA ALA B 449 34.37 -22.99 -28.06
C ALA B 449 32.93 -23.11 -27.59
N GLY B 450 32.50 -22.23 -26.69
CA GLY B 450 31.13 -22.28 -26.23
C GLY B 450 30.14 -22.02 -27.35
N VAL B 451 30.41 -21.00 -28.15
CA VAL B 451 29.47 -20.61 -29.20
C VAL B 451 29.38 -21.68 -30.28
N ASN B 452 30.53 -22.13 -30.77
CA ASN B 452 30.52 -23.09 -31.86
C ASN B 452 29.96 -24.45 -31.47
N GLY B 453 29.78 -24.71 -30.18
CA GLY B 453 29.19 -25.95 -29.71
C GLY B 453 30.18 -27.07 -29.48
N HIS B 454 31.46 -26.83 -29.68
CA HIS B 454 32.46 -27.88 -29.47
C HIS B 454 32.49 -28.35 -28.03
N LEU B 455 31.92 -27.58 -27.10
CA LEU B 455 31.81 -28.00 -25.71
C LEU B 455 30.55 -28.80 -25.44
N ASP B 456 29.62 -28.85 -26.41
CA ASP B 456 28.34 -29.52 -26.16
C ASP B 456 28.53 -31.00 -25.85
N GLY B 457 29.51 -31.65 -26.50
CA GLY B 457 29.75 -33.06 -26.25
C GLY B 457 30.39 -33.35 -24.91
N ILE B 458 30.99 -32.35 -24.27
CA ILE B 458 31.75 -32.55 -23.05
C ILE B 458 30.80 -32.68 -21.87
N GLU B 459 31.22 -33.44 -20.86
CA GLU B 459 30.42 -33.59 -19.65
C GLU B 459 30.21 -32.23 -19.00
N LEU B 460 28.95 -31.95 -18.63
CA LEU B 460 28.61 -30.62 -18.12
C LEU B 460 29.38 -30.30 -16.85
N SER B 461 29.54 -31.29 -15.96
CA SER B 461 30.15 -31.03 -14.66
C SER B 461 31.65 -30.78 -14.77
N ARG B 462 32.30 -31.31 -15.81
CA ARG B 462 33.74 -31.17 -15.97
C ARG B 462 34.13 -29.86 -16.64
N ILE B 463 33.18 -28.99 -16.95
CA ILE B 463 33.49 -27.80 -17.73
C ILE B 463 34.54 -26.95 -17.02
N GLY B 464 34.44 -26.81 -15.70
CA GLY B 464 35.43 -26.04 -14.97
C GLY B 464 36.82 -26.62 -15.09
N GLU B 465 36.93 -27.94 -15.17
CA GLU B 465 38.22 -28.55 -15.47
C GLU B 465 38.65 -28.24 -16.90
N PHE B 466 37.71 -28.29 -17.85
CA PHE B 466 38.05 -28.04 -19.25
C PHE B 466 38.64 -26.65 -19.43
N GLU B 467 37.95 -25.63 -18.93
CA GLU B 467 38.38 -24.26 -19.20
C GLU B 467 39.81 -24.05 -18.74
N SER B 468 40.07 -24.25 -17.46
CA SER B 468 41.43 -24.08 -16.95
C SER B 468 42.41 -24.93 -17.75
N SER B 469 41.98 -26.10 -18.22
CA SER B 469 42.86 -26.93 -19.02
C SER B 469 43.08 -26.35 -20.41
N PHE B 470 42.00 -25.87 -21.06
CA PHE B 470 42.14 -25.42 -22.44
C PHE B 470 43.12 -24.26 -22.52
N LEU B 471 42.97 -23.27 -21.63
CA LEU B 471 43.93 -22.18 -21.61
C LEU B 471 45.34 -22.71 -21.48
N SER B 472 45.54 -23.69 -20.59
CA SER B 472 46.87 -24.27 -20.43
C SER B 472 47.36 -24.82 -21.76
N TYR B 473 46.49 -25.54 -22.48
CA TYR B 473 46.87 -26.05 -23.79
C TYR B 473 47.26 -24.91 -24.71
N LEU B 474 46.46 -23.83 -24.72
CA LEU B 474 46.82 -22.68 -25.53
C LEU B 474 48.17 -22.11 -25.11
N LYS B 475 48.46 -22.14 -23.82
CA LYS B 475 49.73 -21.62 -23.32
C LYS B 475 50.91 -22.52 -23.74
N SER B 476 50.64 -23.80 -24.01
CA SER B 476 51.71 -24.76 -24.26
C SER B 476 51.99 -24.99 -25.73
N ASN B 477 50.95 -25.10 -26.56
CA ASN B 477 51.11 -25.52 -27.95
C ASN B 477 50.77 -24.42 -28.94
N HIS B 478 49.55 -23.88 -28.86
CA HIS B 478 49.07 -22.93 -29.86
C HIS B 478 49.47 -21.50 -29.57
N ASN B 479 50.24 -21.26 -28.51
CA ASN B 479 50.45 -19.93 -27.94
C ASN B 479 50.57 -18.81 -28.97
N GLU B 480 51.18 -19.10 -30.13
CA GLU B 480 51.26 -18.08 -31.18
C GLU B 480 49.87 -17.59 -31.55
N LEU B 481 48.89 -18.49 -31.61
CA LEU B 481 47.51 -18.08 -31.85
C LEU B 481 47.03 -17.15 -30.75
N LEU B 482 47.48 -17.37 -29.51
CA LEU B 482 47.09 -16.49 -28.41
C LEU B 482 47.72 -15.11 -28.56
N THR B 483 48.93 -15.03 -29.11
CA THR B 483 49.51 -13.73 -29.41
C THR B 483 48.76 -13.03 -30.53
N GLU B 484 48.39 -13.79 -31.57
CA GLU B 484 47.67 -13.19 -32.69
C GLU B 484 46.35 -12.59 -32.24
N ILE B 485 45.53 -13.40 -31.53
CA ILE B 485 44.21 -12.91 -31.12
C ILE B 485 44.36 -11.68 -30.23
N ARG B 486 45.38 -11.65 -29.38
CA ARG B 486 45.54 -10.55 -28.44
C ARG B 486 46.02 -9.28 -29.15
N GLU B 487 46.96 -9.41 -30.08
CA GLU B 487 47.58 -8.24 -30.69
C GLU B 487 46.72 -7.66 -31.82
N LYS B 488 46.14 -8.52 -32.66
CA LYS B 488 45.46 -8.02 -33.86
C LYS B 488 44.12 -7.38 -33.54
N GLY B 489 43.39 -7.90 -32.56
CA GLY B 489 42.06 -7.42 -32.26
C GLY B 489 40.95 -8.05 -33.06
N GLU B 490 41.28 -8.86 -34.06
CA GLU B 490 40.29 -9.62 -34.81
C GLU B 490 40.86 -10.98 -35.16
N LEU B 491 39.97 -11.97 -35.29
CA LEU B 491 40.37 -13.23 -35.91
C LEU B 491 40.35 -13.09 -37.42
N SER B 492 41.45 -13.47 -38.06
CA SER B 492 41.42 -13.64 -39.50
C SER B 492 40.68 -14.94 -39.82
N LYS B 493 40.17 -15.02 -41.05
CA LYS B 493 39.49 -16.24 -41.46
C LYS B 493 40.40 -17.45 -41.30
N GLU B 494 41.68 -17.28 -41.64
CA GLU B 494 42.65 -18.34 -41.40
C GLU B 494 42.72 -18.68 -39.92
N LEU B 495 42.77 -17.67 -39.05
CA LEU B 495 42.78 -17.96 -37.61
C LEU B 495 41.44 -18.45 -37.11
N LEU B 496 40.33 -18.05 -37.75
CA LEU B 496 39.04 -18.64 -37.39
C LEU B 496 39.05 -20.15 -37.61
N ALA B 497 39.53 -20.59 -38.78
CA ALA B 497 39.61 -22.02 -39.06
C ALA B 497 40.63 -22.69 -38.16
N SER B 498 41.75 -22.00 -37.89
CA SER B 498 42.78 -22.57 -37.03
C SER B 498 42.25 -22.79 -35.62
N LEU B 499 41.51 -21.82 -35.08
CA LEU B 499 40.94 -21.99 -33.75
C LEU B 499 39.85 -23.05 -33.74
N LYS B 500 39.06 -23.16 -34.82
CA LYS B 500 38.13 -24.27 -34.90
C LYS B 500 38.87 -25.61 -34.81
N SER B 501 39.98 -25.72 -35.55
CA SER B 501 40.76 -26.95 -35.51
C SER B 501 41.34 -27.20 -34.12
N ALA B 502 41.85 -26.15 -33.47
CA ALA B 502 42.46 -26.31 -32.16
C ALA B 502 41.43 -26.73 -31.12
N THR B 503 40.25 -26.10 -31.15
CA THR B 503 39.19 -26.47 -30.22
C THR B 503 38.74 -27.90 -30.44
N GLU B 504 38.56 -28.29 -31.71
CA GLU B 504 38.19 -29.67 -31.98
C GLU B 504 39.26 -30.65 -31.55
N SER B 505 40.54 -30.27 -31.71
CA SER B 505 41.64 -31.13 -31.26
C SER B 505 41.61 -31.32 -29.75
N PHE B 506 41.49 -30.22 -29.00
CA PHE B 506 41.43 -30.35 -27.55
C PHE B 506 40.19 -31.10 -27.11
N VAL B 507 39.08 -30.97 -27.84
CA VAL B 507 37.91 -31.77 -27.54
C VAL B 507 38.19 -33.24 -27.82
N ALA B 508 39.00 -33.54 -28.84
CA ALA B 508 39.38 -34.91 -29.10
C ALA B 508 40.25 -35.47 -27.99
N THR B 509 41.03 -34.62 -27.33
CA THR B 509 41.86 -35.06 -26.22
C THR B 509 40.97 -35.44 -25.03
N LEU C 27 -9.02 55.90 0.26
CA LEU C 27 -8.57 54.79 1.09
C LEU C 27 -9.47 53.58 0.94
N ASN C 28 -10.77 53.78 1.20
CA ASN C 28 -11.69 52.67 1.37
C ASN C 28 -12.07 52.02 0.04
N GLU C 29 -12.19 52.80 -1.03
CA GLU C 29 -12.65 52.30 -2.32
C GLU C 29 -11.52 51.91 -3.26
N THR C 30 -10.27 52.06 -2.85
CA THR C 30 -9.13 51.73 -3.68
C THR C 30 -8.07 51.03 -2.85
N GLY C 31 -7.13 50.37 -3.54
CA GLY C 31 -6.06 49.67 -2.85
C GLY C 31 -4.79 49.66 -3.68
N ARG C 32 -3.72 49.21 -3.04
CA ARG C 32 -2.40 49.12 -3.65
C ARG C 32 -1.88 47.69 -3.52
N VAL C 33 -1.29 47.19 -4.60
CA VAL C 33 -0.81 45.81 -4.61
C VAL C 33 0.45 45.72 -3.75
N LEU C 34 0.40 44.88 -2.72
CA LEU C 34 1.56 44.62 -1.89
C LEU C 34 2.46 43.55 -2.48
N ALA C 35 1.88 42.51 -3.07
CA ALA C 35 2.69 41.41 -3.58
C ALA C 35 1.94 40.72 -4.71
N VAL C 36 2.69 40.04 -5.57
CA VAL C 36 2.15 39.37 -6.74
C VAL C 36 2.93 38.07 -6.96
N GLY C 37 2.21 37.03 -7.35
CA GLY C 37 2.85 35.80 -7.76
C GLY C 37 1.86 34.70 -8.09
N ASP C 38 2.14 33.92 -9.13
CA ASP C 38 1.33 32.75 -9.49
C ASP C 38 -0.12 33.12 -9.71
N GLY C 39 -0.38 34.31 -10.22
CA GLY C 39 -1.74 34.74 -10.49
C GLY C 39 -2.53 35.16 -9.27
N ILE C 40 -1.90 35.27 -8.11
CA ILE C 40 -2.54 35.73 -6.89
C ILE C 40 -1.78 36.95 -6.38
N ALA C 41 -2.53 37.96 -5.92
CA ALA C 41 -1.96 39.19 -5.43
C ALA C 41 -2.47 39.49 -4.03
N ARG C 42 -1.60 40.09 -3.23
CA ARG C 42 -1.94 40.60 -1.90
C ARG C 42 -1.99 42.12 -1.99
N VAL C 43 -3.11 42.70 -1.57
CA VAL C 43 -3.45 44.08 -1.87
C VAL C 43 -3.80 44.79 -0.58
N PHE C 44 -3.31 46.02 -0.41
CA PHE C 44 -3.58 46.83 0.76
C PHE C 44 -4.83 47.69 0.55
N GLY C 45 -5.57 47.93 1.63
CA GLY C 45 -6.74 48.78 1.60
C GLY C 45 -8.03 48.07 1.20
N LEU C 46 -8.88 48.75 0.42
CA LEU C 46 -10.16 48.20 -0.03
C LEU C 46 -11.08 47.91 1.16
N ASN C 47 -11.18 48.89 2.06
CA ASN C 47 -11.89 48.67 3.32
C ASN C 47 -13.36 48.31 3.13
N ASN C 48 -13.96 48.62 1.98
CA ASN C 48 -15.37 48.37 1.75
C ASN C 48 -15.66 47.11 0.93
N ILE C 49 -14.62 46.34 0.60
CA ILE C 49 -14.79 45.25 -0.36
C ILE C 49 -15.66 44.15 0.23
N GLN C 50 -16.55 43.61 -0.61
CA GLN C 50 -17.32 42.43 -0.25
C GLN C 50 -16.52 41.17 -0.59
N ALA C 51 -16.75 40.11 0.20
CA ALA C 51 -16.12 38.84 -0.10
C ALA C 51 -16.54 38.34 -1.47
N GLU C 52 -15.60 37.70 -2.17
CA GLU C 52 -15.80 37.19 -3.52
C GLU C 52 -16.08 38.29 -4.54
N GLU C 53 -16.02 39.56 -4.13
CA GLU C 53 -16.29 40.65 -5.04
C GLU C 53 -15.27 40.70 -6.17
N LEU C 54 -15.70 41.21 -7.32
CA LEU C 54 -14.81 41.39 -8.45
C LEU C 54 -14.15 42.76 -8.39
N VAL C 55 -12.87 42.80 -8.78
CA VAL C 55 -12.06 44.02 -8.75
C VAL C 55 -11.31 44.14 -10.07
N GLU C 56 -10.83 45.34 -10.34
CA GLU C 56 -10.09 45.63 -11.56
C GLU C 56 -8.71 46.18 -11.22
N PHE C 57 -7.70 45.76 -11.97
CA PHE C 57 -6.36 46.30 -11.89
C PHE C 57 -6.16 47.32 -13.00
N SER C 58 -5.43 48.40 -12.69
CA SER C 58 -5.28 49.48 -13.64
C SER C 58 -4.63 49.03 -14.95
N SER C 59 -3.84 47.96 -14.91
CA SER C 59 -3.23 47.42 -16.13
C SER C 59 -4.24 46.69 -17.00
N GLY C 60 -5.49 46.51 -16.54
CA GLY C 60 -6.54 45.91 -17.34
C GLY C 60 -6.97 44.53 -16.90
N VAL C 61 -6.26 43.90 -15.97
CA VAL C 61 -6.65 42.57 -15.51
C VAL C 61 -7.78 42.71 -14.48
N LYS C 62 -8.62 41.69 -14.42
CA LYS C 62 -9.71 41.62 -13.44
C LYS C 62 -9.48 40.44 -12.51
N GLY C 63 -10.05 40.53 -11.31
CA GLY C 63 -9.80 39.51 -10.31
C GLY C 63 -10.93 39.39 -9.31
N MET C 64 -10.75 38.45 -8.39
CA MET C 64 -11.77 38.05 -7.42
C MET C 64 -11.13 37.94 -6.04
N ALA C 65 -11.79 38.52 -5.04
CA ALA C 65 -11.28 38.52 -3.67
C ALA C 65 -11.70 37.25 -2.96
N LEU C 66 -10.73 36.56 -2.35
CA LEU C 66 -11.02 35.32 -1.63
C LEU C 66 -10.41 35.25 -0.24
N ASN C 67 -9.39 36.03 0.09
CA ASN C 67 -8.86 36.10 1.44
C ASN C 67 -9.07 37.50 1.98
N LEU C 68 -9.62 37.61 3.18
CA LEU C 68 -9.73 38.86 3.90
C LEU C 68 -9.05 38.69 5.25
N GLU C 69 -8.01 39.49 5.49
CA GLU C 69 -7.24 39.49 6.71
C GLU C 69 -7.21 40.90 7.26
N PRO C 70 -6.92 41.08 8.55
CA PRO C 70 -6.99 42.42 9.13
C PRO C 70 -6.25 43.48 8.34
N GLY C 71 -5.18 43.10 7.63
CA GLY C 71 -4.36 44.07 6.94
C GLY C 71 -4.27 43.96 5.42
N GLN C 72 -4.91 42.97 4.82
CA GLN C 72 -4.71 42.75 3.40
C GLN C 72 -5.90 42.01 2.80
N VAL C 73 -6.00 42.08 1.47
CA VAL C 73 -6.97 41.33 0.68
C VAL C 73 -6.22 40.43 -0.29
N GLY C 74 -6.57 39.16 -0.31
CA GLY C 74 -6.05 38.24 -1.31
C GLY C 74 -6.95 38.18 -2.52
N ILE C 75 -6.40 38.44 -3.71
CA ILE C 75 -7.16 38.54 -4.94
C ILE C 75 -6.55 37.60 -5.96
N VAL C 76 -7.34 36.66 -6.46
CA VAL C 76 -6.91 35.76 -7.52
C VAL C 76 -7.30 36.37 -8.85
N LEU C 77 -6.47 36.15 -9.87
CA LEU C 77 -6.55 36.91 -11.11
C LEU C 77 -7.22 36.09 -12.21
N PHE C 78 -8.10 36.74 -12.96
CA PHE C 78 -8.66 36.17 -14.19
C PHE C 78 -7.77 36.47 -15.39
N GLY C 79 -6.50 36.15 -15.29
CA GLY C 79 -5.60 36.38 -16.40
C GLY C 79 -4.15 36.32 -15.97
N SER C 80 -3.27 36.55 -16.94
CA SER C 80 -1.85 36.53 -16.67
C SER C 80 -1.45 37.65 -15.73
N ASP C 81 -0.52 37.36 -14.83
CA ASP C 81 0.03 38.36 -13.93
C ASP C 81 1.24 39.06 -14.50
N ARG C 82 1.67 38.71 -15.72
CA ARG C 82 2.88 39.29 -16.28
C ARG C 82 2.81 40.80 -16.38
N LEU C 83 1.61 41.39 -16.40
CA LEU C 83 1.46 42.83 -16.50
C LEU C 83 0.97 43.47 -15.21
N VAL C 84 0.88 42.71 -14.12
CA VAL C 84 0.64 43.29 -12.80
C VAL C 84 1.97 43.56 -12.14
N LYS C 85 2.01 44.56 -11.27
CA LYS C 85 3.23 44.99 -10.61
C LYS C 85 2.90 45.40 -9.18
N GLU C 86 3.92 45.37 -8.33
CA GLU C 86 3.79 45.96 -7.01
C GLU C 86 3.47 47.44 -7.15
N GLY C 87 2.58 47.93 -6.28
CA GLY C 87 2.19 49.32 -6.33
C GLY C 87 1.12 49.66 -7.36
N GLU C 88 0.58 48.67 -8.07
CA GLU C 88 -0.57 48.94 -8.93
C GLU C 88 -1.76 49.40 -8.11
N LEU C 89 -2.53 50.33 -8.66
CA LEU C 89 -3.79 50.70 -8.07
C LEU C 89 -4.86 49.67 -8.44
N VAL C 90 -5.69 49.32 -7.48
CA VAL C 90 -6.76 48.35 -7.65
C VAL C 90 -8.06 49.01 -7.26
N LYS C 91 -9.09 48.84 -8.08
CA LYS C 91 -10.36 49.54 -7.89
C LYS C 91 -11.51 48.54 -7.86
N ARG C 92 -12.44 48.77 -6.93
CA ARG C 92 -13.58 47.89 -6.73
C ARG C 92 -14.56 48.01 -7.90
N THR C 93 -15.50 47.06 -7.95
CA THR C 93 -16.62 47.12 -8.87
C THR C 93 -17.96 46.91 -8.19
N GLY C 94 -18.00 46.41 -6.96
CA GLY C 94 -19.24 46.28 -6.21
C GLY C 94 -20.08 45.08 -6.59
N ASN C 95 -20.26 44.85 -7.88
CA ASN C 95 -21.10 43.73 -8.31
C ASN C 95 -20.32 42.43 -8.26
N ILE C 96 -20.95 41.40 -7.71
CA ILE C 96 -20.31 40.10 -7.58
C ILE C 96 -20.31 39.39 -8.92
N VAL C 97 -19.43 38.38 -9.05
CA VAL C 97 -19.29 37.63 -10.30
C VAL C 97 -20.66 37.26 -10.83
N ASP C 98 -20.90 37.55 -12.11
CA ASP C 98 -22.18 37.27 -12.75
C ASP C 98 -21.94 36.83 -14.19
N VAL C 99 -23.00 36.32 -14.81
CA VAL C 99 -22.91 35.79 -16.18
C VAL C 99 -24.18 36.15 -16.94
N PRO C 100 -24.04 36.42 -18.23
CA PRO C 100 -25.23 36.58 -19.07
C PRO C 100 -25.96 35.26 -19.28
N VAL C 101 -27.28 35.37 -19.46
CA VAL C 101 -28.15 34.21 -19.65
C VAL C 101 -29.25 34.57 -20.64
N GLY C 102 -29.80 33.53 -21.27
CA GLY C 102 -30.85 33.69 -22.24
C GLY C 102 -30.78 32.65 -23.33
N PRO C 103 -31.72 32.71 -24.29
CA PRO C 103 -31.70 31.75 -25.39
C PRO C 103 -30.64 32.04 -26.42
N GLY C 104 -30.11 33.27 -26.47
CA GLY C 104 -29.09 33.60 -27.44
C GLY C 104 -27.82 32.81 -27.28
N LEU C 105 -27.55 32.29 -26.08
CA LEU C 105 -26.33 31.52 -25.87
C LEU C 105 -26.31 30.24 -26.67
N LEU C 106 -27.46 29.79 -27.15
CA LEU C 106 -27.52 28.53 -27.90
C LEU C 106 -26.65 28.62 -29.15
N GLY C 107 -25.93 27.54 -29.43
CA GLY C 107 -25.07 27.48 -30.60
C GLY C 107 -23.78 28.25 -30.47
N ARG C 108 -23.45 28.76 -29.29
CA ARG C 108 -22.28 29.59 -29.08
C ARG C 108 -21.35 28.95 -28.06
N VAL C 109 -20.07 29.31 -28.16
CA VAL C 109 -19.03 28.90 -27.21
C VAL C 109 -18.62 30.13 -26.42
N VAL C 110 -18.68 30.04 -25.10
CA VAL C 110 -18.39 31.18 -24.23
C VAL C 110 -17.39 30.76 -23.16
N ASP C 111 -16.59 31.72 -22.71
CA ASP C 111 -15.60 31.47 -21.67
C ASP C 111 -16.28 31.37 -20.31
N ALA C 112 -15.46 31.23 -19.27
CA ALA C 112 -16.00 31.03 -17.93
C ALA C 112 -16.87 32.18 -17.49
N LEU C 113 -16.55 33.40 -17.91
CA LEU C 113 -17.32 34.59 -17.53
C LEU C 113 -18.36 34.95 -18.58
N GLY C 114 -18.60 34.08 -19.55
CA GLY C 114 -19.65 34.31 -20.52
C GLY C 114 -19.27 35.16 -21.71
N ASN C 115 -18.02 35.55 -21.83
CA ASN C 115 -17.60 36.33 -22.99
C ASN C 115 -17.50 35.41 -24.21
N PRO C 116 -17.97 35.86 -25.38
CA PRO C 116 -17.88 35.01 -26.57
C PRO C 116 -16.43 34.73 -26.94
N ILE C 117 -16.18 33.53 -27.46
CA ILE C 117 -14.87 33.16 -27.98
C ILE C 117 -14.91 32.53 -29.35
N ASP C 118 -16.05 32.02 -29.81
CA ASP C 118 -16.12 31.42 -31.13
C ASP C 118 -15.96 32.44 -32.26
N GLY C 119 -16.07 33.73 -31.96
CA GLY C 119 -15.91 34.75 -32.98
C GLY C 119 -17.10 34.95 -33.90
N LYS C 120 -18.20 34.24 -33.67
CA LYS C 120 -19.36 34.38 -34.53
C LYS C 120 -20.09 35.70 -34.35
N GLY C 121 -19.89 36.37 -33.21
CA GLY C 121 -20.52 37.64 -32.97
C GLY C 121 -20.95 37.80 -31.52
N PRO C 122 -21.66 38.89 -31.22
CA PRO C 122 -22.10 39.13 -29.85
C PRO C 122 -23.06 38.04 -29.37
N ILE C 123 -23.35 38.08 -28.08
CA ILE C 123 -24.23 37.13 -27.42
C ILE C 123 -25.54 37.86 -27.08
N ASP C 124 -26.66 37.33 -27.57
CA ASP C 124 -27.97 37.93 -27.36
C ASP C 124 -28.48 37.55 -25.97
N ALA C 125 -27.91 38.21 -24.96
CA ALA C 125 -28.27 37.94 -23.58
C ALA C 125 -29.69 38.41 -23.28
N ALA C 126 -30.47 37.56 -22.60
CA ALA C 126 -31.77 37.98 -22.10
C ALA C 126 -31.66 38.64 -20.73
N GLY C 127 -30.63 38.30 -19.96
CA GLY C 127 -30.44 38.91 -18.66
C GLY C 127 -29.12 38.48 -18.07
N ARG C 128 -28.98 38.66 -16.77
CA ARG C 128 -27.78 38.26 -16.06
C ARG C 128 -28.14 37.57 -14.76
N SER C 129 -27.21 36.78 -14.25
CA SER C 129 -27.40 36.12 -12.96
C SER C 129 -26.06 35.92 -12.29
N ARG C 130 -26.05 36.08 -10.97
CA ARG C 130 -24.83 35.86 -10.21
C ARG C 130 -24.45 34.38 -10.22
N ALA C 131 -23.15 34.13 -10.05
CA ALA C 131 -22.64 32.76 -10.14
C ALA C 131 -23.11 31.92 -8.95
N GLN C 132 -22.67 32.29 -7.75
CA GLN C 132 -23.15 31.62 -6.55
C GLN C 132 -24.61 31.99 -6.32
N VAL C 133 -25.46 30.97 -6.16
CA VAL C 133 -26.88 31.18 -5.92
C VAL C 133 -27.38 30.05 -5.03
N LYS C 134 -28.35 30.38 -4.19
CA LYS C 134 -29.02 29.36 -3.38
C LYS C 134 -29.66 28.31 -4.28
N ALA C 135 -29.43 27.05 -3.97
CA ALA C 135 -30.14 25.98 -4.64
C ALA C 135 -31.59 25.97 -4.19
N PRO C 136 -32.51 25.49 -5.03
CA PRO C 136 -33.92 25.49 -4.64
C PRO C 136 -34.17 24.75 -3.34
N GLY C 137 -35.08 25.29 -2.53
CA GLY C 137 -35.37 24.74 -1.23
C GLY C 137 -36.16 23.44 -1.32
N ILE C 138 -36.55 22.95 -0.14
CA ILE C 138 -37.21 21.66 -0.05
C ILE C 138 -38.59 21.72 -0.68
N LEU C 139 -39.37 22.74 -0.34
CA LEU C 139 -40.81 22.75 -0.63
C LEU C 139 -41.10 22.93 -2.12
N PRO C 140 -40.37 23.80 -2.84
CA PRO C 140 -40.72 24.05 -4.24
C PRO C 140 -40.53 22.85 -5.16
N ARG C 141 -39.83 21.81 -4.73
CA ARG C 141 -39.49 20.70 -5.61
C ARG C 141 -40.59 19.64 -5.64
N ARG C 142 -40.57 18.84 -6.71
CA ARG C 142 -41.34 17.60 -6.78
C ARG C 142 -40.47 16.50 -7.36
N SER C 143 -40.79 15.26 -7.00
CA SER C 143 -39.92 14.14 -7.31
C SER C 143 -39.81 13.90 -8.81
N VAL C 144 -38.76 13.18 -9.21
CA VAL C 144 -38.52 12.89 -10.62
C VAL C 144 -39.57 11.93 -11.14
N HIS C 145 -40.23 12.31 -12.24
CA HIS C 145 -41.11 11.37 -12.92
C HIS C 145 -41.04 11.44 -14.44
N GLU C 146 -39.96 11.97 -15.02
CA GLU C 146 -39.82 12.07 -16.47
C GLU C 146 -38.44 11.59 -16.90
N PRO C 147 -38.33 10.97 -18.07
CA PRO C 147 -37.05 10.38 -18.48
C PRO C 147 -36.17 11.37 -19.23
N VAL C 148 -34.88 11.04 -19.26
CA VAL C 148 -33.93 11.64 -20.19
C VAL C 148 -33.39 10.48 -21.01
N GLN C 149 -34.06 10.18 -22.13
CA GLN C 149 -33.70 9.02 -22.93
C GLN C 149 -32.33 9.24 -23.55
N THR C 150 -31.31 8.59 -23.00
CA THR C 150 -29.96 8.81 -23.50
C THR C 150 -29.80 8.29 -24.92
N GLY C 151 -30.59 7.29 -25.29
CA GLY C 151 -30.30 6.52 -26.49
C GLY C 151 -29.15 5.57 -26.34
N LEU C 152 -28.48 5.55 -25.18
CA LEU C 152 -27.43 4.59 -24.90
C LEU C 152 -28.10 3.37 -24.29
N LYS C 153 -28.16 2.29 -25.06
CA LYS C 153 -29.01 1.15 -24.75
C LYS C 153 -28.79 0.64 -23.33
N ALA C 154 -27.53 0.46 -22.93
CA ALA C 154 -27.27 -0.15 -21.63
C ALA C 154 -27.70 0.75 -20.48
N VAL C 155 -27.53 2.06 -20.63
CA VAL C 155 -27.90 2.98 -19.57
C VAL C 155 -29.42 3.04 -19.42
N ASP C 156 -30.14 3.19 -20.53
CA ASP C 156 -31.59 3.22 -20.46
C ASP C 156 -32.14 1.92 -19.88
N ALA C 157 -31.60 0.78 -20.31
CA ALA C 157 -32.13 -0.49 -19.84
C ALA C 157 -31.82 -0.72 -18.37
N LEU C 158 -30.60 -0.39 -17.94
CA LEU C 158 -30.10 -0.83 -16.64
C LEU C 158 -29.91 0.30 -15.62
N VAL C 159 -29.57 1.50 -16.06
CA VAL C 159 -29.24 2.59 -15.15
C VAL C 159 -30.04 3.83 -15.53
N PRO C 160 -31.32 3.90 -15.16
CA PRO C 160 -32.16 5.00 -15.63
C PRO C 160 -31.64 6.36 -15.19
N ILE C 161 -31.91 7.37 -16.01
CA ILE C 161 -31.62 8.75 -15.70
C ILE C 161 -32.89 9.55 -15.96
N GLY C 162 -33.36 10.27 -14.95
CA GLY C 162 -34.59 11.05 -15.08
C GLY C 162 -34.33 12.54 -15.05
N ARG C 163 -35.31 13.32 -15.47
CA ARG C 163 -35.16 14.78 -15.51
C ARG C 163 -35.17 15.32 -14.09
N GLY C 164 -34.18 16.14 -13.76
CA GLY C 164 -33.93 16.57 -12.41
C GLY C 164 -32.99 15.67 -11.63
N GLN C 165 -32.66 14.51 -12.17
CA GLN C 165 -31.69 13.63 -11.55
C GLN C 165 -30.27 14.17 -11.79
N ARG C 166 -29.35 13.78 -10.90
CA ARG C 166 -27.94 14.04 -11.08
C ARG C 166 -27.21 12.70 -11.06
N GLU C 167 -26.59 12.34 -12.18
CA GLU C 167 -25.99 11.03 -12.37
C GLU C 167 -24.50 11.20 -12.69
N LEU C 168 -23.65 10.73 -11.78
CA LEU C 168 -22.22 10.74 -12.02
C LEU C 168 -21.82 9.75 -13.10
N ILE C 169 -20.87 10.15 -13.94
CA ILE C 169 -20.14 9.24 -14.81
C ILE C 169 -18.70 9.21 -14.30
N ILE C 170 -18.29 8.06 -13.78
CA ILE C 170 -16.99 7.94 -13.12
C ILE C 170 -16.24 6.79 -13.74
N GLY C 171 -14.94 6.97 -13.94
CA GLY C 171 -14.18 5.88 -14.52
C GLY C 171 -12.72 6.24 -14.75
N ASP C 172 -12.03 5.29 -15.38
CA ASP C 172 -10.59 5.36 -15.56
C ASP C 172 -10.21 6.27 -16.72
N ARG C 173 -8.91 6.49 -16.85
CA ARG C 173 -8.36 7.26 -17.96
C ARG C 173 -8.85 6.71 -19.29
N GLN C 174 -9.40 7.61 -20.11
CA GLN C 174 -9.75 7.31 -21.50
C GLN C 174 -10.56 6.02 -21.60
N THR C 175 -11.76 6.05 -21.01
CA THR C 175 -12.67 4.91 -21.05
C THR C 175 -14.04 5.31 -21.59
N GLY C 176 -14.13 6.37 -22.39
CA GLY C 176 -15.38 6.74 -23.01
C GLY C 176 -16.28 7.61 -22.16
N LYS C 177 -15.78 8.19 -21.07
CA LYS C 177 -16.62 9.03 -20.23
C LYS C 177 -17.23 10.15 -21.04
N THR C 178 -16.43 10.83 -21.86
CA THR C 178 -16.94 11.89 -22.71
C THR C 178 -17.91 11.35 -23.76
N ALA C 179 -17.59 10.18 -24.33
CA ALA C 179 -18.42 9.63 -25.39
C ALA C 179 -19.83 9.33 -24.91
N VAL C 180 -19.96 8.85 -23.67
CA VAL C 180 -21.29 8.53 -23.14
C VAL C 180 -22.15 9.79 -23.11
N ALA C 181 -21.62 10.86 -22.52
CA ALA C 181 -22.37 12.11 -22.44
C ALA C 181 -22.64 12.67 -23.83
N LEU C 182 -21.68 12.53 -24.75
CA LEU C 182 -21.88 13.08 -26.08
C LEU C 182 -22.97 12.32 -26.83
N ASP C 183 -23.03 11.00 -26.68
CA ASP C 183 -24.14 10.23 -27.24
C ASP C 183 -25.47 10.67 -26.63
N THR C 184 -25.48 10.87 -25.31
CA THR C 184 -26.70 11.34 -24.66
C THR C 184 -27.14 12.68 -25.23
N ILE C 185 -26.19 13.58 -25.46
CA ILE C 185 -26.52 14.89 -26.03
C ILE C 185 -27.07 14.73 -27.43
N LEU C 186 -26.39 13.92 -28.25
CA LEU C 186 -26.79 13.79 -29.65
C LEU C 186 -28.17 13.15 -29.79
N ASN C 187 -28.54 12.27 -28.86
CA ASN C 187 -29.82 11.58 -28.96
C ASN C 187 -31.01 12.51 -28.89
N GLN C 188 -30.86 13.70 -28.30
CA GLN C 188 -31.99 14.60 -28.12
C GLN C 188 -32.45 15.25 -29.41
N LYS C 189 -31.70 15.06 -30.51
CA LYS C 189 -32.07 15.66 -31.79
C LYS C 189 -33.49 15.28 -32.19
N ARG C 190 -33.95 14.11 -31.77
CA ARG C 190 -35.26 13.63 -32.19
C ARG C 190 -36.35 14.57 -31.71
N TRP C 191 -36.48 14.71 -30.39
CA TRP C 191 -37.53 15.56 -29.81
C TRP C 191 -37.24 17.04 -30.02
N ASN C 192 -35.97 17.45 -29.93
CA ASN C 192 -35.66 18.87 -30.03
C ASN C 192 -36.04 19.44 -31.40
N ASN C 193 -36.13 18.62 -32.43
CA ASN C 193 -36.51 19.11 -33.75
C ASN C 193 -38.02 19.26 -33.92
N GLY C 194 -38.82 18.76 -32.99
CA GLY C 194 -40.26 18.84 -33.08
C GLY C 194 -40.81 20.10 -32.45
N SER C 195 -42.14 20.12 -32.30
CA SER C 195 -42.84 21.21 -31.64
C SER C 195 -43.32 20.84 -30.24
N ASP C 196 -42.97 19.66 -29.74
CA ASP C 196 -43.36 19.23 -28.41
C ASP C 196 -42.56 19.96 -27.34
N GLU C 197 -42.94 21.22 -27.06
CA GLU C 197 -42.16 22.04 -26.14
C GLU C 197 -41.88 21.30 -24.84
N SER C 198 -42.90 20.62 -24.30
CA SER C 198 -42.72 19.94 -23.02
C SER C 198 -41.66 18.85 -23.07
N LYS C 199 -41.41 18.27 -24.24
CA LYS C 199 -40.46 17.17 -24.37
C LYS C 199 -39.05 17.65 -24.71
N LYS C 200 -38.86 18.92 -25.02
CA LYS C 200 -37.55 19.43 -25.40
C LYS C 200 -36.54 19.25 -24.28
N LEU C 201 -35.26 19.32 -24.64
CA LEU C 201 -34.17 19.24 -23.67
C LEU C 201 -32.97 19.99 -24.24
N TYR C 202 -32.79 21.23 -23.81
CA TYR C 202 -31.59 21.97 -24.17
C TYR C 202 -30.37 21.33 -23.50
N CYS C 203 -29.19 21.63 -24.04
CA CYS C 203 -27.95 21.03 -23.56
C CYS C 203 -26.89 22.09 -23.33
N VAL C 204 -26.16 21.96 -22.22
CA VAL C 204 -25.00 22.78 -21.90
C VAL C 204 -23.84 21.84 -21.60
N TYR C 205 -22.73 22.02 -22.29
CA TYR C 205 -21.53 21.22 -22.09
C TYR C 205 -20.43 22.11 -21.54
N VAL C 206 -19.87 21.74 -20.39
CA VAL C 206 -18.86 22.55 -19.71
C VAL C 206 -17.53 21.82 -19.81
N ALA C 207 -16.67 22.28 -20.72
CA ALA C 207 -15.33 21.73 -20.86
C ALA C 207 -14.38 22.51 -19.95
N VAL C 208 -13.75 21.80 -19.01
CA VAL C 208 -12.84 22.40 -18.04
C VAL C 208 -11.61 21.51 -17.94
N GLY C 209 -10.42 22.12 -18.04
CA GLY C 209 -9.19 21.38 -18.04
C GLY C 209 -8.85 20.67 -19.34
N GLN C 210 -9.78 20.62 -20.29
CA GLN C 210 -9.50 20.04 -21.60
C GLN C 210 -8.64 20.99 -22.43
N LYS C 211 -7.90 20.42 -23.38
CA LYS C 211 -7.15 21.25 -24.31
C LYS C 211 -8.09 21.88 -25.34
N ARG C 212 -7.70 23.05 -25.83
CA ARG C 212 -8.64 23.88 -26.58
C ARG C 212 -9.03 23.24 -27.91
N SER C 213 -8.08 22.56 -28.56
CA SER C 213 -8.41 21.88 -29.80
C SER C 213 -9.42 20.77 -29.58
N THR C 214 -9.51 20.24 -28.37
CA THR C 214 -10.58 19.29 -28.06
C THR C 214 -11.93 19.98 -28.13
N VAL C 215 -12.04 21.20 -27.61
CA VAL C 215 -13.27 21.96 -27.74
C VAL C 215 -13.58 22.23 -29.20
N ALA C 216 -12.55 22.58 -29.99
CA ALA C 216 -12.77 22.80 -31.41
C ALA C 216 -13.32 21.55 -32.09
N GLN C 217 -12.72 20.39 -31.78
CA GLN C 217 -13.19 19.14 -32.35
C GLN C 217 -14.62 18.83 -31.91
N LEU C 218 -14.94 19.11 -30.65
CA LEU C 218 -16.28 18.79 -30.15
C LEU C 218 -17.33 19.68 -30.82
N VAL C 219 -17.05 20.97 -30.99
CA VAL C 219 -18.01 21.83 -31.64
C VAL C 219 -18.18 21.43 -33.10
N GLN C 220 -17.08 21.05 -33.77
CA GLN C 220 -17.22 20.55 -35.14
C GLN C 220 -18.08 19.28 -35.16
N THR C 221 -17.88 18.38 -34.19
CA THR C 221 -18.63 17.13 -34.17
C THR C 221 -20.11 17.40 -33.96
N LEU C 222 -20.45 18.34 -33.07
CA LEU C 222 -21.85 18.66 -32.86
C LEU C 222 -22.45 19.30 -34.10
N GLU C 223 -21.72 20.22 -34.74
CA GLU C 223 -22.25 20.87 -35.94
C GLU C 223 -22.47 19.87 -37.06
N GLN C 224 -21.58 18.90 -37.21
CA GLN C 224 -21.75 17.88 -38.22
C GLN C 224 -23.04 17.09 -38.02
N HIS C 225 -23.57 17.06 -36.80
CA HIS C 225 -24.82 16.36 -36.51
C HIS C 225 -25.97 17.31 -36.21
N ASP C 226 -25.77 18.62 -36.36
CA ASP C 226 -26.81 19.63 -36.24
C ASP C 226 -27.35 19.76 -34.82
N ALA C 227 -26.64 19.23 -33.83
CA ALA C 227 -27.04 19.43 -32.45
C ALA C 227 -26.71 20.84 -31.94
N MET C 228 -25.83 21.55 -32.64
CA MET C 228 -25.39 22.87 -32.19
C MET C 228 -26.57 23.81 -31.99
N LYS C 229 -27.67 23.57 -32.70
CA LYS C 229 -28.85 24.41 -32.54
C LYS C 229 -29.25 24.55 -31.09
N TYR C 230 -29.17 23.47 -30.32
CA TYR C 230 -29.70 23.43 -28.97
C TYR C 230 -28.63 23.20 -27.89
N SER C 231 -27.36 23.47 -28.20
CA SER C 231 -26.26 23.24 -27.27
C SER C 231 -25.56 24.53 -26.92
N ILE C 232 -25.21 24.69 -25.65
CA ILE C 232 -24.36 25.77 -25.16
C ILE C 232 -23.07 25.16 -24.65
N ILE C 233 -21.95 25.80 -24.98
CA ILE C 233 -20.62 25.28 -24.67
C ILE C 233 -19.87 26.31 -23.83
N VAL C 234 -19.34 25.88 -22.69
CA VAL C 234 -18.45 26.68 -21.87
C VAL C 234 -17.07 26.04 -21.92
N ALA C 235 -16.05 26.84 -22.20
CA ALA C 235 -14.78 26.35 -22.71
C ALA C 235 -13.60 26.89 -21.89
N ALA C 236 -13.69 26.77 -20.57
CA ALA C 236 -12.61 27.14 -19.67
C ALA C 236 -11.48 26.09 -19.74
N THR C 237 -10.86 26.03 -20.92
CA THR C 237 -9.82 25.06 -21.18
C THR C 237 -8.56 25.35 -20.36
N ALA C 238 -7.62 24.40 -20.38
CA ALA C 238 -6.48 24.42 -19.47
C ALA C 238 -5.50 25.56 -19.74
N SER C 239 -5.68 26.33 -20.81
CA SER C 239 -4.86 27.53 -20.98
C SER C 239 -5.31 28.65 -20.05
N GLU C 240 -6.54 28.60 -19.57
CA GLU C 240 -7.08 29.69 -18.76
C GLU C 240 -6.46 29.71 -17.37
N ALA C 241 -6.31 30.91 -16.82
CA ALA C 241 -5.86 31.04 -15.44
C ALA C 241 -6.81 30.29 -14.51
N ALA C 242 -6.26 29.75 -13.43
CA ALA C 242 -7.01 28.78 -12.62
C ALA C 242 -8.39 29.23 -12.22
N PRO C 243 -8.61 30.43 -11.70
CA PRO C 243 -9.96 30.78 -11.19
C PRO C 243 -11.04 30.66 -12.24
N LEU C 244 -10.73 30.96 -13.50
CA LEU C 244 -11.76 30.86 -14.54
C LEU C 244 -12.29 29.44 -14.64
N GLN C 245 -11.44 28.43 -14.44
CA GLN C 245 -11.93 27.07 -14.36
C GLN C 245 -12.86 26.91 -13.16
N TYR C 246 -12.44 27.41 -12.00
CA TYR C 246 -13.27 27.36 -10.80
C TYR C 246 -14.65 27.94 -11.06
N LEU C 247 -14.72 29.14 -11.64
CA LEU C 247 -16.01 29.73 -11.92
C LEU C 247 -16.74 29.04 -13.05
N ALA C 248 -16.04 28.33 -13.92
CA ALA C 248 -16.66 27.86 -15.16
C ALA C 248 -17.90 27.01 -14.91
N PRO C 249 -17.91 26.03 -14.00
CA PRO C 249 -19.16 25.31 -13.75
C PRO C 249 -20.26 26.21 -13.18
N PHE C 250 -19.95 27.00 -12.16
CA PHE C 250 -20.99 27.74 -11.46
C PHE C 250 -21.72 28.67 -12.42
N THR C 251 -20.97 29.43 -13.22
CA THR C 251 -21.61 30.31 -14.19
C THR C 251 -22.46 29.49 -15.15
N ALA C 252 -21.92 28.36 -15.62
CA ALA C 252 -22.71 27.48 -16.48
C ALA C 252 -24.01 27.10 -15.78
N ALA C 253 -23.93 26.77 -14.48
CA ALA C 253 -25.14 26.44 -13.74
C ALA C 253 -26.11 27.61 -13.79
N SER C 254 -25.62 28.83 -13.54
CA SER C 254 -26.51 29.98 -13.57
C SER C 254 -27.14 30.14 -14.94
N ILE C 255 -26.43 29.74 -16.01
CA ILE C 255 -27.05 29.75 -17.33
C ILE C 255 -28.19 28.73 -17.36
N GLY C 256 -27.89 27.49 -16.96
CA GLY C 256 -28.90 26.45 -17.03
C GLY C 256 -30.13 26.79 -16.22
N GLU C 257 -29.94 27.35 -15.03
CA GLU C 257 -31.08 27.69 -14.18
C GLU C 257 -32.02 28.66 -14.86
N TRP C 258 -31.52 29.51 -15.77
CA TRP C 258 -32.44 30.43 -16.44
C TRP C 258 -33.47 29.65 -17.25
N PHE C 259 -33.07 28.53 -17.84
CA PHE C 259 -34.05 27.64 -18.44
C PHE C 259 -34.97 27.07 -17.35
N ARG C 260 -34.39 26.54 -16.28
CA ARG C 260 -35.19 25.92 -15.22
C ARG C 260 -36.22 26.91 -14.68
N ASP C 261 -35.75 28.09 -14.28
CA ASP C 261 -36.64 29.09 -13.72
C ASP C 261 -37.65 29.57 -14.76
N ASN C 262 -37.29 29.51 -16.05
CA ASN C 262 -38.20 29.96 -17.09
C ASN C 262 -39.25 28.91 -17.45
N GLY C 263 -39.08 27.67 -16.99
CA GLY C 263 -40.05 26.63 -17.27
C GLY C 263 -39.70 25.77 -18.46
N LYS C 264 -38.42 25.40 -18.57
CA LYS C 264 -37.94 24.55 -19.65
C LYS C 264 -36.94 23.57 -19.09
N HIS C 265 -36.54 22.61 -19.92
CA HIS C 265 -35.66 21.52 -19.51
C HIS C 265 -34.28 21.70 -20.11
N ALA C 266 -33.26 21.62 -19.25
CA ALA C 266 -31.87 21.74 -19.67
C ALA C 266 -31.02 20.68 -18.98
N LEU C 267 -30.08 20.11 -19.73
CA LEU C 267 -29.15 19.10 -19.24
C LEU C 267 -27.75 19.70 -19.26
N ILE C 268 -27.11 19.75 -18.09
CA ILE C 268 -25.77 20.30 -17.94
C ILE C 268 -24.80 19.15 -17.73
N VAL C 269 -23.72 19.14 -18.50
CA VAL C 269 -22.65 18.15 -18.36
C VAL C 269 -21.39 18.89 -17.94
N TYR C 270 -20.67 18.34 -16.98
CA TYR C 270 -19.40 18.88 -16.50
C TYR C 270 -18.30 17.89 -16.84
N ASP C 271 -17.36 18.30 -17.68
CA ASP C 271 -16.25 17.44 -18.14
C ASP C 271 -14.96 18.22 -17.92
N ASP C 272 -14.27 18.01 -16.79
CA ASP C 272 -14.70 17.15 -15.68
C ASP C 272 -14.39 17.84 -14.36
N LEU C 273 -15.17 17.51 -13.32
CA LEU C 273 -15.09 18.26 -12.06
C LEU C 273 -13.81 18.02 -11.30
N SER C 274 -13.08 16.91 -11.57
CA SER C 274 -11.80 16.69 -10.90
C SER C 274 -10.73 17.63 -11.44
N LYS C 275 -10.73 17.84 -12.76
CA LYS C 275 -9.85 18.84 -13.34
C LYS C 275 -10.09 20.21 -12.71
N GLN C 276 -11.34 20.48 -12.31
CA GLN C 276 -11.69 21.69 -11.59
C GLN C 276 -11.20 21.67 -10.14
N ALA C 277 -11.34 20.52 -9.48
CA ALA C 277 -10.87 20.41 -8.11
C ALA C 277 -9.37 20.67 -8.03
N VAL C 278 -8.63 20.28 -9.07
CA VAL C 278 -7.19 20.57 -9.10
C VAL C 278 -6.95 22.08 -9.13
N ALA C 279 -7.74 22.81 -9.92
CA ALA C 279 -7.60 24.26 -9.98
C ALA C 279 -7.91 24.90 -8.63
N TYR C 280 -8.98 24.43 -7.98
CA TYR C 280 -9.28 24.94 -6.65
C TYR C 280 -8.19 24.60 -5.66
N ARG C 281 -7.59 23.41 -5.77
CA ARG C 281 -6.45 23.07 -4.92
C ARG C 281 -5.32 24.06 -5.12
N GLN C 282 -5.01 24.39 -6.38
CA GLN C 282 -3.98 25.39 -6.65
C GLN C 282 -4.31 26.72 -5.96
N LEU C 283 -5.53 27.22 -6.18
CA LEU C 283 -5.93 28.48 -5.56
C LEU C 283 -5.77 28.42 -4.04
N SER C 284 -6.27 27.35 -3.43
CA SER C 284 -6.25 27.27 -1.97
C SER C 284 -4.82 27.23 -1.44
N LEU C 285 -3.95 26.48 -2.10
CA LEU C 285 -2.56 26.40 -1.64
C LEU C 285 -1.86 27.74 -1.80
N LEU C 286 -2.09 28.43 -2.91
CA LEU C 286 -1.45 29.74 -3.08
C LEU C 286 -2.04 30.75 -2.11
N LEU C 287 -3.33 30.64 -1.79
CA LEU C 287 -3.93 31.46 -0.75
C LEU C 287 -3.43 31.11 0.64
N ARG C 288 -2.72 29.99 0.79
CA ARG C 288 -2.25 29.52 2.10
C ARG C 288 -3.40 29.22 3.04
N ARG C 289 -4.52 28.75 2.51
CA ARG C 289 -5.51 28.10 3.35
C ARG C 289 -5.00 26.73 3.79
N PRO C 290 -5.32 26.28 5.00
CA PRO C 290 -4.76 25.01 5.48
C PRO C 290 -5.11 23.86 4.57
N PRO C 291 -4.14 23.03 4.22
CA PRO C 291 -4.44 21.84 3.41
C PRO C 291 -5.27 20.81 4.18
N GLY C 292 -6.05 20.05 3.43
CA GLY C 292 -6.78 18.89 3.94
C GLY C 292 -6.16 17.59 3.47
N ARG C 293 -6.98 16.56 3.41
CA ARG C 293 -6.51 15.26 2.91
C ARG C 293 -6.05 15.40 1.47
N GLU C 294 -4.97 14.69 1.14
CA GLU C 294 -4.42 14.70 -0.22
C GLU C 294 -4.20 16.12 -0.72
N ALA C 295 -3.87 17.02 0.20
CA ALA C 295 -3.55 18.40 -0.14
C ALA C 295 -4.66 19.08 -0.94
N TYR C 296 -5.89 18.72 -0.62
CA TYR C 296 -7.05 19.45 -1.12
C TYR C 296 -7.58 20.38 -0.03
N PRO C 297 -8.26 21.46 -0.42
CA PRO C 297 -8.85 22.34 0.58
C PRO C 297 -10.01 21.67 1.30
N GLY C 298 -10.24 22.10 2.54
CA GLY C 298 -11.19 21.43 3.40
C GLY C 298 -12.63 21.53 2.96
N ASP C 299 -12.95 22.47 2.07
CA ASP C 299 -14.33 22.75 1.70
C ASP C 299 -14.70 22.18 0.34
N VAL C 300 -13.93 21.22 -0.17
CA VAL C 300 -14.22 20.65 -1.49
C VAL C 300 -15.64 20.12 -1.54
N PHE C 301 -16.04 19.36 -0.52
CA PHE C 301 -17.39 18.82 -0.50
C PHE C 301 -18.43 19.93 -0.52
N TYR C 302 -18.19 21.00 0.23
CA TYR C 302 -19.09 22.14 0.19
C TYR C 302 -19.17 22.72 -1.21
N LEU C 303 -18.04 22.81 -1.90
CA LEU C 303 -18.00 23.32 -3.26
C LEU C 303 -18.88 22.49 -4.18
N HIS C 304 -18.59 21.19 -4.29
CA HIS C 304 -19.34 20.37 -5.22
C HIS C 304 -20.80 20.25 -4.81
N SER C 305 -21.11 20.35 -3.52
CA SER C 305 -22.51 20.41 -3.09
C SER C 305 -23.18 21.66 -3.63
N ARG C 306 -22.54 22.81 -3.47
CA ARG C 306 -23.12 24.05 -3.98
C ARG C 306 -23.33 23.98 -5.48
N LEU C 307 -22.45 23.28 -6.19
CA LEU C 307 -22.63 23.14 -7.63
C LEU C 307 -23.80 22.21 -7.95
N LEU C 308 -23.80 21.01 -7.37
CA LEU C 308 -24.65 19.94 -7.86
C LEU C 308 -26.06 19.97 -7.27
N GLU C 309 -26.24 20.56 -6.09
CA GLU C 309 -27.58 20.61 -5.50
C GLU C 309 -28.54 21.46 -6.30
N ARG C 310 -28.04 22.25 -7.25
CA ARG C 310 -28.90 23.09 -8.07
C ARG C 310 -29.71 22.29 -9.08
N ALA C 311 -29.31 21.06 -9.39
CA ALA C 311 -30.14 20.19 -10.21
C ALA C 311 -31.47 19.92 -9.50
N ALA C 312 -32.57 20.12 -10.22
CA ALA C 312 -33.88 19.97 -9.60
C ALA C 312 -34.96 20.00 -10.67
N LYS C 313 -36.12 19.45 -10.31
CA LYS C 313 -37.36 19.64 -11.07
C LYS C 313 -38.31 20.46 -10.21
N LEU C 314 -38.79 21.56 -10.76
CA LEU C 314 -39.55 22.52 -9.98
C LEU C 314 -41.02 22.09 -9.89
N SER C 315 -41.74 22.73 -8.96
CA SER C 315 -43.16 22.49 -8.79
C SER C 315 -43.95 22.98 -10.00
N GLU C 316 -45.17 22.45 -10.15
CA GLU C 316 -46.10 23.02 -11.11
C GLU C 316 -46.34 24.49 -10.82
N LYS C 317 -46.14 24.92 -9.58
CA LYS C 317 -46.25 26.32 -9.23
C LYS C 317 -45.32 27.18 -10.08
N GLU C 318 -44.18 26.62 -10.51
CA GLU C 318 -43.15 27.37 -11.21
C GLU C 318 -42.80 26.75 -12.56
N GLY C 319 -43.80 26.20 -13.26
CA GLY C 319 -43.64 25.77 -14.63
C GLY C 319 -43.08 24.38 -14.84
N SER C 320 -42.77 23.65 -13.77
CA SER C 320 -42.37 22.25 -13.87
C SER C 320 -41.13 22.06 -14.75
N GLY C 321 -40.34 23.09 -14.96
CA GLY C 321 -39.08 22.94 -15.64
C GLY C 321 -38.10 22.14 -14.80
N SER C 322 -36.93 21.88 -15.37
CA SER C 322 -35.93 21.09 -14.67
C SER C 322 -34.54 21.42 -15.18
N LEU C 323 -33.55 21.18 -14.32
CA LEU C 323 -32.14 21.19 -14.68
C LEU C 323 -31.54 19.84 -14.26
N THR C 324 -30.86 19.18 -15.19
CA THR C 324 -30.32 17.85 -14.97
C THR C 324 -28.80 17.88 -15.16
N ALA C 325 -28.09 17.14 -14.31
CA ALA C 325 -26.63 17.22 -14.23
C ALA C 325 -26.01 15.85 -14.48
N LEU C 326 -24.91 15.85 -15.26
CA LEU C 326 -24.06 14.68 -15.46
C LEU C 326 -22.62 15.08 -15.16
N PRO C 327 -22.21 15.11 -13.90
CA PRO C 327 -20.80 15.33 -13.59
C PRO C 327 -19.96 14.14 -14.02
N VAL C 328 -18.72 14.41 -14.42
CA VAL C 328 -17.78 13.38 -14.87
C VAL C 328 -16.55 13.41 -13.97
N ILE C 329 -16.13 12.24 -13.52
CA ILE C 329 -15.00 12.09 -12.61
C ILE C 329 -14.05 11.04 -13.17
N GLU C 330 -12.84 11.46 -13.52
CA GLU C 330 -11.76 10.52 -13.82
C GLU C 330 -11.10 10.06 -12.54
N THR C 331 -10.68 8.80 -12.54
CA THR C 331 -10.04 8.20 -11.38
C THR C 331 -8.81 7.43 -11.83
N GLN C 332 -7.81 7.39 -10.96
CA GLN C 332 -6.52 6.79 -11.28
C GLN C 332 -6.54 5.33 -10.81
N GLY C 333 -6.35 4.42 -11.75
CA GLY C 333 -6.36 3.00 -11.43
C GLY C 333 -7.67 2.47 -10.91
N GLY C 334 -8.76 3.21 -11.09
CA GLY C 334 -10.07 2.76 -10.69
C GLY C 334 -10.34 2.81 -9.20
N ASP C 335 -9.40 3.30 -8.39
CA ASP C 335 -9.56 3.35 -6.95
C ASP C 335 -10.41 4.56 -6.58
N VAL C 336 -11.64 4.31 -6.12
CA VAL C 336 -12.52 5.39 -5.72
C VAL C 336 -12.18 5.94 -4.33
N SER C 337 -11.22 5.34 -3.64
CA SER C 337 -10.91 5.76 -2.28
C SER C 337 -10.42 7.20 -2.21
N ALA C 338 -10.00 7.80 -3.32
CA ALA C 338 -9.50 9.16 -3.31
C ALA C 338 -10.57 10.13 -2.78
N TYR C 339 -10.12 11.31 -2.39
CA TYR C 339 -10.99 12.27 -1.71
C TYR C 339 -12.11 12.75 -2.64
N ILE C 340 -11.74 13.24 -3.83
CA ILE C 340 -12.72 13.85 -4.73
C ILE C 340 -13.73 12.81 -5.23
N PRO C 341 -13.32 11.63 -5.71
CA PRO C 341 -14.32 10.65 -6.14
C PRO C 341 -15.26 10.25 -5.02
N THR C 342 -14.75 10.07 -3.81
CA THR C 342 -15.62 9.71 -2.70
C THR C 342 -16.65 10.82 -2.44
N ASN C 343 -16.20 12.08 -2.41
CA ASN C 343 -17.14 13.17 -2.18
C ASN C 343 -18.23 13.19 -3.25
N VAL C 344 -17.83 13.12 -4.52
CA VAL C 344 -18.81 13.23 -5.59
C VAL C 344 -19.75 12.02 -5.59
N ILE C 345 -19.23 10.84 -5.27
CA ILE C 345 -20.10 9.66 -5.16
C ILE C 345 -21.13 9.87 -4.07
N SER C 346 -20.72 10.48 -2.95
CA SER C 346 -21.67 10.77 -1.89
C SER C 346 -22.74 11.75 -2.34
N ILE C 347 -22.33 12.78 -3.10
CA ILE C 347 -23.24 13.87 -3.41
C ILE C 347 -24.31 13.46 -4.43
N THR C 348 -23.98 12.59 -5.37
CA THR C 348 -24.83 12.34 -6.53
C THR C 348 -25.91 11.29 -6.24
N ASP C 349 -26.90 11.25 -7.13
CA ASP C 349 -28.01 10.31 -6.99
C ASP C 349 -27.73 8.94 -7.60
N GLY C 350 -26.63 8.77 -8.32
CA GLY C 350 -26.33 7.48 -8.92
C GLY C 350 -25.02 7.57 -9.69
N GLN C 351 -24.51 6.38 -10.01
CA GLN C 351 -23.18 6.27 -10.61
C GLN C 351 -23.22 5.39 -11.84
N ILE C 352 -22.49 5.80 -12.88
CA ILE C 352 -22.16 4.96 -14.02
C ILE C 352 -20.66 4.73 -13.98
N PHE C 353 -20.25 3.49 -13.72
CA PHE C 353 -18.85 3.13 -13.60
C PHE C 353 -18.35 2.59 -14.93
N LEU C 354 -17.30 3.19 -15.46
CA LEU C 354 -16.70 2.74 -16.72
C LEU C 354 -15.34 2.11 -16.41
N GLU C 355 -15.04 1.02 -17.10
CA GLU C 355 -13.85 0.22 -16.82
C GLU C 355 -13.12 -0.13 -18.10
N ALA C 356 -11.79 -0.12 -18.02
CA ALA C 356 -10.98 -0.49 -19.18
C ALA C 356 -11.11 -1.97 -19.50
N GLU C 357 -11.30 -2.82 -18.48
CA GLU C 357 -11.47 -4.24 -18.74
C GLU C 357 -12.63 -4.50 -19.67
N LEU C 358 -13.77 -3.88 -19.39
CA LEU C 358 -14.95 -4.07 -20.22
C LEU C 358 -14.74 -3.46 -21.60
N PHE C 359 -14.06 -2.32 -21.65
CA PHE C 359 -13.80 -1.66 -22.94
C PHE C 359 -12.96 -2.55 -23.83
N TYR C 360 -11.93 -3.18 -23.29
CA TYR C 360 -11.06 -4.03 -24.11
C TYR C 360 -11.73 -5.35 -24.49
N LYS C 361 -12.33 -6.06 -23.53
CA LYS C 361 -12.84 -7.37 -23.92
C LYS C 361 -14.11 -7.29 -24.77
N GLY C 362 -14.53 -6.10 -25.17
CA GLY C 362 -15.54 -5.92 -26.20
C GLY C 362 -16.83 -5.28 -25.72
N ILE C 363 -16.97 -5.03 -24.43
CA ILE C 363 -18.17 -4.41 -23.90
C ILE C 363 -18.04 -2.90 -24.00
N ARG C 364 -18.63 -2.32 -25.03
CA ARG C 364 -18.65 -0.88 -25.22
C ARG C 364 -20.10 -0.42 -25.19
N PRO C 365 -20.48 0.58 -24.37
CA PRO C 365 -19.72 1.59 -23.63
C PRO C 365 -19.09 1.17 -22.29
N ALA C 366 -18.85 -0.12 -22.08
CA ALA C 366 -18.00 -0.58 -20.98
C ALA C 366 -18.55 -0.20 -19.61
N ILE C 367 -19.87 -0.30 -19.44
CA ILE C 367 -20.49 0.04 -18.16
C ILE C 367 -20.40 -1.16 -17.22
N ASN C 368 -19.84 -0.94 -16.03
CA ASN C 368 -19.90 -1.93 -14.96
C ASN C 368 -21.29 -1.91 -14.35
N VAL C 369 -22.11 -2.91 -14.70
CA VAL C 369 -23.50 -2.93 -14.27
C VAL C 369 -23.59 -3.04 -12.75
N GLY C 370 -22.74 -3.87 -12.14
CA GLY C 370 -22.90 -4.16 -10.74
C GLY C 370 -22.77 -2.92 -9.86
N LEU C 371 -21.78 -2.08 -10.15
CA LEU C 371 -21.51 -0.92 -9.31
C LEU C 371 -22.40 0.26 -9.64
N SER C 372 -23.09 0.25 -10.78
CA SER C 372 -23.79 1.42 -11.29
C SER C 372 -25.23 1.47 -10.74
N VAL C 373 -25.33 1.86 -9.47
CA VAL C 373 -26.63 2.10 -8.86
C VAL C 373 -27.15 3.48 -9.24
N SER C 374 -28.46 3.59 -9.43
CA SER C 374 -29.14 4.86 -9.62
C SER C 374 -30.38 4.88 -8.74
N ARG C 375 -30.53 5.93 -7.94
CA ARG C 375 -31.55 5.94 -6.88
C ARG C 375 -32.95 6.28 -7.38
N VAL C 376 -33.08 6.94 -8.54
CA VAL C 376 -34.41 7.14 -9.10
C VAL C 376 -34.93 5.83 -9.68
N GLY C 377 -34.07 5.08 -10.36
CA GLY C 377 -34.42 3.75 -10.81
C GLY C 377 -35.64 3.72 -11.69
N SER C 378 -36.49 2.71 -11.45
CA SER C 378 -37.60 2.43 -12.34
C SER C 378 -38.54 3.61 -12.51
N ALA C 379 -38.60 4.51 -11.53
CA ALA C 379 -39.49 5.65 -11.64
C ALA C 379 -39.13 6.57 -12.81
N ALA C 380 -37.88 6.52 -13.26
CA ALA C 380 -37.42 7.43 -14.31
C ALA C 380 -37.67 6.91 -15.72
N GLN C 381 -37.63 5.60 -15.92
CA GLN C 381 -37.67 5.05 -17.27
C GLN C 381 -38.99 5.38 -17.95
N VAL C 382 -38.93 5.53 -19.28
CA VAL C 382 -40.15 5.58 -20.07
C VAL C 382 -40.86 4.24 -19.90
N LYS C 383 -42.16 4.30 -19.60
CA LYS C 383 -42.81 3.15 -18.99
C LYS C 383 -42.73 1.90 -19.86
N ALA C 384 -42.75 2.05 -21.18
CA ALA C 384 -42.68 0.89 -22.05
C ALA C 384 -41.48 0.02 -21.71
N LEU C 385 -40.33 0.62 -21.44
CA LEU C 385 -39.12 -0.16 -21.23
C LEU C 385 -39.13 -0.90 -19.89
N LYS C 386 -39.88 -0.39 -18.91
CA LYS C 386 -39.90 -1.00 -17.59
C LYS C 386 -40.28 -2.48 -17.66
N GLN C 387 -41.48 -2.77 -18.16
CA GLN C 387 -41.93 -4.15 -18.20
C GLN C 387 -41.04 -5.00 -19.09
N VAL C 388 -40.61 -4.45 -20.23
CA VAL C 388 -39.83 -5.23 -21.19
C VAL C 388 -38.52 -5.69 -20.55
N ALA C 389 -37.80 -4.76 -19.92
CA ALA C 389 -36.54 -5.13 -19.27
C ALA C 389 -36.78 -6.10 -18.12
N GLY C 390 -37.71 -5.75 -17.23
CA GLY C 390 -38.07 -6.62 -16.13
C GLY C 390 -36.90 -7.16 -15.35
N SER C 391 -36.75 -8.49 -15.34
CA SER C 391 -35.72 -9.17 -14.57
C SER C 391 -34.36 -9.14 -15.24
N LEU C 392 -34.16 -8.28 -16.24
CA LEU C 392 -32.87 -8.18 -16.91
C LEU C 392 -31.74 -8.00 -15.90
N LYS C 393 -31.95 -7.11 -14.92
CA LYS C 393 -30.96 -6.92 -13.87
C LYS C 393 -30.65 -8.23 -13.16
N LEU C 394 -31.69 -9.00 -12.82
CA LEU C 394 -31.46 -10.26 -12.12
C LEU C 394 -30.64 -11.21 -12.98
N PHE C 395 -30.94 -11.28 -14.27
CA PHE C 395 -30.22 -12.21 -15.14
C PHE C 395 -28.73 -11.85 -15.23
N LEU C 396 -28.43 -10.57 -15.48
CA LEU C 396 -27.02 -10.19 -15.56
C LEU C 396 -26.32 -10.35 -14.22
N ALA C 397 -27.00 -10.02 -13.11
CA ALA C 397 -26.39 -10.14 -11.80
C ALA C 397 -26.10 -11.59 -11.44
N GLN C 398 -27.01 -12.50 -11.80
CA GLN C 398 -26.75 -13.92 -11.58
C GLN C 398 -25.64 -14.42 -12.49
N TYR C 399 -25.59 -13.93 -13.74
CA TYR C 399 -24.51 -14.33 -14.63
C TYR C 399 -23.16 -13.95 -14.04
N ARG C 400 -23.05 -12.75 -13.49
CA ARG C 400 -21.76 -12.34 -12.93
C ARG C 400 -21.29 -13.29 -11.83
N GLU C 401 -22.23 -13.93 -11.12
CA GLU C 401 -21.83 -14.80 -10.01
C GLU C 401 -21.10 -16.04 -10.50
N VAL C 402 -21.52 -16.62 -11.63
CA VAL C 402 -20.93 -17.84 -12.14
C VAL C 402 -19.87 -17.60 -13.20
N ALA C 403 -19.69 -16.35 -13.65
CA ALA C 403 -18.74 -16.08 -14.72
C ALA C 403 -17.34 -16.56 -14.36
N ALA C 404 -16.91 -16.35 -13.11
CA ALA C 404 -15.59 -16.82 -12.70
C ALA C 404 -15.58 -18.33 -12.53
N PHE C 405 -16.65 -18.90 -11.99
CA PHE C 405 -16.72 -20.33 -11.76
C PHE C 405 -16.61 -21.10 -13.09
N ALA C 406 -17.05 -20.50 -14.19
CA ALA C 406 -17.08 -21.21 -15.47
C ALA C 406 -15.71 -21.74 -15.85
N GLN C 407 -14.63 -21.06 -15.44
CA GLN C 407 -13.30 -21.48 -15.83
C GLN C 407 -12.83 -22.76 -15.15
N PHE C 408 -13.59 -23.27 -14.17
CA PHE C 408 -13.22 -24.50 -13.50
C PHE C 408 -13.31 -25.72 -14.42
N GLY C 409 -14.00 -25.61 -15.55
CA GLY C 409 -14.08 -26.72 -16.49
C GLY C 409 -15.03 -27.82 -16.09
N SER C 410 -15.74 -27.67 -14.97
CA SER C 410 -16.68 -28.69 -14.53
C SER C 410 -17.89 -28.75 -15.45
N ASP C 411 -18.45 -29.95 -15.59
CA ASP C 411 -19.67 -30.16 -16.38
C ASP C 411 -20.86 -29.67 -15.57
N LEU C 412 -21.03 -28.34 -15.56
CA LEU C 412 -22.04 -27.72 -14.71
C LEU C 412 -23.44 -28.12 -15.15
N ASP C 413 -24.38 -28.03 -14.21
CA ASP C 413 -25.75 -28.45 -14.45
C ASP C 413 -26.41 -27.61 -15.54
N ALA C 414 -27.51 -28.14 -16.07
CA ALA C 414 -28.20 -27.49 -17.19
C ALA C 414 -28.74 -26.11 -16.80
N SER C 415 -29.08 -25.91 -15.52
CA SER C 415 -29.63 -24.61 -15.12
C SER C 415 -28.53 -23.54 -15.08
N THR C 416 -27.46 -23.79 -14.33
CA THR C 416 -26.36 -22.84 -14.32
C THR C 416 -25.78 -22.67 -15.70
N LYS C 417 -25.75 -23.76 -16.49
CA LYS C 417 -25.33 -23.64 -17.89
C LYS C 417 -26.27 -22.76 -18.69
N GLN C 418 -27.58 -22.84 -18.43
CA GLN C 418 -28.48 -21.93 -19.12
C GLN C 418 -28.17 -20.49 -18.78
N THR C 419 -27.95 -20.21 -17.50
CA THR C 419 -27.61 -18.85 -17.10
C THR C 419 -26.32 -18.40 -17.75
N LEU C 420 -25.32 -19.30 -17.80
CA LEU C 420 -24.01 -18.95 -18.32
C LEU C 420 -24.05 -18.75 -19.83
N VAL C 421 -24.82 -19.57 -20.54
CA VAL C 421 -24.92 -19.44 -21.99
C VAL C 421 -25.66 -18.16 -22.36
N ARG C 422 -26.73 -17.84 -21.63
CA ARG C 422 -27.45 -16.62 -21.99
C ARG C 422 -26.70 -15.37 -21.55
N GLY C 423 -26.22 -15.31 -20.30
CA GLY C 423 -25.71 -14.06 -19.76
C GLY C 423 -24.71 -13.37 -20.67
N GLU C 424 -23.73 -14.12 -21.18
CA GLU C 424 -22.77 -13.51 -22.09
C GLU C 424 -23.43 -13.07 -23.39
N ARG C 425 -24.36 -13.89 -23.90
CA ARG C 425 -24.99 -13.59 -25.18
C ARG C 425 -25.91 -12.37 -25.06
N LEU C 426 -26.39 -12.10 -23.85
CA LEU C 426 -27.21 -10.94 -23.58
C LEU C 426 -26.34 -9.69 -23.36
N THR C 427 -25.26 -9.83 -22.59
CA THR C 427 -24.28 -8.76 -22.49
C THR C 427 -23.81 -8.34 -23.86
N GLN C 428 -23.69 -9.29 -24.79
CA GLN C 428 -23.31 -8.95 -26.16
C GLN C 428 -24.32 -8.00 -26.78
N LEU C 429 -25.61 -8.16 -26.45
CA LEU C 429 -26.63 -7.31 -27.05
C LEU C 429 -26.54 -5.87 -26.60
N LEU C 430 -25.77 -5.57 -25.57
CA LEU C 430 -25.60 -4.20 -25.11
C LEU C 430 -24.39 -3.52 -25.74
N LYS C 431 -23.76 -4.15 -26.72
CA LYS C 431 -22.81 -3.45 -27.56
C LYS C 431 -23.52 -2.34 -28.33
N GLN C 432 -22.77 -1.28 -28.65
CA GLN C 432 -23.34 -0.21 -29.44
C GLN C 432 -22.23 0.58 -30.11
N ASN C 433 -22.51 1.05 -31.31
CA ASN C 433 -21.56 1.89 -32.05
C ASN C 433 -21.55 3.30 -31.49
N GLN C 434 -20.39 3.94 -31.52
CA GLN C 434 -20.26 5.30 -31.01
C GLN C 434 -21.07 6.26 -31.88
N TYR C 435 -21.54 7.34 -31.25
CA TYR C 435 -22.32 8.36 -31.95
C TYR C 435 -23.53 7.77 -32.67
N SER C 436 -24.07 6.68 -32.15
CA SER C 436 -25.21 5.99 -32.77
C SER C 436 -26.25 5.66 -31.72
N PRO C 437 -26.90 6.68 -31.15
CA PRO C 437 -27.94 6.41 -30.15
C PRO C 437 -29.19 5.84 -30.80
N LEU C 438 -29.88 4.98 -30.05
CA LEU C 438 -31.08 4.31 -30.51
C LEU C 438 -32.28 4.81 -29.72
N ALA C 439 -33.35 5.17 -30.42
CA ALA C 439 -34.60 5.49 -29.75
C ALA C 439 -35.13 4.25 -29.02
N THR C 440 -35.83 4.47 -27.92
CA THR C 440 -36.37 3.33 -27.16
C THR C 440 -37.33 2.50 -28.00
N GLU C 441 -37.94 3.09 -29.02
CA GLU C 441 -38.75 2.35 -29.98
C GLU C 441 -37.97 1.15 -30.46
N GLU C 442 -36.66 1.34 -30.66
CA GLU C 442 -35.77 0.30 -31.13
C GLU C 442 -35.24 -0.56 -29.99
N GLN C 443 -34.97 0.02 -28.83
CA GLN C 443 -34.40 -0.74 -27.74
C GLN C 443 -35.39 -1.74 -27.16
N VAL C 444 -36.69 -1.43 -27.19
CA VAL C 444 -37.68 -2.35 -26.63
C VAL C 444 -37.68 -3.70 -27.35
N PRO C 445 -37.74 -3.76 -28.68
CA PRO C 445 -37.62 -5.07 -29.33
C PRO C 445 -36.37 -5.84 -28.94
N LEU C 446 -35.22 -5.15 -28.87
CA LEU C 446 -33.97 -5.82 -28.60
C LEU C 446 -33.97 -6.45 -27.21
N ILE C 447 -34.33 -5.66 -26.20
CA ILE C 447 -34.34 -6.18 -24.83
C ILE C 447 -35.41 -7.24 -24.68
N TYR C 448 -36.55 -7.07 -25.35
CA TYR C 448 -37.60 -8.09 -25.33
C TYR C 448 -37.06 -9.42 -25.82
N ALA C 449 -36.38 -9.40 -26.98
CA ALA C 449 -35.82 -10.63 -27.53
C ALA C 449 -34.76 -11.21 -26.61
N GLY C 450 -33.92 -10.35 -26.03
CA GLY C 450 -32.88 -10.84 -25.14
C GLY C 450 -33.43 -11.45 -23.86
N VAL C 451 -34.54 -10.91 -23.35
CA VAL C 451 -35.11 -11.40 -22.11
C VAL C 451 -35.87 -12.70 -22.34
N ASN C 452 -36.75 -12.72 -23.34
CA ASN C 452 -37.53 -13.92 -23.63
C ASN C 452 -36.69 -15.03 -24.24
N GLY C 453 -35.39 -14.80 -24.48
CA GLY C 453 -34.52 -15.86 -24.93
C GLY C 453 -34.71 -16.30 -26.36
N HIS C 454 -35.47 -15.53 -27.16
CA HIS C 454 -35.71 -15.94 -28.54
C HIS C 454 -34.42 -15.94 -29.37
N LEU C 455 -33.38 -15.27 -28.90
CA LEU C 455 -32.08 -15.27 -29.57
C LEU C 455 -31.12 -16.27 -28.94
N ASP C 456 -31.61 -17.14 -28.07
CA ASP C 456 -30.73 -18.04 -27.34
C ASP C 456 -29.93 -18.95 -28.27
N GLY C 457 -30.52 -19.37 -29.39
CA GLY C 457 -29.87 -20.31 -30.27
C GLY C 457 -28.90 -19.72 -31.26
N ILE C 458 -28.77 -18.40 -31.32
CA ILE C 458 -27.94 -17.73 -32.32
C ILE C 458 -26.48 -17.79 -31.88
N GLU C 459 -25.61 -18.12 -32.82
CA GLU C 459 -24.17 -18.10 -32.54
C GLU C 459 -23.73 -16.70 -32.16
N LEU C 460 -22.76 -16.62 -31.23
CA LEU C 460 -22.47 -15.37 -30.57
C LEU C 460 -22.06 -14.28 -31.56
N SER C 461 -21.18 -14.62 -32.51
CA SER C 461 -20.68 -13.60 -33.43
C SER C 461 -21.80 -12.99 -34.26
N ARG C 462 -22.89 -13.74 -34.47
CA ARG C 462 -24.00 -13.23 -35.27
C ARG C 462 -24.93 -12.32 -34.47
N ILE C 463 -24.77 -12.24 -33.15
CA ILE C 463 -25.66 -11.40 -32.35
C ILE C 463 -25.66 -9.97 -32.88
N GLY C 464 -24.47 -9.44 -33.15
CA GLY C 464 -24.38 -8.08 -33.67
C GLY C 464 -25.08 -7.92 -35.00
N GLU C 465 -25.04 -8.96 -35.83
CA GLU C 465 -25.86 -8.95 -37.04
C GLU C 465 -27.34 -8.92 -36.68
N PHE C 466 -27.76 -9.82 -35.79
CA PHE C 466 -29.17 -9.91 -35.43
C PHE C 466 -29.71 -8.56 -34.98
N GLU C 467 -29.04 -7.94 -34.01
CA GLU C 467 -29.46 -6.64 -33.53
C GLU C 467 -29.64 -5.67 -34.69
N SER C 468 -28.70 -5.68 -35.64
CA SER C 468 -28.81 -4.81 -36.80
C SER C 468 -30.01 -5.18 -37.65
N SER C 469 -30.18 -6.47 -37.93
CA SER C 469 -31.21 -6.89 -38.86
C SER C 469 -32.60 -6.79 -38.26
N PHE C 470 -32.74 -7.17 -36.98
CA PHE C 470 -34.06 -7.26 -36.38
C PHE C 470 -34.79 -5.94 -36.48
N LEU C 471 -34.15 -4.85 -36.08
CA LEU C 471 -34.79 -3.55 -36.19
C LEU C 471 -35.29 -3.32 -37.61
N SER C 472 -34.42 -3.56 -38.60
CA SER C 472 -34.83 -3.37 -39.99
C SER C 472 -36.11 -4.14 -40.27
N TYR C 473 -36.17 -5.40 -39.86
CA TYR C 473 -37.36 -6.20 -40.09
C TYR C 473 -38.58 -5.48 -39.56
N LEU C 474 -38.52 -5.05 -38.29
CA LEU C 474 -39.66 -4.39 -37.68
C LEU C 474 -39.96 -3.07 -38.39
N LYS C 475 -38.91 -2.36 -38.82
CA LYS C 475 -39.11 -1.11 -39.54
C LYS C 475 -39.78 -1.36 -40.89
N SER C 476 -39.55 -2.54 -41.48
CA SER C 476 -40.11 -2.82 -42.81
C SER C 476 -41.54 -3.34 -42.71
N ASN C 477 -41.78 -4.31 -41.83
CA ASN C 477 -42.99 -5.12 -41.88
C ASN C 477 -43.93 -4.93 -40.69
N HIS C 478 -43.53 -4.17 -39.67
CA HIS C 478 -44.34 -4.03 -38.47
C HIS C 478 -44.37 -2.58 -38.00
N ASN C 479 -44.35 -1.65 -38.97
CA ASN C 479 -44.22 -0.23 -38.62
C ASN C 479 -45.32 0.22 -37.66
N GLU C 480 -46.52 -0.34 -37.78
CA GLU C 480 -47.62 0.08 -36.91
C GLU C 480 -47.45 -0.40 -35.48
N LEU C 481 -46.45 -1.23 -35.20
CA LEU C 481 -46.15 -1.66 -33.84
C LEU C 481 -45.11 -0.75 -33.19
N LEU C 482 -44.03 -0.46 -33.91
CA LEU C 482 -43.06 0.52 -33.43
C LEU C 482 -43.71 1.90 -33.26
N THR C 483 -44.58 2.27 -34.20
CA THR C 483 -45.28 3.55 -34.10
C THR C 483 -46.09 3.63 -32.82
N GLU C 484 -46.71 2.52 -32.41
CA GLU C 484 -47.42 2.52 -31.13
C GLU C 484 -46.46 2.51 -29.94
N ILE C 485 -45.33 1.81 -30.05
CA ILE C 485 -44.36 1.82 -28.96
C ILE C 485 -43.90 3.24 -28.69
N ARG C 486 -43.80 4.08 -29.72
CA ARG C 486 -43.60 5.50 -29.48
C ARG C 486 -44.86 6.13 -28.91
N GLU C 487 -45.93 6.11 -29.70
CA GLU C 487 -47.10 6.92 -29.41
C GLU C 487 -47.76 6.51 -28.10
N LYS C 488 -47.89 5.21 -27.86
CA LYS C 488 -48.52 4.76 -26.63
C LYS C 488 -47.56 4.86 -25.45
N GLY C 489 -46.27 4.68 -25.70
CA GLY C 489 -45.29 4.71 -24.63
C GLY C 489 -45.46 3.61 -23.61
N GLU C 490 -46.23 2.59 -23.92
CA GLU C 490 -46.55 1.54 -22.96
C GLU C 490 -46.99 0.31 -23.72
N LEU C 491 -46.83 -0.84 -23.08
CA LEU C 491 -47.22 -2.11 -23.67
C LEU C 491 -48.54 -2.61 -23.10
N SER C 492 -49.18 -3.50 -23.85
CA SER C 492 -50.36 -4.23 -23.40
C SER C 492 -50.18 -5.69 -23.78
N LYS C 493 -51.07 -6.53 -23.26
CA LYS C 493 -50.99 -7.95 -23.57
C LYS C 493 -51.07 -8.19 -25.07
N GLU C 494 -51.92 -7.44 -25.77
CA GLU C 494 -52.03 -7.62 -27.23
C GLU C 494 -50.78 -7.15 -27.95
N LEU C 495 -50.23 -6.00 -27.54
CA LEU C 495 -49.03 -5.50 -28.19
C LEU C 495 -47.83 -6.41 -27.92
N LEU C 496 -47.71 -6.89 -26.68
CA LEU C 496 -46.66 -7.86 -26.38
C LEU C 496 -46.83 -9.13 -27.22
N ALA C 497 -48.07 -9.59 -27.36
CA ALA C 497 -48.32 -10.78 -28.17
C ALA C 497 -47.94 -10.54 -29.63
N SER C 498 -48.26 -9.35 -30.16
CA SER C 498 -47.90 -9.05 -31.54
C SER C 498 -46.38 -9.02 -31.71
N LEU C 499 -45.67 -8.41 -30.78
CA LEU C 499 -44.21 -8.41 -30.84
C LEU C 499 -43.67 -9.82 -30.72
N LYS C 500 -44.32 -10.65 -29.89
CA LYS C 500 -43.98 -12.07 -29.83
C LYS C 500 -44.12 -12.72 -31.20
N SER C 501 -45.22 -12.47 -31.88
CA SER C 501 -45.41 -13.06 -33.21
C SER C 501 -44.30 -12.64 -34.15
N ALA C 502 -43.97 -11.34 -34.14
CA ALA C 502 -42.92 -10.86 -35.04
C ALA C 502 -41.59 -11.49 -34.71
N THR C 503 -41.25 -11.60 -33.43
CA THR C 503 -39.96 -12.16 -33.06
C THR C 503 -39.90 -13.65 -33.35
N GLU C 504 -40.99 -14.38 -33.09
CA GLU C 504 -41.03 -15.80 -33.38
C GLU C 504 -40.85 -16.06 -34.87
N SER C 505 -41.52 -15.26 -35.71
CA SER C 505 -41.33 -15.40 -37.15
C SER C 505 -39.90 -15.05 -37.56
N PHE C 506 -39.39 -13.92 -37.06
CA PHE C 506 -38.06 -13.46 -37.49
C PHE C 506 -36.95 -14.41 -37.06
N VAL C 507 -37.12 -15.09 -35.92
CA VAL C 507 -36.04 -15.94 -35.43
C VAL C 507 -35.79 -17.08 -36.39
N ALA C 508 -36.83 -17.56 -37.07
CA ALA C 508 -36.65 -18.53 -38.14
C ALA C 508 -36.28 -17.82 -39.43
N THR C 509 -35.23 -16.99 -39.37
CA THR C 509 -34.84 -16.16 -40.49
C THR C 509 -36.00 -15.28 -40.95
N THR D 10 -21.11 44.21 20.99
CA THR D 10 -21.42 44.43 19.58
C THR D 10 -20.13 44.73 18.81
N GLY D 11 -19.39 43.67 18.47
CA GLY D 11 -18.10 43.81 17.83
C GLY D 11 -18.22 44.02 16.33
N LYS D 12 -17.06 43.99 15.67
CA LYS D 12 -16.96 44.25 14.25
C LYS D 12 -16.21 43.14 13.56
N VAL D 13 -16.62 42.83 12.33
CA VAL D 13 -15.90 41.86 11.52
C VAL D 13 -14.53 42.41 11.17
N THR D 14 -13.48 41.61 11.40
CA THR D 14 -12.13 42.02 11.09
C THR D 14 -11.43 41.14 10.06
N ALA D 15 -11.91 39.93 9.82
CA ALA D 15 -11.37 39.09 8.75
C ALA D 15 -12.41 38.05 8.36
N VAL D 16 -12.28 37.56 7.12
CA VAL D 16 -13.18 36.54 6.60
C VAL D 16 -12.42 35.64 5.64
N ILE D 17 -12.42 34.33 5.90
CA ILE D 17 -11.77 33.37 5.02
C ILE D 17 -12.71 32.19 4.81
N GLY D 18 -13.30 32.12 3.62
CA GLY D 18 -14.21 31.02 3.33
C GLY D 18 -15.37 30.99 4.31
N ALA D 19 -15.56 29.83 4.93
CA ALA D 19 -16.67 29.63 5.86
C ALA D 19 -16.40 30.20 7.24
N ILE D 20 -15.22 30.76 7.50
CA ILE D 20 -14.83 31.19 8.84
C ILE D 20 -14.85 32.71 8.87
N VAL D 21 -15.57 33.27 9.84
CA VAL D 21 -15.68 34.71 10.03
C VAL D 21 -14.95 35.08 11.32
N ASP D 22 -14.13 36.12 11.27
CA ASP D 22 -13.34 36.56 12.41
C ASP D 22 -13.86 37.91 12.89
N VAL D 23 -14.12 38.01 14.20
CA VAL D 23 -14.76 39.18 14.80
C VAL D 23 -13.93 39.69 15.95
N HIS D 24 -13.87 41.02 16.10
CA HIS D 24 -13.10 41.67 17.15
C HIS D 24 -14.00 42.55 18.01
N PHE D 25 -13.68 42.63 19.30
CA PHE D 25 -14.46 43.39 20.27
C PHE D 25 -13.55 44.33 21.05
N GLU D 26 -14.07 45.52 21.36
CA GLU D 26 -13.38 46.45 22.25
C GLU D 26 -13.83 46.35 23.70
N GLN D 27 -14.84 45.55 24.00
CA GLN D 27 -15.48 45.56 25.32
C GLN D 27 -14.69 44.82 26.39
N SER D 28 -13.72 44.00 26.01
CA SER D 28 -12.91 43.23 26.97
C SER D 28 -13.75 42.23 27.75
N GLU D 29 -14.97 41.93 27.30
CA GLU D 29 -15.81 40.89 27.87
C GLU D 29 -16.44 40.14 26.69
N LEU D 30 -15.76 39.10 26.24
CA LEU D 30 -16.18 38.39 25.05
C LEU D 30 -17.41 37.54 25.36
N PRO D 31 -18.22 37.23 24.36
CA PRO D 31 -19.21 36.16 24.52
C PRO D 31 -18.53 34.82 24.66
N ALA D 32 -19.05 33.98 25.55
CA ALA D 32 -18.48 32.65 25.75
C ALA D 32 -18.38 31.92 24.42
N ILE D 33 -17.61 30.83 24.42
CA ILE D 33 -17.12 30.26 23.16
C ILE D 33 -18.28 29.92 22.22
N LEU D 34 -19.32 29.26 22.73
CA LEU D 34 -20.36 28.71 21.86
C LEU D 34 -21.55 29.64 21.68
N ASN D 35 -21.44 30.91 22.05
CA ASN D 35 -22.53 31.85 21.82
C ASN D 35 -22.74 32.07 20.32
N ALA D 36 -23.99 32.37 19.95
CA ALA D 36 -24.36 32.66 18.57
C ALA D 36 -24.44 34.16 18.33
N LEU D 37 -23.94 34.59 17.17
CA LEU D 37 -23.96 35.99 16.76
C LEU D 37 -24.76 36.12 15.47
N GLU D 38 -25.32 37.31 15.24
CA GLU D 38 -26.16 37.56 14.08
C GLU D 38 -25.66 38.76 13.30
N ILE D 39 -25.74 38.68 11.98
CA ILE D 39 -25.44 39.79 11.08
C ILE D 39 -26.67 40.06 10.24
N LYS D 40 -27.18 41.29 10.29
CA LYS D 40 -28.39 41.66 9.58
C LYS D 40 -28.07 42.05 8.13
N THR D 41 -27.72 41.04 7.34
CA THR D 41 -27.46 41.25 5.93
C THR D 41 -28.78 41.51 5.22
N PRO D 42 -28.75 41.94 3.95
CA PRO D 42 -30.00 42.03 3.18
C PRO D 42 -30.69 40.68 3.03
N GLN D 43 -29.97 39.58 3.25
CA GLN D 43 -30.54 38.24 3.27
C GLN D 43 -31.16 37.90 4.63
N GLY D 44 -31.37 38.88 5.50
CA GLY D 44 -31.81 38.60 6.85
C GLY D 44 -30.63 38.30 7.76
N LYS D 45 -30.92 37.56 8.83
CA LYS D 45 -29.86 37.15 9.73
C LYS D 45 -28.97 36.09 9.08
N LEU D 46 -27.67 36.35 9.09
CA LEU D 46 -26.65 35.33 8.90
C LEU D 46 -26.08 35.02 10.28
N VAL D 47 -26.10 33.74 10.66
CA VAL D 47 -25.80 33.33 12.03
C VAL D 47 -24.40 32.75 12.08
N LEU D 48 -23.63 33.19 13.05
CA LEU D 48 -22.28 32.70 13.30
C LEU D 48 -22.27 31.97 14.64
N GLU D 49 -21.52 30.87 14.71
CA GLU D 49 -21.25 30.20 15.96
C GLU D 49 -19.78 30.40 16.28
N VAL D 50 -19.49 30.98 17.45
CA VAL D 50 -18.12 31.35 17.80
C VAL D 50 -17.33 30.08 18.06
N ALA D 51 -16.22 29.91 17.33
CA ALA D 51 -15.46 28.67 17.38
C ALA D 51 -14.32 28.73 18.38
N GLN D 52 -13.61 29.86 18.42
CA GLN D 52 -12.32 29.87 19.10
C GLN D 52 -11.86 31.28 19.49
N HIS D 53 -11.50 31.46 20.75
CA HIS D 53 -10.93 32.73 21.21
C HIS D 53 -9.46 32.81 20.78
N LEU D 54 -9.17 33.77 19.90
CA LEU D 54 -7.79 34.00 19.47
C LEU D 54 -7.00 34.85 20.47
N GLY D 55 -7.67 35.53 21.39
CA GLY D 55 -7.04 36.50 22.25
C GLY D 55 -7.15 37.90 21.68
N GLU D 56 -6.77 38.87 22.51
CA GLU D 56 -6.91 40.28 22.17
C GLU D 56 -8.33 40.58 21.72
N ASN D 57 -9.29 40.02 22.46
CA ASN D 57 -10.71 40.26 22.22
C ASN D 57 -11.09 39.97 20.77
N THR D 58 -10.57 38.87 20.22
CA THR D 58 -10.87 38.46 18.86
C THR D 58 -11.21 36.98 18.83
N VAL D 59 -12.22 36.62 18.02
CA VAL D 59 -12.75 35.27 17.99
C VAL D 59 -12.99 34.83 16.54
N ARG D 60 -12.57 33.59 16.23
CA ARG D 60 -12.99 32.91 15.01
C ARG D 60 -14.33 32.22 15.22
N THR D 61 -15.15 32.23 14.17
CA THR D 61 -16.50 31.71 14.23
C THR D 61 -16.81 30.98 12.93
N ILE D 62 -17.70 29.99 13.02
CA ILE D 62 -18.13 29.23 11.87
C ILE D 62 -19.43 29.81 11.34
N ALA D 63 -19.43 30.19 10.06
CA ALA D 63 -20.64 30.68 9.43
C ALA D 63 -21.58 29.54 9.10
N MET D 64 -22.89 29.82 9.17
CA MET D 64 -23.92 28.85 8.85
C MET D 64 -24.81 29.35 7.71
N ASP D 65 -24.36 30.38 7.00
CA ASP D 65 -24.94 30.79 5.74
C ASP D 65 -23.79 31.27 4.86
N GLY D 66 -24.07 31.44 3.57
CA GLY D 66 -23.02 31.84 2.65
C GLY D 66 -22.39 33.15 3.08
N THR D 67 -21.07 33.17 3.17
CA THR D 67 -20.34 34.36 3.59
C THR D 67 -20.20 35.39 2.48
N GLU D 68 -20.57 35.06 1.25
CA GLU D 68 -20.47 36.01 0.15
C GLU D 68 -21.28 37.25 0.49
N GLY D 69 -20.64 38.42 0.39
CA GLY D 69 -21.30 39.68 0.64
C GLY D 69 -20.95 40.30 1.98
N LEU D 70 -20.35 39.56 2.90
CA LEU D 70 -19.92 40.16 4.15
C LEU D 70 -18.82 41.18 3.89
N VAL D 71 -18.76 42.20 4.73
CA VAL D 71 -17.87 43.34 4.53
C VAL D 71 -17.03 43.51 5.79
N ARG D 72 -15.72 43.61 5.61
CA ARG D 72 -14.83 43.85 6.75
C ARG D 72 -15.22 45.14 7.44
N GLY D 73 -15.14 45.13 8.77
CA GLY D 73 -15.56 46.25 9.58
C GLY D 73 -17.04 46.31 9.85
N GLU D 74 -17.83 45.38 9.34
CA GLU D 74 -19.26 45.38 9.57
C GLU D 74 -19.58 45.07 11.04
N LYS D 75 -20.65 45.68 11.53
CA LYS D 75 -21.11 45.45 12.90
C LYS D 75 -21.68 44.05 13.07
N VAL D 76 -21.47 43.48 14.26
CA VAL D 76 -21.95 42.14 14.59
C VAL D 76 -22.68 42.20 15.92
N LEU D 77 -23.84 41.54 16.00
CA LEU D 77 -24.72 41.61 17.15
C LEU D 77 -24.71 40.28 17.91
N ASP D 78 -24.53 40.34 19.22
CA ASP D 78 -24.57 39.15 20.07
C ASP D 78 -26.00 38.78 20.42
N THR D 79 -26.33 37.49 20.26
CA THR D 79 -27.65 36.99 20.63
C THR D 79 -27.79 36.69 22.12
N GLY D 80 -26.70 36.61 22.86
CA GLY D 80 -26.74 36.43 24.30
C GLY D 80 -26.73 35.00 24.78
N GLY D 81 -26.80 34.02 23.89
CA GLY D 81 -26.74 32.63 24.28
C GLY D 81 -26.43 31.73 23.11
N PRO D 82 -26.20 30.44 23.38
CA PRO D 82 -25.94 29.49 22.30
C PRO D 82 -27.12 29.41 21.34
N ILE D 83 -26.89 28.76 20.20
CA ILE D 83 -27.96 28.57 19.24
C ILE D 83 -29.15 27.94 19.95
N SER D 84 -30.29 28.62 19.88
CA SER D 84 -31.49 28.22 20.62
C SER D 84 -32.62 28.01 19.64
N VAL D 85 -33.34 26.91 19.80
CA VAL D 85 -34.38 26.53 18.85
C VAL D 85 -35.70 26.31 19.59
N PRO D 86 -36.84 26.46 18.90
CA PRO D 86 -38.13 26.13 19.50
C PRO D 86 -38.23 24.64 19.79
N VAL D 87 -38.98 24.33 20.85
CA VAL D 87 -39.22 22.95 21.27
C VAL D 87 -40.68 22.82 21.67
N GLY D 88 -41.09 21.58 21.92
CA GLY D 88 -42.43 21.31 22.41
C GLY D 88 -43.40 20.91 21.33
N ARG D 89 -44.67 20.81 21.75
CA ARG D 89 -45.71 20.30 20.87
C ARG D 89 -45.82 21.12 19.59
N GLU D 90 -45.56 22.42 19.67
CA GLU D 90 -45.77 23.29 18.51
C GLU D 90 -44.86 22.93 17.35
N THR D 91 -43.79 22.15 17.59
CA THR D 91 -42.84 21.86 16.53
C THR D 91 -43.36 20.80 15.55
N LEU D 92 -44.43 20.10 15.90
CA LEU D 92 -44.82 18.91 15.16
C LEU D 92 -45.22 19.26 13.73
N GLY D 93 -44.77 18.42 12.78
CA GLY D 93 -45.17 18.56 11.39
C GLY D 93 -44.51 19.68 10.63
N ARG D 94 -43.42 20.25 11.15
CA ARG D 94 -42.78 21.40 10.54
C ARG D 94 -41.31 21.10 10.27
N ILE D 95 -40.78 21.72 9.22
CA ILE D 95 -39.40 21.51 8.77
C ILE D 95 -38.57 22.68 9.26
N ILE D 96 -37.51 22.39 10.01
CA ILE D 96 -36.76 23.40 10.74
C ILE D 96 -35.30 23.39 10.28
N ASN D 97 -34.76 24.57 10.01
CA ASN D 97 -33.36 24.73 9.65
C ASN D 97 -32.49 24.71 10.91
N VAL D 98 -31.17 24.67 10.70
CA VAL D 98 -30.25 24.51 11.82
C VAL D 98 -30.43 25.62 12.84
N ILE D 99 -30.62 26.87 12.37
CA ILE D 99 -30.74 28.00 13.28
C ILE D 99 -32.10 28.09 13.95
N GLY D 100 -32.99 27.12 13.70
CA GLY D 100 -34.28 27.07 14.35
C GLY D 100 -35.40 27.74 13.59
N GLU D 101 -35.12 28.45 12.51
CA GLU D 101 -36.20 29.03 11.74
C GLU D 101 -36.83 27.96 10.85
N PRO D 102 -38.16 27.99 10.69
CA PRO D 102 -38.79 27.04 9.76
C PRO D 102 -38.46 27.36 8.32
N ILE D 103 -38.50 26.34 7.48
CA ILE D 103 -38.33 26.50 6.04
C ILE D 103 -39.55 26.03 5.26
N ASP D 104 -40.54 25.44 5.91
CA ASP D 104 -41.86 25.31 5.32
C ASP D 104 -42.53 26.68 5.29
N GLU D 105 -43.31 26.94 4.25
CA GLU D 105 -43.83 28.28 3.99
C GLU D 105 -44.95 28.69 4.95
N ARG D 106 -45.37 27.83 5.87
CA ARG D 106 -46.52 28.16 6.71
C ARG D 106 -46.33 29.44 7.50
N GLY D 107 -45.10 29.81 7.81
CA GLY D 107 -44.84 30.94 8.68
C GLY D 107 -44.27 30.52 10.02
N PRO D 108 -44.05 31.50 10.89
CA PRO D 108 -43.28 31.24 12.12
C PRO D 108 -43.96 30.25 13.05
N ILE D 109 -43.14 29.51 13.79
CA ILE D 109 -43.64 28.71 14.89
C ILE D 109 -43.98 29.63 16.06
N LYS D 110 -45.14 29.42 16.66
CA LYS D 110 -45.51 30.08 17.90
C LYS D 110 -45.45 29.06 19.03
N SER D 111 -44.57 29.30 20.00
CA SER D 111 -44.30 28.32 21.05
C SER D 111 -43.93 29.06 22.32
N LYS D 112 -44.07 28.35 23.44
CA LYS D 112 -43.92 28.97 24.74
C LYS D 112 -42.47 29.16 25.18
N LEU D 113 -41.51 28.49 24.54
CA LEU D 113 -40.14 28.54 25.02
C LEU D 113 -39.18 28.04 23.95
N ARG D 114 -37.90 28.13 24.27
CA ARG D 114 -36.82 27.66 23.41
C ARG D 114 -35.77 26.98 24.27
N LYS D 115 -34.90 26.20 23.63
CA LYS D 115 -33.79 25.58 24.34
C LYS D 115 -32.49 25.71 23.56
N PRO D 116 -31.36 25.77 24.26
CA PRO D 116 -30.05 25.80 23.58
C PRO D 116 -29.64 24.40 23.14
N ILE D 117 -29.04 24.31 21.95
CA ILE D 117 -28.68 23.01 21.38
C ILE D 117 -27.40 22.43 21.98
N HIS D 118 -26.69 23.18 22.82
CA HIS D 118 -25.54 22.67 23.56
C HIS D 118 -25.88 22.59 25.04
N ALA D 119 -25.70 21.42 25.63
CA ALA D 119 -26.02 21.20 27.03
C ALA D 119 -25.27 19.98 27.54
N ASP D 120 -25.25 19.82 28.86
CA ASP D 120 -24.53 18.71 29.47
C ASP D 120 -25.26 17.40 29.22
N PRO D 121 -24.55 16.34 28.82
CA PRO D 121 -25.19 15.03 28.69
C PRO D 121 -25.66 14.50 30.04
N PRO D 122 -26.56 13.53 30.05
CA PRO D 122 -27.07 13.01 31.33
C PRO D 122 -25.98 12.40 32.18
N SER D 123 -26.10 12.60 33.49
CA SER D 123 -25.12 12.09 34.44
C SER D 123 -25.19 10.56 34.53
N PHE D 124 -24.07 9.97 34.97
CA PHE D 124 -24.01 8.54 35.21
C PHE D 124 -24.94 8.10 36.33
N ALA D 125 -25.29 9.01 37.23
CA ALA D 125 -26.19 8.68 38.33
C ALA D 125 -27.63 8.47 37.87
N GLU D 126 -27.94 8.78 36.60
CA GLU D 126 -29.31 8.75 36.12
C GLU D 126 -29.54 7.82 34.93
N GLN D 127 -28.50 7.43 34.21
CA GLN D 127 -28.67 6.56 33.04
C GLN D 127 -29.14 5.20 33.51
N SER D 128 -30.38 4.85 33.17
CA SER D 128 -31.02 3.62 33.65
C SER D 128 -31.18 2.66 32.47
N THR D 129 -30.49 1.52 32.54
CA THR D 129 -30.50 0.55 31.46
C THR D 129 -31.71 -0.37 31.56
N SER D 130 -32.09 -0.94 30.42
CA SER D 130 -33.11 -1.98 30.38
C SER D 130 -33.06 -2.63 29.01
N ALA D 131 -33.59 -3.85 28.94
CA ALA D 131 -33.55 -4.67 27.73
C ALA D 131 -34.97 -5.01 27.29
N GLU D 132 -35.36 -4.52 26.13
CA GLU D 132 -36.63 -4.89 25.52
C GLU D 132 -36.51 -4.72 24.01
N ILE D 133 -37.05 -5.68 23.27
CA ILE D 133 -36.93 -5.66 21.82
C ILE D 133 -38.00 -4.76 21.22
N LEU D 134 -37.57 -3.82 20.39
CA LEU D 134 -38.48 -3.04 19.55
C LEU D 134 -38.86 -3.90 18.35
N GLU D 135 -40.05 -4.51 18.40
CA GLU D 135 -40.50 -5.31 17.28
C GLU D 135 -40.57 -4.45 16.03
N THR D 136 -39.84 -4.85 14.98
CA THR D 136 -39.73 -4.05 13.77
C THR D 136 -40.61 -4.54 12.63
N GLY D 137 -40.95 -5.83 12.62
CA GLY D 137 -41.71 -6.40 11.53
C GLY D 137 -40.87 -6.88 10.36
N ILE D 138 -39.55 -6.75 10.43
CA ILE D 138 -38.65 -7.20 9.38
C ILE D 138 -38.02 -8.51 9.83
N LYS D 139 -38.16 -9.55 9.03
CA LYS D 139 -37.82 -10.90 9.48
C LYS D 139 -36.37 -10.99 9.92
N VAL D 140 -35.45 -10.51 9.07
CA VAL D 140 -34.03 -10.70 9.36
C VAL D 140 -33.63 -9.98 10.65
N VAL D 141 -34.13 -8.76 10.84
CA VAL D 141 -33.82 -8.01 12.04
C VAL D 141 -34.39 -8.72 13.27
N ASP D 142 -35.65 -9.14 13.18
CA ASP D 142 -36.29 -9.77 14.32
C ASP D 142 -35.58 -11.06 14.72
N LEU D 143 -35.11 -11.82 13.73
CA LEU D 143 -34.47 -13.10 14.03
C LEU D 143 -33.03 -12.93 14.46
N LEU D 144 -32.18 -12.40 13.57
CA LEU D 144 -30.74 -12.48 13.80
C LEU D 144 -30.20 -11.30 14.61
N ALA D 145 -30.82 -10.13 14.52
CA ALA D 145 -30.28 -8.94 15.17
C ALA D 145 -31.39 -7.96 15.53
N PRO D 146 -32.22 -8.28 16.53
CA PRO D 146 -33.30 -7.38 16.90
C PRO D 146 -32.78 -6.07 17.49
N TYR D 147 -33.65 -5.06 17.48
CA TYR D 147 -33.30 -3.71 17.90
C TYR D 147 -33.85 -3.44 19.29
N ALA D 148 -33.01 -2.86 20.15
CA ALA D 148 -33.35 -2.64 21.55
C ALA D 148 -34.09 -1.30 21.71
N ARG D 149 -35.25 -1.34 22.36
CA ARG D 149 -35.89 -0.11 22.79
C ARG D 149 -34.96 0.67 23.71
N GLY D 150 -34.82 1.96 23.45
CA GLY D 150 -33.92 2.79 24.21
C GLY D 150 -32.46 2.66 23.80
N GLY D 151 -32.16 1.81 22.82
CA GLY D 151 -30.79 1.66 22.36
C GLY D 151 -30.47 2.49 21.15
N LYS D 152 -29.22 2.40 20.72
CA LYS D 152 -28.71 3.09 19.54
C LYS D 152 -28.40 2.05 18.48
N ILE D 153 -28.97 2.21 17.28
CA ILE D 153 -28.91 1.21 16.23
C ILE D 153 -28.36 1.85 14.96
N GLY D 154 -27.41 1.18 14.33
CA GLY D 154 -26.74 1.72 13.17
C GLY D 154 -26.87 0.92 11.88
N LEU D 155 -27.39 1.57 10.84
CA LEU D 155 -27.44 0.98 9.51
C LEU D 155 -26.13 1.27 8.78
N PHE D 156 -25.43 0.22 8.35
CA PHE D 156 -24.12 0.36 7.76
C PHE D 156 -24.15 -0.12 6.31
N GLY D 157 -23.55 0.66 5.42
CA GLY D 157 -23.47 0.26 4.03
C GLY D 157 -22.89 1.35 3.18
N GLY D 158 -22.65 1.01 1.92
CA GLY D 158 -22.07 1.91 0.95
C GLY D 158 -23.12 2.71 0.20
N ALA D 159 -22.82 3.03 -1.06
CA ALA D 159 -23.70 3.87 -1.85
C ALA D 159 -24.95 3.11 -2.27
N GLY D 160 -26.11 3.69 -1.98
CA GLY D 160 -27.35 3.22 -2.56
C GLY D 160 -27.74 1.79 -2.22
N VAL D 161 -27.31 1.28 -1.07
CA VAL D 161 -27.66 -0.09 -0.71
C VAL D 161 -29.10 -0.20 -0.23
N GLY D 162 -29.70 0.89 0.26
CA GLY D 162 -31.09 0.84 0.67
C GLY D 162 -31.39 1.49 2.01
N LYS D 163 -30.41 2.17 2.59
CA LYS D 163 -30.56 2.65 3.96
C LYS D 163 -31.77 3.57 4.11
N THR D 164 -31.94 4.51 3.19
CA THR D 164 -33.09 5.40 3.26
C THR D 164 -34.41 4.64 3.16
N VAL D 165 -34.47 3.63 2.29
CA VAL D 165 -35.69 2.84 2.15
C VAL D 165 -35.99 2.12 3.45
N PHE D 166 -34.97 1.51 4.06
CA PHE D 166 -35.18 0.79 5.31
C PHE D 166 -35.63 1.75 6.42
N ILE D 167 -35.04 2.96 6.46
CA ILE D 167 -35.45 3.95 7.46
C ILE D 167 -36.92 4.29 7.29
N GLN D 168 -37.35 4.53 6.04
CA GLN D 168 -38.74 4.86 5.81
C GLN D 168 -39.65 3.68 6.13
N GLU D 169 -39.17 2.46 5.90
CA GLU D 169 -39.93 1.27 6.29
C GLU D 169 -40.15 1.25 7.81
N LEU D 170 -39.09 1.57 8.57
CA LEU D 170 -39.25 1.63 10.02
C LEU D 170 -40.20 2.74 10.43
N ILE D 171 -40.15 3.88 9.74
CA ILE D 171 -41.08 4.96 10.03
C ILE D 171 -42.52 4.50 9.84
N ASN D 172 -42.78 3.84 8.72
CA ASN D 172 -44.12 3.32 8.45
C ASN D 172 -44.53 2.33 9.52
N ASN D 173 -43.66 1.39 9.86
CA ASN D 173 -44.04 0.28 10.72
C ASN D 173 -44.20 0.70 12.18
N ILE D 174 -43.41 1.66 12.65
CA ILE D 174 -43.38 2.02 14.06
C ILE D 174 -44.11 3.34 14.33
N ALA D 175 -43.79 4.39 13.58
CA ALA D 175 -44.16 5.73 14.01
C ALA D 175 -45.66 5.93 14.12
N LYS D 176 -46.43 5.41 13.16
CA LYS D 176 -47.88 5.62 13.22
C LYS D 176 -48.50 4.85 14.38
N ALA D 177 -48.04 3.62 14.61
CA ALA D 177 -48.63 2.81 15.67
C ALA D 177 -48.08 3.18 17.04
N HIS D 178 -46.76 3.39 17.14
CA HIS D 178 -46.15 3.70 18.42
C HIS D 178 -46.58 5.09 18.89
N GLY D 179 -47.02 5.16 20.15
CA GLY D 179 -47.48 6.43 20.69
C GLY D 179 -46.39 7.47 20.84
N GLY D 180 -45.13 7.03 20.92
CA GLY D 180 -44.04 7.98 21.09
C GLY D 180 -43.80 8.79 19.83
N PHE D 181 -43.57 10.09 20.02
CA PHE D 181 -43.30 10.97 18.89
C PHE D 181 -41.94 10.63 18.28
N SER D 182 -41.67 11.22 17.12
CA SER D 182 -40.43 10.98 16.41
C SER D 182 -39.87 12.28 15.86
N VAL D 183 -38.55 12.30 15.68
CA VAL D 183 -37.86 13.40 15.01
C VAL D 183 -36.93 12.80 13.96
N PHE D 184 -36.95 13.39 12.76
CA PHE D 184 -36.08 12.99 11.67
C PHE D 184 -35.03 14.07 11.45
N THR D 185 -33.76 13.71 11.66
CA THR D 185 -32.64 14.62 11.50
C THR D 185 -31.94 14.28 10.19
N GLY D 186 -32.12 15.13 9.19
CA GLY D 186 -31.42 14.97 7.94
C GLY D 186 -30.10 15.71 7.97
N VAL D 187 -29.03 14.99 8.29
CA VAL D 187 -27.67 15.52 8.31
C VAL D 187 -27.12 15.36 6.91
N GLY D 188 -26.83 16.47 6.24
CA GLY D 188 -26.35 16.37 4.88
C GLY D 188 -27.36 15.67 3.98
N GLU D 189 -28.65 15.93 4.22
CA GLU D 189 -29.69 15.31 3.41
C GLU D 189 -29.68 15.88 2.01
N ARG D 190 -29.71 14.99 1.01
CA ARG D 190 -29.92 15.44 -0.36
C ARG D 190 -31.27 16.12 -0.46
N THR D 191 -31.28 17.35 -0.99
CA THR D 191 -32.50 18.15 -0.98
C THR D 191 -33.66 17.40 -1.63
N ARG D 192 -33.40 16.79 -2.78
CA ARG D 192 -34.44 16.01 -3.45
C ARG D 192 -34.94 14.89 -2.55
N GLU D 193 -34.03 14.23 -1.84
CA GLU D 193 -34.42 13.10 -0.99
C GLU D 193 -35.28 13.55 0.19
N GLY D 194 -34.96 14.69 0.79
CA GLY D 194 -35.78 15.21 1.87
C GLY D 194 -37.14 15.65 1.39
N ASN D 195 -37.19 16.30 0.22
CA ASN D 195 -38.49 16.65 -0.36
C ASN D 195 -39.32 15.40 -0.61
N ASP D 196 -38.70 14.35 -1.15
CA ASP D 196 -39.41 13.10 -1.37
C ASP D 196 -39.92 12.50 -0.07
N LEU D 197 -39.11 12.55 0.99
CA LEU D 197 -39.55 12.00 2.25
C LEU D 197 -40.72 12.79 2.81
N TYR D 198 -40.68 14.12 2.70
CA TYR D 198 -41.81 14.92 3.16
C TYR D 198 -43.07 14.59 2.37
N ARG D 199 -42.94 14.46 1.05
CA ARG D 199 -44.06 14.08 0.20
C ARG D 199 -44.64 12.74 0.62
N GLU D 200 -43.77 11.79 0.98
CA GLU D 200 -44.26 10.48 1.41
C GLU D 200 -44.87 10.51 2.80
N MET D 201 -44.32 11.33 3.71
CA MET D 201 -44.88 11.43 5.05
C MET D 201 -46.30 11.97 5.00
N LYS D 202 -46.53 13.03 4.20
CA LYS D 202 -47.89 13.53 4.12
C LYS D 202 -48.83 12.47 3.56
N GLU D 203 -48.34 11.64 2.65
CA GLU D 203 -49.17 10.58 2.08
C GLU D 203 -49.46 9.48 3.09
N THR D 204 -48.54 9.23 4.01
CA THR D 204 -48.64 8.10 4.94
C THR D 204 -49.49 8.41 6.17
N GLY D 205 -50.01 9.64 6.28
CA GLY D 205 -50.81 9.98 7.44
C GLY D 205 -50.00 10.21 8.70
N VAL D 206 -48.68 10.35 8.59
CA VAL D 206 -47.85 10.71 9.73
C VAL D 206 -47.79 12.22 9.92
N ILE D 207 -47.98 12.99 8.85
CA ILE D 207 -48.06 14.45 8.92
C ILE D 207 -49.39 14.88 8.33
N ASN D 208 -49.95 15.95 8.87
CA ASN D 208 -51.19 16.52 8.37
C ASN D 208 -50.95 17.98 8.05
N LEU D 209 -51.35 18.39 6.85
CA LEU D 209 -51.09 19.77 6.42
C LEU D 209 -51.78 20.77 7.33
N GLU D 210 -52.97 20.45 7.81
CA GLU D 210 -53.74 21.32 8.69
C GLU D 210 -54.29 20.53 9.87
N GLY D 211 -53.42 19.74 10.49
CA GLY D 211 -53.85 18.92 11.60
C GLY D 211 -52.67 18.41 12.40
N GLU D 212 -52.96 17.45 13.27
CA GLU D 212 -51.95 16.91 14.17
C GLU D 212 -50.96 16.04 13.39
N SER D 213 -49.70 16.09 13.81
CA SER D 213 -48.62 15.35 13.16
C SER D 213 -47.80 14.61 14.21
N LYS D 214 -47.44 13.37 13.89
CA LYS D 214 -46.72 12.52 14.83
C LYS D 214 -45.21 12.70 14.79
N VAL D 215 -44.69 13.47 13.84
CA VAL D 215 -43.24 13.58 13.65
C VAL D 215 -42.85 15.05 13.51
N ALA D 216 -41.58 15.32 13.82
CA ALA D 216 -40.95 16.59 13.54
C ALA D 216 -39.77 16.36 12.61
N LEU D 217 -39.51 17.34 11.74
CA LEU D 217 -38.47 17.22 10.73
C LEU D 217 -37.47 18.36 10.90
N VAL D 218 -36.19 18.02 11.00
CA VAL D 218 -35.11 19.00 11.02
C VAL D 218 -34.12 18.60 9.93
N PHE D 219 -34.01 19.43 8.91
CA PHE D 219 -33.15 19.15 7.76
C PHE D 219 -32.01 20.16 7.73
N GLY D 220 -30.78 19.67 7.87
CA GLY D 220 -29.63 20.42 7.44
C GLY D 220 -29.23 19.84 6.10
N GLN D 221 -29.57 20.58 5.04
CA GLN D 221 -29.48 20.08 3.68
C GLN D 221 -28.07 20.25 3.13
N MET D 222 -27.74 19.42 2.14
CA MET D 222 -26.34 19.23 1.76
C MET D 222 -25.71 20.50 1.20
N ASN D 223 -26.50 21.39 0.60
CA ASN D 223 -25.90 22.61 0.06
C ASN D 223 -25.54 23.63 1.13
N GLU D 224 -25.88 23.37 2.40
CA GLU D 224 -25.57 24.31 3.47
C GLU D 224 -24.08 24.28 3.79
N PRO D 225 -23.58 25.31 4.48
CA PRO D 225 -22.14 25.36 4.82
C PRO D 225 -21.78 24.29 5.83
N PRO D 226 -20.48 24.04 6.02
CA PRO D 226 -20.06 22.93 6.90
C PRO D 226 -20.58 23.05 8.33
N GLY D 227 -20.61 24.25 8.89
CA GLY D 227 -21.08 24.40 10.26
C GLY D 227 -22.53 23.95 10.41
N ALA D 228 -23.35 24.20 9.39
CA ALA D 228 -24.73 23.72 9.42
C ALA D 228 -24.78 22.20 9.54
N ARG D 229 -24.05 21.51 8.66
CA ARG D 229 -24.01 20.05 8.74
C ARG D 229 -23.50 19.60 10.10
N ALA D 230 -22.62 20.38 10.73
CA ALA D 230 -22.05 19.98 12.01
C ALA D 230 -23.09 20.09 13.13
N ARG D 231 -23.83 21.21 13.17
CA ARG D 231 -24.72 21.48 14.29
C ARG D 231 -26.14 20.96 14.09
N VAL D 232 -26.51 20.50 12.89
CA VAL D 232 -27.88 20.07 12.65
C VAL D 232 -28.23 18.88 13.54
N ALA D 233 -27.28 17.96 13.70
CA ALA D 233 -27.54 16.78 14.53
C ALA D 233 -27.89 17.19 15.95
N LEU D 234 -27.11 18.12 16.51
CA LEU D 234 -27.41 18.59 17.86
C LEU D 234 -28.73 19.33 17.93
N THR D 235 -29.08 20.10 16.89
CA THR D 235 -30.36 20.79 16.91
C THR D 235 -31.51 19.79 16.97
N GLY D 236 -31.52 18.82 16.06
CA GLY D 236 -32.57 17.81 16.07
C GLY D 236 -32.59 17.02 17.37
N LEU D 237 -31.42 16.71 17.90
CA LEU D 237 -31.36 15.94 19.13
C LEU D 237 -31.88 16.75 20.31
N THR D 238 -31.73 18.07 20.27
CA THR D 238 -32.36 18.90 21.29
C THR D 238 -33.88 18.90 21.14
N ILE D 239 -34.38 18.91 19.91
CA ILE D 239 -35.81 18.75 19.71
C ILE D 239 -36.29 17.47 20.36
N ALA D 240 -35.57 16.37 20.14
CA ALA D 240 -35.95 15.10 20.75
C ALA D 240 -35.83 15.15 22.27
N GLU D 241 -34.76 15.78 22.77
CA GLU D 241 -34.53 15.80 24.21
C GLU D 241 -35.59 16.59 24.94
N TYR D 242 -36.18 17.61 24.31
CA TYR D 242 -37.28 18.29 24.99
C TYR D 242 -38.46 17.34 25.22
N PHE D 243 -38.82 16.55 24.20
CA PHE D 243 -39.89 15.59 24.39
C PHE D 243 -39.53 14.56 25.46
N ARG D 244 -38.26 14.15 25.50
CA ARG D 244 -37.85 13.20 26.52
C ARG D 244 -37.96 13.80 27.92
N ASP D 245 -37.20 14.86 28.20
CA ASP D 245 -37.05 15.35 29.56
C ASP D 245 -38.35 15.95 30.10
N GLU D 246 -38.99 16.81 29.30
CA GLU D 246 -40.12 17.58 29.81
C GLU D 246 -41.44 16.84 29.66
N GLU D 247 -41.74 16.36 28.45
CA GLU D 247 -42.98 15.63 28.24
C GLU D 247 -42.94 14.23 28.83
N GLY D 248 -41.75 13.69 29.09
CA GLY D 248 -41.61 12.32 29.53
C GLY D 248 -41.94 11.30 28.47
N GLN D 249 -42.23 11.73 27.24
CA GLN D 249 -42.60 10.83 26.18
C GLN D 249 -41.39 10.09 25.63
N ASP D 250 -41.56 8.81 25.36
CA ASP D 250 -40.54 8.08 24.61
C ASP D 250 -40.50 8.57 23.17
N VAL D 251 -39.29 8.66 22.62
CA VAL D 251 -39.08 9.25 21.31
C VAL D 251 -38.27 8.28 20.45
N LEU D 252 -38.72 8.06 19.22
CA LEU D 252 -37.98 7.28 18.24
C LEU D 252 -37.33 8.26 17.27
N LEU D 253 -36.00 8.31 17.29
CA LEU D 253 -35.24 9.34 16.58
C LEU D 253 -34.51 8.73 15.39
N PHE D 254 -34.67 9.34 14.22
CA PHE D 254 -34.03 8.88 13.00
C PHE D 254 -32.99 9.90 12.57
N ILE D 255 -31.85 9.41 12.09
CA ILE D 255 -30.78 10.28 11.57
C ILE D 255 -30.29 9.72 10.25
N ASP D 256 -30.23 10.56 9.23
CA ASP D 256 -29.54 10.24 7.98
C ASP D 256 -28.86 11.50 7.48
N ASN D 257 -27.52 11.55 7.42
CA ASN D 257 -26.57 10.44 7.63
C ASN D 257 -25.43 10.90 8.55
N ILE D 258 -25.13 10.11 9.58
CA ILE D 258 -24.14 10.51 10.58
C ILE D 258 -22.73 10.51 10.02
N PHE D 259 -22.44 9.65 9.03
CA PHE D 259 -21.14 9.72 8.37
C PHE D 259 -20.87 11.12 7.84
N ARG D 260 -21.90 11.79 7.32
CA ARG D 260 -21.73 13.15 6.84
C ARG D 260 -21.67 14.15 7.99
N PHE D 261 -22.16 13.80 9.18
CA PHE D 261 -21.82 14.58 10.36
C PHE D 261 -20.33 14.55 10.62
N THR D 262 -19.74 13.35 10.57
CA THR D 262 -18.29 13.25 10.73
C THR D 262 -17.56 14.00 9.63
N GLN D 263 -18.06 13.90 8.40
CA GLN D 263 -17.43 14.60 7.28
C GLN D 263 -17.48 16.11 7.47
N ALA D 264 -18.61 16.64 7.92
CA ALA D 264 -18.70 18.07 8.19
C ALA D 264 -17.79 18.48 9.33
N GLY D 265 -17.67 17.61 10.35
CA GLY D 265 -16.69 17.86 11.39
C GLY D 265 -15.29 17.97 10.81
N SER D 266 -14.95 17.06 9.90
CA SER D 266 -13.66 17.13 9.23
C SER D 266 -13.47 18.47 8.52
N GLU D 267 -14.48 18.87 7.74
CA GLU D 267 -14.39 20.13 7.01
C GLU D 267 -14.13 21.29 7.96
N VAL D 268 -14.96 21.41 9.00
CA VAL D 268 -14.84 22.56 9.89
C VAL D 268 -13.51 22.55 10.62
N SER D 269 -13.06 21.36 11.06
CA SER D 269 -11.79 21.29 11.77
C SER D 269 -10.63 21.69 10.87
N ALA D 270 -10.64 21.22 9.62
CA ALA D 270 -9.61 21.62 8.69
C ALA D 270 -9.63 23.12 8.45
N LEU D 271 -10.83 23.69 8.30
CA LEU D 271 -10.94 25.11 8.01
C LEU D 271 -10.46 25.96 9.18
N LEU D 272 -10.67 25.49 10.42
CA LEU D 272 -10.14 26.20 11.57
C LEU D 272 -8.63 26.07 11.69
N GLY D 273 -8.01 25.21 10.89
CA GLY D 273 -6.56 25.12 10.85
C GLY D 273 -5.93 24.17 11.85
N ARG D 274 -6.71 23.25 12.40
CA ARG D 274 -6.13 22.21 13.22
C ARG D 274 -5.36 21.21 12.36
N ILE D 275 -4.42 20.51 12.97
CA ILE D 275 -3.59 19.57 12.22
C ILE D 275 -4.43 18.37 11.80
N PRO D 276 -4.38 17.92 10.56
CA PRO D 276 -5.13 16.72 10.18
C PRO D 276 -4.67 15.51 10.97
N SER D 277 -5.64 14.70 11.38
CA SER D 277 -5.35 13.43 12.05
C SER D 277 -5.17 12.34 10.99
N ALA D 278 -5.26 11.09 11.41
CA ALA D 278 -5.12 9.98 10.49
C ALA D 278 -6.12 10.10 9.35
N VAL D 279 -5.63 9.89 8.13
CA VAL D 279 -6.44 9.94 6.91
C VAL D 279 -7.43 11.10 6.93
N GLY D 280 -7.00 12.23 7.50
CA GLY D 280 -7.64 13.50 7.28
C GLY D 280 -8.80 13.85 8.19
N TYR D 281 -9.32 12.91 8.98
CA TYR D 281 -10.42 13.25 9.87
C TYR D 281 -9.94 14.16 10.99
N GLN D 282 -10.88 14.91 11.55
CA GLN D 282 -10.54 15.90 12.56
C GLN D 282 -10.01 15.21 13.81
N PRO D 283 -9.06 15.83 14.53
CA PRO D 283 -8.58 15.21 15.77
C PRO D 283 -9.70 14.97 16.78
N THR D 284 -10.65 15.91 16.88
CA THR D 284 -11.73 15.80 17.85
C THR D 284 -12.73 14.70 17.53
N LEU D 285 -12.46 13.86 16.51
CA LEU D 285 -13.49 12.96 16.02
C LEU D 285 -14.09 12.11 17.14
N ALA D 286 -13.24 11.51 17.98
CA ALA D 286 -13.75 10.67 19.06
C ALA D 286 -14.61 11.48 20.01
N THR D 287 -14.11 12.63 20.45
CA THR D 287 -14.81 13.41 21.47
C THR D 287 -16.09 14.02 20.90
N ASP D 288 -16.06 14.50 19.65
CA ASP D 288 -17.27 15.07 19.07
C ASP D 288 -18.32 14.00 18.83
N MET D 289 -17.91 12.84 18.29
CA MET D 289 -18.85 11.76 18.09
C MET D 289 -19.46 11.33 19.42
N GLY D 290 -18.64 11.23 20.47
CA GLY D 290 -19.18 10.92 21.78
C GLY D 290 -20.14 11.97 22.29
N LEU D 291 -19.79 13.24 22.12
CA LEU D 291 -20.66 14.31 22.60
C LEU D 291 -22.03 14.24 21.91
N LEU D 292 -22.03 13.89 20.62
CA LEU D 292 -23.31 13.78 19.92
C LEU D 292 -24.07 12.53 20.33
N GLN D 293 -23.36 11.40 20.44
CA GLN D 293 -24.04 10.12 20.65
C GLN D 293 -24.56 9.95 22.07
N GLU D 294 -23.83 10.47 23.08
CA GLU D 294 -24.21 10.21 24.47
C GLU D 294 -25.46 10.99 24.86
N ARG D 295 -25.70 12.14 24.24
CA ARG D 295 -26.95 12.85 24.49
C ARG D 295 -28.16 11.98 24.17
N ILE D 296 -28.02 11.10 23.17
CA ILE D 296 -29.14 10.26 22.74
C ILE D 296 -29.52 9.24 23.79
N THR D 297 -28.69 9.03 24.80
CA THR D 297 -28.92 7.97 25.77
C THR D 297 -30.26 8.16 26.48
N THR D 298 -30.78 7.06 27.00
CA THR D 298 -31.99 7.07 27.80
C THR D 298 -31.68 7.41 29.24
N THR D 299 -32.56 8.17 29.88
CA THR D 299 -32.49 8.45 31.30
C THR D 299 -33.71 7.84 32.00
N LYS D 300 -33.76 8.00 33.32
CA LYS D 300 -34.86 7.45 34.10
C LYS D 300 -36.20 7.90 33.52
N LYS D 301 -36.33 9.18 33.22
CA LYS D 301 -37.60 9.76 32.78
C LYS D 301 -37.67 9.69 31.25
N GLY D 302 -38.04 8.53 30.76
CA GLY D 302 -38.31 8.37 29.33
C GLY D 302 -37.11 7.91 28.55
N SER D 303 -37.39 7.13 27.51
CA SER D 303 -36.34 6.58 26.65
C SER D 303 -36.29 7.32 25.33
N VAL D 304 -35.11 7.29 24.71
CA VAL D 304 -34.94 7.68 23.32
C VAL D 304 -34.38 6.48 22.57
N THR D 305 -35.14 6.00 21.58
CA THR D 305 -34.69 4.94 20.69
C THR D 305 -34.30 5.59 19.36
N SER D 306 -33.15 5.19 18.83
CA SER D 306 -32.57 5.91 17.70
C SER D 306 -32.16 4.94 16.60
N VAL D 307 -32.40 5.34 15.36
CA VAL D 307 -31.95 4.63 14.18
C VAL D 307 -31.03 5.56 13.40
N GLN D 308 -29.82 5.08 13.11
CA GLN D 308 -28.79 5.90 12.48
C GLN D 308 -28.26 5.20 11.24
N ALA D 309 -27.99 5.97 10.20
CA ALA D 309 -27.42 5.48 8.96
C ALA D 309 -26.03 6.06 8.76
N VAL D 310 -25.06 5.20 8.44
CA VAL D 310 -23.70 5.63 8.08
C VAL D 310 -23.46 5.25 6.63
N TYR D 311 -23.09 6.24 5.83
CA TYR D 311 -22.39 5.92 4.59
C TYR D 311 -21.01 5.37 4.93
N VAL D 312 -20.60 4.36 4.18
CA VAL D 312 -19.35 3.66 4.46
C VAL D 312 -18.44 3.83 3.25
N PRO D 313 -17.42 4.68 3.31
CA PRO D 313 -16.65 4.99 2.10
C PRO D 313 -15.95 3.76 1.56
N ALA D 314 -16.17 3.48 0.28
CA ALA D 314 -15.55 2.35 -0.41
C ALA D 314 -15.82 1.03 0.32
N ASP D 315 -16.95 0.96 1.03
CA ASP D 315 -17.40 -0.23 1.74
C ASP D 315 -16.45 -0.64 2.86
N ASP D 316 -15.49 0.21 3.22
CA ASP D 316 -14.50 -0.11 4.24
C ASP D 316 -15.06 0.24 5.61
N LEU D 317 -15.63 -0.78 6.28
CA LEU D 317 -16.16 -0.58 7.62
C LEU D 317 -15.08 -0.20 8.62
N THR D 318 -13.81 -0.43 8.29
CA THR D 318 -12.70 -0.11 9.18
C THR D 318 -12.20 1.31 9.04
N ASP D 319 -12.78 2.09 8.12
CA ASP D 319 -12.42 3.49 8.02
C ASP D 319 -12.73 4.19 9.34
N PRO D 320 -11.92 5.14 9.77
CA PRO D 320 -12.14 5.75 11.09
C PRO D 320 -13.54 6.31 11.28
N ALA D 321 -14.15 6.89 10.22
CA ALA D 321 -15.44 7.53 10.41
C ALA D 321 -16.52 6.52 10.79
N PRO D 322 -16.78 5.48 10.00
CA PRO D 322 -17.75 4.46 10.46
C PRO D 322 -17.22 3.65 11.63
N ALA D 323 -15.93 3.30 11.62
CA ALA D 323 -15.40 2.44 12.67
C ALA D 323 -15.59 3.05 14.05
N THR D 324 -15.49 4.38 14.16
CA THR D 324 -15.66 5.01 15.46
C THR D 324 -17.03 4.73 16.04
N THR D 325 -18.04 4.59 15.18
CA THR D 325 -19.42 4.49 15.64
C THR D 325 -19.73 3.13 16.25
N PHE D 326 -18.98 2.08 15.92
CA PHE D 326 -19.25 0.78 16.52
C PHE D 326 -19.19 0.82 18.04
N ALA D 327 -18.46 1.76 18.62
CA ALA D 327 -18.41 1.87 20.06
C ALA D 327 -19.71 2.38 20.67
N HIS D 328 -20.66 2.83 19.85
CA HIS D 328 -21.80 3.60 20.33
C HIS D 328 -23.14 2.97 19.99
N LEU D 329 -23.17 1.73 19.49
CA LEU D 329 -24.39 1.15 18.97
C LEU D 329 -24.72 -0.15 19.69
N ASP D 330 -25.99 -0.33 20.04
CA ASP D 330 -26.45 -1.60 20.59
C ASP D 330 -26.58 -2.66 19.51
N ALA D 331 -26.98 -2.26 18.30
CA ALA D 331 -27.15 -3.19 17.19
C ALA D 331 -26.65 -2.52 15.91
N THR D 332 -26.01 -3.32 15.06
CA THR D 332 -25.50 -2.83 13.78
C THR D 332 -25.97 -3.76 12.68
N THR D 333 -26.41 -3.17 11.57
CA THR D 333 -27.00 -3.92 10.46
C THR D 333 -26.26 -3.52 9.18
N VAL D 334 -25.33 -4.37 8.76
CA VAL D 334 -24.55 -4.12 7.55
C VAL D 334 -25.39 -4.55 6.35
N LEU D 335 -25.72 -3.59 5.48
CA LEU D 335 -26.38 -3.90 4.22
C LEU D 335 -25.33 -4.09 3.13
N SER D 336 -25.59 -5.02 2.22
CA SER D 336 -24.65 -5.39 1.18
C SER D 336 -25.35 -5.38 -0.17
N ARG D 337 -24.84 -4.57 -1.11
CA ARG D 337 -25.39 -4.54 -2.46
C ARG D 337 -25.23 -5.88 -3.16
N GLY D 338 -24.20 -6.66 -2.79
CA GLY D 338 -24.04 -7.98 -3.37
C GLY D 338 -25.22 -8.88 -3.12
N ILE D 339 -25.84 -8.75 -1.94
CA ILE D 339 -27.04 -9.54 -1.64
C ILE D 339 -28.21 -9.10 -2.51
N SER D 340 -28.35 -7.78 -2.72
CA SER D 340 -29.39 -7.31 -3.62
C SER D 340 -29.16 -7.79 -5.04
N GLU D 341 -27.89 -7.93 -5.44
CA GLU D 341 -27.60 -8.43 -6.78
C GLU D 341 -28.15 -9.84 -6.96
N LEU D 342 -28.10 -10.64 -5.89
CA LEU D 342 -28.71 -11.97 -5.92
C LEU D 342 -30.23 -11.92 -5.82
N GLY D 343 -30.83 -10.74 -5.88
CA GLY D 343 -32.28 -10.62 -5.85
C GLY D 343 -32.89 -10.70 -4.46
N ILE D 344 -32.09 -10.50 -3.42
CA ILE D 344 -32.55 -10.60 -2.04
C ILE D 344 -32.62 -9.19 -1.46
N TYR D 345 -33.81 -8.80 -1.01
CA TYR D 345 -34.05 -7.54 -0.33
C TYR D 345 -34.66 -7.80 1.04
N PRO D 346 -34.35 -6.99 2.06
CA PRO D 346 -33.65 -5.71 2.03
C PRO D 346 -32.12 -5.81 2.07
N ALA D 347 -31.59 -7.01 1.83
CA ALA D 347 -30.15 -7.20 1.61
C ALA D 347 -29.35 -6.99 2.89
N VAL D 348 -29.86 -7.50 4.01
CA VAL D 348 -29.08 -7.53 5.24
C VAL D 348 -28.07 -8.67 5.14
N ASP D 349 -26.80 -8.35 5.36
CA ASP D 349 -25.77 -9.38 5.40
C ASP D 349 -25.99 -10.20 6.66
N PRO D 350 -26.55 -11.41 6.56
CA PRO D 350 -27.00 -12.09 7.78
C PRO D 350 -25.89 -12.39 8.76
N LEU D 351 -24.69 -12.69 8.28
CA LEU D 351 -23.57 -13.01 9.18
C LEU D 351 -22.87 -11.76 9.69
N ASP D 352 -23.11 -10.59 9.09
CA ASP D 352 -22.38 -9.38 9.43
C ASP D 352 -22.99 -8.62 10.58
N SER D 353 -24.31 -8.69 10.76
CA SER D 353 -24.97 -7.89 11.76
C SER D 353 -24.63 -8.37 13.16
N LYS D 354 -24.81 -7.47 14.14
CA LYS D 354 -24.58 -7.76 15.54
C LYS D 354 -25.68 -7.11 16.36
N SER D 355 -26.00 -7.74 17.50
CA SER D 355 -27.00 -7.19 18.40
C SER D 355 -26.73 -7.72 19.81
N ARG D 356 -26.52 -6.81 20.76
CA ARG D 356 -26.24 -7.23 22.13
C ARG D 356 -27.46 -7.85 22.79
N LEU D 357 -28.67 -7.57 22.29
CA LEU D 357 -29.86 -8.17 22.88
C LEU D 357 -30.16 -9.57 22.37
N LEU D 358 -29.42 -10.07 21.39
CA LEU D 358 -29.60 -11.47 21.02
C LEU D 358 -29.00 -12.32 22.13
N ASP D 359 -29.76 -12.51 23.20
CA ASP D 359 -29.26 -13.19 24.39
C ASP D 359 -30.38 -14.06 24.95
N ALA D 360 -30.03 -15.32 25.25
CA ALA D 360 -31.04 -16.30 25.62
C ALA D 360 -31.86 -15.82 26.80
N ALA D 361 -31.22 -15.18 27.77
CA ALA D 361 -31.94 -14.70 28.95
C ALA D 361 -32.89 -13.56 28.60
N VAL D 362 -32.73 -12.94 27.44
CA VAL D 362 -33.56 -11.81 27.05
C VAL D 362 -34.70 -12.27 26.16
N VAL D 363 -34.36 -12.93 25.05
CA VAL D 363 -35.33 -13.22 23.99
C VAL D 363 -35.99 -14.58 24.10
N GLY D 364 -35.55 -15.43 25.04
CA GLY D 364 -36.09 -16.77 25.14
C GLY D 364 -35.22 -17.80 24.48
N GLN D 365 -35.07 -18.97 25.12
CA GLN D 365 -34.09 -19.95 24.68
C GLN D 365 -34.37 -20.45 23.27
N GLU D 366 -35.64 -20.70 22.94
CA GLU D 366 -35.97 -21.26 21.64
C GLU D 366 -35.58 -20.31 20.51
N HIS D 367 -35.89 -19.02 20.69
CA HIS D 367 -35.50 -18.03 19.69
C HIS D 367 -33.99 -18.00 19.51
N TYR D 368 -33.26 -18.03 20.62
CA TYR D 368 -31.80 -17.99 20.56
C TYR D 368 -31.26 -19.19 19.80
N ASP D 369 -31.77 -20.39 20.11
CA ASP D 369 -31.29 -21.59 19.43
C ASP D 369 -31.61 -21.54 17.94
N VAL D 370 -32.80 -21.07 17.59
CA VAL D 370 -33.15 -20.95 16.17
C VAL D 370 -32.15 -20.04 15.48
N ALA D 371 -31.85 -18.89 16.09
CA ALA D 371 -30.92 -17.94 15.48
C ALA D 371 -29.54 -18.55 15.34
N SER D 372 -29.05 -19.22 16.39
CA SER D 372 -27.71 -19.79 16.35
C SER D 372 -27.62 -20.86 15.27
N LYS D 373 -28.64 -21.70 15.14
CA LYS D 373 -28.60 -22.76 14.14
C LYS D 373 -28.68 -22.20 12.74
N VAL D 374 -29.48 -21.14 12.53
CA VAL D 374 -29.48 -20.48 11.22
C VAL D 374 -28.10 -19.94 10.90
N GLN D 375 -27.46 -19.30 11.88
CA GLN D 375 -26.11 -18.78 11.64
C GLN D 375 -25.13 -19.91 11.36
N GLU D 376 -25.30 -21.06 12.00
CA GLU D 376 -24.45 -22.21 11.71
C GLU D 376 -24.65 -22.68 10.27
N THR D 377 -25.89 -22.70 9.80
CA THR D 377 -26.14 -23.01 8.39
C THR D 377 -25.37 -22.06 7.48
N LEU D 378 -25.45 -20.75 7.79
CA LEU D 378 -24.81 -19.79 6.90
C LEU D 378 -23.29 -19.91 6.95
N GLN D 379 -22.72 -20.15 8.13
CA GLN D 379 -21.28 -20.36 8.22
C GLN D 379 -20.85 -21.67 7.59
N THR D 380 -21.75 -22.64 7.48
CA THR D 380 -21.46 -23.83 6.68
C THR D 380 -21.40 -23.49 5.20
N TYR D 381 -22.38 -22.71 4.71
CA TYR D 381 -22.34 -22.30 3.32
C TYR D 381 -21.09 -21.49 3.02
N LYS D 382 -20.58 -20.76 4.02
CA LYS D 382 -19.38 -19.95 3.79
C LYS D 382 -18.26 -20.79 3.18
N SER D 383 -18.02 -21.99 3.73
CA SER D 383 -17.02 -22.89 3.16
C SER D 383 -17.58 -23.66 1.98
N LEU D 384 -18.88 -23.98 2.03
CA LEU D 384 -19.47 -24.81 0.98
C LEU D 384 -19.37 -24.17 -0.39
N GLN D 385 -19.62 -22.86 -0.46
CA GLN D 385 -19.55 -22.17 -1.75
C GLN D 385 -18.12 -22.17 -2.29
N ASP D 386 -17.12 -21.93 -1.43
CA ASP D 386 -15.74 -21.89 -1.89
C ASP D 386 -15.30 -23.26 -2.38
N ILE D 387 -15.65 -24.32 -1.65
CA ILE D 387 -15.24 -25.66 -2.05
C ILE D 387 -15.96 -26.09 -3.32
N ILE D 388 -17.28 -25.84 -3.40
CA ILE D 388 -18.05 -26.28 -4.55
C ILE D 388 -17.59 -25.55 -5.81
N ALA D 389 -17.13 -24.30 -5.67
CA ALA D 389 -16.65 -23.58 -6.84
C ALA D 389 -15.51 -24.32 -7.53
N ILE D 390 -14.72 -25.07 -6.78
CA ILE D 390 -13.61 -25.81 -7.36
C ILE D 390 -14.04 -27.24 -7.69
N LEU D 391 -14.50 -27.98 -6.68
CA LEU D 391 -14.73 -29.42 -6.83
C LEU D 391 -16.07 -29.75 -7.47
N GLY D 392 -17.06 -28.88 -7.34
CA GLY D 392 -18.39 -29.17 -7.82
C GLY D 392 -19.25 -29.87 -6.78
N MET D 393 -20.53 -30.00 -7.10
CA MET D 393 -21.50 -30.47 -6.10
C MET D 393 -21.22 -31.89 -5.66
N ASP D 394 -20.59 -32.71 -6.50
CA ASP D 394 -20.40 -34.12 -6.17
C ASP D 394 -19.50 -34.32 -4.96
N GLU D 395 -18.71 -33.30 -4.60
CA GLU D 395 -17.79 -33.44 -3.47
C GLU D 395 -18.50 -33.39 -2.13
N LEU D 396 -19.70 -32.82 -2.07
CA LEU D 396 -20.42 -32.63 -0.81
C LEU D 396 -21.11 -33.93 -0.42
N SER D 397 -20.64 -34.54 0.66
CA SER D 397 -21.33 -35.70 1.21
C SER D 397 -22.72 -35.30 1.67
N GLU D 398 -23.71 -36.12 1.30
CA GLU D 398 -25.11 -35.73 1.49
C GLU D 398 -25.43 -35.34 2.93
N GLN D 399 -24.88 -36.07 3.90
CA GLN D 399 -25.20 -35.82 5.29
C GLN D 399 -24.86 -34.40 5.69
N ASP D 400 -23.76 -33.86 5.16
CA ASP D 400 -23.43 -32.45 5.32
C ASP D 400 -23.99 -31.60 4.17
N LYS D 401 -24.02 -32.16 2.95
CA LYS D 401 -24.46 -31.38 1.79
C LYS D 401 -25.86 -30.84 1.96
N LEU D 402 -26.73 -31.53 2.71
CA LEU D 402 -28.10 -31.05 2.90
C LEU D 402 -28.12 -29.64 3.47
N THR D 403 -27.07 -29.28 4.22
CA THR D 403 -26.99 -27.95 4.80
C THR D 403 -27.02 -26.88 3.72
N VAL D 404 -26.40 -27.14 2.56
CA VAL D 404 -26.35 -26.12 1.51
C VAL D 404 -27.74 -25.90 0.91
N GLU D 405 -28.50 -26.97 0.72
CA GLU D 405 -29.86 -26.81 0.22
C GLU D 405 -30.70 -26.00 1.21
N ARG D 406 -30.58 -26.33 2.50
CA ARG D 406 -31.32 -25.58 3.50
C ARG D 406 -30.84 -24.12 3.54
N ALA D 407 -29.55 -23.90 3.32
CA ALA D 407 -29.01 -22.54 3.28
C ALA D 407 -29.60 -21.74 2.14
N ARG D 408 -29.70 -22.36 0.96
CA ARG D 408 -30.25 -21.64 -0.18
C ARG D 408 -31.76 -21.48 -0.09
N LYS D 409 -32.44 -22.28 0.73
CA LYS D 409 -33.81 -21.94 1.06
C LYS D 409 -33.87 -20.76 2.04
N ILE D 410 -32.97 -20.76 3.03
CA ILE D 410 -33.01 -19.75 4.08
C ILE D 410 -32.70 -18.37 3.52
N GLN D 411 -31.61 -18.27 2.74
CA GLN D 411 -31.17 -16.96 2.26
C GLN D 411 -32.28 -16.26 1.50
N ARG D 412 -32.96 -16.97 0.61
CA ARG D 412 -34.16 -16.43 -0.01
C ARG D 412 -35.21 -16.10 1.03
N PHE D 413 -35.39 -16.98 2.02
CA PHE D 413 -36.47 -16.78 2.97
C PHE D 413 -36.28 -15.52 3.82
N LEU D 414 -35.05 -15.04 3.96
CA LEU D 414 -34.84 -13.80 4.72
C LEU D 414 -35.43 -12.58 4.01
N SER D 415 -35.68 -12.67 2.71
CA SER D 415 -36.17 -11.52 1.96
C SER D 415 -37.59 -11.17 2.37
N GLN D 416 -37.94 -9.90 2.18
CA GLN D 416 -39.26 -9.40 2.56
C GLN D 416 -39.65 -8.28 1.59
N PRO D 417 -40.93 -8.14 1.27
CA PRO D 417 -41.37 -7.00 0.46
C PRO D 417 -41.73 -5.81 1.35
N PHE D 418 -41.01 -4.71 1.19
CA PHE D 418 -41.26 -3.52 2.01
C PHE D 418 -42.42 -2.72 1.44
N ALA D 419 -43.24 -2.18 2.34
CA ALA D 419 -44.36 -1.34 1.91
C ALA D 419 -43.87 -0.12 1.14
N VAL D 420 -42.76 0.48 1.59
CA VAL D 420 -42.25 1.68 0.93
C VAL D 420 -41.85 1.38 -0.50
N ALA D 421 -41.60 0.11 -0.84
CA ALA D 421 -41.31 -0.30 -2.20
C ALA D 421 -42.56 -0.36 -3.08
N GLU D 422 -43.66 0.26 -2.65
CA GLU D 422 -44.91 0.16 -3.40
C GLU D 422 -44.76 0.70 -4.82
N VAL D 423 -43.77 1.56 -5.07
CA VAL D 423 -43.54 2.11 -6.40
C VAL D 423 -42.21 1.71 -7.00
N PHE D 424 -41.26 1.19 -6.20
CA PHE D 424 -40.05 0.63 -6.78
C PHE D 424 -40.35 -0.62 -7.58
N THR D 425 -41.11 -1.55 -6.99
CA THR D 425 -41.41 -2.83 -7.63
C THR D 425 -42.87 -3.23 -7.52
N GLY D 426 -43.67 -2.57 -6.69
CA GLY D 426 -45.09 -2.85 -6.63
C GLY D 426 -45.48 -4.10 -5.86
N ILE D 427 -44.54 -4.78 -5.24
CA ILE D 427 -44.91 -5.95 -4.42
C ILE D 427 -45.64 -5.47 -3.18
N PRO D 428 -46.82 -5.99 -2.87
CA PRO D 428 -47.54 -5.51 -1.67
C PRO D 428 -46.73 -5.72 -0.41
N GLY D 429 -46.75 -4.71 0.46
CA GLY D 429 -45.97 -4.77 1.68
C GLY D 429 -46.57 -5.74 2.69
N LYS D 430 -45.69 -6.41 3.43
CA LYS D 430 -46.09 -7.34 4.49
C LYS D 430 -45.29 -7.05 5.75
N LEU D 431 -45.99 -7.09 6.90
CA LEU D 431 -45.40 -6.86 8.20
C LEU D 431 -45.52 -8.14 9.02
N VAL D 432 -44.38 -8.76 9.34
CA VAL D 432 -44.33 -10.11 9.89
C VAL D 432 -44.03 -10.03 11.38
N ARG D 433 -44.86 -10.69 12.18
CA ARG D 433 -44.68 -10.69 13.63
C ARG D 433 -43.44 -11.49 14.03
N LEU D 434 -43.00 -11.26 15.27
CA LEU D 434 -41.85 -12.00 15.81
C LEU D 434 -42.14 -13.49 15.90
N LYS D 435 -43.29 -13.85 16.50
CA LYS D 435 -43.56 -15.25 16.79
C LYS D 435 -43.65 -16.08 15.51
N ASP D 436 -44.33 -15.55 14.50
CA ASP D 436 -44.45 -16.26 13.24
C ASP D 436 -43.09 -16.49 12.59
N THR D 437 -42.21 -15.48 12.64
CA THR D 437 -40.87 -15.64 12.09
C THR D 437 -40.09 -16.71 12.83
N VAL D 438 -40.10 -16.63 14.17
CA VAL D 438 -39.37 -17.60 14.98
C VAL D 438 -39.85 -19.01 14.67
N ALA D 439 -41.17 -19.21 14.65
CA ALA D 439 -41.72 -20.53 14.35
C ALA D 439 -41.36 -20.98 12.95
N SER D 440 -41.38 -20.06 11.98
CA SER D 440 -41.04 -20.42 10.61
C SER D 440 -39.62 -20.95 10.52
N PHE D 441 -38.67 -20.23 11.12
CA PHE D 441 -37.29 -20.67 11.04
C PHE D 441 -37.05 -21.92 11.88
N LYS D 442 -37.76 -22.08 13.00
CA LYS D 442 -37.70 -23.34 13.72
C LYS D 442 -38.12 -24.49 12.82
N ALA D 443 -39.24 -24.32 12.11
CA ALA D 443 -39.72 -25.38 11.22
C ALA D 443 -38.73 -25.66 10.10
N VAL D 444 -38.17 -24.61 9.51
CA VAL D 444 -37.24 -24.82 8.39
C VAL D 444 -35.97 -25.51 8.86
N LEU D 445 -35.49 -25.16 10.05
CA LEU D 445 -34.37 -25.90 10.63
C LEU D 445 -34.74 -27.36 10.84
N GLU D 446 -35.96 -27.62 11.32
CA GLU D 446 -36.42 -28.98 11.54
C GLU D 446 -36.67 -29.74 10.25
N GLY D 447 -36.66 -29.07 9.10
CA GLY D 447 -36.94 -29.73 7.84
C GLY D 447 -38.41 -30.03 7.60
N LYS D 448 -39.31 -29.47 8.40
CA LYS D 448 -40.73 -29.75 8.27
C LYS D 448 -41.30 -29.23 6.95
N TYR D 449 -40.55 -28.41 6.21
CA TYR D 449 -40.98 -27.95 4.90
C TYR D 449 -39.86 -28.04 3.86
N ASP D 450 -38.83 -28.85 4.11
CA ASP D 450 -37.71 -28.92 3.19
C ASP D 450 -38.09 -29.50 1.83
N ASN D 451 -39.22 -30.20 1.73
CA ASN D 451 -39.63 -30.76 0.45
C ASN D 451 -40.10 -29.68 -0.52
N ILE D 452 -40.54 -28.54 -0.02
CA ILE D 452 -41.08 -27.48 -0.89
C ILE D 452 -39.92 -26.82 -1.64
N PRO D 453 -40.07 -26.53 -2.92
CA PRO D 453 -38.93 -25.98 -3.68
C PRO D 453 -38.52 -24.59 -3.22
N GLU D 454 -37.27 -24.24 -3.57
CA GLU D 454 -36.64 -23.02 -3.07
C GLU D 454 -37.40 -21.75 -3.48
N HIS D 455 -37.87 -21.67 -4.72
CA HIS D 455 -38.37 -20.41 -5.24
C HIS D 455 -39.66 -19.95 -4.55
N ALA D 456 -40.32 -20.81 -3.78
CA ALA D 456 -41.47 -20.37 -3.01
C ALA D 456 -41.08 -19.47 -1.84
N PHE D 457 -39.79 -19.33 -1.54
CA PHE D 457 -39.30 -18.72 -0.30
C PHE D 457 -38.67 -17.34 -0.50
N TYR D 458 -39.20 -16.46 -1.35
CA TYR D 458 -38.76 -15.08 -1.33
C TYR D 458 -39.92 -14.16 -1.69
N MET D 459 -39.88 -12.95 -1.12
CA MET D 459 -40.99 -12.02 -1.20
C MET D 459 -42.26 -12.60 -0.60
N VAL D 460 -42.11 -13.20 0.59
CA VAL D 460 -43.19 -13.94 1.23
C VAL D 460 -43.16 -13.66 2.73
N GLY D 461 -44.34 -13.49 3.31
CA GLY D 461 -44.49 -13.14 4.70
C GLY D 461 -44.46 -14.31 5.68
N GLY D 462 -43.37 -15.08 5.69
CA GLY D 462 -43.24 -16.18 6.62
C GLY D 462 -43.59 -17.52 6.03
N ILE D 463 -43.44 -18.56 6.85
CA ILE D 463 -43.64 -19.92 6.37
C ILE D 463 -45.09 -20.18 5.99
N GLU D 464 -46.05 -19.59 6.70
CA GLU D 464 -47.44 -19.81 6.35
C GLU D 464 -47.75 -19.31 4.94
N ASP D 465 -47.19 -18.15 4.58
CA ASP D 465 -47.42 -17.64 3.23
C ASP D 465 -46.71 -18.48 2.20
N VAL D 466 -45.55 -19.05 2.53
CA VAL D 466 -44.91 -19.99 1.62
C VAL D 466 -45.76 -21.22 1.41
N VAL D 467 -46.37 -21.73 2.47
CA VAL D 467 -47.28 -22.86 2.35
C VAL D 467 -48.44 -22.49 1.44
N ALA D 468 -48.99 -21.28 1.63
CA ALA D 468 -50.10 -20.84 0.79
C ALA D 468 -49.69 -20.77 -0.67
N LYS D 469 -48.49 -20.26 -0.95
CA LYS D 469 -48.03 -20.12 -2.33
C LYS D 469 -47.50 -21.43 -2.90
N ALA D 470 -47.33 -22.47 -2.08
CA ALA D 470 -46.80 -23.73 -2.60
C ALA D 470 -47.67 -24.26 -3.74
N GLU D 471 -48.99 -24.25 -3.55
CA GLU D 471 -49.88 -24.76 -4.58
C GLU D 471 -49.95 -23.84 -5.80
N LYS D 472 -49.68 -22.54 -5.60
CA LYS D 472 -49.68 -21.61 -6.72
C LYS D 472 -48.42 -21.77 -7.56
N LEU D 473 -47.28 -22.01 -6.91
CA LEU D 473 -46.04 -22.28 -7.63
C LEU D 473 -46.16 -23.57 -8.43
N ALA D 474 -46.74 -24.61 -7.83
CA ALA D 474 -46.92 -25.88 -8.51
C ALA D 474 -48.03 -25.77 -9.56
N PRO E 8 30.21 27.89 40.06
CA PRO E 8 30.31 27.13 38.82
C PRO E 8 29.27 27.54 37.78
N ILE E 9 29.38 26.95 36.59
CA ILE E 9 28.49 27.32 35.48
C ILE E 9 27.10 26.79 35.78
N THR E 10 26.10 27.67 35.69
CA THR E 10 24.72 27.29 35.96
C THR E 10 23.77 28.05 35.03
N GLY E 11 22.57 27.49 34.89
CA GLY E 11 21.56 28.09 34.03
C GLY E 11 20.17 27.90 34.62
N LYS E 12 19.18 28.51 33.96
CA LYS E 12 17.80 28.48 34.42
C LYS E 12 16.94 27.65 33.47
N VAL E 13 16.09 26.79 34.02
CA VAL E 13 15.11 26.10 33.20
C VAL E 13 14.15 27.14 32.62
N THR E 14 13.88 27.03 31.33
CA THR E 14 13.05 28.00 30.62
C THR E 14 11.77 27.40 30.08
N ALA E 15 11.83 26.19 29.52
CA ALA E 15 10.67 25.55 28.94
C ALA E 15 10.70 24.06 29.23
N VAL E 16 9.50 23.47 29.31
CA VAL E 16 9.35 22.03 29.52
C VAL E 16 8.21 21.58 28.62
N ILE E 17 8.52 20.80 27.59
CA ILE E 17 7.54 20.33 26.62
C ILE E 17 7.71 18.81 26.54
N GLY E 18 6.89 18.07 27.27
CA GLY E 18 7.07 16.64 27.33
C GLY E 18 8.44 16.32 27.90
N ALA E 19 9.19 15.48 27.18
CA ALA E 19 10.53 15.13 27.60
C ALA E 19 11.53 16.27 27.37
N ILE E 20 11.26 17.14 26.41
CA ILE E 20 12.22 18.17 26.01
C ILE E 20 12.26 19.28 27.05
N VAL E 21 13.46 19.77 27.36
CA VAL E 21 13.66 20.85 28.32
C VAL E 21 14.63 21.85 27.73
N ASP E 22 14.31 23.13 27.83
CA ASP E 22 15.19 24.20 27.37
C ASP E 22 15.77 24.93 28.57
N VAL E 23 17.03 25.35 28.45
CA VAL E 23 17.76 26.00 29.52
C VAL E 23 18.42 27.27 28.98
N HIS E 24 18.34 28.34 29.77
CA HIS E 24 18.88 29.64 29.41
C HIS E 24 20.11 29.91 30.25
N PHE E 25 21.21 30.30 29.60
CA PHE E 25 22.49 30.55 30.24
C PHE E 25 22.95 31.98 29.97
N GLU E 26 22.09 32.95 30.20
CA GLU E 26 22.38 34.32 29.79
C GLU E 26 23.64 34.87 30.45
N GLN E 27 24.06 34.32 31.58
CA GLN E 27 25.19 34.86 32.33
C GLN E 27 26.52 34.20 31.97
N SER E 28 26.55 33.25 31.04
CA SER E 28 27.79 32.52 30.78
C SER E 28 27.79 31.96 29.37
N GLU E 29 28.98 31.53 28.94
CA GLU E 29 29.10 30.77 27.69
C GLU E 29 28.35 29.45 27.83
N LEU E 30 27.88 28.94 26.70
CA LEU E 30 26.95 27.82 26.73
C LEU E 30 27.68 26.50 26.91
N PRO E 31 27.04 25.51 27.53
CA PRO E 31 27.58 24.16 27.51
C PRO E 31 27.67 23.61 26.09
N ALA E 32 28.74 22.86 25.83
CA ALA E 32 28.92 22.28 24.51
C ALA E 32 27.79 21.28 24.21
N ILE E 33 27.43 21.19 22.94
CA ILE E 33 26.33 20.31 22.56
C ILE E 33 26.66 18.88 22.99
N LEU E 34 25.63 18.14 23.38
CA LEU E 34 25.74 16.78 23.92
C LEU E 34 26.40 16.73 25.29
N ASN E 35 26.68 17.87 25.92
CA ASN E 35 27.14 17.86 27.30
C ASN E 35 26.01 17.44 28.23
N ALA E 36 26.39 16.87 29.37
CA ALA E 36 25.42 16.48 30.38
C ALA E 36 25.15 17.63 31.34
N LEU E 37 23.88 17.88 31.62
CA LEU E 37 23.44 18.92 32.54
C LEU E 37 22.70 18.23 33.68
N GLU E 38 22.81 18.77 34.89
CA GLU E 38 22.26 18.10 36.06
C GLU E 38 21.34 19.03 36.84
N ILE E 39 20.23 18.48 37.30
CA ILE E 39 19.23 19.23 38.08
C ILE E 39 18.88 18.42 39.31
N LYS E 40 18.72 19.11 40.43
CA LYS E 40 18.27 18.46 41.65
C LYS E 40 16.85 17.94 41.48
N THR E 41 16.48 17.01 42.34
CA THR E 41 15.17 16.35 42.31
C THR E 41 14.82 15.99 43.74
N PRO E 42 13.54 15.88 44.08
CA PRO E 42 13.21 15.45 45.46
C PRO E 42 13.86 14.14 45.85
N GLN E 43 14.11 13.25 44.89
CA GLN E 43 14.96 12.08 45.09
C GLN E 43 15.93 11.98 43.93
N GLY E 44 17.21 11.82 44.24
CA GLY E 44 18.21 11.65 43.19
C GLY E 44 18.41 12.91 42.37
N LYS E 45 18.72 12.70 41.09
CA LYS E 45 19.13 13.76 40.19
C LYS E 45 18.55 13.51 38.81
N LEU E 46 18.45 14.57 38.01
CA LEU E 46 17.98 14.48 36.63
C LEU E 46 19.08 14.93 35.68
N VAL E 47 19.30 14.15 34.63
CA VAL E 47 20.32 14.44 33.63
C VAL E 47 19.66 14.85 32.33
N LEU E 48 20.04 16.02 31.82
CA LEU E 48 19.60 16.53 30.53
C LEU E 48 20.78 16.45 29.56
N GLU E 49 20.50 16.14 28.30
CA GLU E 49 21.53 16.09 27.27
C GLU E 49 21.24 17.17 26.22
N VAL E 50 22.22 18.05 25.99
CA VAL E 50 22.02 19.18 25.11
C VAL E 50 21.95 18.69 23.67
N ALA E 51 20.83 18.97 23.01
CA ALA E 51 20.65 18.60 21.61
C ALA E 51 20.94 19.75 20.67
N GLN E 52 20.47 20.95 20.99
CA GLN E 52 20.57 22.07 20.04
C GLN E 52 20.81 23.37 20.78
N HIS E 53 21.29 24.38 20.04
CA HIS E 53 21.32 25.75 20.51
C HIS E 53 20.28 26.55 19.73
N LEU E 54 19.31 27.12 20.45
CA LEU E 54 18.19 27.83 19.83
C LEU E 54 18.46 29.32 19.68
N GLY E 55 19.69 29.77 19.87
CA GLY E 55 20.01 31.18 19.79
C GLY E 55 19.61 31.92 21.05
N GLU E 56 20.06 33.15 21.19
CA GLU E 56 19.83 33.94 22.40
C GLU E 56 20.26 33.15 23.63
N ASN E 57 21.39 32.47 23.50
CA ASN E 57 22.01 31.75 24.62
C ASN E 57 21.05 30.74 25.24
N THR E 58 20.14 30.18 24.44
CA THR E 58 19.19 29.17 24.89
C THR E 58 19.55 27.82 24.27
N VAL E 59 19.56 26.78 25.10
CA VAL E 59 19.91 25.42 24.66
C VAL E 59 18.69 24.53 24.85
N ARG E 60 18.51 23.60 23.92
CA ARG E 60 17.46 22.60 23.98
C ARG E 60 18.06 21.23 24.25
N THR E 61 17.44 20.48 25.16
CA THR E 61 18.00 19.25 25.70
C THR E 61 16.90 18.22 25.85
N ILE E 62 17.31 16.95 25.89
CA ILE E 62 16.41 15.82 26.12
C ILE E 62 16.75 15.18 27.46
N ALA E 63 15.72 14.81 28.22
CA ALA E 63 15.89 14.37 29.60
C ALA E 63 16.08 12.86 29.66
N MET E 64 16.97 12.42 30.54
CA MET E 64 17.24 11.01 30.79
C MET E 64 16.39 10.42 31.91
N ASP E 65 15.43 11.18 32.45
CA ASP E 65 14.59 10.69 33.52
C ASP E 65 13.27 11.44 33.49
N GLY E 66 12.46 11.23 34.53
CA GLY E 66 11.14 11.82 34.58
C GLY E 66 11.14 13.32 34.39
N THR E 67 10.25 13.80 33.52
CA THR E 67 10.11 15.23 33.26
C THR E 67 9.15 15.93 34.22
N GLU E 68 8.19 15.20 34.77
CA GLU E 68 7.17 15.83 35.61
C GLU E 68 7.80 16.46 36.84
N GLY E 69 7.13 17.47 37.38
CA GLY E 69 7.56 18.14 38.57
C GLY E 69 8.58 19.24 38.38
N LEU E 70 9.05 19.47 37.15
CA LEU E 70 9.95 20.58 36.90
C LEU E 70 9.23 21.91 37.10
N VAL E 71 10.01 22.93 37.43
CA VAL E 71 9.50 24.29 37.60
C VAL E 71 10.44 25.25 36.90
N ARG E 72 9.89 26.22 36.18
CA ARG E 72 10.72 27.22 35.52
C ARG E 72 11.53 27.96 36.57
N GLY E 73 12.76 28.33 36.20
CA GLY E 73 13.67 28.96 37.11
C GLY E 73 14.50 28.01 37.95
N GLU E 74 14.29 26.71 37.85
CA GLU E 74 15.17 25.75 38.51
C GLU E 74 16.56 25.82 37.90
N LYS E 75 17.58 25.55 38.71
CA LYS E 75 18.96 25.83 38.36
C LYS E 75 19.67 24.56 37.93
N VAL E 76 20.35 24.64 36.78
CA VAL E 76 20.95 23.50 36.11
C VAL E 76 22.46 23.67 36.13
N LEU E 77 23.17 22.59 36.46
CA LEU E 77 24.62 22.57 36.51
C LEU E 77 25.19 21.88 35.27
N ASP E 78 26.26 22.45 34.73
CA ASP E 78 26.97 21.82 33.63
C ASP E 78 27.90 20.73 34.14
N THR E 79 27.87 19.56 33.48
CA THR E 79 28.77 18.48 33.84
C THR E 79 30.21 18.76 33.41
N GLY E 80 30.41 19.62 32.43
CA GLY E 80 31.72 19.81 31.84
C GLY E 80 32.06 18.85 30.72
N GLY E 81 31.12 18.02 30.32
CA GLY E 81 31.31 17.11 29.21
C GLY E 81 30.08 16.25 29.01
N PRO E 82 30.13 15.34 28.03
CA PRO E 82 29.01 14.41 27.85
C PRO E 82 28.82 13.49 29.05
N ILE E 83 27.81 12.63 28.99
CA ILE E 83 27.50 11.77 30.13
C ILE E 83 28.71 10.91 30.47
N SER E 84 28.98 10.79 31.76
CA SER E 84 30.13 10.06 32.28
C SER E 84 29.69 8.67 32.74
N VAL E 85 30.48 7.66 32.38
CA VAL E 85 30.20 6.30 32.85
C VAL E 85 31.44 5.73 33.53
N PRO E 86 31.29 4.96 34.60
CA PRO E 86 32.45 4.27 35.17
C PRO E 86 32.88 3.11 34.29
N VAL E 87 34.17 2.77 34.38
CA VAL E 87 34.76 1.75 33.53
C VAL E 87 35.70 0.88 34.35
N GLY E 88 36.14 -0.21 33.74
CA GLY E 88 37.10 -1.09 34.36
C GLY E 88 36.47 -2.24 35.13
N ARG E 89 37.35 -2.98 35.81
CA ARG E 89 36.95 -4.22 36.46
C ARG E 89 35.80 -4.01 37.43
N GLU E 90 35.80 -2.88 38.15
CA GLU E 90 34.83 -2.70 39.22
C GLU E 90 33.39 -2.66 38.73
N THR E 91 33.16 -2.44 37.43
CA THR E 91 31.81 -2.49 36.90
C THR E 91 31.30 -3.91 36.74
N LEU E 92 32.20 -4.89 36.71
CA LEU E 92 31.80 -6.27 36.48
C LEU E 92 30.98 -6.79 37.66
N GLY E 93 29.87 -7.46 37.36
CA GLY E 93 28.96 -7.92 38.38
C GLY E 93 28.02 -6.87 38.92
N ARG E 94 28.15 -5.63 38.47
CA ARG E 94 27.23 -4.57 38.84
C ARG E 94 26.18 -4.37 37.76
N ILE E 95 25.06 -3.77 38.15
CA ILE E 95 23.96 -3.47 37.25
C ILE E 95 23.70 -1.98 37.33
N ILE E 96 23.80 -1.30 36.18
CA ILE E 96 23.80 0.16 36.12
C ILE E 96 22.90 0.64 35.00
N ASN E 97 22.52 1.92 35.07
CA ASN E 97 21.58 2.55 34.16
C ASN E 97 22.29 3.63 33.33
N VAL E 98 21.50 4.42 32.60
CA VAL E 98 22.06 5.34 31.62
C VAL E 98 22.88 6.44 32.26
N ILE E 99 22.54 6.87 33.47
CA ILE E 99 23.28 7.93 34.14
C ILE E 99 24.44 7.39 34.96
N GLY E 100 24.82 6.14 34.72
CA GLY E 100 25.95 5.55 35.42
C GLY E 100 25.75 5.35 36.90
N GLU E 101 24.50 5.39 37.37
CA GLU E 101 24.26 5.07 38.77
C GLU E 101 23.90 3.60 38.92
N PRO E 102 24.28 2.96 40.02
CA PRO E 102 23.94 1.56 40.21
C PRO E 102 22.49 1.38 40.62
N ILE E 103 21.87 0.32 40.11
CA ILE E 103 20.51 -0.04 40.46
C ILE E 103 20.41 -1.40 41.14
N ASP E 104 21.54 -2.06 41.40
CA ASP E 104 21.55 -3.25 42.22
C ASP E 104 21.47 -2.94 43.70
N GLU E 105 21.50 -1.66 44.07
CA GLU E 105 21.35 -1.22 45.46
C GLU E 105 22.47 -1.73 46.36
N ARG E 106 23.60 -2.15 45.79
CA ARG E 106 24.74 -2.63 46.56
C ARG E 106 25.82 -1.57 46.73
N GLY E 107 25.50 -0.30 46.54
CA GLY E 107 26.42 0.78 46.82
C GLY E 107 27.03 1.38 45.57
N PRO E 108 27.84 2.43 45.76
CA PRO E 108 28.42 3.12 44.60
C PRO E 108 29.36 2.24 43.81
N ILE E 109 29.46 2.52 42.51
CA ILE E 109 30.30 1.72 41.63
C ILE E 109 31.78 1.97 41.91
N LYS E 110 32.15 3.20 42.26
CA LYS E 110 33.44 3.51 42.89
C LYS E 110 34.63 2.95 42.10
N SER E 111 34.52 2.94 40.78
CA SER E 111 35.69 2.69 39.94
C SER E 111 36.58 3.92 39.92
N LYS E 112 37.90 3.70 39.85
CA LYS E 112 38.84 4.80 39.91
C LYS E 112 38.76 5.72 38.70
N LEU E 113 38.12 5.29 37.62
CA LEU E 113 38.16 6.04 36.36
C LEU E 113 36.77 6.14 35.76
N ARG E 114 36.58 7.19 34.97
CA ARG E 114 35.34 7.42 34.24
C ARG E 114 35.64 7.84 32.82
N LYS E 115 34.69 7.58 31.91
CA LYS E 115 34.88 7.90 30.51
C LYS E 115 33.65 8.60 29.94
N PRO E 116 33.85 9.54 29.01
CA PRO E 116 32.71 10.10 28.28
C PRO E 116 31.99 9.04 27.45
N ILE E 117 30.66 9.13 27.42
CA ILE E 117 29.88 8.20 26.61
C ILE E 117 30.13 8.44 25.12
N HIS E 118 30.17 9.71 24.70
CA HIS E 118 30.36 10.06 23.30
C HIS E 118 31.85 10.20 23.02
N ALA E 119 32.41 9.28 22.24
CA ALA E 119 33.80 9.35 21.81
C ALA E 119 33.89 8.89 20.37
N ASP E 120 34.75 9.55 19.60
CA ASP E 120 34.83 9.26 18.17
C ASP E 120 35.34 7.84 17.94
N PRO E 121 34.90 7.20 16.86
CA PRO E 121 35.45 5.89 16.50
C PRO E 121 36.91 6.01 16.07
N PRO E 122 37.66 4.90 16.08
CA PRO E 122 39.04 4.96 15.58
C PRO E 122 39.08 5.41 14.13
N SER E 123 40.06 6.25 13.82
CA SER E 123 40.23 6.73 12.46
C SER E 123 40.79 5.62 11.57
N PHE E 124 40.67 5.82 10.26
CA PHE E 124 41.15 4.83 9.31
C PHE E 124 42.64 4.57 9.46
N ALA E 125 43.38 5.49 10.07
CA ALA E 125 44.83 5.31 10.21
C ALA E 125 45.19 3.98 10.86
N GLU E 126 44.27 3.38 11.62
CA GLU E 126 44.52 2.07 12.20
C GLU E 126 43.24 1.25 12.20
N GLN E 127 43.35 0.04 11.63
CA GLN E 127 42.40 -1.04 11.85
C GLN E 127 43.20 -2.32 11.87
N SER E 128 42.53 -3.45 11.97
CA SER E 128 43.18 -4.71 11.61
C SER E 128 43.21 -4.81 10.09
N THR E 129 44.35 -5.27 9.57
CA THR E 129 44.48 -5.35 8.12
C THR E 129 43.58 -6.41 7.51
N SER E 130 43.14 -7.40 8.30
CA SER E 130 42.29 -8.47 7.78
C SER E 130 41.51 -9.07 8.94
N ALA E 131 40.51 -9.89 8.59
CA ALA E 131 39.61 -10.46 9.56
C ALA E 131 40.24 -11.66 10.27
N GLU E 132 39.46 -12.25 11.18
CA GLU E 132 39.83 -13.49 11.85
C GLU E 132 38.58 -14.04 12.52
N ILE E 133 38.63 -15.32 12.89
CA ILE E 133 37.50 -15.97 13.53
C ILE E 133 37.62 -15.83 15.05
N LEU E 134 36.52 -15.46 15.68
CA LEU E 134 36.43 -15.49 17.14
C LEU E 134 36.09 -16.90 17.59
N GLU E 135 36.96 -17.51 18.38
CA GLU E 135 36.83 -18.91 18.74
C GLU E 135 35.65 -19.14 19.69
N THR E 136 34.43 -19.13 19.15
CA THR E 136 33.27 -19.34 20.00
C THR E 136 33.30 -20.70 20.68
N GLY E 137 33.87 -21.71 20.03
CA GLY E 137 33.84 -23.05 20.55
C GLY E 137 32.53 -23.78 20.35
N ILE E 138 31.50 -23.12 19.82
CA ILE E 138 30.27 -23.79 19.44
C ILE E 138 30.45 -24.35 18.04
N LYS E 139 30.25 -25.67 17.90
CA LYS E 139 30.62 -26.33 16.65
C LYS E 139 29.86 -25.76 15.46
N VAL E 140 28.54 -25.60 15.59
CA VAL E 140 27.74 -25.16 14.46
C VAL E 140 28.17 -23.77 14.01
N VAL E 141 28.38 -22.87 14.97
CA VAL E 141 28.78 -21.50 14.62
C VAL E 141 30.17 -21.48 14.03
N ASP E 142 31.13 -22.15 14.68
CA ASP E 142 32.49 -22.15 14.19
C ASP E 142 32.61 -22.81 12.82
N LEU E 143 31.70 -23.72 12.47
CA LEU E 143 31.79 -24.40 11.18
C LEU E 143 31.06 -23.63 10.08
N LEU E 144 29.78 -23.33 10.30
CA LEU E 144 28.90 -22.89 9.22
C LEU E 144 28.67 -21.38 9.21
N ALA E 145 28.81 -20.71 10.36
CA ALA E 145 28.58 -19.27 10.44
C ALA E 145 29.59 -18.66 11.40
N PRO E 146 30.88 -18.72 11.09
CA PRO E 146 31.90 -18.26 12.05
C PRO E 146 31.72 -16.78 12.39
N TYR E 147 32.01 -16.44 13.65
CA TYR E 147 31.93 -15.07 14.13
C TYR E 147 33.25 -14.35 13.88
N ALA E 148 33.16 -13.16 13.30
CA ALA E 148 34.34 -12.37 13.03
C ALA E 148 34.83 -11.69 14.30
N ARG E 149 36.16 -11.66 14.47
CA ARG E 149 36.75 -10.85 15.53
C ARG E 149 36.44 -9.38 15.28
N GLY E 150 35.87 -8.73 16.30
CA GLY E 150 35.53 -7.33 16.18
C GLY E 150 34.42 -7.02 15.21
N GLY E 151 33.66 -8.04 14.78
CA GLY E 151 32.54 -7.82 13.88
C GLY E 151 31.23 -7.58 14.62
N LYS E 152 30.21 -7.23 13.85
CA LYS E 152 28.85 -7.09 14.35
C LYS E 152 28.05 -8.26 13.79
N ILE E 153 27.51 -9.08 14.68
CA ILE E 153 26.87 -10.34 14.28
C ILE E 153 25.43 -10.36 14.79
N GLY E 154 24.49 -10.53 13.87
CA GLY E 154 23.08 -10.54 14.24
C GLY E 154 22.61 -11.88 14.76
N LEU E 155 21.54 -11.85 15.53
CA LEU E 155 20.94 -13.04 16.11
C LEU E 155 19.43 -12.98 15.92
N PHE E 156 18.83 -14.14 15.59
CA PHE E 156 17.43 -14.22 15.26
C PHE E 156 16.75 -15.28 16.11
N GLY E 157 15.48 -15.05 16.44
CA GLY E 157 14.68 -16.04 17.15
C GLY E 157 13.58 -15.37 17.96
N GLY E 158 13.25 -16.01 19.08
CA GLY E 158 12.28 -15.48 20.01
C GLY E 158 12.91 -15.26 21.38
N ALA E 159 12.39 -14.26 22.10
CA ALA E 159 12.97 -13.90 23.38
C ALA E 159 12.92 -15.07 24.35
N GLY E 160 14.08 -15.46 24.86
CA GLY E 160 14.16 -16.52 25.85
C GLY E 160 13.89 -17.91 25.32
N VAL E 161 13.65 -18.07 24.04
CA VAL E 161 13.43 -19.40 23.47
C VAL E 161 14.70 -20.23 23.57
N GLY E 162 15.76 -19.78 22.91
CA GLY E 162 17.09 -20.35 23.09
C GLY E 162 18.15 -19.26 23.20
N LYS E 163 17.72 -18.00 23.11
CA LYS E 163 18.67 -16.91 22.96
C LYS E 163 19.43 -16.63 24.25
N THR E 164 18.75 -16.67 25.40
CA THR E 164 19.42 -16.38 26.65
C THR E 164 20.54 -17.39 26.92
N VAL E 165 20.26 -18.67 26.72
CA VAL E 165 21.28 -19.69 26.98
C VAL E 165 22.39 -19.59 25.95
N PHE E 166 22.05 -19.28 24.70
CA PHE E 166 23.06 -19.11 23.67
C PHE E 166 24.01 -17.98 24.04
N ILE E 167 23.46 -16.85 24.50
CA ILE E 167 24.27 -15.71 24.89
C ILE E 167 25.17 -16.08 26.06
N GLN E 168 24.61 -16.75 27.08
CA GLN E 168 25.40 -17.09 28.25
C GLN E 168 26.48 -18.11 27.93
N GLU E 169 26.19 -19.04 27.02
CA GLU E 169 27.20 -19.99 26.57
C GLU E 169 28.34 -19.26 25.87
N LEU E 170 28.00 -18.31 24.99
CA LEU E 170 29.04 -17.50 24.37
C LEU E 170 29.86 -16.76 25.42
N ILE E 171 29.20 -16.23 26.45
CA ILE E 171 29.90 -15.49 27.49
C ILE E 171 30.93 -16.38 28.17
N ASN E 172 30.50 -17.56 28.63
CA ASN E 172 31.41 -18.46 29.32
C ASN E 172 32.51 -18.95 28.40
N ASN E 173 32.16 -19.27 27.16
CA ASN E 173 33.14 -19.76 26.21
C ASN E 173 34.22 -18.73 25.95
N ILE E 174 33.83 -17.47 25.75
CA ILE E 174 34.83 -16.43 25.56
C ILE E 174 35.67 -16.27 26.81
N ALA E 175 35.02 -16.30 27.98
CA ALA E 175 35.77 -16.12 29.22
C ALA E 175 36.87 -17.16 29.36
N LYS E 176 36.56 -18.42 29.02
CA LYS E 176 37.59 -19.47 29.07
C LYS E 176 38.60 -19.36 27.94
N ALA E 177 38.14 -19.13 26.71
CA ALA E 177 39.02 -19.27 25.55
C ALA E 177 39.97 -18.10 25.42
N HIS E 178 39.54 -16.89 25.77
CA HIS E 178 40.38 -15.72 25.55
C HIS E 178 40.44 -14.80 26.77
N GLY E 179 39.91 -15.21 27.92
CA GLY E 179 39.97 -14.38 29.10
C GLY E 179 39.20 -13.08 29.00
N GLY E 180 38.30 -12.96 28.02
CA GLY E 180 37.62 -11.70 27.79
C GLY E 180 36.39 -11.54 28.67
N PHE E 181 36.31 -10.41 29.36
CA PHE E 181 35.09 -10.00 30.04
C PHE E 181 34.02 -9.70 28.99
N SER E 182 32.81 -9.37 29.42
CA SER E 182 31.75 -9.07 28.47
C SER E 182 30.75 -8.13 29.11
N VAL E 183 29.95 -7.48 28.26
CA VAL E 183 28.94 -6.53 28.69
C VAL E 183 27.62 -6.85 28.00
N PHE E 184 26.56 -6.94 28.79
CA PHE E 184 25.20 -7.10 28.28
C PHE E 184 24.47 -5.77 28.43
N THR E 185 23.87 -5.30 27.34
CA THR E 185 23.25 -3.98 27.29
C THR E 185 21.81 -4.14 26.79
N GLY E 186 20.87 -4.18 27.73
CA GLY E 186 19.47 -4.35 27.38
C GLY E 186 18.82 -3.04 26.99
N VAL E 187 18.47 -2.90 25.72
CA VAL E 187 17.81 -1.70 25.21
C VAL E 187 16.32 -2.02 25.11
N GLY E 188 15.55 -1.55 26.08
CA GLY E 188 14.12 -1.75 26.05
C GLY E 188 13.70 -3.20 26.14
N GLU E 189 14.38 -3.98 26.97
CA GLU E 189 13.88 -5.31 27.30
C GLU E 189 12.85 -5.19 28.41
N ARG E 190 11.89 -6.12 28.40
CA ARG E 190 10.90 -6.14 29.47
C ARG E 190 11.62 -6.26 30.81
N THR E 191 11.17 -5.48 31.79
CA THR E 191 11.83 -5.47 33.09
C THR E 191 11.88 -6.86 33.70
N ARG E 192 10.82 -7.65 33.50
CA ARG E 192 10.86 -9.04 33.91
C ARG E 192 12.09 -9.71 33.33
N GLU E 193 12.38 -9.44 32.05
CA GLU E 193 13.45 -10.16 31.38
C GLU E 193 14.81 -9.77 31.93
N GLY E 194 15.00 -8.50 32.28
CA GLY E 194 16.23 -8.12 32.95
C GLY E 194 16.39 -8.81 34.29
N ASN E 195 15.33 -8.83 35.10
CA ASN E 195 15.41 -9.51 36.39
C ASN E 195 15.65 -11.00 36.22
N ASP E 196 15.01 -11.62 35.22
CA ASP E 196 15.16 -13.05 34.99
C ASP E 196 16.56 -13.37 34.50
N LEU E 197 17.11 -12.56 33.61
CA LEU E 197 18.50 -12.73 33.21
C LEU E 197 19.42 -12.63 34.42
N TYR E 198 19.12 -11.70 35.33
CA TYR E 198 19.95 -11.56 36.53
C TYR E 198 19.90 -12.84 37.36
N ARG E 199 18.70 -13.34 37.64
CA ARG E 199 18.57 -14.56 38.43
C ARG E 199 19.26 -15.73 37.74
N GLU E 200 19.06 -15.87 36.43
CA GLU E 200 19.62 -16.99 35.70
C GLU E 200 21.14 -16.95 35.72
N MET E 201 21.72 -15.77 35.49
CA MET E 201 23.17 -15.66 35.54
C MET E 201 23.70 -15.97 36.93
N LYS E 202 23.02 -15.48 37.97
CA LYS E 202 23.48 -15.78 39.32
C LYS E 202 23.44 -17.29 39.59
N GLU E 203 22.36 -17.95 39.17
CA GLU E 203 22.26 -19.39 39.37
C GLU E 203 23.34 -20.13 38.58
N THR E 204 23.61 -19.68 37.35
CA THR E 204 24.60 -20.32 36.51
C THR E 204 26.03 -19.98 36.90
N GLY E 205 26.23 -18.98 37.76
CA GLY E 205 27.55 -18.64 38.25
C GLY E 205 28.36 -17.74 37.35
N VAL E 206 27.75 -17.16 36.31
CA VAL E 206 28.47 -16.16 35.53
C VAL E 206 28.68 -14.90 36.36
N ILE E 207 27.72 -14.55 37.20
CA ILE E 207 27.82 -13.42 38.11
C ILE E 207 27.90 -13.97 39.54
N ASN E 208 28.86 -13.48 40.32
CA ASN E 208 28.97 -13.83 41.72
C ASN E 208 29.19 -12.56 42.53
N LEU E 209 28.37 -12.35 43.55
CA LEU E 209 28.47 -11.13 44.33
C LEU E 209 29.69 -11.14 45.25
N GLU E 210 29.95 -12.26 45.93
CA GLU E 210 31.05 -12.35 46.88
C GLU E 210 32.38 -12.58 46.19
N GLY E 211 32.41 -13.44 45.18
CA GLY E 211 33.61 -13.72 44.42
C GLY E 211 33.76 -12.80 43.24
N GLU E 212 34.64 -13.18 42.32
CA GLU E 212 34.84 -12.40 41.12
C GLU E 212 33.65 -12.54 40.19
N SER E 213 33.56 -11.60 39.25
CA SER E 213 32.52 -11.62 38.22
C SER E 213 33.16 -11.33 36.88
N LYS E 214 32.53 -11.84 35.82
CA LYS E 214 33.08 -11.74 34.48
C LYS E 214 32.09 -11.23 33.45
N VAL E 215 30.99 -10.60 33.86
CA VAL E 215 30.12 -9.89 32.94
C VAL E 215 29.51 -8.69 33.66
N ALA E 216 29.28 -7.62 32.91
CA ALA E 216 28.62 -6.43 33.42
C ALA E 216 27.29 -6.24 32.70
N LEU E 217 26.29 -5.76 33.44
CA LEU E 217 24.93 -5.60 32.92
C LEU E 217 24.55 -4.13 32.96
N VAL E 218 24.13 -3.59 31.81
CA VAL E 218 23.54 -2.26 31.72
C VAL E 218 22.10 -2.44 31.24
N PHE E 219 21.16 -1.90 32.01
CA PHE E 219 19.73 -2.05 31.72
C PHE E 219 19.10 -0.69 31.51
N GLY E 220 18.58 -0.45 30.31
CA GLY E 220 17.46 0.44 30.14
C GLY E 220 16.17 -0.28 30.48
N GLN E 221 15.06 0.43 30.37
CA GLN E 221 13.77 -0.19 30.61
C GLN E 221 12.74 0.40 29.66
N MET E 222 11.70 -0.40 29.37
CA MET E 222 10.61 0.07 28.53
C MET E 222 9.97 1.33 29.10
N ASN E 223 10.05 1.52 30.42
CA ASN E 223 9.45 2.69 31.06
C ASN E 223 10.39 3.88 31.15
N GLU E 224 11.64 3.75 30.71
CA GLU E 224 12.53 4.90 30.69
C GLU E 224 12.14 5.85 29.56
N PRO E 225 12.41 7.14 29.72
CA PRO E 225 12.06 8.11 28.66
C PRO E 225 12.89 7.88 27.41
N PRO E 226 12.45 8.42 26.27
CA PRO E 226 13.11 8.05 25.00
C PRO E 226 14.60 8.31 24.96
N GLY E 227 15.06 9.42 25.54
CA GLY E 227 16.48 9.73 25.49
C GLY E 227 17.33 8.66 26.17
N ALA E 228 16.87 8.18 27.32
CA ALA E 228 17.57 7.08 27.99
C ALA E 228 17.66 5.88 27.06
N ARG E 229 16.51 5.35 26.65
CA ARG E 229 16.50 4.15 25.82
C ARG E 229 17.41 4.32 24.62
N ALA E 230 17.53 5.54 24.11
CA ALA E 230 18.47 5.80 23.02
C ALA E 230 19.91 5.64 23.48
N ARG E 231 20.28 6.29 24.58
CA ARG E 231 21.67 6.33 25.01
C ARG E 231 22.17 5.05 25.68
N VAL E 232 21.27 4.12 26.01
CA VAL E 232 21.68 2.90 26.71
C VAL E 232 22.79 2.18 25.95
N ALA E 233 22.61 2.06 24.63
CA ALA E 233 23.57 1.32 23.83
C ALA E 233 24.97 1.93 23.95
N LEU E 234 25.05 3.26 23.81
CA LEU E 234 26.36 3.91 23.93
C LEU E 234 26.90 3.79 25.35
N THR E 235 26.00 3.80 26.34
CA THR E 235 26.43 3.65 27.72
C THR E 235 27.19 2.34 27.90
N GLY E 236 26.62 1.24 27.42
CA GLY E 236 27.32 -0.02 27.49
C GLY E 236 28.55 -0.08 26.60
N LEU E 237 28.45 0.54 25.42
CA LEU E 237 29.54 0.46 24.45
C LEU E 237 30.81 1.11 25.00
N THR E 238 30.67 2.20 25.74
CA THR E 238 31.86 2.84 26.32
C THR E 238 32.55 1.93 27.33
N ILE E 239 31.79 1.22 28.16
CA ILE E 239 32.39 0.30 29.11
C ILE E 239 33.13 -0.80 28.37
N ALA E 240 32.53 -1.31 27.30
CA ALA E 240 33.24 -2.30 26.48
C ALA E 240 34.52 -1.70 25.90
N GLU E 241 34.45 -0.46 25.44
CA GLU E 241 35.61 0.18 24.84
C GLU E 241 36.75 0.29 25.84
N TYR E 242 36.45 0.61 27.10
CA TYR E 242 37.53 0.74 28.07
C TYR E 242 38.26 -0.59 28.25
N PHE E 243 37.53 -1.69 28.32
CA PHE E 243 38.19 -3.00 28.35
C PHE E 243 39.05 -3.19 27.10
N ARG E 244 38.57 -2.77 25.93
CA ARG E 244 39.37 -2.96 24.73
C ARG E 244 40.68 -2.17 24.81
N ASP E 245 40.57 -0.84 24.91
CA ASP E 245 41.72 0.03 24.63
C ASP E 245 42.66 0.18 25.82
N GLU E 246 42.15 0.12 27.04
CA GLU E 246 42.97 0.33 28.23
C GLU E 246 43.42 -0.95 28.90
N GLU E 247 42.60 -2.00 28.86
CA GLU E 247 42.99 -3.31 29.39
C GLU E 247 43.71 -4.13 28.33
N GLY E 248 43.07 -4.37 27.19
CA GLY E 248 43.66 -5.03 26.05
C GLY E 248 42.94 -6.28 25.61
N GLN E 249 42.13 -6.89 26.46
CA GLN E 249 41.48 -8.15 26.11
C GLN E 249 40.39 -7.94 25.07
N ASP E 250 40.01 -9.02 24.41
CA ASP E 250 38.84 -9.01 23.53
C ASP E 250 37.56 -9.00 24.37
N VAL E 251 36.47 -8.56 23.74
CA VAL E 251 35.21 -8.37 24.43
C VAL E 251 34.05 -8.73 23.51
N LEU E 252 32.98 -9.25 24.12
CA LEU E 252 31.68 -9.38 23.47
C LEU E 252 30.71 -8.38 24.10
N LEU E 253 30.04 -7.60 23.27
CA LEU E 253 29.03 -6.64 23.71
C LEU E 253 27.68 -7.11 23.20
N PHE E 254 26.80 -7.54 24.11
CA PHE E 254 25.49 -8.05 23.74
C PHE E 254 24.46 -6.93 23.82
N ILE E 255 23.77 -6.69 22.71
CA ILE E 255 22.78 -5.62 22.60
C ILE E 255 21.45 -6.25 22.26
N ASP E 256 20.49 -6.14 23.18
CA ASP E 256 19.13 -6.65 23.00
C ASP E 256 18.17 -5.54 23.42
N ASN E 257 17.43 -4.93 22.49
CA ASN E 257 17.38 -5.27 21.06
C ASN E 257 17.58 -4.01 20.22
N ILE E 258 18.35 -4.15 19.13
CA ILE E 258 18.76 -2.99 18.35
C ILE E 258 17.56 -2.28 17.72
N PHE E 259 16.50 -3.03 17.39
CA PHE E 259 15.32 -2.39 16.83
C PHE E 259 14.77 -1.32 17.75
N ARG E 260 14.80 -1.55 19.06
CA ARG E 260 14.28 -0.54 19.96
C ARG E 260 15.27 0.58 20.23
N PHE E 261 16.56 0.38 19.94
CA PHE E 261 17.44 1.53 19.80
C PHE E 261 17.00 2.41 18.63
N THR E 262 16.63 1.79 17.51
CA THR E 262 16.11 2.55 16.39
C THR E 262 14.80 3.25 16.77
N GLN E 263 13.91 2.55 17.47
CA GLN E 263 12.65 3.12 17.89
C GLN E 263 12.87 4.32 18.81
N ALA E 264 13.78 4.19 19.77
CA ALA E 264 14.09 5.30 20.66
C ALA E 264 14.66 6.48 19.88
N GLY E 265 15.55 6.20 18.92
CA GLY E 265 16.06 7.27 18.08
C GLY E 265 14.95 7.98 17.34
N SER E 266 13.98 7.22 16.82
CA SER E 266 12.87 7.82 16.11
C SER E 266 12.03 8.70 17.03
N GLU E 267 11.78 8.22 18.25
CA GLU E 267 11.01 9.02 19.20
C GLU E 267 11.76 10.31 19.55
N VAL E 268 13.07 10.21 19.77
CA VAL E 268 13.84 11.39 20.12
C VAL E 268 13.80 12.40 18.98
N SER E 269 14.06 11.94 17.75
CA SER E 269 14.08 12.86 16.62
C SER E 269 12.70 13.47 16.37
N ALA E 270 11.63 12.69 16.56
CA ALA E 270 10.29 13.25 16.43
C ALA E 270 10.05 14.34 17.48
N LEU E 271 10.45 14.07 18.72
CA LEU E 271 10.24 15.06 19.78
C LEU E 271 11.00 16.34 19.49
N LEU E 272 12.19 16.23 18.90
CA LEU E 272 12.98 17.39 18.55
C LEU E 272 12.39 18.18 17.39
N GLY E 273 11.35 17.66 16.73
CA GLY E 273 10.73 18.34 15.62
C GLY E 273 11.40 18.13 14.30
N ARG E 274 12.31 17.17 14.19
CA ARG E 274 12.87 16.81 12.90
C ARG E 274 11.81 16.05 12.10
N ILE E 275 11.45 16.57 10.94
CA ILE E 275 10.26 16.07 10.26
C ILE E 275 10.47 14.60 9.88
N PRO E 276 9.51 13.72 10.16
CA PRO E 276 9.72 12.30 9.92
C PRO E 276 10.06 11.98 8.47
N SER E 277 10.88 10.95 8.30
CA SER E 277 11.32 10.43 7.01
C SER E 277 10.51 9.18 6.66
N ALA E 278 10.95 8.48 5.63
CA ALA E 278 10.23 7.33 5.08
C ALA E 278 9.64 6.45 6.18
N VAL E 279 8.37 6.12 6.01
CA VAL E 279 7.64 5.17 6.87
C VAL E 279 7.88 5.50 8.34
N GLY E 280 8.05 6.79 8.64
CA GLY E 280 7.98 7.27 9.99
C GLY E 280 9.29 7.32 10.76
N TYR E 281 10.31 6.61 10.30
CA TYR E 281 11.59 6.66 10.99
C TYR E 281 12.25 8.02 10.79
N GLN E 282 13.16 8.35 11.70
CA GLN E 282 13.75 9.68 11.72
C GLN E 282 14.81 9.84 10.63
N PRO E 283 15.05 11.07 10.18
CA PRO E 283 16.10 11.27 9.19
C PRO E 283 17.46 10.74 9.62
N THR E 284 17.82 10.89 10.88
CA THR E 284 19.15 10.55 11.36
C THR E 284 19.35 9.06 11.59
N LEU E 285 18.45 8.22 11.09
CA LEU E 285 18.59 6.77 11.31
C LEU E 285 19.96 6.27 10.87
N ALA E 286 20.38 6.63 9.65
CA ALA E 286 21.63 6.10 9.12
C ALA E 286 22.82 6.50 9.97
N THR E 287 22.96 7.80 10.25
CA THR E 287 24.12 8.25 11.02
C THR E 287 24.01 7.88 12.49
N ASP E 288 22.81 7.74 13.04
CA ASP E 288 22.68 7.22 14.39
C ASP E 288 23.23 5.80 14.48
N MET E 289 22.81 4.93 13.54
CA MET E 289 23.33 3.57 13.53
C MET E 289 24.84 3.58 13.32
N GLY E 290 25.33 4.48 12.47
CA GLY E 290 26.77 4.58 12.28
C GLY E 290 27.50 4.96 13.55
N LEU E 291 27.00 5.98 14.25
CA LEU E 291 27.63 6.42 15.49
C LEU E 291 27.60 5.32 16.53
N LEU E 292 26.59 4.45 16.50
CA LEU E 292 26.53 3.37 17.48
C LEU E 292 27.47 2.23 17.12
N GLN E 293 27.42 1.79 15.87
CA GLN E 293 28.11 0.56 15.47
C GLN E 293 29.51 0.79 14.90
N GLU E 294 29.84 2.00 14.46
CA GLU E 294 31.17 2.23 13.90
C GLU E 294 32.27 2.10 14.94
N ARG E 295 31.93 2.21 16.23
CA ARG E 295 32.95 2.19 17.27
C ARG E 295 33.48 0.79 17.55
N ILE E 296 32.67 -0.24 17.34
CA ILE E 296 33.05 -1.60 17.70
C ILE E 296 33.88 -2.23 16.58
N THR E 297 35.20 -2.06 16.66
CA THR E 297 36.08 -2.59 15.63
C THR E 297 37.44 -2.90 16.24
N THR E 298 38.30 -3.55 15.44
CA THR E 298 39.61 -3.96 15.89
C THR E 298 40.55 -2.76 16.02
N THR E 299 41.45 -2.83 16.99
CA THR E 299 42.48 -1.81 17.17
C THR E 299 43.75 -2.51 17.66
N LYS E 300 44.70 -1.71 18.14
CA LYS E 300 45.98 -2.25 18.61
C LYS E 300 45.77 -3.31 19.69
N LYS E 301 45.06 -2.95 20.76
CA LYS E 301 45.01 -3.81 21.94
C LYS E 301 44.17 -5.05 21.68
N GLY E 302 43.02 -4.88 21.04
CA GLY E 302 42.12 -5.99 20.84
C GLY E 302 40.90 -5.59 20.03
N SER E 303 39.73 -6.12 20.37
CA SER E 303 38.52 -5.81 19.63
C SER E 303 37.31 -5.95 20.53
N VAL E 304 36.25 -5.24 20.16
CA VAL E 304 34.93 -5.43 20.77
C VAL E 304 34.02 -6.03 19.71
N THR E 305 33.69 -7.32 19.88
CA THR E 305 32.70 -7.98 19.04
C THR E 305 31.34 -7.83 19.69
N SER E 306 30.28 -7.87 18.86
CA SER E 306 28.94 -7.57 19.37
C SER E 306 27.91 -8.51 18.74
N VAL E 307 27.27 -9.31 19.59
CA VAL E 307 26.05 -10.02 19.22
C VAL E 307 24.87 -9.07 19.38
N GLN E 308 24.14 -8.85 18.31
CA GLN E 308 23.01 -7.92 18.29
C GLN E 308 21.75 -8.68 17.94
N ALA E 309 20.78 -8.70 18.86
CA ALA E 309 19.49 -9.32 18.57
C ALA E 309 18.67 -8.38 17.70
N VAL E 310 18.11 -8.91 16.62
CA VAL E 310 17.41 -8.11 15.61
C VAL E 310 15.95 -8.52 15.61
N TYR E 311 15.08 -7.63 16.06
CA TYR E 311 13.65 -7.75 15.76
C TYR E 311 13.39 -7.20 14.37
N VAL E 312 12.40 -7.79 13.70
CA VAL E 312 12.06 -7.39 12.33
C VAL E 312 10.60 -6.94 12.29
N PRO E 313 10.31 -5.66 12.05
CA PRO E 313 8.91 -5.24 11.94
C PRO E 313 8.21 -5.93 10.78
N ALA E 314 7.02 -6.47 11.06
CA ALA E 314 6.22 -7.18 10.07
C ALA E 314 7.00 -8.32 9.42
N ASP E 315 8.07 -8.79 10.05
CA ASP E 315 8.87 -9.89 9.54
C ASP E 315 9.38 -9.63 8.13
N ASP E 316 9.54 -8.36 7.77
CA ASP E 316 9.99 -7.97 6.44
C ASP E 316 11.39 -7.36 6.53
N LEU E 317 12.30 -7.88 5.72
CA LEU E 317 13.71 -7.48 5.75
C LEU E 317 13.99 -6.25 4.90
N THR E 318 12.99 -5.65 4.26
CA THR E 318 13.19 -4.43 3.50
C THR E 318 12.85 -3.16 4.28
N ASP E 319 12.20 -3.31 5.43
CA ASP E 319 11.81 -2.14 6.21
C ASP E 319 13.06 -1.37 6.65
N PRO E 320 13.00 -0.04 6.71
CA PRO E 320 14.23 0.72 6.96
C PRO E 320 15.00 0.33 8.21
N ALA E 321 14.33 -0.14 9.27
CA ALA E 321 15.09 -0.48 10.49
C ALA E 321 15.97 -1.70 10.27
N PRO E 322 15.43 -2.88 9.98
CA PRO E 322 16.31 -4.03 9.70
C PRO E 322 17.17 -3.83 8.47
N ALA E 323 16.67 -3.10 7.46
CA ALA E 323 17.48 -2.84 6.28
C ALA E 323 18.72 -2.03 6.63
N THR E 324 18.55 -1.00 7.46
CA THR E 324 19.69 -0.21 7.91
C THR E 324 20.62 -1.05 8.76
N THR E 325 20.07 -1.87 9.65
CA THR E 325 20.91 -2.70 10.51
C THR E 325 21.76 -3.66 9.67
N PHE E 326 21.15 -4.30 8.67
CA PHE E 326 21.86 -5.30 7.89
C PHE E 326 22.99 -4.71 7.06
N ALA E 327 23.02 -3.39 6.88
CA ALA E 327 24.12 -2.77 6.16
C ALA E 327 25.45 -2.95 6.89
N HIS E 328 25.40 -3.26 8.18
CA HIS E 328 26.60 -3.36 9.01
C HIS E 328 26.93 -4.76 9.47
N LEU E 329 25.93 -5.63 9.58
CA LEU E 329 26.15 -6.94 10.18
C LEU E 329 27.19 -7.74 9.40
N ASP E 330 28.06 -8.42 10.14
CA ASP E 330 29.07 -9.29 9.56
C ASP E 330 28.54 -10.70 9.32
N ALA E 331 27.87 -11.28 10.31
CA ALA E 331 27.29 -12.61 10.18
C ALA E 331 25.99 -12.65 10.95
N THR E 332 25.18 -13.67 10.66
CA THR E 332 23.86 -13.80 11.28
C THR E 332 23.65 -15.24 11.73
N THR E 333 23.10 -15.38 12.94
CA THR E 333 22.75 -16.69 13.50
C THR E 333 21.23 -16.76 13.66
N VAL E 334 20.62 -17.84 13.17
CA VAL E 334 19.19 -18.02 13.22
C VAL E 334 18.87 -19.19 14.13
N LEU E 335 18.17 -18.92 15.23
CA LEU E 335 17.59 -19.97 16.05
C LEU E 335 16.15 -20.22 15.62
N SER E 336 15.66 -21.44 15.88
CA SER E 336 14.30 -21.80 15.50
C SER E 336 13.77 -22.82 16.49
N ARG E 337 12.50 -22.67 16.85
CA ARG E 337 11.85 -23.64 17.74
C ARG E 337 11.79 -25.01 17.09
N GLY E 338 11.57 -25.06 15.78
CA GLY E 338 11.49 -26.34 15.10
C GLY E 338 12.77 -27.14 15.22
N ILE E 339 13.92 -26.47 15.12
CA ILE E 339 15.20 -27.17 15.23
C ILE E 339 15.36 -27.75 16.63
N SER E 340 14.98 -26.98 17.65
CA SER E 340 15.03 -27.51 19.02
C SER E 340 14.11 -28.71 19.18
N GLU E 341 12.91 -28.63 18.63
CA GLU E 341 11.96 -29.74 18.77
C GLU E 341 12.50 -31.01 18.14
N LEU E 342 13.30 -30.88 17.08
CA LEU E 342 13.92 -32.05 16.46
C LEU E 342 15.04 -32.63 17.31
N GLY E 343 15.31 -32.06 18.49
CA GLY E 343 16.33 -32.60 19.37
C GLY E 343 17.73 -32.09 19.12
N ILE E 344 17.87 -30.97 18.41
CA ILE E 344 19.18 -30.39 18.10
C ILE E 344 19.40 -29.23 19.06
N TYR E 345 20.47 -29.30 19.85
CA TYR E 345 20.75 -28.31 20.88
C TYR E 345 22.23 -27.97 20.89
N PRO E 346 22.60 -26.67 20.80
CA PRO E 346 21.75 -25.49 20.64
C PRO E 346 21.07 -25.46 19.27
N ALA E 347 19.91 -24.82 19.20
CA ALA E 347 19.02 -24.94 18.04
C ALA E 347 19.34 -23.93 16.96
N VAL E 348 20.57 -23.97 16.44
CA VAL E 348 20.96 -23.12 15.33
C VAL E 348 20.51 -23.76 14.02
N ASP E 349 19.88 -22.97 13.16
CA ASP E 349 19.60 -23.42 11.80
C ASP E 349 20.90 -23.41 11.00
N PRO E 350 21.36 -24.54 10.48
CA PRO E 350 22.66 -24.58 9.81
C PRO E 350 22.69 -23.96 8.42
N LEU E 351 21.55 -23.54 7.87
CA LEU E 351 21.52 -23.07 6.49
C LEU E 351 20.99 -21.65 6.38
N ASP E 352 20.01 -21.29 7.21
CA ASP E 352 19.57 -19.90 7.25
C ASP E 352 20.56 -19.02 7.98
N SER E 353 21.41 -19.59 8.81
CA SER E 353 22.54 -18.85 9.34
C SER E 353 23.54 -18.58 8.23
N LYS E 354 24.09 -17.38 8.21
CA LYS E 354 24.96 -16.95 7.12
C LYS E 354 26.09 -16.11 7.68
N SER E 355 27.27 -16.25 7.09
CA SER E 355 28.48 -15.57 7.57
C SER E 355 29.30 -15.09 6.39
N ARG E 356 29.56 -13.78 6.35
CA ARG E 356 30.42 -13.21 5.32
C ARG E 356 31.87 -13.67 5.45
N LEU E 357 32.25 -14.26 6.58
CA LEU E 357 33.62 -14.75 6.77
C LEU E 357 33.81 -16.19 6.33
N LEU E 358 32.78 -16.84 5.79
CA LEU E 358 32.94 -18.16 5.19
C LEU E 358 33.72 -17.96 3.89
N ASP E 359 35.03 -17.77 4.04
CA ASP E 359 35.87 -17.30 2.95
C ASP E 359 37.21 -18.03 3.01
N ALA E 360 37.63 -18.60 1.88
CA ALA E 360 38.91 -19.29 1.82
C ALA E 360 40.05 -18.39 2.28
N ALA E 361 39.92 -17.08 2.08
CA ALA E 361 40.98 -16.17 2.49
C ALA E 361 41.10 -16.11 4.01
N VAL E 362 40.03 -16.38 4.74
CA VAL E 362 39.99 -16.20 6.18
C VAL E 362 40.23 -17.51 6.92
N VAL E 363 39.73 -18.63 6.38
CA VAL E 363 39.73 -19.90 7.10
C VAL E 363 40.49 -20.99 6.38
N GLY E 364 41.06 -20.72 5.21
CA GLY E 364 41.80 -21.75 4.49
C GLY E 364 40.88 -22.66 3.70
N GLN E 365 41.38 -23.22 2.59
CA GLN E 365 40.51 -23.97 1.69
C GLN E 365 39.97 -25.24 2.32
N GLU E 366 40.69 -25.83 3.28
CA GLU E 366 40.18 -27.05 3.91
C GLU E 366 38.91 -26.75 4.71
N HIS E 367 38.97 -25.75 5.57
CA HIS E 367 37.80 -25.31 6.33
C HIS E 367 36.66 -24.96 5.39
N TYR E 368 36.92 -24.09 4.41
CA TYR E 368 35.88 -23.62 3.50
C TYR E 368 35.23 -24.78 2.77
N ASP E 369 36.03 -25.72 2.27
CA ASP E 369 35.48 -26.80 1.47
C ASP E 369 34.76 -27.84 2.32
N VAL E 370 35.23 -28.11 3.53
CA VAL E 370 34.48 -28.98 4.42
C VAL E 370 33.11 -28.36 4.72
N ALA E 371 33.10 -27.06 5.01
CA ALA E 371 31.83 -26.40 5.28
C ALA E 371 30.92 -26.43 4.04
N SER E 372 31.49 -26.21 2.86
CA SER E 372 30.70 -26.22 1.64
C SER E 372 30.09 -27.60 1.41
N LYS E 373 30.88 -28.66 1.60
CA LYS E 373 30.35 -30.01 1.47
C LYS E 373 29.22 -30.26 2.44
N VAL E 374 29.37 -29.82 3.69
CA VAL E 374 28.31 -30.00 4.67
C VAL E 374 27.05 -29.25 4.24
N GLN E 375 27.22 -28.03 3.74
CA GLN E 375 26.09 -27.24 3.29
C GLN E 375 25.35 -27.91 2.15
N GLU E 376 26.10 -28.42 1.16
CA GLU E 376 25.46 -29.10 0.04
C GLU E 376 24.74 -30.36 0.51
N THR E 377 25.39 -31.12 1.40
CA THR E 377 24.75 -32.32 1.94
C THR E 377 23.42 -32.00 2.58
N LEU E 378 23.41 -30.99 3.46
CA LEU E 378 22.18 -30.66 4.17
C LEU E 378 21.13 -30.09 3.22
N GLN E 379 21.55 -29.29 2.24
CA GLN E 379 20.60 -28.71 1.30
C GLN E 379 19.92 -29.81 0.49
N THR E 380 20.69 -30.80 0.04
CA THR E 380 20.08 -31.93 -0.67
C THR E 380 19.26 -32.80 0.25
N TYR E 381 19.68 -32.95 1.51
CA TYR E 381 18.92 -33.74 2.47
C TYR E 381 17.54 -33.13 2.69
N LYS E 382 17.44 -31.81 2.64
CA LYS E 382 16.13 -31.18 2.75
C LYS E 382 15.21 -31.64 1.63
N SER E 383 15.74 -31.77 0.41
CA SER E 383 14.93 -32.28 -0.69
C SER E 383 14.63 -33.77 -0.51
N LEU E 384 15.59 -34.52 0.01
CA LEU E 384 15.34 -35.94 0.26
C LEU E 384 14.28 -36.15 1.33
N GLN E 385 14.08 -35.19 2.23
CA GLN E 385 12.97 -35.29 3.18
C GLN E 385 11.64 -35.32 2.44
N ASP E 386 11.44 -34.40 1.51
CA ASP E 386 10.23 -34.40 0.70
C ASP E 386 10.15 -35.67 -0.16
N ILE E 387 11.29 -36.12 -0.67
CA ILE E 387 11.30 -37.34 -1.48
C ILE E 387 10.83 -38.54 -0.66
N ILE E 388 11.33 -38.67 0.57
CA ILE E 388 10.93 -39.76 1.44
C ILE E 388 9.45 -39.65 1.79
N ALA E 389 8.96 -38.43 2.01
CA ALA E 389 7.53 -38.25 2.27
C ALA E 389 6.71 -38.68 1.07
N ILE E 390 7.18 -38.37 -0.15
CA ILE E 390 6.41 -38.66 -1.34
C ILE E 390 6.42 -40.15 -1.66
N LEU E 391 7.53 -40.84 -1.42
CA LEU E 391 7.66 -42.22 -1.88
C LEU E 391 8.26 -43.15 -0.82
N GLY E 392 8.39 -42.72 0.42
CA GLY E 392 8.97 -43.56 1.43
C GLY E 392 10.49 -43.50 1.44
N MET E 393 11.10 -43.78 2.60
CA MET E 393 12.55 -43.66 2.71
C MET E 393 13.29 -44.65 1.83
N ASP E 394 12.68 -45.81 1.52
CA ASP E 394 13.36 -46.83 0.74
C ASP E 394 13.43 -46.51 -0.74
N GLU E 395 12.58 -45.59 -1.22
CA GLU E 395 12.54 -45.26 -2.65
C GLU E 395 13.62 -44.25 -3.00
N LEU E 396 14.88 -44.59 -2.75
CA LEU E 396 15.99 -43.69 -3.05
C LEU E 396 17.18 -44.48 -3.55
N SER E 397 18.04 -43.80 -4.30
CA SER E 397 19.26 -44.41 -4.81
C SER E 397 20.26 -44.63 -3.68
N GLU E 398 21.25 -45.49 -3.94
CA GLU E 398 22.23 -45.82 -2.91
C GLU E 398 23.06 -44.60 -2.52
N GLN E 399 23.41 -43.74 -3.49
CA GLN E 399 24.19 -42.56 -3.17
C GLN E 399 23.42 -41.65 -2.23
N ASP E 400 22.15 -41.38 -2.56
CA ASP E 400 21.29 -40.64 -1.65
C ASP E 400 21.12 -41.38 -0.33
N LYS E 401 21.09 -42.72 -0.38
CA LYS E 401 20.98 -43.49 0.85
C LYS E 401 22.19 -43.29 1.76
N LEU E 402 23.36 -43.03 1.19
CA LEU E 402 24.54 -42.69 1.98
C LEU E 402 24.48 -41.25 2.49
N THR E 403 23.96 -40.34 1.66
CA THR E 403 23.76 -38.97 2.14
C THR E 403 22.81 -38.95 3.33
N VAL E 404 21.79 -39.82 3.31
CA VAL E 404 20.87 -39.89 4.45
C VAL E 404 21.61 -40.24 5.73
N GLU E 405 22.46 -41.27 5.67
CA GLU E 405 23.17 -41.70 6.87
C GLU E 405 24.14 -40.63 7.34
N ARG E 406 24.79 -39.94 6.40
CA ARG E 406 25.69 -38.85 6.78
C ARG E 406 24.93 -37.71 7.45
N ALA E 407 23.79 -37.31 6.87
CA ALA E 407 23.02 -36.22 7.43
C ALA E 407 22.49 -36.56 8.82
N ARG E 408 22.02 -37.80 9.01
CA ARG E 408 21.51 -38.17 10.32
C ARG E 408 22.58 -38.00 11.39
N LYS E 409 23.82 -38.37 11.06
CA LYS E 409 24.93 -38.12 11.97
C LYS E 409 25.17 -36.63 12.16
N ILE E 410 25.14 -35.88 11.06
CA ILE E 410 25.58 -34.48 11.09
C ILE E 410 24.65 -33.64 11.97
N GLN E 411 23.34 -33.87 11.88
CA GLN E 411 22.42 -33.06 12.69
C GLN E 411 22.83 -33.09 14.16
N ARG E 412 23.07 -34.28 14.70
CA ARG E 412 23.37 -34.41 16.11
C ARG E 412 24.84 -34.10 16.42
N PHE E 413 25.75 -34.26 15.46
CA PHE E 413 27.12 -33.87 15.74
C PHE E 413 27.28 -32.36 15.78
N LEU E 414 26.44 -31.63 15.04
CA LEU E 414 26.41 -30.18 15.18
C LEU E 414 25.97 -29.80 16.59
N SER E 415 24.92 -30.45 17.09
CA SER E 415 24.49 -30.25 18.46
C SER E 415 25.64 -30.56 19.41
N GLN E 416 25.79 -29.72 20.44
CA GLN E 416 26.91 -29.82 21.35
C GLN E 416 26.41 -29.63 22.78
N PRO E 417 27.13 -30.15 23.76
CA PRO E 417 26.78 -29.89 25.16
C PRO E 417 27.23 -28.50 25.59
N PHE E 418 26.81 -28.14 26.80
CA PHE E 418 27.22 -26.88 27.41
C PHE E 418 27.60 -27.13 28.87
N ALA E 419 28.66 -26.44 29.31
CA ALA E 419 28.91 -26.33 30.75
C ALA E 419 27.75 -25.60 31.43
N VAL E 420 27.26 -24.53 30.80
CA VAL E 420 26.14 -23.77 31.34
C VAL E 420 24.82 -24.52 31.24
N ALA E 421 24.77 -25.65 30.53
CA ALA E 421 23.56 -26.46 30.50
C ALA E 421 23.44 -27.39 31.70
N GLU E 422 24.55 -27.69 32.38
CA GLU E 422 24.50 -28.64 33.48
C GLU E 422 23.54 -28.20 34.56
N VAL E 423 23.36 -26.89 34.75
CA VAL E 423 22.40 -26.39 35.72
C VAL E 423 20.96 -26.51 35.21
N PHE E 424 20.76 -26.55 33.88
CA PHE E 424 19.45 -26.77 33.32
C PHE E 424 19.14 -28.25 33.11
N THR E 425 20.15 -29.04 32.76
CA THR E 425 19.98 -30.48 32.56
C THR E 425 21.35 -31.14 32.73
N GLY E 426 21.42 -32.13 33.61
CA GLY E 426 22.69 -32.75 33.95
C GLY E 426 23.48 -33.21 32.75
N ILE E 427 24.62 -32.57 32.50
CA ILE E 427 25.44 -32.88 31.35
C ILE E 427 26.84 -32.29 31.55
N PRO E 428 27.89 -32.95 31.09
CA PRO E 428 29.21 -32.30 31.05
C PRO E 428 29.30 -31.26 29.95
N GLY E 429 30.33 -30.42 30.04
CA GLY E 429 30.56 -29.38 29.06
C GLY E 429 32.02 -29.13 28.73
N LYS E 430 32.30 -28.74 27.48
CA LYS E 430 33.66 -28.50 27.04
C LYS E 430 33.64 -27.63 25.78
N LEU E 431 34.80 -27.04 25.48
CA LEU E 431 35.00 -26.24 24.29
C LEU E 431 35.88 -26.98 23.30
N VAL E 432 35.41 -27.10 22.06
CA VAL E 432 36.20 -27.72 21.00
C VAL E 432 37.02 -26.64 20.30
N ARG E 433 38.33 -26.86 20.24
CA ARG E 433 39.18 -25.97 19.46
C ARG E 433 38.79 -26.03 17.99
N LEU E 434 38.90 -24.90 17.30
CA LEU E 434 38.39 -24.81 15.92
C LEU E 434 38.99 -25.89 15.04
N LYS E 435 40.32 -26.07 15.11
CA LYS E 435 40.96 -27.07 14.27
C LYS E 435 40.43 -28.46 14.57
N ASP E 436 40.08 -28.72 15.83
CA ASP E 436 39.49 -30.01 16.18
C ASP E 436 38.18 -30.23 15.44
N THR E 437 37.34 -29.20 15.37
CA THR E 437 36.10 -29.31 14.62
C THR E 437 36.36 -29.51 13.13
N VAL E 438 37.33 -28.77 12.59
CA VAL E 438 37.66 -28.90 11.17
C VAL E 438 38.04 -30.35 10.85
N ALA E 439 38.96 -30.91 11.64
CA ALA E 439 39.37 -32.29 11.41
C ALA E 439 38.22 -33.26 11.65
N SER E 440 37.40 -33.00 12.67
CA SER E 440 36.30 -33.90 12.98
C SER E 440 35.33 -34.03 11.82
N PHE E 441 34.88 -32.88 11.29
CA PHE E 441 33.96 -32.95 10.15
C PHE E 441 34.66 -33.41 8.87
N LYS E 442 35.94 -33.07 8.69
CA LYS E 442 36.64 -33.58 7.51
C LYS E 442 36.69 -35.09 7.51
N ALA E 443 36.86 -35.70 8.69
CA ALA E 443 36.83 -37.16 8.78
C ALA E 443 35.42 -37.69 8.63
N VAL E 444 34.45 -37.08 9.33
CA VAL E 444 33.09 -37.61 9.35
C VAL E 444 32.48 -37.61 7.96
N LEU E 445 32.59 -36.47 7.26
CA LEU E 445 31.95 -36.32 5.97
C LEU E 445 32.50 -37.31 4.96
N GLU E 446 33.82 -37.52 4.98
CA GLU E 446 34.42 -38.47 4.05
C GLU E 446 33.83 -39.86 4.20
N GLY E 447 33.31 -40.18 5.38
CA GLY E 447 32.77 -41.49 5.67
C GLY E 447 33.59 -42.33 6.62
N LYS E 448 34.66 -41.78 7.20
CA LYS E 448 35.50 -42.53 8.12
C LYS E 448 34.82 -42.82 9.44
N TYR E 449 33.65 -42.23 9.69
CA TYR E 449 32.81 -42.60 10.82
C TYR E 449 31.36 -42.81 10.38
N ASP E 450 31.14 -43.19 9.12
CA ASP E 450 29.79 -43.49 8.65
C ASP E 450 29.18 -44.66 9.38
N ASN E 451 29.99 -45.51 10.01
CA ASN E 451 29.48 -46.67 10.73
C ASN E 451 28.79 -46.30 12.03
N ILE E 452 29.00 -45.09 12.53
CA ILE E 452 28.60 -44.74 13.89
C ILE E 452 27.07 -44.73 14.00
N PRO E 453 26.51 -45.06 15.16
CA PRO E 453 25.06 -44.96 15.34
C PRO E 453 24.62 -43.56 15.71
N GLU E 454 23.29 -43.36 15.69
CA GLU E 454 22.73 -42.06 16.02
C GLU E 454 23.11 -41.61 17.42
N HIS E 455 23.21 -42.54 18.38
CA HIS E 455 23.41 -42.16 19.78
C HIS E 455 24.83 -41.70 20.05
N ALA E 456 25.82 -42.22 19.33
CA ALA E 456 27.19 -41.77 19.54
C ALA E 456 27.36 -40.31 19.15
N PHE E 457 26.66 -39.88 18.10
CA PHE E 457 26.68 -38.48 17.68
C PHE E 457 25.90 -37.58 18.62
N TYR E 458 25.18 -38.15 19.57
CA TYR E 458 24.12 -37.44 20.31
C TYR E 458 24.73 -36.47 21.31
N MET E 459 25.08 -35.28 20.82
CA MET E 459 25.41 -34.14 21.67
C MET E 459 26.54 -34.47 22.64
N VAL E 460 27.55 -35.20 22.16
CA VAL E 460 28.69 -35.54 23.00
C VAL E 460 29.84 -34.55 22.89
N GLY E 461 29.92 -33.79 21.81
CA GLY E 461 31.02 -32.85 21.64
C GLY E 461 32.01 -33.28 20.58
N GLY E 462 33.30 -33.14 20.88
CA GLY E 462 34.32 -33.46 19.91
C GLY E 462 34.29 -34.91 19.47
N ILE E 463 34.94 -35.16 18.33
CA ILE E 463 34.92 -36.51 17.74
C ILE E 463 35.51 -37.54 18.70
N GLU E 464 36.43 -37.12 19.57
CA GLU E 464 37.00 -38.07 20.53
C GLU E 464 35.90 -38.63 21.43
N ASP E 465 34.98 -37.79 21.89
CA ASP E 465 33.87 -38.28 22.69
C ASP E 465 32.90 -39.10 21.86
N VAL E 466 32.82 -38.85 20.55
CA VAL E 466 32.01 -39.69 19.69
C VAL E 466 32.56 -41.11 19.67
N VAL E 467 33.88 -41.23 19.49
CA VAL E 467 34.50 -42.55 19.52
C VAL E 467 34.30 -43.19 20.89
N ALA E 468 34.49 -42.42 21.95
CA ALA E 468 34.37 -42.96 23.29
C ALA E 468 32.95 -43.48 23.55
N LYS E 469 31.94 -42.73 23.12
CA LYS E 469 30.57 -43.16 23.35
C LYS E 469 30.18 -44.30 22.43
N ALA E 470 30.78 -44.38 21.22
CA ALA E 470 30.58 -45.57 20.41
C ALA E 470 31.10 -46.80 21.14
N GLU E 471 32.28 -46.68 21.74
CA GLU E 471 32.82 -47.78 22.52
C GLU E 471 31.91 -48.12 23.70
N LYS E 472 31.41 -47.10 24.39
CA LYS E 472 30.53 -47.33 25.54
C LYS E 472 29.24 -48.02 25.13
N LEU E 473 28.66 -47.64 23.99
CA LEU E 473 27.45 -48.30 23.50
C LEU E 473 27.74 -49.73 23.08
N ALA E 474 28.91 -49.97 22.50
CA ALA E 474 29.31 -51.33 22.19
C ALA E 474 29.47 -52.16 23.47
N ALA E 475 30.01 -51.54 24.51
CA ALA E 475 30.19 -52.23 25.79
C ALA E 475 30.18 -51.21 26.93
N THR F 7 19.25 55.66 -18.33
CA THR F 7 20.12 54.52 -18.09
C THR F 7 19.30 53.27 -17.82
N PRO F 8 19.90 52.10 -18.02
CA PRO F 8 19.28 50.87 -17.52
C PRO F 8 19.20 50.88 -16.00
N ILE F 9 18.26 50.11 -15.47
CA ILE F 9 17.87 50.20 -14.06
C ILE F 9 18.51 49.04 -13.31
N THR F 10 19.10 49.35 -12.15
CA THR F 10 19.98 48.44 -11.44
C THR F 10 19.44 48.11 -10.05
N GLY F 11 19.69 46.88 -9.61
CA GLY F 11 19.38 46.45 -8.26
C GLY F 11 20.56 45.75 -7.62
N LYS F 12 20.32 45.28 -6.39
CA LYS F 12 21.33 44.54 -5.62
C LYS F 12 20.78 43.20 -5.17
N VAL F 13 21.61 42.17 -5.25
CA VAL F 13 21.22 40.86 -4.73
C VAL F 13 21.16 40.93 -3.20
N THR F 14 20.14 40.29 -2.63
CA THR F 14 19.98 40.23 -1.19
C THR F 14 19.94 38.83 -0.63
N ALA F 15 19.50 37.85 -1.41
CA ALA F 15 19.43 36.46 -0.95
C ALA F 15 19.73 35.53 -2.11
N VAL F 16 20.45 34.44 -1.81
CA VAL F 16 20.77 33.41 -2.80
C VAL F 16 20.49 32.06 -2.17
N ILE F 17 19.62 31.26 -2.80
CA ILE F 17 19.35 29.90 -2.39
C ILE F 17 19.24 29.05 -3.64
N GLY F 18 20.12 28.05 -3.76
CA GLY F 18 20.10 27.18 -4.91
C GLY F 18 19.90 27.93 -6.21
N ALA F 19 18.78 27.66 -6.88
CA ALA F 19 18.48 28.29 -8.16
C ALA F 19 17.71 29.60 -8.01
N ILE F 20 17.48 30.08 -6.80
CA ILE F 20 16.61 31.23 -6.54
C ILE F 20 17.45 32.39 -6.03
N VAL F 21 17.13 33.60 -6.48
CA VAL F 21 17.82 34.82 -6.07
C VAL F 21 16.81 35.92 -5.85
N ASP F 22 16.96 36.67 -4.77
CA ASP F 22 16.11 37.81 -4.46
C ASP F 22 16.87 39.10 -4.72
N VAL F 23 16.24 40.03 -5.43
CA VAL F 23 16.87 41.27 -5.86
C VAL F 23 16.07 42.45 -5.32
N HIS F 24 16.78 43.42 -4.76
CA HIS F 24 16.19 44.63 -4.19
C HIS F 24 16.58 45.84 -5.03
N PHE F 25 15.58 46.64 -5.41
CA PHE F 25 15.81 47.83 -6.20
C PHE F 25 15.66 49.06 -5.31
N GLU F 26 16.71 49.89 -5.27
CA GLU F 26 16.68 51.04 -4.38
C GLU F 26 15.61 52.05 -4.81
N GLN F 27 15.53 52.34 -6.10
CA GLN F 27 14.51 53.24 -6.59
C GLN F 27 13.18 52.49 -6.75
N SER F 28 12.10 53.26 -6.85
CA SER F 28 10.79 52.67 -7.06
C SER F 28 10.62 52.08 -8.45
N GLU F 29 11.55 52.34 -9.36
CA GLU F 29 11.54 51.63 -10.63
C GLU F 29 11.70 50.15 -10.38
N LEU F 30 10.91 49.35 -11.10
CA LEU F 30 10.78 47.94 -10.76
C LEU F 30 10.70 47.10 -12.03
N PRO F 31 11.31 45.91 -12.05
CA PRO F 31 11.22 45.06 -13.24
C PRO F 31 9.92 44.27 -13.25
N ALA F 32 9.29 44.24 -14.44
CA ALA F 32 8.06 43.48 -14.60
C ALA F 32 8.34 41.99 -14.47
N ILE F 33 7.32 41.24 -14.05
CA ILE F 33 7.45 39.80 -13.91
C ILE F 33 7.85 39.19 -15.25
N LEU F 34 8.72 38.19 -15.20
CA LEU F 34 9.25 37.45 -16.35
C LEU F 34 10.29 38.24 -17.14
N ASN F 35 10.63 39.45 -16.73
CA ASN F 35 11.74 40.17 -17.35
C ASN F 35 13.05 39.43 -17.11
N ALA F 36 14.03 39.69 -17.98
CA ALA F 36 15.33 39.07 -17.90
C ALA F 36 16.33 40.02 -17.26
N LEU F 37 17.03 39.53 -16.24
CA LEU F 37 18.04 40.29 -15.51
C LEU F 37 19.41 39.68 -15.76
N GLU F 38 20.41 40.53 -15.93
CA GLU F 38 21.78 40.10 -16.20
C GLU F 38 22.70 40.49 -15.06
N ILE F 39 23.44 39.52 -14.54
CA ILE F 39 24.45 39.73 -13.51
C ILE F 39 25.81 39.46 -14.14
N LYS F 40 26.67 40.46 -14.16
CA LYS F 40 28.00 40.29 -14.73
C LYS F 40 28.88 39.49 -13.78
N THR F 41 29.60 38.52 -14.32
CA THR F 41 30.51 37.68 -13.56
C THR F 41 31.62 37.22 -14.50
N PRO F 42 32.84 37.02 -14.00
CA PRO F 42 33.95 36.68 -14.90
C PRO F 42 33.72 35.37 -15.66
N GLN F 43 32.89 34.47 -15.14
CA GLN F 43 32.56 33.24 -15.86
C GLN F 43 31.54 33.46 -16.97
N GLY F 44 31.20 34.71 -17.28
CA GLY F 44 30.16 34.98 -18.26
C GLY F 44 28.82 35.29 -17.60
N LYS F 45 28.09 36.21 -18.23
CA LYS F 45 26.89 36.78 -17.62
C LYS F 45 25.95 35.67 -17.14
N LEU F 46 25.36 35.89 -15.96
CA LEU F 46 24.28 35.05 -15.47
C LEU F 46 22.95 35.70 -15.79
N VAL F 47 22.01 34.91 -16.29
CA VAL F 47 20.68 35.39 -16.67
C VAL F 47 19.67 34.85 -15.68
N LEU F 48 18.82 35.73 -15.15
CA LEU F 48 17.81 35.38 -14.17
C LEU F 48 16.45 35.87 -14.67
N GLU F 49 15.40 35.16 -14.26
CA GLU F 49 14.03 35.45 -14.69
C GLU F 49 13.20 35.85 -13.49
N VAL F 50 12.47 36.96 -13.61
CA VAL F 50 11.65 37.44 -12.51
C VAL F 50 10.42 36.56 -12.36
N ALA F 51 10.18 36.08 -11.14
CA ALA F 51 9.09 35.15 -10.88
C ALA F 51 8.05 35.67 -9.89
N GLN F 52 8.43 36.52 -8.94
CA GLN F 52 7.46 37.03 -7.98
C GLN F 52 7.87 38.42 -7.52
N HIS F 53 6.88 39.17 -7.02
CA HIS F 53 7.11 40.40 -6.29
C HIS F 53 6.75 40.17 -4.82
N LEU F 54 7.71 40.43 -3.93
CA LEU F 54 7.54 40.16 -2.51
C LEU F 54 7.11 41.39 -1.72
N GLY F 55 7.36 42.58 -2.22
CA GLY F 55 7.12 43.81 -1.50
C GLY F 55 8.39 44.60 -1.29
N GLU F 56 8.19 45.84 -0.83
CA GLU F 56 9.28 46.78 -0.57
C GLU F 56 10.33 46.70 -1.69
N ASN F 57 9.84 46.71 -2.92
CA ASN F 57 10.68 46.75 -4.11
C ASN F 57 11.60 45.54 -4.23
N THR F 58 11.20 44.40 -3.67
CA THR F 58 11.97 43.17 -3.73
C THR F 58 11.31 42.19 -4.68
N VAL F 59 12.10 41.58 -5.56
CA VAL F 59 11.60 40.65 -6.56
C VAL F 59 12.37 39.35 -6.46
N ARG F 60 11.66 38.23 -6.60
CA ARG F 60 12.23 36.90 -6.49
C ARG F 60 12.33 36.28 -7.88
N THR F 61 13.50 35.72 -8.20
CA THR F 61 13.87 35.35 -9.55
C THR F 61 14.53 33.98 -9.56
N ILE F 62 14.48 33.32 -10.71
CA ILE F 62 15.10 32.01 -10.90
C ILE F 62 16.37 32.19 -11.72
N ALA F 63 17.47 31.59 -11.25
CA ALA F 63 18.76 31.68 -11.90
C ALA F 63 18.97 30.44 -12.78
N MET F 64 19.72 30.64 -13.88
CA MET F 64 19.80 29.65 -14.92
C MET F 64 21.19 29.05 -15.13
N ASP F 65 22.21 29.57 -14.46
CA ASP F 65 23.49 28.90 -14.34
C ASP F 65 23.69 28.50 -12.88
N GLY F 66 24.81 27.86 -12.59
CA GLY F 66 25.15 27.59 -11.21
C GLY F 66 25.25 28.89 -10.45
N THR F 67 24.49 29.01 -9.37
CA THR F 67 24.47 30.24 -8.59
C THR F 67 25.69 30.38 -7.68
N GLU F 68 26.63 29.44 -7.75
CA GLU F 68 27.88 29.59 -7.03
C GLU F 68 28.57 30.88 -7.45
N GLY F 69 29.40 31.42 -6.53
CA GLY F 69 30.15 32.61 -6.81
C GLY F 69 29.39 33.91 -6.66
N LEU F 70 28.06 33.86 -6.54
CA LEU F 70 27.30 35.07 -6.28
C LEU F 70 27.58 35.58 -4.87
N VAL F 71 27.52 36.90 -4.72
CA VAL F 71 27.80 37.55 -3.44
C VAL F 71 26.67 38.55 -3.16
N ARG F 72 26.20 38.55 -1.92
CA ARG F 72 25.16 39.50 -1.53
C ARG F 72 25.63 40.92 -1.79
N GLY F 73 24.77 41.71 -2.42
CA GLY F 73 25.11 43.06 -2.82
C GLY F 73 25.58 43.22 -4.25
N GLU F 74 25.67 42.13 -5.02
CA GLU F 74 26.09 42.24 -6.41
C GLU F 74 25.06 43.00 -7.24
N LYS F 75 25.56 43.82 -8.17
CA LYS F 75 24.69 44.62 -9.02
C LYS F 75 24.00 43.75 -10.06
N VAL F 76 22.73 44.07 -10.32
CA VAL F 76 21.88 43.31 -11.24
C VAL F 76 21.26 44.29 -12.23
N LEU F 77 21.28 43.92 -13.51
CA LEU F 77 20.91 44.85 -14.59
C LEU F 77 19.69 44.32 -15.34
N ASP F 78 18.66 45.16 -15.46
CA ASP F 78 17.43 44.80 -16.16
C ASP F 78 17.59 44.98 -17.67
N THR F 79 17.23 43.94 -18.43
CA THR F 79 17.25 44.01 -19.89
C THR F 79 16.10 44.80 -20.47
N GLY F 80 15.03 45.05 -19.71
CA GLY F 80 13.88 45.75 -20.23
C GLY F 80 12.89 44.89 -20.98
N GLY F 81 13.02 43.57 -20.92
CA GLY F 81 12.06 42.67 -21.52
C GLY F 81 12.26 41.24 -21.10
N PRO F 82 11.36 40.35 -21.50
CA PRO F 82 11.49 38.93 -21.13
C PRO F 82 12.66 38.27 -21.84
N ILE F 83 12.96 37.04 -21.39
CA ILE F 83 13.96 36.24 -22.10
C ILE F 83 13.51 36.06 -23.54
N SER F 84 14.47 36.10 -24.45
CA SER F 84 14.16 36.06 -25.88
C SER F 84 15.23 35.24 -26.58
N VAL F 85 14.87 34.73 -27.75
CA VAL F 85 15.82 33.95 -28.55
C VAL F 85 15.68 34.31 -30.01
N PRO F 86 16.76 34.16 -30.79
CA PRO F 86 16.66 34.33 -32.24
C PRO F 86 15.75 33.29 -32.86
N VAL F 87 15.08 33.68 -33.94
CA VAL F 87 14.17 32.81 -34.67
C VAL F 87 14.41 33.01 -36.16
N GLY F 88 13.64 32.28 -36.96
CA GLY F 88 13.75 32.35 -38.39
C GLY F 88 14.60 31.24 -38.98
N ARG F 89 14.68 31.25 -40.31
CA ARG F 89 15.37 30.17 -41.02
C ARG F 89 16.82 30.06 -40.61
N GLU F 90 17.45 31.17 -40.23
CA GLU F 90 18.88 31.15 -39.88
C GLU F 90 19.17 30.27 -38.68
N THR F 91 18.18 29.92 -37.88
CA THR F 91 18.39 29.03 -36.75
C THR F 91 18.60 27.59 -37.18
N LEU F 92 18.28 27.25 -38.42
CA LEU F 92 18.38 25.88 -38.89
C LEU F 92 19.84 25.46 -39.01
N GLY F 93 20.12 24.21 -38.62
CA GLY F 93 21.49 23.72 -38.63
C GLY F 93 22.33 24.17 -37.46
N ARG F 94 21.71 24.72 -36.42
CA ARG F 94 22.43 25.27 -35.29
C ARG F 94 21.95 24.62 -33.99
N ILE F 95 22.83 24.63 -32.98
CA ILE F 95 22.48 24.22 -31.62
C ILE F 95 22.39 25.48 -30.78
N ILE F 96 21.28 25.63 -30.05
CA ILE F 96 20.93 26.88 -29.37
C ILE F 96 20.75 26.62 -27.89
N ASN F 97 21.35 27.46 -27.06
CA ASN F 97 21.16 27.40 -25.63
C ASN F 97 19.81 28.00 -25.24
N VAL F 98 19.39 27.72 -24.00
CA VAL F 98 18.08 28.18 -23.53
C VAL F 98 17.93 29.69 -23.66
N ILE F 99 19.00 30.43 -23.41
CA ILE F 99 18.95 31.88 -23.43
C ILE F 99 19.53 32.45 -24.73
N GLY F 100 19.64 31.61 -25.77
CA GLY F 100 19.83 32.09 -27.12
C GLY F 100 21.23 31.97 -27.68
N GLU F 101 22.26 31.79 -26.86
CA GLU F 101 23.59 31.70 -27.41
C GLU F 101 23.80 30.33 -28.07
N PRO F 102 24.52 30.28 -29.19
CA PRO F 102 24.89 28.99 -29.75
C PRO F 102 25.96 28.31 -28.91
N ILE F 103 25.96 26.98 -28.95
CA ILE F 103 27.01 26.18 -28.35
C ILE F 103 27.71 25.29 -29.36
N ASP F 104 27.33 25.36 -30.63
CA ASP F 104 27.97 24.57 -31.68
C ASP F 104 29.28 25.18 -32.15
N GLU F 105 29.67 26.34 -31.62
CA GLU F 105 30.96 26.94 -31.92
C GLU F 105 31.13 27.20 -33.41
N ARG F 106 30.03 27.57 -34.08
CA ARG F 106 30.07 27.94 -35.49
C ARG F 106 29.70 29.40 -35.71
N GLY F 107 29.97 30.26 -34.74
CA GLY F 107 29.78 31.68 -34.88
C GLY F 107 28.43 32.16 -34.37
N PRO F 108 28.33 33.46 -34.09
CA PRO F 108 27.07 33.99 -33.56
C PRO F 108 25.93 33.84 -34.55
N ILE F 109 24.76 33.48 -34.03
CA ILE F 109 23.55 33.45 -34.87
C ILE F 109 22.97 34.85 -34.95
N LYS F 110 22.67 35.28 -36.17
CA LYS F 110 22.05 36.59 -36.39
C LYS F 110 20.89 36.44 -37.36
N SER F 111 19.78 37.09 -37.03
CA SER F 111 18.59 37.07 -37.86
C SER F 111 17.84 38.37 -37.67
N LYS F 112 16.91 38.64 -38.59
CA LYS F 112 16.17 39.89 -38.52
C LYS F 112 15.42 40.05 -37.21
N LEU F 113 15.00 38.96 -36.58
CA LEU F 113 14.11 39.04 -35.44
C LEU F 113 14.50 38.07 -34.34
N ARG F 114 14.39 38.55 -33.10
CA ARG F 114 14.24 37.72 -31.92
C ARG F 114 12.77 37.63 -31.56
N LYS F 115 12.44 36.69 -30.70
CA LYS F 115 11.13 36.78 -30.07
C LYS F 115 11.19 36.35 -28.61
N PRO F 116 10.29 36.89 -27.78
CA PRO F 116 10.30 36.56 -26.35
C PRO F 116 9.93 35.12 -26.09
N ILE F 117 10.35 34.63 -24.92
CA ILE F 117 10.06 33.26 -24.54
C ILE F 117 8.58 33.05 -24.27
N HIS F 118 7.93 34.01 -23.61
CA HIS F 118 6.57 33.84 -23.13
C HIS F 118 5.59 34.49 -24.10
N ALA F 119 4.56 33.74 -24.49
CA ALA F 119 3.46 34.27 -25.27
C ALA F 119 2.19 33.50 -24.93
N ASP F 120 1.05 34.15 -25.16
CA ASP F 120 -0.23 33.49 -24.95
C ASP F 120 -0.43 32.39 -26.00
N PRO F 121 -1.06 31.28 -25.63
CA PRO F 121 -1.35 30.24 -26.61
C PRO F 121 -2.31 30.73 -27.66
N PRO F 122 -2.47 29.99 -28.76
CA PRO F 122 -3.27 30.48 -29.88
C PRO F 122 -4.74 30.69 -29.50
N SER F 123 -5.34 31.70 -30.13
CA SER F 123 -6.76 31.97 -29.92
C SER F 123 -7.60 30.81 -30.42
N PHE F 124 -8.71 30.55 -29.73
CA PHE F 124 -9.63 29.50 -30.17
C PHE F 124 -10.07 29.69 -31.61
N ALA F 125 -10.32 30.95 -32.01
CA ALA F 125 -10.90 31.20 -33.31
C ALA F 125 -10.02 30.67 -34.44
N GLU F 126 -8.74 30.47 -34.19
CA GLU F 126 -7.80 30.00 -35.20
C GLU F 126 -7.52 28.50 -35.12
N GLN F 127 -8.20 27.78 -34.24
CA GLN F 127 -7.94 26.35 -34.09
C GLN F 127 -8.31 25.60 -35.35
N SER F 128 -7.63 24.47 -35.58
CA SER F 128 -7.80 23.69 -36.80
C SER F 128 -7.83 22.20 -36.47
N THR F 129 -8.60 21.45 -37.25
CA THR F 129 -8.71 20.00 -37.11
C THR F 129 -8.62 19.33 -38.47
N SER F 130 -7.96 18.17 -38.51
CA SER F 130 -7.93 17.31 -39.69
C SER F 130 -7.65 15.89 -39.26
N ALA F 131 -8.13 14.93 -40.06
CA ALA F 131 -8.05 13.51 -39.74
C ALA F 131 -7.08 12.78 -40.68
N GLU F 132 -5.98 13.44 -41.06
CA GLU F 132 -4.98 12.84 -41.94
C GLU F 132 -4.11 11.89 -41.14
N ILE F 133 -4.48 10.60 -41.15
CA ILE F 133 -3.68 9.59 -40.47
C ILE F 133 -2.25 9.65 -40.98
N LEU F 134 -1.30 9.46 -40.07
CA LEU F 134 0.13 9.53 -40.38
C LEU F 134 0.75 8.16 -40.23
N GLU F 135 1.35 7.65 -41.31
CA GLU F 135 1.93 6.32 -41.32
C GLU F 135 3.35 6.36 -40.75
N THR F 136 3.58 5.64 -39.66
CA THR F 136 4.89 5.59 -39.01
C THR F 136 5.78 4.50 -39.55
N GLY F 137 5.21 3.44 -40.12
CA GLY F 137 5.97 2.24 -40.43
C GLY F 137 6.16 1.29 -39.28
N ILE F 138 5.57 1.58 -38.12
CA ILE F 138 5.64 0.72 -36.95
C ILE F 138 4.36 -0.08 -36.88
N LYS F 139 4.48 -1.41 -36.83
CA LYS F 139 3.31 -2.27 -36.95
C LYS F 139 2.29 -1.97 -35.86
N VAL F 140 2.72 -2.02 -34.60
CA VAL F 140 1.77 -1.91 -33.49
C VAL F 140 1.10 -0.54 -33.49
N VAL F 141 1.86 0.51 -33.78
CA VAL F 141 1.31 1.86 -33.75
C VAL F 141 0.29 2.04 -34.87
N ASP F 142 0.71 1.80 -36.10
CA ASP F 142 -0.19 1.98 -37.23
C ASP F 142 -1.42 1.08 -37.11
N LEU F 143 -1.27 -0.07 -36.45
CA LEU F 143 -2.40 -0.99 -36.31
C LEU F 143 -3.39 -0.51 -35.26
N LEU F 144 -2.92 -0.34 -34.02
CA LEU F 144 -3.82 -0.16 -32.88
C LEU F 144 -3.97 1.28 -32.41
N ALA F 145 -3.02 2.16 -32.75
CA ALA F 145 -3.05 3.55 -32.28
C ALA F 145 -2.40 4.45 -33.32
N PRO F 146 -3.12 4.77 -34.39
CA PRO F 146 -2.55 5.61 -35.44
C PRO F 146 -2.30 7.04 -34.96
N TYR F 147 -1.31 7.69 -35.58
CA TYR F 147 -1.00 9.09 -35.33
C TYR F 147 -1.67 9.98 -36.38
N ALA F 148 -1.74 11.27 -36.07
CA ALA F 148 -2.45 12.24 -36.89
C ALA F 148 -1.51 13.38 -37.27
N ARG F 149 -1.58 13.80 -38.53
CA ARG F 149 -0.89 15.02 -38.95
C ARG F 149 -1.34 16.19 -38.09
N GLY F 150 -0.37 17.00 -37.66
CA GLY F 150 -0.66 18.16 -36.86
C GLY F 150 -1.15 17.86 -35.46
N GLY F 151 -1.24 16.59 -35.08
CA GLY F 151 -1.70 16.24 -33.76
C GLY F 151 -0.57 16.19 -32.75
N LYS F 152 -0.95 15.99 -31.49
CA LYS F 152 -0.01 15.84 -30.40
C LYS F 152 -0.02 14.39 -29.95
N ILE F 153 1.13 13.74 -29.99
CA ILE F 153 1.27 12.34 -29.59
C ILE F 153 2.33 12.24 -28.51
N GLY F 154 2.10 11.34 -27.57
CA GLY F 154 3.03 11.17 -26.46
C GLY F 154 3.48 9.74 -26.22
N LEU F 155 4.78 9.55 -26.02
CA LEU F 155 5.36 8.27 -25.65
C LEU F 155 5.54 8.24 -24.14
N PHE F 156 4.85 7.33 -23.47
CA PHE F 156 4.94 7.18 -22.03
C PHE F 156 5.76 5.93 -21.71
N GLY F 157 6.61 6.03 -20.70
CA GLY F 157 7.41 4.88 -20.31
C GLY F 157 8.28 5.10 -19.09
N GLY F 158 8.56 4.02 -18.38
CA GLY F 158 9.49 4.07 -17.27
C GLY F 158 10.91 4.25 -17.75
N ALA F 159 11.84 4.23 -16.80
CA ALA F 159 13.24 4.43 -17.12
C ALA F 159 13.76 3.28 -17.98
N GLY F 160 14.35 3.62 -19.12
CA GLY F 160 15.09 2.64 -19.91
C GLY F 160 14.24 1.67 -20.71
N VAL F 161 13.00 2.03 -21.05
CA VAL F 161 12.14 1.11 -21.80
C VAL F 161 12.20 1.31 -23.32
N GLY F 162 12.74 2.43 -23.80
CA GLY F 162 12.93 2.60 -25.22
C GLY F 162 12.50 3.91 -25.85
N LYS F 163 12.19 4.92 -25.02
CA LYS F 163 11.56 6.12 -25.56
C LYS F 163 12.44 6.81 -26.60
N THR F 164 13.72 7.01 -26.28
CA THR F 164 14.59 7.79 -27.16
C THR F 164 14.89 7.03 -28.45
N VAL F 165 15.16 5.72 -28.34
CA VAL F 165 15.33 4.91 -29.54
C VAL F 165 14.08 4.97 -30.40
N PHE F 166 12.91 4.93 -29.76
CA PHE F 166 11.66 5.01 -30.48
C PHE F 166 11.55 6.32 -31.25
N ILE F 167 11.90 7.43 -30.60
CA ILE F 167 11.80 8.73 -31.27
C ILE F 167 12.80 8.82 -32.42
N GLN F 168 14.00 8.27 -32.24
CA GLN F 168 14.97 8.29 -33.33
C GLN F 168 14.50 7.44 -34.50
N GLU F 169 13.84 6.31 -34.23
CA GLU F 169 13.26 5.53 -35.32
C GLU F 169 12.16 6.32 -36.03
N LEU F 170 11.34 7.04 -35.26
CA LEU F 170 10.34 7.89 -35.85
C LEU F 170 10.98 8.94 -36.76
N ILE F 171 12.08 9.53 -36.29
CA ILE F 171 12.78 10.53 -37.11
C ILE F 171 13.28 9.91 -38.40
N ASN F 172 13.91 8.74 -38.30
CA ASN F 172 14.43 8.07 -39.49
C ASN F 172 13.32 7.75 -40.48
N ASN F 173 12.11 7.48 -39.98
CA ASN F 173 11.01 7.13 -40.88
C ASN F 173 10.29 8.35 -41.45
N ILE F 174 10.22 9.44 -40.70
CA ILE F 174 9.35 10.56 -41.03
C ILE F 174 10.11 11.73 -41.64
N ALA F 175 11.21 12.15 -41.01
CA ALA F 175 11.78 13.46 -41.31
C ALA F 175 12.51 13.50 -42.66
N LYS F 176 12.95 12.34 -43.16
CA LYS F 176 13.92 12.31 -44.26
C LYS F 176 13.67 13.39 -45.31
N ALA F 177 12.45 13.45 -45.82
CA ALA F 177 12.10 14.40 -46.88
C ALA F 177 10.76 15.05 -46.58
N HIS F 178 10.54 15.43 -45.33
CA HIS F 178 9.25 15.98 -44.92
C HIS F 178 8.91 17.26 -45.67
N GLY F 179 9.91 17.96 -46.19
CA GLY F 179 9.68 19.19 -46.92
C GLY F 179 9.52 20.40 -46.02
N GLY F 180 8.97 20.18 -44.83
CA GLY F 180 8.89 21.21 -43.82
C GLY F 180 10.17 21.31 -43.02
N PHE F 181 10.11 22.14 -41.99
CA PHE F 181 11.23 22.36 -41.09
C PHE F 181 10.94 21.70 -39.74
N SER F 182 11.99 21.21 -39.10
CA SER F 182 11.85 20.46 -37.86
C SER F 182 12.60 21.16 -36.73
N VAL F 183 12.13 20.94 -35.51
CA VAL F 183 12.79 21.41 -34.29
C VAL F 183 12.90 20.23 -33.33
N PHE F 184 14.10 20.03 -32.78
CA PHE F 184 14.33 19.02 -31.75
C PHE F 184 14.81 19.69 -30.48
N THR F 185 14.13 19.41 -29.37
CA THR F 185 14.38 20.06 -28.09
C THR F 185 14.74 19.01 -27.04
N GLY F 186 15.97 19.08 -26.55
CA GLY F 186 16.45 18.24 -25.46
C GLY F 186 16.23 18.91 -24.13
N VAL F 187 15.55 18.20 -23.23
CA VAL F 187 15.16 18.72 -21.92
C VAL F 187 15.50 17.65 -20.90
N GLY F 188 16.61 17.81 -20.21
CA GLY F 188 17.03 16.89 -19.16
C GLY F 188 17.41 15.51 -19.67
N GLU F 189 17.51 15.34 -20.99
CA GLU F 189 18.01 14.09 -21.52
C GLU F 189 19.52 14.01 -21.35
N ARG F 190 20.07 12.82 -21.59
CA ARG F 190 21.50 12.64 -21.53
C ARG F 190 22.20 13.57 -22.51
N THR F 191 23.34 14.12 -22.08
CA THR F 191 24.17 14.88 -23.02
C THR F 191 24.67 13.98 -24.13
N ARG F 192 25.00 12.73 -23.79
CA ARG F 192 25.36 11.76 -24.82
C ARG F 192 24.26 11.66 -25.88
N GLU F 193 23.00 11.72 -25.45
CA GLU F 193 21.91 11.64 -26.41
C GLU F 193 21.96 12.77 -27.42
N GLY F 194 22.18 14.00 -26.95
CA GLY F 194 22.27 15.13 -27.87
C GLY F 194 23.46 15.00 -28.80
N ASN F 195 24.62 14.66 -28.26
CA ASN F 195 25.80 14.55 -29.11
C ASN F 195 25.62 13.46 -30.16
N ASP F 196 25.08 12.30 -29.76
CA ASP F 196 24.85 11.23 -30.72
C ASP F 196 23.82 11.63 -31.77
N LEU F 197 22.77 12.36 -31.37
CA LEU F 197 21.79 12.82 -32.34
C LEU F 197 22.44 13.72 -33.38
N TYR F 198 23.24 14.67 -32.91
CA TYR F 198 23.93 15.58 -33.82
C TYR F 198 24.88 14.82 -34.74
N ARG F 199 25.59 13.84 -34.19
CA ARG F 199 26.53 13.04 -34.97
C ARG F 199 25.82 12.28 -36.07
N GLU F 200 24.73 11.58 -35.72
CA GLU F 200 24.00 10.81 -36.72
C GLU F 200 23.38 11.71 -37.76
N MET F 201 22.85 12.86 -37.36
CA MET F 201 22.20 13.74 -38.33
C MET F 201 23.19 14.30 -39.34
N LYS F 202 24.37 14.75 -38.89
CA LYS F 202 25.32 15.25 -39.87
C LYS F 202 25.69 14.17 -40.89
N GLU F 203 25.53 12.90 -40.52
CA GLU F 203 25.87 11.80 -41.41
C GLU F 203 24.70 11.38 -42.32
N THR F 204 23.52 11.99 -42.15
CA THR F 204 22.35 11.59 -42.94
C THR F 204 21.71 12.77 -43.66
N GLY F 205 22.42 13.90 -43.75
CA GLY F 205 21.98 15.01 -44.58
C GLY F 205 20.95 15.93 -43.95
N VAL F 206 20.47 15.63 -42.74
CA VAL F 206 19.52 16.53 -42.10
C VAL F 206 20.18 17.85 -41.73
N ILE F 207 21.49 17.86 -41.51
CA ILE F 207 22.23 19.06 -41.19
C ILE F 207 23.45 19.14 -42.10
N ASN F 208 23.87 20.35 -42.42
CA ASN F 208 25.04 20.54 -43.28
C ASN F 208 25.76 21.81 -42.84
N LEU F 209 26.97 21.66 -42.29
CA LEU F 209 27.77 22.82 -41.95
C LEU F 209 28.06 23.68 -43.17
N GLU F 210 28.22 23.05 -44.33
CA GLU F 210 28.29 23.74 -45.61
C GLU F 210 27.07 23.31 -46.41
N GLY F 211 26.18 24.26 -46.69
CA GLY F 211 24.93 23.96 -47.37
C GLY F 211 23.73 24.48 -46.62
N GLU F 212 22.63 23.72 -46.67
CA GLU F 212 21.39 24.09 -46.02
C GLU F 212 20.93 22.93 -45.16
N SER F 213 20.09 23.24 -44.17
CA SER F 213 19.70 22.25 -43.18
C SER F 213 18.20 22.35 -42.93
N LYS F 214 17.65 21.27 -42.35
CA LYS F 214 16.21 21.14 -42.19
C LYS F 214 15.76 21.09 -40.74
N VAL F 215 16.66 21.07 -39.77
CA VAL F 215 16.29 20.93 -38.37
C VAL F 215 17.03 21.96 -37.53
N ALA F 216 16.34 22.49 -36.52
CA ALA F 216 16.94 23.37 -35.51
C ALA F 216 16.98 22.63 -34.18
N LEU F 217 18.14 22.70 -33.52
CA LEU F 217 18.40 21.97 -32.29
C LEU F 217 18.45 22.95 -31.13
N VAL F 218 17.66 22.67 -30.09
CA VAL F 218 17.68 23.43 -28.84
C VAL F 218 17.91 22.43 -27.72
N PHE F 219 18.84 22.75 -26.81
CA PHE F 219 19.25 21.77 -25.83
C PHE F 219 19.51 22.40 -24.47
N GLY F 220 18.88 21.86 -23.43
CA GLY F 220 19.41 21.96 -22.09
C GLY F 220 19.30 20.60 -21.43
N GLN F 221 20.43 19.98 -21.14
CA GLN F 221 20.42 18.58 -20.73
C GLN F 221 20.41 18.44 -19.22
N MET F 222 20.43 17.19 -18.76
CA MET F 222 20.21 16.89 -17.35
C MET F 222 21.26 17.49 -16.43
N ASN F 223 22.43 17.88 -16.95
CA ASN F 223 23.44 18.47 -16.09
C ASN F 223 23.12 19.90 -15.69
N GLU F 224 22.22 20.57 -16.42
CA GLU F 224 21.96 21.98 -16.19
C GLU F 224 21.04 22.18 -14.99
N PRO F 225 21.13 23.31 -14.30
CA PRO F 225 20.28 23.55 -13.13
C PRO F 225 18.82 23.61 -13.51
N PRO F 226 17.92 23.40 -12.55
CA PRO F 226 16.48 23.32 -12.90
C PRO F 226 15.94 24.56 -13.56
N GLY F 227 16.48 25.74 -13.25
CA GLY F 227 15.96 26.96 -13.83
C GLY F 227 16.00 26.93 -15.34
N ALA F 228 17.10 26.43 -15.91
CA ALA F 228 17.21 26.32 -17.36
C ALA F 228 16.36 25.18 -17.90
N ARG F 229 16.29 24.07 -17.15
CA ARG F 229 15.49 22.94 -17.60
C ARG F 229 14.01 23.30 -17.70
N ALA F 230 13.56 24.29 -16.93
CA ALA F 230 12.17 24.73 -17.04
C ALA F 230 11.93 25.47 -18.35
N ARG F 231 12.74 26.49 -18.63
CA ARG F 231 12.47 27.39 -19.74
C ARG F 231 12.98 26.87 -21.08
N VAL F 232 13.79 25.81 -21.10
CA VAL F 232 14.33 25.33 -22.37
C VAL F 232 13.22 24.81 -23.28
N ALA F 233 12.22 24.16 -22.69
CA ALA F 233 11.09 23.68 -23.48
C ALA F 233 10.36 24.84 -24.14
N LEU F 234 10.10 25.90 -23.37
CA LEU F 234 9.49 27.08 -23.94
C LEU F 234 10.37 27.71 -25.01
N THR F 235 11.68 27.60 -24.89
CA THR F 235 12.57 28.15 -25.91
C THR F 235 12.39 27.40 -27.23
N GLY F 236 12.46 26.07 -27.18
CA GLY F 236 12.22 25.29 -28.38
C GLY F 236 10.84 25.55 -28.96
N LEU F 237 9.84 25.67 -28.08
CA LEU F 237 8.48 25.98 -28.53
C LEU F 237 8.43 27.32 -29.25
N THR F 238 9.14 28.32 -28.73
CA THR F 238 9.19 29.63 -29.37
C THR F 238 9.86 29.55 -30.73
N ILE F 239 10.86 28.67 -30.88
CA ILE F 239 11.43 28.44 -32.20
C ILE F 239 10.38 27.86 -33.14
N ALA F 240 9.63 26.87 -32.65
CA ALA F 240 8.65 26.20 -33.52
C ALA F 240 7.54 27.16 -33.95
N GLU F 241 7.05 27.97 -33.03
CA GLU F 241 5.92 28.83 -33.32
C GLU F 241 6.23 29.82 -34.44
N TYR F 242 7.48 30.28 -34.55
CA TYR F 242 7.79 31.23 -35.61
C TYR F 242 7.67 30.57 -36.98
N PHE F 243 8.14 29.34 -37.11
CA PHE F 243 7.93 28.61 -38.37
C PHE F 243 6.45 28.41 -38.62
N ARG F 244 5.68 28.10 -37.57
CA ARG F 244 4.24 27.89 -37.75
C ARG F 244 3.56 29.13 -38.31
N ASP F 245 3.77 30.27 -37.65
CA ASP F 245 2.96 31.46 -37.90
C ASP F 245 3.56 32.43 -38.90
N GLU F 246 4.88 32.47 -39.05
CA GLU F 246 5.55 33.39 -39.96
C GLU F 246 6.03 32.73 -41.23
N GLU F 247 6.77 31.62 -41.12
CA GLU F 247 7.22 30.91 -42.31
C GLU F 247 6.06 30.19 -43.00
N GLY F 248 5.12 29.66 -42.23
CA GLY F 248 3.97 29.00 -42.82
C GLY F 248 4.24 27.61 -43.34
N GLN F 249 5.17 26.88 -42.74
CA GLN F 249 5.52 25.54 -43.16
C GLN F 249 5.31 24.55 -42.03
N ASP F 250 4.83 23.36 -42.37
CA ASP F 250 4.50 22.34 -41.38
C ASP F 250 5.73 21.94 -40.59
N VAL F 251 5.65 22.00 -39.27
CA VAL F 251 6.78 21.82 -38.39
C VAL F 251 6.72 20.46 -37.72
N LEU F 252 7.80 19.69 -37.85
CA LEU F 252 7.99 18.47 -37.06
C LEU F 252 8.66 18.85 -35.74
N LEU F 253 7.91 18.79 -34.65
CA LEU F 253 8.42 19.17 -33.33
C LEU F 253 8.67 17.92 -32.52
N PHE F 254 9.89 17.76 -32.03
CA PHE F 254 10.26 16.65 -31.15
C PHE F 254 10.74 17.24 -29.84
N ILE F 255 10.14 16.80 -28.74
CA ILE F 255 10.51 17.26 -27.39
C ILE F 255 10.80 16.03 -26.55
N ASP F 256 12.05 15.89 -26.11
CA ASP F 256 12.42 14.85 -25.16
C ASP F 256 13.45 15.44 -24.21
N ASN F 257 13.24 15.35 -22.89
CA ASN F 257 12.18 14.64 -22.19
C ASN F 257 11.28 15.65 -21.47
N ILE F 258 9.98 15.63 -21.77
CA ILE F 258 9.09 16.71 -21.33
C ILE F 258 8.69 16.59 -19.86
N PHE F 259 8.70 15.38 -19.28
CA PHE F 259 8.43 15.28 -17.85
C PHE F 259 9.36 16.16 -17.05
N ARG F 260 10.65 16.18 -17.43
CA ARG F 260 11.64 17.00 -16.75
C ARG F 260 11.18 18.44 -16.62
N PHE F 261 10.24 18.86 -17.46
CA PHE F 261 9.69 20.21 -17.33
C PHE F 261 9.03 20.38 -15.97
N THR F 262 7.95 19.65 -15.72
CA THR F 262 7.27 19.83 -14.44
C THR F 262 8.15 19.39 -13.29
N GLN F 263 8.96 18.35 -13.50
CA GLN F 263 9.95 17.99 -12.50
C GLN F 263 10.82 19.18 -12.16
N ALA F 264 11.32 19.88 -13.17
CA ALA F 264 12.12 21.06 -12.89
C ALA F 264 11.35 22.04 -12.04
N GLY F 265 10.07 22.25 -12.35
CA GLY F 265 9.27 23.15 -11.55
C GLY F 265 9.25 22.74 -10.09
N SER F 266 9.07 21.44 -9.83
CA SER F 266 9.06 20.98 -8.45
C SER F 266 10.35 21.39 -7.75
N GLU F 267 11.48 21.28 -8.46
CA GLU F 267 12.75 21.63 -7.87
C GLU F 267 12.74 23.06 -7.33
N VAL F 268 12.15 23.99 -8.07
CA VAL F 268 12.10 25.37 -7.61
C VAL F 268 10.95 25.61 -6.66
N SER F 269 9.91 24.77 -6.69
CA SER F 269 8.68 25.09 -5.98
C SER F 269 8.95 25.30 -4.49
N ALA F 270 9.78 24.45 -3.90
CA ALA F 270 10.05 24.59 -2.47
C ALA F 270 10.72 25.93 -2.18
N LEU F 271 11.68 26.34 -3.02
CA LEU F 271 12.45 27.54 -2.70
C LEU F 271 11.67 28.81 -2.95
N LEU F 272 10.77 28.82 -3.94
CA LEU F 272 9.86 29.95 -4.09
C LEU F 272 8.93 30.10 -2.90
N GLY F 273 8.76 29.03 -2.13
CA GLY F 273 7.94 29.09 -0.93
C GLY F 273 6.50 28.68 -1.11
N ARG F 274 6.20 27.85 -2.10
CA ARG F 274 4.84 27.32 -2.24
C ARG F 274 4.62 26.19 -1.25
N ILE F 275 3.38 26.09 -0.76
CA ILE F 275 3.06 24.88 0.00
C ILE F 275 3.03 23.69 -0.97
N PRO F 276 3.76 22.61 -0.70
CA PRO F 276 3.85 21.54 -1.69
C PRO F 276 2.52 20.83 -1.86
N SER F 277 2.26 20.40 -3.10
CA SER F 277 1.06 19.65 -3.43
C SER F 277 1.25 18.18 -3.06
N ALA F 278 0.35 17.33 -3.53
CA ALA F 278 0.48 15.90 -3.27
C ALA F 278 1.81 15.40 -3.83
N VAL F 279 2.46 14.52 -3.07
CA VAL F 279 3.72 13.88 -3.45
C VAL F 279 4.69 14.91 -4.01
N GLY F 280 4.65 16.12 -3.47
CA GLY F 280 5.72 17.08 -3.67
C GLY F 280 5.70 17.85 -4.98
N TYR F 281 4.66 17.74 -5.78
CA TYR F 281 4.61 18.51 -7.01
C TYR F 281 4.13 19.94 -6.77
N GLN F 282 4.29 20.75 -7.80
CA GLN F 282 3.91 22.16 -7.72
C GLN F 282 2.41 22.29 -7.47
N PRO F 283 1.99 23.33 -6.75
CA PRO F 283 0.57 23.71 -6.81
C PRO F 283 0.13 24.09 -8.21
N THR F 284 1.02 24.70 -8.99
CA THR F 284 0.73 25.16 -10.34
C THR F 284 0.84 24.07 -11.39
N LEU F 285 0.86 22.80 -10.99
CA LEU F 285 1.12 21.72 -11.94
C LEU F 285 0.23 21.82 -13.17
N ALA F 286 -1.09 21.95 -12.95
CA ALA F 286 -2.02 21.93 -14.07
C ALA F 286 -1.80 23.12 -15.00
N THR F 287 -1.92 24.33 -14.47
CA THR F 287 -1.85 25.52 -15.32
C THR F 287 -0.43 25.80 -15.79
N ASP F 288 0.59 25.40 -15.02
CA ASP F 288 1.96 25.57 -15.46
C ASP F 288 2.28 24.61 -16.60
N MET F 289 1.74 23.40 -16.56
CA MET F 289 1.79 22.53 -17.73
C MET F 289 1.03 23.14 -18.89
N GLY F 290 -0.15 23.69 -18.62
CA GLY F 290 -1.00 24.19 -19.69
C GLY F 290 -0.35 25.30 -20.49
N LEU F 291 0.22 26.29 -19.80
CA LEU F 291 0.79 27.42 -20.52
C LEU F 291 1.88 26.99 -21.49
N LEU F 292 2.49 25.82 -21.27
CA LEU F 292 3.41 25.26 -22.26
C LEU F 292 2.67 24.46 -23.31
N GLN F 293 1.78 23.55 -22.88
CA GLN F 293 1.22 22.55 -23.78
C GLN F 293 0.29 23.18 -24.81
N GLU F 294 -0.54 24.14 -24.39
CA GLU F 294 -1.54 24.70 -25.29
C GLU F 294 -0.91 25.40 -26.49
N ARG F 295 0.34 25.87 -26.33
CA ARG F 295 1.02 26.57 -27.43
C ARG F 295 1.20 25.68 -28.65
N ILE F 296 1.28 24.36 -28.45
CA ILE F 296 1.78 23.46 -29.48
C ILE F 296 0.73 23.07 -30.51
N THR F 297 -0.54 23.37 -30.27
CA THR F 297 -1.61 22.93 -31.15
C THR F 297 -1.52 23.61 -32.52
N THR F 298 -2.05 22.92 -33.54
CA THR F 298 -2.03 23.40 -34.91
C THR F 298 -3.16 24.41 -35.13
N THR F 299 -2.82 25.58 -35.66
CA THR F 299 -3.80 26.59 -36.01
C THR F 299 -4.15 26.51 -37.49
N LYS F 300 -5.12 27.34 -37.88
CA LYS F 300 -5.48 27.46 -39.29
C LYS F 300 -4.31 27.89 -40.16
N LYS F 301 -3.31 28.56 -39.57
CA LYS F 301 -2.20 29.09 -40.36
C LYS F 301 -1.25 27.99 -40.83
N GLY F 302 -1.08 26.93 -40.06
CA GLY F 302 -0.11 25.91 -40.43
C GLY F 302 0.03 24.81 -39.40
N SER F 303 0.51 23.65 -39.84
CA SER F 303 0.54 22.46 -39.01
C SER F 303 1.76 22.42 -38.11
N VAL F 304 1.56 21.90 -36.89
CA VAL F 304 2.64 21.50 -36.01
C VAL F 304 2.40 20.05 -35.65
N THR F 305 3.22 19.15 -36.19
CA THR F 305 3.16 17.73 -35.88
C THR F 305 4.22 17.46 -34.82
N SER F 306 3.78 17.07 -33.62
CA SER F 306 4.64 17.07 -32.45
C SER F 306 4.67 15.69 -31.79
N VAL F 307 5.86 15.28 -31.37
CA VAL F 307 6.07 14.04 -30.63
C VAL F 307 6.70 14.40 -29.29
N GLN F 308 6.07 13.96 -28.20
CA GLN F 308 6.51 14.27 -26.85
C GLN F 308 6.92 13.00 -26.13
N ALA F 309 8.08 13.05 -25.46
CA ALA F 309 8.60 11.93 -24.68
C ALA F 309 8.26 12.15 -23.21
N VAL F 310 7.57 11.19 -22.60
CA VAL F 310 7.05 11.33 -21.24
C VAL F 310 7.66 10.23 -20.38
N TYR F 311 8.66 10.60 -19.58
CA TYR F 311 9.18 9.71 -18.56
C TYR F 311 8.17 9.56 -17.43
N VAL F 312 8.07 8.34 -16.90
CA VAL F 312 7.17 8.02 -15.79
C VAL F 312 8.03 7.64 -14.60
N PRO F 313 8.02 8.42 -13.51
CA PRO F 313 8.80 8.03 -12.33
C PRO F 313 8.19 6.80 -11.66
N ALA F 314 9.07 5.89 -11.24
CA ALA F 314 8.67 4.67 -10.54
C ALA F 314 7.66 3.85 -11.32
N ASP F 315 7.57 4.06 -12.63
CA ASP F 315 6.64 3.30 -13.48
C ASP F 315 5.21 3.43 -12.99
N ASP F 316 4.89 4.52 -12.28
CA ASP F 316 3.62 4.68 -11.59
C ASP F 316 2.77 5.72 -12.33
N LEU F 317 1.93 5.24 -13.26
CA LEU F 317 1.10 6.15 -14.05
C LEU F 317 0.05 6.87 -13.23
N THR F 318 -0.24 6.41 -12.01
CA THR F 318 -1.13 7.17 -11.14
C THR F 318 -0.46 8.42 -10.59
N ASP F 319 0.82 8.61 -10.87
CA ASP F 319 1.53 9.78 -10.41
C ASP F 319 0.93 11.04 -11.05
N PRO F 320 0.85 12.15 -10.32
CA PRO F 320 0.19 13.34 -10.87
C PRO F 320 0.76 13.83 -12.20
N ALA F 321 2.05 13.63 -12.46
CA ALA F 321 2.63 14.22 -13.66
C ALA F 321 2.10 13.57 -14.93
N PRO F 322 2.32 12.28 -15.18
CA PRO F 322 1.73 11.67 -16.38
C PRO F 322 0.20 11.71 -16.37
N ALA F 323 -0.41 11.64 -15.19
CA ALA F 323 -1.87 11.72 -15.13
C ALA F 323 -2.36 13.05 -15.68
N THR F 324 -1.67 14.14 -15.34
CA THR F 324 -2.01 15.44 -15.92
C THR F 324 -1.59 15.52 -17.38
N THR F 325 -0.56 14.78 -17.77
CA THR F 325 -0.06 14.89 -19.13
C THR F 325 -0.99 14.22 -20.15
N PHE F 326 -1.58 13.08 -19.79
CA PHE F 326 -2.41 12.37 -20.77
C PHE F 326 -3.51 13.25 -21.34
N ALA F 327 -4.13 14.10 -20.53
CA ALA F 327 -5.26 14.89 -21.01
C ALA F 327 -4.89 15.76 -22.19
N HIS F 328 -3.65 16.25 -22.23
CA HIS F 328 -3.24 17.26 -23.19
C HIS F 328 -2.83 16.68 -24.54
N LEU F 329 -3.09 15.40 -24.80
CA LEU F 329 -2.62 14.75 -26.01
C LEU F 329 -3.77 14.08 -26.75
N ASP F 330 -3.59 13.90 -28.05
CA ASP F 330 -4.58 13.23 -28.89
C ASP F 330 -4.32 11.74 -29.02
N ALA F 331 -3.06 11.31 -28.92
CA ALA F 331 -2.73 9.89 -28.96
C ALA F 331 -1.55 9.64 -28.04
N THR F 332 -1.53 8.45 -27.45
CA THR F 332 -0.49 8.11 -26.49
C THR F 332 -0.10 6.65 -26.65
N THR F 333 1.19 6.41 -26.83
CA THR F 333 1.74 5.06 -26.85
C THR F 333 2.43 4.80 -25.52
N VAL F 334 2.00 3.75 -24.82
CA VAL F 334 2.47 3.45 -23.48
C VAL F 334 3.48 2.31 -23.58
N LEU F 335 4.70 2.56 -23.09
CA LEU F 335 5.70 1.52 -22.95
C LEU F 335 5.76 1.08 -21.50
N SER F 336 5.86 -0.23 -21.28
CA SER F 336 5.85 -0.80 -19.94
C SER F 336 7.04 -1.75 -19.78
N ARG F 337 7.51 -1.87 -18.54
CA ARG F 337 8.71 -2.67 -18.28
C ARG F 337 8.45 -4.15 -18.47
N GLY F 338 7.25 -4.62 -18.11
CA GLY F 338 6.98 -6.04 -18.20
C GLY F 338 7.21 -6.60 -19.58
N ILE F 339 6.77 -5.88 -20.61
CA ILE F 339 6.99 -6.33 -21.97
C ILE F 339 8.48 -6.41 -22.27
N SER F 340 9.25 -5.42 -21.81
CA SER F 340 10.68 -5.42 -22.06
C SER F 340 11.35 -6.61 -21.39
N GLU F 341 10.91 -6.96 -20.18
CA GLU F 341 11.50 -8.10 -19.49
C GLU F 341 11.26 -9.40 -20.25
N LEU F 342 10.13 -9.51 -20.93
CA LEU F 342 9.82 -10.67 -21.75
C LEU F 342 10.52 -10.62 -23.11
N GLY F 343 11.40 -9.64 -23.33
CA GLY F 343 12.18 -9.57 -24.53
C GLY F 343 11.47 -9.00 -25.74
N ILE F 344 10.19 -8.65 -25.63
CA ILE F 344 9.45 -8.08 -26.73
C ILE F 344 9.80 -6.59 -26.86
N TYR F 345 10.26 -6.19 -28.04
CA TYR F 345 10.48 -4.79 -28.35
C TYR F 345 9.81 -4.48 -29.67
N PRO F 346 9.37 -3.21 -29.89
CA PRO F 346 9.65 -2.00 -29.12
C PRO F 346 8.69 -1.77 -27.93
N ALA F 347 8.22 -2.84 -27.33
CA ALA F 347 7.66 -2.84 -25.97
C ALA F 347 6.36 -2.07 -25.86
N VAL F 348 5.70 -1.76 -26.97
CA VAL F 348 4.43 -1.04 -26.89
C VAL F 348 3.40 -1.89 -26.18
N ASP F 349 2.76 -1.33 -25.17
CA ASP F 349 1.63 -1.99 -24.54
C ASP F 349 0.46 -1.92 -25.51
N PRO F 350 -0.06 -3.04 -26.01
CA PRO F 350 -1.10 -2.97 -27.04
C PRO F 350 -2.49 -2.70 -26.49
N LEU F 351 -2.68 -2.78 -25.17
CA LEU F 351 -3.97 -2.43 -24.59
C LEU F 351 -4.08 -0.93 -24.33
N ASP F 352 -3.15 -0.39 -23.54
CA ASP F 352 -3.28 0.98 -23.06
C ASP F 352 -2.99 2.03 -24.12
N SER F 353 -2.29 1.68 -25.20
CA SER F 353 -2.04 2.63 -26.27
C SER F 353 -3.36 3.00 -26.93
N LYS F 354 -3.64 4.29 -27.06
CA LYS F 354 -4.95 4.76 -27.47
C LYS F 354 -4.77 5.95 -28.41
N SER F 355 -5.79 6.18 -29.25
CA SER F 355 -5.67 7.18 -30.29
C SER F 355 -7.04 7.73 -30.66
N ARG F 356 -7.08 9.06 -30.82
CA ARG F 356 -8.27 9.75 -31.31
C ARG F 356 -8.77 9.17 -32.62
N LEU F 357 -7.88 8.68 -33.47
CA LEU F 357 -8.24 8.34 -34.84
C LEU F 357 -8.82 6.94 -35.00
N LEU F 358 -8.78 6.10 -33.96
CA LEU F 358 -9.28 4.73 -34.09
C LEU F 358 -10.80 4.76 -34.07
N ASP F 359 -11.37 5.17 -35.20
CA ASP F 359 -12.81 5.24 -35.36
C ASP F 359 -13.17 4.85 -36.79
N ALA F 360 -14.31 4.16 -36.94
CA ALA F 360 -14.65 3.57 -38.22
C ALA F 360 -14.62 4.59 -39.35
N ALA F 361 -14.95 5.85 -39.06
CA ALA F 361 -15.13 6.83 -40.11
C ALA F 361 -13.83 7.24 -40.79
N VAL F 362 -12.68 7.08 -40.13
CA VAL F 362 -11.45 7.72 -40.60
C VAL F 362 -10.38 6.72 -40.98
N VAL F 363 -10.37 5.54 -40.35
CA VAL F 363 -9.31 4.56 -40.58
C VAL F 363 -9.72 3.46 -41.55
N GLY F 364 -11.00 3.32 -41.87
CA GLY F 364 -11.47 2.23 -42.68
C GLY F 364 -12.11 1.14 -41.84
N GLN F 365 -13.24 0.60 -42.31
CA GLN F 365 -14.02 -0.33 -41.50
C GLN F 365 -13.24 -1.62 -41.24
N GLU F 366 -12.61 -2.16 -42.28
CA GLU F 366 -11.85 -3.41 -42.12
C GLU F 366 -10.73 -3.25 -41.10
N HIS F 367 -9.96 -2.16 -41.23
CA HIS F 367 -8.87 -1.91 -40.30
C HIS F 367 -9.40 -1.83 -38.87
N TYR F 368 -10.48 -1.08 -38.67
CA TYR F 368 -11.02 -0.89 -37.33
C TYR F 368 -11.49 -2.21 -36.74
N ASP F 369 -12.16 -3.03 -37.55
CA ASP F 369 -12.60 -4.34 -37.06
C ASP F 369 -11.41 -5.21 -36.67
N VAL F 370 -10.37 -5.21 -37.51
CA VAL F 370 -9.20 -6.03 -37.22
C VAL F 370 -8.57 -5.59 -35.90
N ALA F 371 -8.42 -4.28 -35.71
CA ALA F 371 -7.82 -3.78 -34.48
C ALA F 371 -8.66 -4.11 -33.26
N SER F 372 -9.98 -3.99 -33.38
CA SER F 372 -10.85 -4.32 -32.25
C SER F 372 -10.67 -5.78 -31.86
N LYS F 373 -10.68 -6.68 -32.85
CA LYS F 373 -10.55 -8.09 -32.53
C LYS F 373 -9.17 -8.42 -31.97
N VAL F 374 -8.12 -7.75 -32.47
CA VAL F 374 -6.79 -7.97 -31.93
C VAL F 374 -6.75 -7.60 -30.44
N GLN F 375 -7.30 -6.44 -30.11
CA GLN F 375 -7.32 -6.04 -28.70
C GLN F 375 -8.16 -7.00 -27.87
N GLU F 376 -9.28 -7.47 -28.41
CA GLU F 376 -10.09 -8.44 -27.68
C GLU F 376 -9.29 -9.70 -27.36
N THR F 377 -8.54 -10.20 -28.34
CA THR F 377 -7.73 -11.39 -28.12
C THR F 377 -6.67 -11.16 -27.04
N LEU F 378 -5.95 -10.04 -27.14
CA LEU F 378 -4.91 -9.78 -26.15
C LEU F 378 -5.48 -9.63 -24.75
N GLN F 379 -6.62 -8.96 -24.64
CA GLN F 379 -7.27 -8.82 -23.33
C GLN F 379 -7.71 -10.18 -22.79
N THR F 380 -8.19 -11.07 -23.65
CA THR F 380 -8.55 -12.41 -23.20
C THR F 380 -7.33 -13.12 -22.62
N TYR F 381 -6.20 -13.04 -23.32
CA TYR F 381 -5.00 -13.68 -22.80
C TYR F 381 -4.60 -13.09 -21.45
N LYS F 382 -4.63 -11.75 -21.36
CA LYS F 382 -4.26 -11.08 -20.12
C LYS F 382 -5.22 -11.40 -18.99
N SER F 383 -6.46 -11.77 -19.32
CA SER F 383 -7.39 -12.18 -18.28
C SER F 383 -7.11 -13.61 -17.84
N LEU F 384 -6.70 -14.48 -18.76
CA LEU F 384 -6.46 -15.87 -18.41
C LEU F 384 -5.11 -16.11 -17.72
N GLN F 385 -4.16 -15.18 -17.86
CA GLN F 385 -2.80 -15.51 -17.45
C GLN F 385 -2.70 -15.93 -15.98
N ASP F 386 -3.57 -15.41 -15.12
CA ASP F 386 -3.51 -15.80 -13.71
C ASP F 386 -3.88 -17.27 -13.52
N ILE F 387 -4.98 -17.70 -14.14
CA ILE F 387 -5.37 -19.11 -14.06
C ILE F 387 -4.29 -19.98 -14.70
N ILE F 388 -3.79 -19.54 -15.86
CA ILE F 388 -2.74 -20.30 -16.54
C ILE F 388 -1.53 -20.48 -15.63
N ALA F 389 -1.14 -19.40 -14.95
CA ALA F 389 0.04 -19.46 -14.10
C ALA F 389 -0.17 -20.41 -12.92
N ILE F 390 -1.28 -20.27 -12.20
CA ILE F 390 -1.47 -21.11 -11.03
C ILE F 390 -1.83 -22.53 -11.43
N LEU F 391 -3.02 -22.74 -11.98
CA LEU F 391 -3.52 -24.10 -12.18
C LEU F 391 -2.91 -24.77 -13.40
N GLY F 392 -2.45 -24.00 -14.38
CA GLY F 392 -1.72 -24.57 -15.49
C GLY F 392 -2.53 -24.54 -16.78
N MET F 393 -1.80 -24.52 -17.90
CA MET F 393 -2.41 -24.37 -19.22
C MET F 393 -3.26 -25.57 -19.60
N ASP F 394 -3.05 -26.72 -18.96
CA ASP F 394 -3.76 -27.93 -19.38
C ASP F 394 -5.27 -27.80 -19.20
N GLU F 395 -5.72 -27.07 -18.18
CA GLU F 395 -7.13 -27.03 -17.83
C GLU F 395 -7.96 -26.11 -18.72
N LEU F 396 -7.34 -25.39 -19.65
CA LEU F 396 -8.06 -24.38 -20.41
C LEU F 396 -9.11 -25.03 -21.31
N SER F 397 -10.23 -24.33 -21.48
CA SER F 397 -11.26 -24.77 -22.40
C SER F 397 -10.74 -24.71 -23.83
N GLU F 398 -11.24 -25.61 -24.68
CA GLU F 398 -10.65 -25.82 -25.99
C GLU F 398 -10.54 -24.51 -26.77
N GLN F 399 -11.66 -23.78 -26.89
CA GLN F 399 -11.60 -22.53 -27.65
C GLN F 399 -10.79 -21.48 -26.91
N ASP F 400 -10.83 -21.50 -25.58
CA ASP F 400 -9.98 -20.59 -24.81
C ASP F 400 -8.51 -20.92 -25.02
N LYS F 401 -8.16 -22.20 -25.07
CA LYS F 401 -6.79 -22.60 -25.33
C LYS F 401 -6.35 -22.15 -26.72
N LEU F 402 -7.23 -22.30 -27.71
CA LEU F 402 -6.90 -21.82 -29.05
C LEU F 402 -6.70 -20.31 -29.05
N THR F 403 -7.56 -19.59 -28.33
CA THR F 403 -7.43 -18.15 -28.24
C THR F 403 -6.10 -17.76 -27.61
N VAL F 404 -5.69 -18.48 -26.58
CA VAL F 404 -4.40 -18.19 -25.94
C VAL F 404 -3.25 -18.44 -26.92
N GLU F 405 -3.29 -19.59 -27.60
CA GLU F 405 -2.23 -19.90 -28.55
C GLU F 405 -2.19 -18.92 -29.72
N ARG F 406 -3.32 -18.28 -30.02
CA ARG F 406 -3.38 -17.27 -31.07
C ARG F 406 -2.88 -15.93 -30.55
N ALA F 407 -3.26 -15.58 -29.32
CA ALA F 407 -2.84 -14.33 -28.72
C ALA F 407 -1.33 -14.29 -28.55
N ARG F 408 -0.73 -15.41 -28.14
CA ARG F 408 0.71 -15.42 -27.98
C ARG F 408 1.41 -15.14 -29.30
N LYS F 409 0.91 -15.73 -30.39
CA LYS F 409 1.47 -15.44 -31.70
C LYS F 409 1.32 -13.97 -32.05
N ILE F 410 0.13 -13.41 -31.84
CA ILE F 410 -0.08 -12.00 -32.19
C ILE F 410 0.83 -11.09 -31.38
N GLN F 411 0.92 -11.36 -30.08
CA GLN F 411 1.77 -10.55 -29.21
C GLN F 411 3.20 -10.55 -29.71
N ARG F 412 3.78 -11.73 -29.93
CA ARG F 412 5.15 -11.75 -30.42
C ARG F 412 5.26 -11.25 -31.85
N PHE F 413 4.15 -11.21 -32.59
CA PHE F 413 4.14 -10.65 -33.93
C PHE F 413 4.19 -9.12 -33.91
N LEU F 414 3.72 -8.49 -32.84
CA LEU F 414 3.77 -7.04 -32.77
C LEU F 414 5.18 -6.50 -32.56
N SER F 415 6.15 -7.36 -32.28
CA SER F 415 7.54 -6.91 -32.19
C SER F 415 8.03 -6.45 -33.56
N GLN F 416 9.08 -5.63 -33.54
CA GLN F 416 9.67 -5.13 -34.78
C GLN F 416 11.09 -4.63 -34.54
N PRO F 417 12.05 -4.96 -35.40
CA PRO F 417 13.40 -4.42 -35.27
C PRO F 417 13.54 -3.10 -36.01
N PHE F 418 13.86 -2.03 -35.27
CA PHE F 418 14.17 -0.75 -35.89
C PHE F 418 15.61 -0.72 -36.39
N ALA F 419 15.86 0.14 -37.38
CA ALA F 419 17.22 0.37 -37.84
C ALA F 419 18.09 0.93 -36.73
N VAL F 420 17.52 1.80 -35.88
CA VAL F 420 18.30 2.40 -34.80
C VAL F 420 18.75 1.35 -33.80
N ALA F 421 18.09 0.21 -33.74
CA ALA F 421 18.46 -0.89 -32.86
C ALA F 421 19.29 -1.95 -33.59
N GLU F 422 19.82 -1.62 -34.76
CA GLU F 422 20.51 -2.63 -35.56
C GLU F 422 21.64 -3.28 -34.79
N VAL F 423 22.38 -2.49 -34.00
CA VAL F 423 23.46 -3.07 -33.20
C VAL F 423 22.89 -3.90 -32.06
N PHE F 424 21.81 -3.43 -31.42
CA PHE F 424 21.25 -4.17 -30.30
C PHE F 424 20.77 -5.56 -30.73
N THR F 425 20.00 -5.62 -31.80
CA THR F 425 19.38 -6.88 -32.22
C THR F 425 20.25 -7.70 -33.15
N GLY F 426 21.19 -7.05 -33.86
CA GLY F 426 21.90 -7.73 -34.90
C GLY F 426 21.07 -8.07 -36.12
N ILE F 427 19.86 -7.56 -36.20
CA ILE F 427 18.93 -7.82 -37.30
C ILE F 427 18.74 -6.52 -38.07
N PRO F 428 18.81 -6.54 -39.40
CA PRO F 428 18.58 -5.29 -40.16
C PRO F 428 17.22 -4.69 -39.87
N GLY F 429 17.17 -3.37 -39.80
CA GLY F 429 15.91 -2.67 -39.53
C GLY F 429 15.00 -2.70 -40.75
N LYS F 430 13.70 -2.77 -40.49
CA LYS F 430 12.72 -2.98 -41.55
C LYS F 430 11.47 -2.15 -41.29
N LEU F 431 10.95 -1.53 -42.35
CA LEU F 431 9.72 -0.75 -42.31
C LEU F 431 8.59 -1.51 -42.98
N VAL F 432 7.37 -1.25 -42.54
CA VAL F 432 6.19 -2.00 -42.96
C VAL F 432 5.13 -1.05 -43.49
N ARG F 433 4.54 -1.39 -44.64
CA ARG F 433 3.40 -0.66 -45.16
C ARG F 433 2.17 -0.93 -44.30
N LEU F 434 1.31 0.09 -44.14
CA LEU F 434 0.17 -0.04 -43.22
C LEU F 434 -0.82 -1.10 -43.70
N LYS F 435 -1.19 -1.04 -44.98
CA LYS F 435 -2.12 -2.03 -45.52
C LYS F 435 -1.57 -3.44 -45.31
N ASP F 436 -0.26 -3.60 -45.42
CA ASP F 436 0.36 -4.88 -45.11
C ASP F 436 0.09 -5.28 -43.66
N THR F 437 0.17 -4.33 -42.72
CA THR F 437 -0.08 -4.67 -41.33
C THR F 437 -1.51 -5.13 -41.12
N VAL F 438 -2.46 -4.43 -41.74
CA VAL F 438 -3.86 -4.81 -41.62
C VAL F 438 -4.07 -6.20 -42.20
N ALA F 439 -3.52 -6.45 -43.39
CA ALA F 439 -3.64 -7.77 -44.00
C ALA F 439 -3.05 -8.84 -43.10
N SER F 440 -1.89 -8.57 -42.52
CA SER F 440 -1.20 -9.57 -41.71
C SER F 440 -2.04 -9.95 -40.50
N PHE F 441 -2.47 -8.96 -39.72
CA PHE F 441 -3.20 -9.30 -38.50
C PHE F 441 -4.59 -9.84 -38.81
N LYS F 442 -5.23 -9.38 -39.88
CA LYS F 442 -6.45 -10.01 -40.33
C LYS F 442 -6.22 -11.48 -40.62
N ALA F 443 -5.20 -11.80 -41.42
CA ALA F 443 -4.93 -13.18 -41.78
C ALA F 443 -4.67 -14.02 -40.54
N VAL F 444 -3.92 -13.49 -39.58
CA VAL F 444 -3.65 -14.28 -38.38
C VAL F 444 -4.93 -14.50 -37.58
N LEU F 445 -5.85 -13.52 -37.55
CA LEU F 445 -7.09 -13.72 -36.82
C LEU F 445 -8.12 -14.53 -37.61
N GLU F 446 -7.95 -14.69 -38.92
CA GLU F 446 -8.73 -15.68 -39.65
C GLU F 446 -8.35 -17.10 -39.28
N GLY F 447 -7.27 -17.30 -38.53
CA GLY F 447 -6.84 -18.62 -38.14
C GLY F 447 -6.05 -19.37 -39.19
N LYS F 448 -5.50 -18.66 -40.18
CA LYS F 448 -4.70 -19.34 -41.20
C LYS F 448 -3.47 -20.01 -40.61
N TYR F 449 -2.82 -19.36 -39.64
CA TYR F 449 -1.42 -19.62 -39.35
C TYR F 449 -1.19 -20.24 -37.98
N ASP F 450 -2.20 -20.90 -37.41
CA ASP F 450 -1.97 -21.64 -36.16
C ASP F 450 -1.09 -22.86 -36.35
N ASN F 451 -0.85 -23.29 -37.59
CA ASN F 451 0.09 -24.37 -37.85
C ASN F 451 1.54 -23.90 -37.79
N ILE F 452 1.79 -22.61 -37.93
CA ILE F 452 3.16 -22.09 -37.83
C ILE F 452 3.62 -22.21 -36.39
N PRO F 453 4.87 -22.61 -36.14
CA PRO F 453 5.42 -22.49 -34.78
C PRO F 453 5.44 -21.02 -34.35
N GLU F 454 5.11 -20.78 -33.08
CA GLU F 454 5.12 -19.42 -32.56
C GLU F 454 6.46 -18.73 -32.83
N HIS F 455 7.56 -19.49 -32.70
CA HIS F 455 8.88 -18.91 -32.87
C HIS F 455 8.96 -18.02 -34.10
N ALA F 456 8.28 -18.40 -35.19
CA ALA F 456 8.47 -17.71 -36.45
C ALA F 456 8.05 -16.25 -36.40
N PHE F 457 7.12 -15.88 -35.53
CA PHE F 457 6.57 -14.53 -35.59
C PHE F 457 7.50 -13.48 -35.00
N TYR F 458 8.56 -13.89 -34.30
CA TYR F 458 9.35 -12.96 -33.52
C TYR F 458 10.21 -12.07 -34.41
N MET F 459 9.92 -10.77 -34.42
CA MET F 459 10.77 -9.75 -35.06
C MET F 459 10.96 -10.02 -36.55
N VAL F 460 9.87 -9.89 -37.30
CA VAL F 460 9.95 -9.75 -38.76
C VAL F 460 8.87 -8.79 -39.22
N GLY F 461 9.19 -8.04 -40.26
CA GLY F 461 8.28 -7.03 -40.80
C GLY F 461 7.25 -7.56 -41.77
N GLY F 462 6.21 -8.22 -41.28
CA GLY F 462 5.08 -8.61 -42.10
C GLY F 462 4.92 -10.12 -42.22
N ILE F 463 3.69 -10.53 -42.56
CA ILE F 463 3.33 -11.94 -42.53
C ILE F 463 4.18 -12.75 -43.49
N GLU F 464 4.44 -12.21 -44.68
CA GLU F 464 5.27 -12.94 -45.64
C GLU F 464 6.64 -13.23 -45.07
N ASP F 465 7.22 -12.25 -44.36
CA ASP F 465 8.46 -12.50 -43.65
C ASP F 465 8.29 -13.57 -42.58
N VAL F 466 7.12 -13.65 -41.95
CA VAL F 466 6.87 -14.69 -40.96
C VAL F 466 6.96 -16.06 -41.61
N VAL F 467 6.31 -16.23 -42.76
CA VAL F 467 6.32 -17.53 -43.42
C VAL F 467 7.72 -17.85 -43.94
N ALA F 468 8.43 -16.84 -44.44
CA ALA F 468 9.80 -17.06 -44.90
C ALA F 468 10.69 -17.50 -43.75
N LYS F 469 10.56 -16.86 -42.60
CA LYS F 469 11.34 -17.26 -41.43
C LYS F 469 10.93 -18.65 -40.96
N ALA F 470 9.65 -19.00 -41.07
CA ALA F 470 9.24 -20.37 -40.71
C ALA F 470 9.92 -21.38 -41.62
N GLU F 471 9.95 -21.09 -42.93
CA GLU F 471 10.62 -21.99 -43.86
C GLU F 471 12.09 -22.12 -43.53
N LYS F 472 12.75 -21.00 -43.24
CA LYS F 472 14.17 -21.05 -42.87
C LYS F 472 14.39 -21.81 -41.57
N LEU F 473 13.48 -21.64 -40.60
CA LEU F 473 13.58 -22.36 -39.34
C LEU F 473 13.45 -23.85 -39.55
N ALA F 474 12.53 -24.28 -40.42
CA ALA F 474 12.31 -25.70 -40.62
C ALA F 474 13.52 -26.39 -41.26
N ALA F 475 14.24 -25.66 -42.11
CA ALA F 475 15.40 -26.22 -42.80
C ALA F 475 16.42 -26.77 -41.80
N THR G 2 -6.05 0.29 -2.11
CA THR G 2 -5.08 -0.37 -2.97
C THR G 2 -4.24 -1.36 -2.16
N LEU G 3 -3.83 -0.95 -0.95
CA LEU G 3 -3.17 -1.88 -0.04
C LEU G 3 -4.08 -3.05 0.30
N LYS G 4 -5.35 -2.76 0.60
CA LYS G 4 -6.31 -3.82 0.90
C LYS G 4 -6.51 -4.74 -0.28
N GLU G 5 -6.39 -4.22 -1.51
CA GLU G 5 -6.55 -5.05 -2.70
C GLU G 5 -5.49 -6.14 -2.76
N VAL G 6 -4.22 -5.76 -2.61
CA VAL G 6 -3.15 -6.75 -2.64
C VAL G 6 -3.23 -7.65 -1.41
N GLU G 7 -3.66 -7.12 -0.27
CA GLU G 7 -3.85 -7.97 0.90
C GLU G 7 -4.88 -9.06 0.62
N MET G 8 -6.02 -8.67 0.04
CA MET G 8 -7.07 -9.64 -0.28
C MET G 8 -6.58 -10.66 -1.29
N ARG G 9 -5.84 -10.21 -2.31
CA ARG G 9 -5.32 -11.15 -3.30
C ARG G 9 -4.35 -12.13 -2.66
N LEU G 10 -3.50 -11.65 -1.75
CA LEU G 10 -2.60 -12.53 -1.02
C LEU G 10 -3.38 -13.58 -0.25
N LYS G 11 -4.41 -13.15 0.47
CA LYS G 11 -5.20 -14.08 1.27
C LYS G 11 -5.89 -15.12 0.39
N SER G 12 -6.48 -14.67 -0.73
CA SER G 12 -7.16 -15.59 -1.64
C SER G 12 -6.20 -16.61 -2.23
N ILE G 13 -5.01 -16.15 -2.63
CA ILE G 13 -4.03 -17.06 -3.19
C ILE G 13 -3.57 -18.06 -2.14
N LYS G 14 -3.45 -17.61 -0.89
CA LYS G 14 -3.12 -18.56 0.18
C LYS G 14 -4.21 -19.60 0.33
N ASN G 15 -5.47 -19.19 0.26
CA ASN G 15 -6.57 -20.14 0.33
C ASN G 15 -6.49 -21.16 -0.80
N ILE G 16 -6.22 -20.69 -2.02
CA ILE G 16 -6.10 -21.59 -3.16
C ILE G 16 -4.97 -22.58 -2.93
N GLU G 17 -3.83 -22.10 -2.44
CA GLU G 17 -2.70 -22.99 -2.19
C GLU G 17 -3.07 -24.04 -1.14
N LYS G 18 -3.79 -23.63 -0.11
CA LYS G 18 -4.22 -24.56 0.92
C LYS G 18 -5.12 -25.65 0.32
N ILE G 19 -6.09 -25.24 -0.51
CA ILE G 19 -7.00 -26.20 -1.11
C ILE G 19 -6.23 -27.19 -1.98
N THR G 20 -5.31 -26.68 -2.81
CA THR G 20 -4.54 -27.58 -3.67
C THR G 20 -3.67 -28.53 -2.86
N LYS G 21 -3.03 -28.03 -1.80
CA LYS G 21 -2.21 -28.90 -0.98
C LYS G 21 -3.02 -29.97 -0.28
N THR G 22 -4.30 -29.70 0.03
CA THR G 22 -5.14 -30.73 0.61
C THR G 22 -5.60 -31.73 -0.45
N MET G 23 -5.92 -31.23 -1.64
CA MET G 23 -6.29 -32.10 -2.75
C MET G 23 -5.15 -33.07 -3.07
N LYS G 24 -3.90 -32.62 -2.90
CA LYS G 24 -2.77 -33.52 -3.11
C LYS G 24 -2.86 -34.75 -2.22
N ILE G 25 -3.16 -34.56 -0.94
CA ILE G 25 -3.23 -35.70 -0.02
C ILE G 25 -4.44 -36.57 -0.32
N VAL G 26 -5.57 -35.94 -0.68
CA VAL G 26 -6.74 -36.72 -1.05
C VAL G 26 -6.43 -37.60 -2.26
N ALA G 27 -5.74 -37.03 -3.25
CA ALA G 27 -5.40 -37.80 -4.44
C ALA G 27 -4.45 -38.93 -4.11
N SER G 28 -3.47 -38.68 -3.25
CA SER G 28 -2.54 -39.75 -2.87
C SER G 28 -3.27 -40.89 -2.18
N THR G 29 -4.18 -40.55 -1.25
CA THR G 29 -4.93 -41.59 -0.55
C THR G 29 -5.78 -42.40 -1.53
N ARG G 30 -6.43 -41.74 -2.48
CA ARG G 30 -7.19 -42.47 -3.49
C ARG G 30 -6.28 -43.35 -4.34
N LEU G 31 -5.08 -42.83 -4.67
CA LEU G 31 -4.13 -43.62 -5.43
C LEU G 31 -3.74 -44.90 -4.69
N SER G 32 -3.70 -44.84 -3.36
CA SER G 32 -3.35 -46.03 -2.60
C SER G 32 -4.26 -47.20 -2.98
N LYS G 33 -5.56 -46.94 -3.17
CA LYS G 33 -6.48 -47.99 -3.57
C LYS G 33 -6.42 -48.25 -5.07
N ALA G 34 -6.33 -47.18 -5.87
CA ALA G 34 -6.37 -47.35 -7.32
C ALA G 34 -5.21 -48.21 -7.82
N GLU G 35 -4.03 -48.08 -7.19
CA GLU G 35 -2.90 -48.90 -7.60
C GLU G 35 -3.18 -50.38 -7.38
N LYS G 36 -3.77 -50.72 -6.22
CA LYS G 36 -4.12 -52.11 -5.98
C LYS G 36 -5.18 -52.59 -6.96
N ALA G 37 -6.14 -51.73 -7.31
CA ALA G 37 -7.14 -52.13 -8.30
C ALA G 37 -6.49 -52.46 -9.64
N LYS G 38 -5.55 -51.61 -10.06
CA LYS G 38 -4.82 -51.87 -11.30
C LYS G 38 -4.05 -53.19 -11.22
N ILE G 39 -3.37 -53.41 -10.10
CA ILE G 39 -2.58 -54.63 -9.95
C ILE G 39 -3.48 -55.86 -10.02
N SER G 40 -4.63 -55.80 -9.34
CA SER G 40 -5.54 -56.94 -9.34
C SER G 40 -6.06 -57.21 -10.74
N ALA G 41 -6.44 -56.16 -11.47
CA ALA G 41 -6.93 -56.36 -12.84
C ALA G 41 -5.85 -56.96 -13.72
N LYS G 42 -4.60 -56.49 -13.57
CA LYS G 42 -3.52 -57.02 -14.38
C LYS G 42 -3.28 -58.50 -14.06
N LYS G 43 -3.35 -58.86 -12.78
CA LYS G 43 -3.20 -60.27 -12.40
C LYS G 43 -4.33 -61.11 -12.98
N MET G 44 -5.57 -60.62 -12.91
CA MET G 44 -6.72 -61.35 -13.41
C MET G 44 -6.84 -61.30 -14.92
N ASP G 45 -5.94 -60.59 -15.59
CA ASP G 45 -5.88 -60.63 -17.05
C ASP G 45 -4.60 -61.21 -17.61
N GLU G 46 -3.57 -61.47 -16.78
CA GLU G 46 -2.35 -62.06 -17.30
C GLU G 46 -2.58 -63.45 -17.88
N ALA G 47 -3.44 -64.25 -17.25
CA ALA G 47 -3.72 -65.58 -17.78
C ALA G 47 -4.43 -65.48 -19.13
N GLU G 48 -5.42 -64.59 -19.24
CA GLU G 48 -6.07 -64.36 -20.52
C GLU G 48 -5.07 -63.88 -21.57
N GLN G 49 -4.12 -63.04 -21.18
CA GLN G 49 -3.10 -62.59 -22.12
C GLN G 49 -2.23 -63.75 -22.59
N LEU G 50 -1.82 -64.62 -21.67
CA LEU G 50 -1.01 -65.78 -22.06
C LEU G 50 -1.78 -66.69 -23.00
N PHE G 51 -3.05 -66.97 -22.68
CA PHE G 51 -3.85 -67.85 -23.52
C PHE G 51 -4.10 -67.23 -24.90
N TYR G 52 -4.35 -65.92 -24.95
CA TYR G 52 -4.52 -65.25 -26.24
C TYR G 52 -3.24 -65.30 -27.06
N LYS G 53 -2.10 -65.00 -26.43
CA LYS G 53 -0.83 -65.07 -27.16
C LYS G 53 -0.61 -66.49 -27.70
N ASN G 54 -0.92 -67.51 -26.90
CA ASN G 54 -0.84 -68.87 -27.41
C ASN G 54 -1.89 -69.15 -28.48
N ALA G 55 -2.97 -68.36 -28.54
CA ALA G 55 -4.00 -68.57 -29.54
C ALA G 55 -3.56 -68.20 -30.94
N GLU G 56 -2.52 -67.38 -31.08
CA GLU G 56 -2.02 -66.95 -32.38
C GLU G 56 -3.07 -66.12 -33.11
N THR G 57 -3.82 -65.31 -32.36
CA THR G 57 -4.84 -64.45 -32.94
C THR G 57 -5.12 -63.26 -32.03
N ILE G 74 -13.85 -47.38 -31.52
CA ILE G 74 -12.90 -47.43 -30.42
C ILE G 74 -13.57 -46.87 -29.17
N VAL G 75 -13.69 -47.69 -28.13
CA VAL G 75 -14.32 -47.23 -26.89
C VAL G 75 -13.27 -46.45 -26.11
N ALA G 76 -13.40 -45.12 -26.10
CA ALA G 76 -12.47 -44.28 -25.35
C ALA G 76 -12.93 -44.20 -23.90
N ILE G 77 -11.99 -44.38 -22.97
CA ILE G 77 -12.27 -44.41 -21.55
C ILE G 77 -11.63 -43.18 -20.91
N THR G 78 -12.46 -42.34 -20.31
CA THR G 78 -12.01 -41.16 -19.58
C THR G 78 -13.03 -40.84 -18.50
N SER G 79 -12.68 -39.89 -17.63
CA SER G 79 -13.58 -39.49 -16.57
C SER G 79 -14.41 -38.27 -17.00
N ASP G 80 -15.51 -38.04 -16.28
CA ASP G 80 -16.20 -36.76 -16.36
C ASP G 80 -15.57 -35.72 -15.45
N LYS G 81 -14.73 -36.17 -14.52
CA LYS G 81 -14.13 -35.30 -13.53
C LYS G 81 -13.09 -34.38 -14.17
N GLY G 82 -12.93 -33.20 -13.56
CA GLY G 82 -11.98 -32.22 -14.04
C GLY G 82 -10.64 -32.29 -13.32
N LEU G 83 -9.80 -31.30 -13.61
CA LEU G 83 -8.51 -31.14 -12.95
C LEU G 83 -7.66 -32.41 -13.08
N CYS G 84 -7.61 -32.96 -14.29
CA CYS G 84 -6.81 -34.14 -14.56
C CYS G 84 -5.52 -33.84 -15.33
N GLY G 85 -5.29 -32.58 -15.68
CA GLY G 85 -4.12 -32.25 -16.47
C GLY G 85 -4.30 -32.65 -17.94
N SER G 86 -3.16 -32.73 -18.63
CA SER G 86 -3.18 -32.96 -20.07
C SER G 86 -3.75 -34.32 -20.44
N ILE G 87 -3.66 -35.30 -19.54
CA ILE G 87 -3.96 -36.68 -19.89
C ILE G 87 -5.39 -36.87 -20.34
N HIS G 88 -6.30 -36.00 -19.91
CA HIS G 88 -7.72 -36.28 -20.09
C HIS G 88 -8.12 -36.22 -21.57
N SER G 89 -7.64 -35.22 -22.31
CA SER G 89 -8.05 -35.03 -23.69
C SER G 89 -7.00 -35.48 -24.69
N GLN G 90 -5.75 -35.66 -24.27
CA GLN G 90 -4.75 -36.18 -25.20
C GLN G 90 -5.20 -37.51 -25.78
N LEU G 91 -5.80 -38.37 -24.95
CA LEU G 91 -6.32 -39.63 -25.45
C LEU G 91 -7.34 -39.38 -26.57
N ALA G 92 -8.24 -38.43 -26.36
CA ALA G 92 -9.18 -38.10 -27.42
C ALA G 92 -8.44 -37.67 -28.68
N LYS G 93 -7.36 -36.91 -28.54
CA LYS G 93 -6.56 -36.54 -29.70
C LYS G 93 -6.03 -37.79 -30.38
N ALA G 94 -5.53 -38.75 -29.60
CA ALA G 94 -5.10 -40.01 -30.19
C ALA G 94 -6.22 -40.63 -31.01
N VAL G 95 -7.43 -40.65 -30.45
CA VAL G 95 -8.55 -41.21 -31.20
C VAL G 95 -8.77 -40.41 -32.47
N ARG G 96 -8.68 -39.08 -32.39
CA ARG G 96 -8.75 -38.26 -33.58
C ARG G 96 -7.70 -38.70 -34.59
N ARG G 97 -6.48 -38.94 -34.13
CA ARG G 97 -5.41 -39.37 -35.03
C ARG G 97 -5.82 -40.64 -35.78
N HIS G 98 -6.54 -41.54 -35.11
CA HIS G 98 -7.01 -42.74 -35.78
C HIS G 98 -8.20 -42.43 -36.68
N LEU G 99 -9.12 -41.56 -36.24
CA LEU G 99 -10.28 -41.25 -37.07
C LEU G 99 -9.89 -40.47 -38.32
N ASN G 100 -8.73 -39.82 -38.32
CA ASN G 100 -8.21 -39.24 -39.55
C ASN G 100 -7.96 -40.31 -40.60
N ASP G 101 -7.66 -41.54 -40.17
CA ASP G 101 -7.47 -42.66 -41.08
C ASP G 101 -8.77 -43.33 -41.47
N GLN G 102 -9.72 -43.45 -40.54
CA GLN G 102 -11.02 -44.04 -40.82
C GLN G 102 -12.11 -43.13 -40.26
N PRO G 103 -12.64 -42.22 -41.07
CA PRO G 103 -13.69 -41.32 -40.56
C PRO G 103 -14.97 -42.03 -40.16
N ASN G 104 -15.20 -43.26 -40.63
CA ASN G 104 -16.43 -43.99 -40.34
C ASN G 104 -16.37 -44.77 -39.03
N ALA G 105 -15.27 -44.67 -38.29
CA ALA G 105 -15.11 -45.48 -37.09
C ALA G 105 -16.11 -45.09 -36.02
N ASP G 106 -16.40 -46.04 -35.13
CA ASP G 106 -17.34 -45.80 -34.04
C ASP G 106 -16.77 -44.78 -33.06
N ILE G 107 -17.67 -43.96 -32.49
CA ILE G 107 -17.28 -42.90 -31.57
C ILE G 107 -17.87 -43.10 -30.19
N VAL G 108 -18.51 -44.23 -29.93
CA VAL G 108 -19.11 -44.48 -28.61
C VAL G 108 -17.98 -44.66 -27.60
N THR G 109 -18.01 -43.86 -26.53
CA THR G 109 -16.91 -43.83 -25.58
C THR G 109 -17.45 -43.55 -24.18
N ILE G 110 -16.57 -43.73 -23.21
CA ILE G 110 -16.89 -43.56 -21.79
C ILE G 110 -16.22 -42.28 -21.31
N GLY G 111 -16.96 -41.47 -20.55
CA GLY G 111 -16.44 -40.22 -20.03
C GLY G 111 -17.12 -39.01 -20.62
N ASP G 112 -17.74 -38.21 -19.75
CA ASP G 112 -18.47 -37.04 -20.22
C ASP G 112 -17.55 -36.00 -20.85
N LYS G 113 -16.37 -35.78 -20.25
CA LYS G 113 -15.47 -34.76 -20.78
C LYS G 113 -14.92 -35.16 -22.14
N ILE G 114 -14.56 -36.44 -22.31
CA ILE G 114 -14.10 -36.91 -23.61
C ILE G 114 -15.24 -36.84 -24.62
N LYS G 115 -16.46 -37.18 -24.20
CA LYS G 115 -17.60 -37.09 -25.10
C LYS G 115 -17.82 -35.67 -25.58
N MET G 116 -17.61 -34.69 -24.68
CA MET G 116 -17.77 -33.29 -25.07
C MET G 116 -16.65 -32.84 -25.99
N GLN G 117 -15.40 -33.19 -25.66
CA GLN G 117 -14.27 -32.72 -26.45
C GLN G 117 -14.26 -33.34 -27.84
N LEU G 118 -14.59 -34.63 -27.95
CA LEU G 118 -14.50 -35.35 -29.21
C LEU G 118 -15.71 -35.12 -30.11
N LEU G 119 -16.79 -34.53 -29.58
CA LEU G 119 -18.02 -34.40 -30.36
C LEU G 119 -17.80 -33.62 -31.65
N ARG G 120 -16.91 -32.62 -31.62
CA ARG G 120 -16.70 -31.78 -32.80
C ARG G 120 -15.99 -32.51 -33.92
N THR G 121 -15.27 -33.59 -33.62
CA THR G 121 -14.50 -34.29 -34.64
C THR G 121 -15.39 -35.13 -35.54
N HIS G 122 -16.42 -35.77 -34.97
CA HIS G 122 -17.28 -36.64 -35.74
C HIS G 122 -18.62 -36.82 -35.02
N PRO G 123 -19.51 -35.82 -35.08
CA PRO G 123 -20.79 -35.96 -34.37
C PRO G 123 -21.63 -37.14 -34.83
N ASN G 124 -21.48 -37.56 -36.09
CA ASN G 124 -22.27 -38.67 -36.61
C ASN G 124 -21.70 -40.03 -36.25
N ASN G 125 -20.45 -40.09 -35.77
CA ASN G 125 -19.80 -41.35 -35.48
C ASN G 125 -20.21 -41.95 -34.14
N ILE G 126 -20.81 -41.16 -33.26
CA ILE G 126 -21.16 -41.61 -31.91
C ILE G 126 -22.68 -41.55 -31.77
N LYS G 127 -23.29 -42.69 -31.44
CA LYS G 127 -24.72 -42.71 -31.16
C LYS G 127 -25.01 -42.09 -29.79
N LEU G 128 -24.16 -42.38 -28.80
CA LEU G 128 -24.33 -41.84 -27.46
C LEU G 128 -23.02 -42.00 -26.72
N SER G 129 -22.94 -41.34 -25.56
CA SER G 129 -21.76 -41.40 -24.70
C SER G 129 -22.17 -41.95 -23.33
N ILE G 130 -21.22 -42.64 -22.69
CA ILE G 130 -21.46 -43.32 -21.42
C ILE G 130 -20.86 -42.48 -20.31
N ASN G 131 -21.63 -42.28 -19.23
CA ASN G 131 -21.27 -41.32 -18.20
C ASN G 131 -21.38 -41.97 -16.82
N GLY G 132 -20.72 -41.35 -15.85
CA GLY G 132 -20.80 -41.76 -14.46
C GLY G 132 -19.83 -42.84 -14.04
N ILE G 133 -19.11 -43.46 -14.98
CA ILE G 133 -18.24 -44.58 -14.64
C ILE G 133 -17.07 -44.11 -13.79
N GLY G 134 -16.42 -43.02 -14.20
CA GLY G 134 -15.20 -42.58 -13.57
C GLY G 134 -15.34 -41.94 -12.21
N LYS G 135 -16.57 -41.81 -11.69
CA LYS G 135 -16.76 -41.16 -10.41
C LYS G 135 -16.27 -42.00 -9.24
N ASP G 136 -16.08 -43.31 -9.42
CA ASP G 136 -15.76 -44.19 -8.32
C ASP G 136 -14.84 -45.30 -8.80
N ALA G 137 -14.37 -46.11 -7.85
CA ALA G 137 -13.45 -47.18 -8.16
C ALA G 137 -14.10 -48.18 -9.13
N PRO G 138 -13.31 -48.89 -9.91
CA PRO G 138 -13.86 -49.75 -10.96
C PRO G 138 -14.48 -51.03 -10.42
N THR G 139 -15.33 -51.63 -11.24
CA THR G 139 -15.95 -52.92 -10.93
C THR G 139 -16.14 -53.70 -12.23
N PHE G 140 -16.09 -55.03 -12.12
CA PHE G 140 -16.41 -55.87 -13.27
C PHE G 140 -17.88 -55.74 -13.65
N GLN G 141 -18.75 -55.57 -12.66
CA GLN G 141 -20.17 -55.45 -12.96
C GLN G 141 -20.43 -54.32 -13.93
N GLU G 142 -19.84 -53.15 -13.67
CA GLU G 142 -20.02 -52.01 -14.56
C GLU G 142 -19.45 -52.29 -15.94
N SER G 143 -18.31 -52.99 -16.01
CA SER G 143 -17.73 -53.32 -17.30
C SER G 143 -18.68 -54.19 -18.12
N ALA G 144 -19.19 -55.26 -17.51
CA ALA G 144 -20.07 -56.18 -18.22
C ALA G 144 -21.37 -55.47 -18.63
N LEU G 145 -21.93 -54.64 -17.74
CA LEU G 145 -23.17 -53.96 -18.09
C LEU G 145 -22.96 -52.94 -19.20
N ILE G 146 -21.82 -52.24 -19.19
CA ILE G 146 -21.52 -51.32 -20.29
C ILE G 146 -21.39 -52.08 -21.60
N ALA G 147 -20.70 -53.24 -21.56
CA ALA G 147 -20.60 -54.07 -22.76
C ALA G 147 -21.98 -54.52 -23.23
N ASP G 148 -22.89 -54.78 -22.30
CA ASP G 148 -24.17 -55.37 -22.66
C ASP G 148 -24.94 -54.50 -23.65
N LYS G 149 -24.93 -53.17 -23.46
CA LYS G 149 -25.61 -52.30 -24.39
C LYS G 149 -24.92 -52.29 -25.75
N LEU G 150 -23.58 -52.25 -25.74
CA LEU G 150 -22.84 -52.39 -26.99
C LEU G 150 -23.06 -53.76 -27.60
N LEU G 151 -23.27 -54.78 -26.77
CA LEU G 151 -23.50 -56.13 -27.27
C LEU G 151 -24.73 -56.22 -28.17
N SER G 152 -25.66 -55.29 -28.05
CA SER G 152 -26.90 -55.33 -28.82
C SER G 152 -27.14 -54.07 -29.65
N VAL G 153 -26.84 -52.89 -29.10
CA VAL G 153 -27.01 -51.66 -29.87
C VAL G 153 -25.99 -51.60 -31.00
N MET G 154 -24.72 -51.83 -30.67
CA MET G 154 -23.68 -51.83 -31.68
C MET G 154 -23.46 -53.21 -32.30
N LYS G 155 -23.97 -54.28 -31.67
CA LYS G 155 -23.65 -55.63 -32.12
C LYS G 155 -22.15 -55.79 -32.26
N ALA G 156 -21.45 -55.54 -31.15
CA ALA G 156 -20.00 -55.33 -31.20
C ALA G 156 -19.30 -56.45 -31.94
N GLY G 157 -19.78 -57.68 -31.80
CA GLY G 157 -19.17 -58.80 -32.49
C GLY G 157 -19.19 -58.68 -34.00
N THR G 158 -20.08 -57.85 -34.54
CA THR G 158 -20.22 -57.71 -35.98
C THR G 158 -19.15 -56.82 -36.60
N TYR G 159 -18.44 -56.02 -35.80
CA TYR G 159 -17.40 -55.16 -36.33
C TYR G 159 -16.23 -56.01 -36.87
N PRO G 160 -15.56 -55.55 -37.93
CA PRO G 160 -14.32 -56.22 -38.34
C PRO G 160 -13.26 -56.20 -37.26
N LYS G 161 -13.24 -55.16 -36.43
CA LYS G 161 -12.28 -55.07 -35.33
C LYS G 161 -12.83 -54.14 -34.26
N ILE G 162 -12.34 -54.33 -33.04
CA ILE G 162 -12.73 -53.52 -31.89
C ILE G 162 -11.48 -53.14 -31.12
N SER G 163 -11.43 -51.90 -30.64
CA SER G 163 -10.31 -51.42 -29.85
C SER G 163 -10.83 -50.59 -28.68
N ILE G 164 -10.16 -50.72 -27.54
CA ILE G 164 -10.50 -49.96 -26.35
C ILE G 164 -9.35 -48.99 -26.09
N PHE G 165 -9.63 -47.69 -26.16
CA PHE G 165 -8.62 -46.65 -26.01
C PHE G 165 -8.65 -46.15 -24.57
N TYR G 166 -7.47 -46.04 -23.96
CA TYR G 166 -7.37 -45.69 -22.55
C TYR G 166 -6.00 -45.09 -22.28
N ASN G 167 -5.92 -44.32 -21.20
CA ASN G 167 -4.63 -43.86 -20.72
C ASN G 167 -3.99 -44.96 -19.87
N ASP G 168 -2.83 -45.45 -20.30
CA ASP G 168 -2.14 -46.51 -19.59
C ASP G 168 -1.00 -45.92 -18.78
N PRO G 169 -0.88 -46.26 -17.50
CA PRO G 169 0.27 -45.77 -16.72
C PRO G 169 1.54 -46.55 -17.02
N VAL G 170 2.21 -46.17 -18.12
CA VAL G 170 3.43 -46.85 -18.52
C VAL G 170 4.47 -46.78 -17.41
N SER G 171 4.41 -45.73 -16.59
CA SER G 171 5.20 -45.64 -15.37
C SER G 171 4.29 -45.15 -14.25
N SER G 172 4.76 -45.34 -13.01
CA SER G 172 3.98 -44.91 -11.86
C SER G 172 3.60 -43.43 -11.97
N LEU G 173 4.49 -42.61 -12.54
CA LEU G 173 4.23 -41.19 -12.74
C LEU G 173 4.44 -40.76 -14.19
N SER G 174 4.33 -41.71 -15.14
CA SER G 174 4.55 -41.43 -16.56
C SER G 174 3.43 -42.09 -17.35
N PHE G 175 2.37 -41.32 -17.62
CA PHE G 175 1.21 -41.83 -18.32
C PHE G 175 1.46 -41.83 -19.84
N GLU G 176 0.65 -42.61 -20.54
CA GLU G 176 0.72 -42.66 -21.99
C GLU G 176 -0.61 -43.09 -22.58
N PRO G 177 -1.25 -42.27 -23.43
CA PRO G 177 -2.43 -42.76 -24.16
C PRO G 177 -2.07 -43.96 -25.02
N SER G 178 -2.95 -44.96 -25.03
CA SER G 178 -2.73 -46.16 -25.83
C SER G 178 -4.08 -46.85 -26.02
N GLU G 179 -4.05 -48.05 -26.60
CA GLU G 179 -5.27 -48.81 -26.83
C GLU G 179 -4.97 -50.30 -26.77
N LYS G 180 -6.00 -51.08 -26.45
CA LYS G 180 -5.96 -52.54 -26.46
C LYS G 180 -6.82 -53.07 -27.60
N PRO G 181 -6.26 -53.82 -28.54
CA PRO G 181 -7.10 -54.51 -29.53
C PRO G 181 -7.86 -55.68 -28.90
N ILE G 182 -8.95 -56.06 -29.56
CA ILE G 182 -9.83 -57.14 -29.10
C ILE G 182 -9.79 -58.27 -30.11
N PHE G 183 -9.71 -59.50 -29.61
CA PHE G 183 -9.87 -60.69 -30.44
C PHE G 183 -11.35 -60.91 -30.74
N ASN G 184 -11.89 -60.15 -31.69
CA ASN G 184 -13.33 -60.08 -31.89
C ASN G 184 -13.91 -61.46 -32.21
N ALA G 185 -15.23 -61.50 -32.31
CA ALA G 185 -15.95 -62.76 -32.50
C ALA G 185 -15.43 -63.51 -33.73
N LYS G 186 -15.26 -62.81 -34.86
CA LYS G 186 -14.86 -63.50 -36.07
C LYS G 186 -13.51 -64.18 -35.90
N THR G 187 -12.60 -63.56 -35.15
CA THR G 187 -11.28 -64.14 -34.93
C THR G 187 -11.36 -65.50 -34.26
N ILE G 188 -12.47 -65.79 -33.57
CA ILE G 188 -12.62 -67.10 -32.93
C ILE G 188 -12.64 -68.19 -33.99
N GLU G 189 -13.23 -67.90 -35.15
CA GLU G 189 -13.13 -68.82 -36.29
C GLU G 189 -11.74 -68.75 -36.92
N GLN G 190 -11.11 -67.57 -36.90
CA GLN G 190 -9.85 -67.40 -37.58
C GLN G 190 -8.68 -68.01 -36.81
N SER G 191 -8.75 -68.01 -35.49
CA SER G 191 -7.62 -68.43 -34.68
C SER G 191 -7.26 -69.88 -35.00
N PRO G 192 -5.99 -70.18 -35.34
CA PRO G 192 -5.66 -71.55 -35.77
C PRO G 192 -5.59 -72.56 -34.64
N SER G 193 -5.03 -72.15 -33.50
CA SER G 193 -4.78 -73.06 -32.39
C SER G 193 -6.05 -73.52 -31.68
N PHE G 194 -7.23 -73.23 -32.22
CA PHE G 194 -8.48 -73.46 -31.49
C PHE G 194 -8.56 -74.87 -30.94
N GLY G 195 -8.13 -75.87 -31.72
CA GLY G 195 -8.36 -77.25 -31.36
C GLY G 195 -7.45 -77.81 -30.27
N LYS G 196 -6.32 -77.18 -29.99
CA LYS G 196 -5.44 -77.67 -28.93
C LYS G 196 -5.98 -77.30 -27.55
N PHE G 197 -6.70 -76.19 -27.45
CA PHE G 197 -7.18 -75.68 -26.17
C PHE G 197 -8.61 -76.15 -25.88
N GLU G 198 -9.48 -76.10 -26.87
CA GLU G 198 -10.88 -76.52 -26.74
C GLU G 198 -11.10 -77.70 -27.67
N ILE G 199 -11.58 -78.81 -27.10
CA ILE G 199 -11.61 -80.07 -27.85
C ILE G 199 -12.54 -79.97 -29.05
N ASP G 200 -13.73 -79.41 -28.87
CA ASP G 200 -14.70 -79.36 -29.96
C ASP G 200 -15.86 -78.45 -29.58
N THR G 201 -16.61 -78.04 -30.62
CA THR G 201 -17.72 -77.10 -30.46
C THR G 201 -18.98 -77.87 -30.06
N ASP G 202 -18.96 -78.36 -28.81
CA ASP G 202 -20.11 -79.10 -28.32
C ASP G 202 -21.35 -78.23 -28.29
N ALA G 203 -21.22 -76.98 -27.84
CA ALA G 203 -22.32 -76.03 -27.87
C ALA G 203 -21.77 -74.65 -27.55
N ASN G 204 -22.34 -73.64 -28.21
CA ASN G 204 -21.95 -72.24 -28.00
C ASN G 204 -20.43 -72.12 -27.91
N VAL G 205 -19.75 -72.64 -28.93
CA VAL G 205 -18.31 -72.91 -28.89
C VAL G 205 -17.48 -71.65 -28.75
N PRO G 206 -17.43 -70.76 -29.75
CA PRO G 206 -16.39 -69.72 -29.75
C PRO G 206 -16.59 -68.63 -28.71
N ARG G 207 -17.71 -68.65 -28.00
CA ARG G 207 -18.22 -67.46 -27.30
C ARG G 207 -17.15 -66.81 -26.42
N ASP G 208 -16.34 -67.63 -25.76
CA ASP G 208 -15.36 -67.10 -24.81
C ASP G 208 -14.41 -66.10 -25.46
N LEU G 209 -14.11 -66.28 -26.75
CA LEU G 209 -13.12 -65.44 -27.41
C LEU G 209 -13.57 -63.97 -27.46
N PHE G 210 -14.87 -63.74 -27.66
CA PHE G 210 -15.38 -62.39 -27.84
C PHE G 210 -15.94 -61.82 -26.54
N GLU G 211 -16.97 -62.45 -25.98
CA GLU G 211 -17.69 -61.86 -24.86
C GLU G 211 -16.79 -61.72 -23.65
N TYR G 212 -16.25 -62.85 -23.17
CA TYR G 212 -15.40 -62.80 -21.99
C TYR G 212 -14.19 -61.92 -22.22
N THR G 213 -13.58 -62.01 -23.40
CA THR G 213 -12.43 -61.16 -23.70
C THR G 213 -12.82 -59.70 -23.66
N LEU G 214 -13.99 -59.35 -24.22
CA LEU G 214 -14.41 -57.96 -24.21
C LEU G 214 -14.59 -57.45 -22.78
N ALA G 215 -15.30 -58.22 -21.95
CA ALA G 215 -15.56 -57.75 -20.59
C ALA G 215 -14.28 -57.64 -19.78
N ASN G 216 -13.42 -58.66 -19.87
CA ASN G 216 -12.17 -58.64 -19.10
C ASN G 216 -11.26 -57.50 -19.56
N GLN G 217 -11.20 -57.27 -20.89
CA GLN G 217 -10.35 -56.20 -21.39
C GLN G 217 -10.90 -54.84 -21.00
N MET G 218 -12.22 -54.68 -21.01
CA MET G 218 -12.79 -53.41 -20.55
C MET G 218 -12.44 -53.18 -19.08
N LEU G 219 -12.54 -54.22 -18.24
CA LEU G 219 -12.16 -54.03 -16.85
C LEU G 219 -10.70 -53.63 -16.73
N THR G 220 -9.82 -54.31 -17.47
CA THR G 220 -8.39 -54.00 -17.40
C THR G 220 -8.13 -52.55 -17.80
N ALA G 221 -8.70 -52.11 -18.93
CA ALA G 221 -8.46 -50.75 -19.40
C ALA G 221 -9.06 -49.73 -18.44
N MET G 222 -10.26 -50.01 -17.93
CA MET G 222 -10.89 -49.09 -16.99
C MET G 222 -10.03 -48.90 -15.75
N ALA G 223 -9.55 -49.99 -15.17
CA ALA G 223 -8.72 -49.87 -13.98
C ALA G 223 -7.42 -49.13 -14.28
N GLN G 224 -6.78 -49.46 -15.41
CA GLN G 224 -5.52 -48.79 -15.75
C GLN G 224 -5.74 -47.30 -15.94
N GLY G 225 -6.79 -46.92 -16.67
CA GLY G 225 -7.07 -45.52 -16.88
C GLY G 225 -7.41 -44.79 -15.61
N TYR G 226 -8.18 -45.43 -14.72
CA TYR G 226 -8.53 -44.81 -13.46
C TYR G 226 -7.27 -44.52 -12.64
N ALA G 227 -6.39 -45.52 -12.52
CA ALA G 227 -5.16 -45.32 -11.76
C ALA G 227 -4.29 -44.24 -12.38
N ALA G 228 -4.17 -44.25 -13.72
CA ALA G 228 -3.37 -43.25 -14.40
C ALA G 228 -3.93 -41.86 -14.17
N GLU G 229 -5.25 -41.71 -14.23
CA GLU G 229 -5.88 -40.42 -13.97
C GLU G 229 -5.56 -39.95 -12.57
N ILE G 230 -5.69 -40.83 -11.58
CA ILE G 230 -5.42 -40.42 -10.21
C ILE G 230 -3.97 -39.96 -10.05
N SER G 231 -3.03 -40.72 -10.62
CA SER G 231 -1.62 -40.37 -10.49
C SER G 231 -1.32 -39.04 -11.16
N ALA G 232 -1.84 -38.85 -12.38
CA ALA G 232 -1.63 -37.59 -13.09
C ALA G 232 -2.23 -36.43 -12.31
N ARG G 233 -3.40 -36.63 -11.72
CA ARG G 233 -4.01 -35.59 -10.90
C ARG G 233 -3.09 -35.22 -9.73
N ARG G 234 -2.57 -36.23 -9.04
CA ARG G 234 -1.66 -35.98 -7.93
C ARG G 234 -0.50 -35.10 -8.36
N ASN G 235 0.18 -35.51 -9.45
CA ASN G 235 1.33 -34.73 -9.92
C ASN G 235 0.92 -33.32 -10.31
N ALA G 236 -0.16 -33.19 -11.10
CA ALA G 236 -0.54 -31.90 -11.64
C ALA G 236 -0.88 -30.93 -10.52
N MET G 237 -1.60 -31.39 -9.50
CA MET G 237 -1.99 -30.48 -8.44
C MET G 237 -0.87 -30.23 -7.44
N ASP G 238 0.11 -31.13 -7.32
CA ASP G 238 1.32 -30.76 -6.60
C ASP G 238 2.03 -29.60 -7.30
N ASN G 239 2.13 -29.67 -8.63
CA ASN G 239 2.72 -28.55 -9.36
C ASN G 239 1.88 -27.27 -9.22
N ALA G 240 0.56 -27.41 -9.22
CA ALA G 240 -0.30 -26.25 -9.02
C ALA G 240 -0.02 -25.61 -7.66
N SER G 241 0.11 -26.43 -6.62
CA SER G 241 0.46 -25.89 -5.30
C SER G 241 1.82 -25.21 -5.33
N LYS G 242 2.76 -25.75 -6.10
CA LYS G 242 4.05 -25.08 -6.26
C LYS G 242 3.86 -23.65 -6.76
N ASN G 243 3.13 -23.50 -7.87
CA ASN G 243 2.98 -22.16 -8.43
C ASN G 243 2.14 -21.26 -7.52
N ALA G 244 1.19 -21.85 -6.79
CA ALA G 244 0.41 -21.07 -5.83
C ALA G 244 1.32 -20.49 -4.74
N GLY G 245 2.24 -21.31 -4.24
CA GLY G 245 3.19 -20.82 -3.27
C GLY G 245 4.08 -19.72 -3.84
N ASP G 246 4.51 -19.88 -5.09
CA ASP G 246 5.32 -18.84 -5.72
C ASP G 246 4.58 -17.51 -5.75
N MET G 247 3.31 -17.54 -6.17
CA MET G 247 2.54 -16.30 -6.17
C MET G 247 2.33 -15.77 -4.77
N ILE G 248 2.16 -16.66 -3.79
CA ILE G 248 2.02 -16.20 -2.41
C ILE G 248 3.26 -15.42 -1.99
N ASN G 249 4.44 -15.91 -2.37
CA ASN G 249 5.67 -15.19 -2.04
C ASN G 249 5.71 -13.82 -2.70
N ARG G 250 5.48 -13.78 -4.01
CA ARG G 250 5.61 -12.51 -4.72
C ARG G 250 4.58 -11.50 -4.22
N TYR G 251 3.36 -11.94 -3.95
CA TYR G 251 2.36 -11.02 -3.42
C TYR G 251 2.64 -10.61 -1.99
N SER G 252 3.31 -11.45 -1.19
CA SER G 252 3.74 -10.98 0.12
C SER G 252 4.74 -9.84 -0.02
N ILE G 253 5.69 -9.98 -0.94
CA ILE G 253 6.68 -8.92 -1.14
C ILE G 253 6.00 -7.64 -1.63
N LEU G 254 5.09 -7.78 -2.59
CA LEU G 254 4.39 -6.62 -3.12
C LEU G 254 3.52 -5.96 -2.06
N TYR G 255 2.87 -6.75 -1.21
CA TYR G 255 2.13 -6.20 -0.08
C TYR G 255 3.03 -5.40 0.84
N ASN G 256 4.21 -5.93 1.16
CA ASN G 256 5.12 -5.20 2.03
C ASN G 256 5.54 -3.88 1.40
N ARG G 257 5.86 -3.89 0.11
CA ARG G 257 6.25 -2.64 -0.55
C ARG G 257 5.12 -1.63 -0.50
N THR G 258 3.89 -2.08 -0.81
CA THR G 258 2.76 -1.18 -0.74
C THR G 258 2.52 -0.69 0.67
N ARG G 259 2.79 -1.51 1.68
CA ARG G 259 2.66 -1.09 3.06
C ARG G 259 3.56 0.10 3.35
N GLN G 260 4.85 -0.02 3.02
CA GLN G 260 5.77 1.07 3.27
C GLN G 260 5.37 2.31 2.47
N ALA G 261 4.98 2.11 1.20
CA ALA G 261 4.60 3.25 0.36
C ALA G 261 3.39 3.97 0.92
N VAL G 262 2.38 3.22 1.34
CA VAL G 262 1.17 3.81 1.88
C VAL G 262 1.48 4.58 3.16
N ILE G 263 2.31 4.01 4.03
CA ILE G 263 2.62 4.68 5.29
C ILE G 263 3.31 6.01 5.01
N THR G 264 4.32 6.00 4.12
CA THR G 264 5.02 7.24 3.80
C THR G 264 4.06 8.26 3.20
N ASN G 265 3.25 7.83 2.24
CA ASN G 265 2.37 8.76 1.53
C ASN G 265 1.37 9.40 2.50
N GLU G 266 0.80 8.60 3.40
CA GLU G 266 -0.15 9.14 4.36
C GLU G 266 0.54 10.08 5.35
N LEU G 267 1.75 9.71 5.79
CA LEU G 267 2.46 10.53 6.76
C LEU G 267 2.79 11.91 6.20
N VAL G 268 3.19 11.97 4.93
CA VAL G 268 3.59 13.26 4.38
C VAL G 268 2.43 14.25 4.36
N ASP G 269 1.19 13.76 4.26
CA ASP G 269 0.04 14.66 4.34
C ASP G 269 -0.01 15.35 5.70
N ILE G 270 0.18 14.58 6.77
CA ILE G 270 0.19 15.17 8.10
C ILE G 270 1.33 16.17 8.22
N ILE G 271 2.51 15.81 7.71
CA ILE G 271 3.64 16.72 7.80
C ILE G 271 3.33 18.05 7.10
N THR G 272 2.79 17.97 5.89
CA THR G 272 2.50 19.17 5.12
C THR G 272 1.46 20.02 5.83
N GLY G 273 0.42 19.38 6.38
CA GLY G 273 -0.56 20.13 7.14
C GLY G 273 0.04 20.83 8.33
N ALA G 274 0.93 20.14 9.05
CA ALA G 274 1.53 20.72 10.26
C ALA G 274 2.58 21.78 9.96
N SER G 275 3.09 21.83 8.74
CA SER G 275 4.25 22.66 8.42
C SER G 275 3.87 24.02 7.84
N SER G 276 2.80 24.62 8.35
CA SER G 276 2.44 25.98 7.98
C SER G 276 1.39 26.54 8.94
#